data_2NC9
#
_entry.id   2NC9
#
_entity_poly.entity_id   1
_entity_poly.type   'polypeptide(L)'
_entity_poly.pdbx_seq_one_letter_code
;ENKKQALKEKELGNDAYKKKDFDTALKHYDKAKELDPTNMTYITNQAAVYFEKGDYNKCRELCEKAIEVGRENREDYRQI
AKAYARIGNSYFKEEKYKDAIHFYNKSLAEHRTPDVLKKCQQAEKILKEQE
;
_entity_poly.pdbx_strand_id   A
#
# COMPACT_ATOMS: atom_id res chain seq x y z
N GLU A 1 -10.99 22.73 7.51
CA GLU A 1 -11.18 21.90 6.29
C GLU A 1 -10.86 20.44 6.58
N ASN A 2 -11.62 19.54 5.96
CA ASN A 2 -11.44 18.11 6.14
C ASN A 2 -10.04 17.66 5.72
N LYS A 3 -9.46 18.40 4.77
CA LYS A 3 -8.12 18.08 4.27
C LYS A 3 -7.11 18.07 5.41
N LYS A 4 -7.16 19.12 6.24
CA LYS A 4 -6.24 19.24 7.36
C LYS A 4 -6.48 18.13 8.37
N GLN A 5 -7.75 17.94 8.76
CA GLN A 5 -8.11 16.91 9.72
C GLN A 5 -7.74 15.53 9.19
N ALA A 6 -7.75 15.39 7.87
CA ALA A 6 -7.41 14.13 7.23
C ALA A 6 -5.97 13.76 7.53
N LEU A 7 -5.11 14.78 7.54
CA LEU A 7 -3.70 14.58 7.83
C LEU A 7 -3.54 14.13 9.27
N LYS A 8 -4.40 14.65 10.15
CA LYS A 8 -4.38 14.32 11.56
C LYS A 8 -4.93 12.90 11.77
N GLU A 9 -5.92 12.52 10.97
CA GLU A 9 -6.52 11.20 11.07
C GLU A 9 -5.51 10.14 10.63
N LYS A 10 -4.66 10.49 9.68
CA LYS A 10 -3.64 9.58 9.19
C LYS A 10 -2.61 9.33 10.29
N GLU A 11 -2.34 10.36 11.07
CA GLU A 11 -1.39 10.27 12.17
C GLU A 11 -2.02 9.55 13.36
N LEU A 12 -3.33 9.74 13.51
CA LEU A 12 -4.06 9.10 14.59
C LEU A 12 -4.11 7.59 14.35
N GLY A 13 -4.27 7.23 13.08
CA GLY A 13 -4.30 5.84 12.70
C GLY A 13 -2.91 5.25 12.71
N ASN A 14 -1.94 6.05 12.28
CA ASN A 14 -0.55 5.61 12.25
C ASN A 14 -0.07 5.38 13.68
N ASP A 15 -0.54 6.21 14.60
CA ASP A 15 -0.18 6.10 15.99
C ASP A 15 -0.69 4.79 16.55
N ALA A 16 -1.94 4.47 16.23
CA ALA A 16 -2.55 3.22 16.68
C ALA A 16 -2.00 2.05 15.89
N TYR A 17 -1.41 2.37 14.73
CA TYR A 17 -0.82 1.36 13.86
C TYR A 17 0.50 0.86 14.45
N LYS A 18 1.19 1.73 15.18
CA LYS A 18 2.46 1.38 15.80
C LYS A 18 2.22 0.69 17.13
N LYS A 19 0.99 0.77 17.63
CA LYS A 19 0.64 0.16 18.91
C LYS A 19 -0.18 -1.12 18.72
N LYS A 20 0.01 -1.78 17.57
CA LYS A 20 -0.68 -3.03 17.27
C LYS A 20 -2.19 -2.83 17.13
N ASP A 21 -2.67 -1.61 17.35
CA ASP A 21 -4.09 -1.32 17.24
C ASP A 21 -4.47 -1.10 15.77
N PHE A 22 -4.40 -2.17 15.00
CA PHE A 22 -4.70 -2.12 13.58
C PHE A 22 -6.17 -1.78 13.31
N ASP A 23 -7.05 -2.19 14.23
CA ASP A 23 -8.47 -1.90 14.08
C ASP A 23 -8.71 -0.40 14.17
N THR A 24 -8.21 0.19 15.26
CA THR A 24 -8.35 1.63 15.48
C THR A 24 -7.58 2.41 14.41
N ALA A 25 -6.45 1.84 14.00
CA ALA A 25 -5.61 2.45 12.99
C ALA A 25 -6.35 2.58 11.66
N LEU A 26 -6.96 1.47 11.24
CA LEU A 26 -7.72 1.44 10.00
C LEU A 26 -8.94 2.34 10.10
N LYS A 27 -9.43 2.52 11.32
CA LYS A 27 -10.59 3.37 11.56
C LYS A 27 -10.26 4.83 11.24
N HIS A 28 -9.15 5.32 11.80
CA HIS A 28 -8.72 6.68 11.57
C HIS A 28 -8.27 6.87 10.13
N TYR A 29 -7.58 5.86 9.60
CA TYR A 29 -7.10 5.92 8.22
C TYR A 29 -8.28 6.03 7.27
N ASP A 30 -9.31 5.23 7.50
CA ASP A 30 -10.50 5.24 6.68
C ASP A 30 -11.22 6.58 6.82
N LYS A 31 -11.09 7.17 8.00
CA LYS A 31 -11.69 8.47 8.27
C LYS A 31 -11.02 9.55 7.43
N ALA A 32 -9.69 9.49 7.36
CA ALA A 32 -8.92 10.45 6.58
C ALA A 32 -9.31 10.37 5.11
N LYS A 33 -9.70 9.17 4.68
CA LYS A 33 -10.11 8.95 3.31
C LYS A 33 -11.41 9.69 3.01
N GLU A 34 -12.31 9.70 4.01
CA GLU A 34 -13.58 10.39 3.86
C GLU A 34 -13.38 11.89 3.93
N LEU A 35 -12.34 12.30 4.64
CA LEU A 35 -12.01 13.72 4.78
C LEU A 35 -11.27 14.22 3.55
N ASP A 36 -10.63 13.29 2.84
CA ASP A 36 -9.89 13.62 1.62
C ASP A 36 -9.64 12.37 0.79
N PRO A 37 -10.62 11.96 -0.04
CA PRO A 37 -10.49 10.77 -0.89
C PRO A 37 -9.47 10.94 -1.99
N THR A 38 -9.17 12.19 -2.34
CA THR A 38 -8.21 12.49 -3.39
C THR A 38 -6.78 12.18 -2.94
N ASN A 39 -6.58 12.09 -1.64
CA ASN A 39 -5.27 11.79 -1.09
C ASN A 39 -5.04 10.28 -1.05
N MET A 40 -4.25 9.79 -2.01
CA MET A 40 -3.97 8.36 -2.11
C MET A 40 -3.11 7.85 -0.96
N THR A 41 -2.40 8.75 -0.29
CA THR A 41 -1.54 8.36 0.82
C THR A 41 -2.35 7.73 1.95
N TYR A 42 -3.57 8.23 2.17
CA TYR A 42 -4.43 7.69 3.21
C TYR A 42 -4.89 6.29 2.84
N ILE A 43 -5.28 6.12 1.58
CA ILE A 43 -5.75 4.83 1.09
C ILE A 43 -4.65 3.77 1.17
N THR A 44 -3.44 4.14 0.77
CA THR A 44 -2.31 3.22 0.81
C THR A 44 -2.04 2.79 2.25
N ASN A 45 -2.19 3.72 3.18
CA ASN A 45 -1.97 3.44 4.59
C ASN A 45 -3.01 2.45 5.10
N GLN A 46 -4.23 2.58 4.59
CA GLN A 46 -5.31 1.68 4.97
C GLN A 46 -4.94 0.26 4.61
N ALA A 47 -4.49 0.09 3.36
CA ALA A 47 -4.08 -1.20 2.86
C ALA A 47 -2.98 -1.79 3.73
N ALA A 48 -2.09 -0.93 4.21
CA ALA A 48 -1.00 -1.36 5.06
C ALA A 48 -1.53 -2.06 6.30
N VAL A 49 -2.67 -1.58 6.79
CA VAL A 49 -3.32 -2.18 7.96
C VAL A 49 -3.86 -3.56 7.61
N TYR A 50 -4.58 -3.64 6.49
CA TYR A 50 -5.15 -4.90 6.05
C TYR A 50 -4.04 -5.94 5.86
N PHE A 51 -2.86 -5.45 5.47
CA PHE A 51 -1.71 -6.31 5.27
C PHE A 51 -1.28 -6.92 6.60
N GLU A 52 -1.54 -6.20 7.67
CA GLU A 52 -1.20 -6.65 9.01
C GLU A 52 -2.33 -7.49 9.61
N LYS A 53 -3.55 -7.23 9.14
CA LYS A 53 -4.72 -7.96 9.63
C LYS A 53 -4.84 -9.31 8.95
N GLY A 54 -4.12 -9.47 7.84
CA GLY A 54 -4.16 -10.72 7.10
C GLY A 54 -4.92 -10.60 5.79
N ASP A 55 -5.61 -9.47 5.62
CA ASP A 55 -6.37 -9.23 4.40
C ASP A 55 -5.47 -8.69 3.30
N TYR A 56 -4.66 -9.58 2.72
CA TYR A 56 -3.75 -9.20 1.65
C TYR A 56 -4.53 -8.80 0.40
N ASN A 57 -5.74 -9.33 0.28
CA ASN A 57 -6.60 -9.02 -0.86
C ASN A 57 -7.05 -7.56 -0.78
N LYS A 58 -7.45 -7.14 0.42
CA LYS A 58 -7.89 -5.77 0.63
C LYS A 58 -6.72 -4.80 0.52
N CYS A 59 -5.53 -5.28 0.89
CA CYS A 59 -4.34 -4.46 0.80
C CYS A 59 -4.05 -4.10 -0.65
N ARG A 60 -4.06 -5.11 -1.50
CA ARG A 60 -3.82 -4.92 -2.93
C ARG A 60 -5.02 -4.21 -3.57
N GLU A 61 -6.17 -4.32 -2.91
CA GLU A 61 -7.39 -3.69 -3.39
C GLU A 61 -7.34 -2.18 -3.22
N LEU A 62 -7.09 -1.72 -2.00
CA LEU A 62 -7.01 -0.29 -1.71
C LEU A 62 -5.77 0.33 -2.30
N CYS A 63 -4.65 -0.40 -2.27
CA CYS A 63 -3.40 0.11 -2.82
C CYS A 63 -3.58 0.55 -4.26
N GLU A 64 -4.00 -0.39 -5.11
CA GLU A 64 -4.22 -0.08 -6.52
C GLU A 64 -5.24 1.04 -6.67
N LYS A 65 -6.25 1.04 -5.79
CA LYS A 65 -7.27 2.07 -5.81
C LYS A 65 -6.62 3.42 -5.54
N ALA A 66 -5.60 3.40 -4.69
CA ALA A 66 -4.87 4.62 -4.36
C ALA A 66 -4.03 5.06 -5.55
N ILE A 67 -3.57 4.09 -6.32
CA ILE A 67 -2.78 4.38 -7.50
C ILE A 67 -3.64 5.13 -8.51
N GLU A 68 -4.90 4.73 -8.57
CA GLU A 68 -5.87 5.34 -9.48
C GLU A 68 -6.10 6.80 -9.12
N VAL A 69 -6.41 7.04 -7.85
CA VAL A 69 -6.66 8.39 -7.36
C VAL A 69 -5.41 9.27 -7.45
N GLY A 70 -4.31 8.76 -6.89
CA GLY A 70 -3.05 9.50 -6.90
C GLY A 70 -2.61 9.87 -8.30
N ARG A 71 -2.48 8.86 -9.16
CA ARG A 71 -2.05 9.07 -10.54
C ARG A 71 -3.02 9.99 -11.27
N GLU A 72 -4.17 10.22 -10.67
CA GLU A 72 -5.20 11.08 -11.26
C GLU A 72 -5.13 12.50 -10.68
N ASN A 73 -4.73 12.61 -9.42
CA ASN A 73 -4.64 13.90 -8.75
C ASN A 73 -3.21 14.43 -8.73
N ARG A 74 -2.38 13.90 -9.62
CA ARG A 74 -0.98 14.32 -9.72
C ARG A 74 -0.25 14.14 -8.39
N GLU A 75 -0.70 13.17 -7.60
CA GLU A 75 -0.09 12.90 -6.30
C GLU A 75 1.33 12.35 -6.47
N ASP A 76 2.11 12.42 -5.41
CA ASP A 76 3.50 11.93 -5.42
C ASP A 76 3.58 10.51 -5.97
N TYR A 77 4.27 10.35 -7.09
CA TYR A 77 4.43 9.04 -7.72
C TYR A 77 5.30 8.13 -6.86
N ARG A 78 6.18 8.73 -6.06
CA ARG A 78 7.05 7.96 -5.19
C ARG A 78 6.21 7.12 -4.24
N GLN A 79 5.10 7.70 -3.78
CA GLN A 79 4.18 7.01 -2.89
C GLN A 79 3.44 5.93 -3.68
N ILE A 80 3.19 6.22 -4.95
CA ILE A 80 2.51 5.29 -5.84
C ILE A 80 3.33 4.01 -5.98
N ALA A 81 4.66 4.17 -6.03
CA ALA A 81 5.55 3.03 -6.15
C ALA A 81 5.55 2.22 -4.85
N LYS A 82 5.57 2.94 -3.73
CA LYS A 82 5.53 2.29 -2.43
C LYS A 82 4.26 1.47 -2.30
N ALA A 83 3.20 1.98 -2.92
CA ALA A 83 1.92 1.29 -2.91
C ALA A 83 2.02 0.05 -3.79
N TYR A 84 2.65 0.21 -4.95
CA TYR A 84 2.85 -0.91 -5.87
C TYR A 84 3.62 -2.01 -5.14
N ALA A 85 4.53 -1.59 -4.28
CA ALA A 85 5.34 -2.52 -3.51
C ALA A 85 4.46 -3.32 -2.56
N ARG A 86 3.48 -2.63 -1.96
CA ARG A 86 2.56 -3.28 -1.03
C ARG A 86 1.66 -4.24 -1.79
N ILE A 87 1.29 -3.88 -3.02
CA ILE A 87 0.46 -4.75 -3.83
C ILE A 87 1.22 -6.04 -4.11
N GLY A 88 2.46 -5.89 -4.57
CA GLY A 88 3.29 -7.03 -4.85
C GLY A 88 3.65 -7.77 -3.59
N ASN A 89 3.63 -7.05 -2.46
CA ASN A 89 3.95 -7.64 -1.17
C ASN A 89 2.77 -8.49 -0.71
N SER A 90 1.57 -8.02 -1.03
CA SER A 90 0.35 -8.74 -0.68
C SER A 90 0.36 -10.08 -1.39
N TYR A 91 0.76 -10.05 -2.66
CA TYR A 91 0.85 -11.26 -3.45
C TYR A 91 2.03 -12.10 -2.97
N PHE A 92 3.10 -11.40 -2.58
CA PHE A 92 4.30 -12.05 -2.08
C PHE A 92 4.00 -12.86 -0.82
N LYS A 93 2.87 -12.55 -0.19
CA LYS A 93 2.46 -13.23 1.03
C LYS A 93 1.43 -14.33 0.76
N GLU A 94 0.58 -14.11 -0.25
CA GLU A 94 -0.45 -15.09 -0.59
C GLU A 94 0.06 -16.09 -1.62
N GLU A 95 1.39 -16.16 -1.78
CA GLU A 95 2.02 -17.10 -2.70
C GLU A 95 1.71 -16.77 -4.17
N LYS A 96 1.40 -15.51 -4.45
CA LYS A 96 1.11 -15.08 -5.81
C LYS A 96 2.29 -14.28 -6.37
N TYR A 97 3.48 -14.86 -6.29
CA TYR A 97 4.69 -14.19 -6.77
C TYR A 97 4.57 -13.74 -8.22
N LYS A 98 3.72 -14.41 -8.99
CA LYS A 98 3.52 -14.05 -10.39
C LYS A 98 2.96 -12.63 -10.49
N ASP A 99 1.95 -12.35 -9.67
CA ASP A 99 1.33 -11.03 -9.67
C ASP A 99 2.18 -10.06 -8.86
N ALA A 100 2.97 -10.61 -7.94
CA ALA A 100 3.84 -9.80 -7.10
C ALA A 100 4.89 -9.09 -7.96
N ILE A 101 5.67 -9.88 -8.70
CA ILE A 101 6.72 -9.35 -9.56
C ILE A 101 6.14 -8.34 -10.56
N HIS A 102 4.89 -8.57 -10.97
CA HIS A 102 4.23 -7.70 -11.91
C HIS A 102 4.12 -6.28 -11.36
N PHE A 103 3.46 -6.14 -10.22
CA PHE A 103 3.29 -4.84 -9.58
C PHE A 103 4.62 -4.34 -9.00
N TYR A 104 5.52 -5.26 -8.72
CA TYR A 104 6.84 -4.88 -8.19
C TYR A 104 7.58 -4.07 -9.25
N ASN A 105 7.63 -4.62 -10.45
CA ASN A 105 8.29 -3.96 -11.57
C ASN A 105 7.63 -2.62 -11.86
N LYS A 106 6.33 -2.53 -11.59
CA LYS A 106 5.59 -1.30 -11.81
C LYS A 106 6.06 -0.24 -10.83
N SER A 107 6.52 -0.68 -9.66
CA SER A 107 7.03 0.24 -8.65
C SER A 107 8.36 0.81 -9.12
N LEU A 108 9.10 -0.01 -9.86
CA LEU A 108 10.39 0.42 -10.40
C LEU A 108 10.17 1.41 -11.53
N ALA A 109 9.01 1.32 -12.16
CA ALA A 109 8.66 2.21 -13.27
C ALA A 109 8.34 3.60 -12.76
N GLU A 110 7.72 3.68 -11.59
CA GLU A 110 7.36 4.96 -11.00
C GLU A 110 8.51 5.52 -10.18
N HIS A 111 8.92 4.78 -9.15
CA HIS A 111 10.02 5.19 -8.29
C HIS A 111 10.93 4.01 -7.97
N ARG A 112 12.06 3.94 -8.67
CA ARG A 112 13.02 2.85 -8.46
C ARG A 112 13.53 2.84 -7.03
N THR A 113 13.39 1.70 -6.36
CA THR A 113 13.84 1.56 -4.99
C THR A 113 14.48 0.19 -4.76
N PRO A 114 15.54 0.12 -3.92
CA PRO A 114 16.24 -1.14 -3.62
C PRO A 114 15.34 -2.17 -2.97
N ASP A 115 14.33 -1.70 -2.23
CA ASP A 115 13.41 -2.59 -1.54
C ASP A 115 12.62 -3.44 -2.54
N VAL A 116 11.91 -2.76 -3.44
CA VAL A 116 11.11 -3.46 -4.44
C VAL A 116 12.00 -4.25 -5.39
N LEU A 117 13.16 -3.70 -5.71
CA LEU A 117 14.10 -4.38 -6.59
C LEU A 117 14.58 -5.66 -5.93
N LYS A 118 14.64 -5.63 -4.60
CA LYS A 118 15.07 -6.77 -3.81
C LYS A 118 13.95 -7.81 -3.73
N LYS A 119 12.72 -7.31 -3.59
CA LYS A 119 11.54 -8.18 -3.51
C LYS A 119 11.18 -8.71 -4.88
N CYS A 120 11.63 -8.02 -5.92
CA CYS A 120 11.36 -8.42 -7.29
C CYS A 120 12.18 -9.66 -7.64
N GLN A 121 13.45 -9.62 -7.28
CA GLN A 121 14.35 -10.75 -7.53
C GLN A 121 14.06 -11.86 -6.53
N GLN A 122 13.55 -11.48 -5.37
CA GLN A 122 13.21 -12.42 -4.32
C GLN A 122 11.96 -13.22 -4.68
N ALA A 123 10.98 -12.54 -5.26
CA ALA A 123 9.72 -13.17 -5.63
C ALA A 123 9.91 -14.16 -6.78
N GLU A 124 10.77 -13.82 -7.74
CA GLU A 124 11.02 -14.69 -8.88
C GLU A 124 11.89 -15.88 -8.51
N LYS A 125 12.92 -15.64 -7.68
CA LYS A 125 13.81 -16.70 -7.26
C LYS A 125 13.08 -17.69 -6.37
N ILE A 126 12.06 -17.20 -5.67
CA ILE A 126 11.26 -18.04 -4.79
C ILE A 126 10.23 -18.81 -5.60
N LEU A 127 9.65 -18.13 -6.60
CA LEU A 127 8.66 -18.76 -7.47
C LEU A 127 9.27 -19.96 -8.18
N LYS A 128 10.55 -19.84 -8.53
CA LYS A 128 11.25 -20.94 -9.20
C LYS A 128 11.32 -22.15 -8.30
N GLU A 129 11.61 -21.89 -7.02
CA GLU A 129 11.70 -22.96 -6.03
C GLU A 129 10.30 -23.47 -5.70
N GLN A 130 9.30 -22.72 -6.14
CA GLN A 130 7.91 -23.08 -5.89
C GLN A 130 7.42 -24.05 -6.96
N GLU A 131 7.91 -23.88 -8.18
CA GLU A 131 7.53 -24.74 -9.30
C GLU A 131 8.46 -25.94 -9.42
N GLU A 1 -9.85 23.02 6.00
CA GLU A 1 -10.98 22.10 5.74
C GLU A 1 -10.57 20.67 6.09
N ASN A 2 -11.23 19.69 5.48
CA ASN A 2 -11.06 18.30 5.88
C ASN A 2 -9.65 17.79 5.58
N LYS A 3 -9.00 18.31 4.55
CA LYS A 3 -7.66 17.84 4.17
C LYS A 3 -6.67 17.93 5.33
N LYS A 4 -6.69 19.05 6.03
CA LYS A 4 -5.80 19.24 7.17
C LYS A 4 -6.16 18.30 8.31
N GLN A 5 -7.46 18.19 8.57
CA GLN A 5 -7.97 17.30 9.57
C GLN A 5 -7.65 15.85 9.20
N ALA A 6 -7.64 15.57 7.90
CA ALA A 6 -7.34 14.24 7.37
C ALA A 6 -5.93 13.82 7.74
N LEU A 7 -5.02 14.79 7.74
CA LEU A 7 -3.64 14.53 8.12
C LEU A 7 -3.61 14.08 9.58
N LYS A 8 -4.43 14.72 10.40
CA LYS A 8 -4.54 14.37 11.80
C LYS A 8 -5.16 12.98 11.95
N GLU A 9 -6.13 12.66 11.10
CA GLU A 9 -6.75 11.35 11.10
C GLU A 9 -5.76 10.28 10.65
N LYS A 10 -4.89 10.62 9.72
CA LYS A 10 -3.83 9.70 9.32
C LYS A 10 -2.88 9.47 10.48
N GLU A 11 -2.60 10.53 11.24
CA GLU A 11 -1.74 10.43 12.41
C GLU A 11 -2.38 9.57 13.49
N LEU A 12 -3.67 9.81 13.73
CA LEU A 12 -4.42 9.03 14.71
C LEU A 12 -4.48 7.57 14.29
N GLY A 13 -4.70 7.34 13.00
CA GLY A 13 -4.67 5.99 12.47
C GLY A 13 -3.32 5.36 12.65
N ASN A 14 -2.29 6.00 12.11
CA ASN A 14 -0.92 5.50 12.20
C ASN A 14 -0.51 5.31 13.66
N ASP A 15 -0.96 6.21 14.52
CA ASP A 15 -0.67 6.13 15.95
C ASP A 15 -1.19 4.83 16.53
N ALA A 16 -2.45 4.53 16.22
CA ALA A 16 -3.08 3.27 16.64
C ALA A 16 -2.42 2.09 15.94
N TYR A 17 -1.95 2.35 14.73
CA TYR A 17 -1.24 1.37 13.92
C TYR A 17 0.05 0.94 14.62
N LYS A 18 0.72 1.89 15.26
CA LYS A 18 1.92 1.62 16.04
C LYS A 18 1.59 0.78 17.26
N LYS A 19 0.35 0.90 17.74
CA LYS A 19 -0.10 0.14 18.89
C LYS A 19 -0.64 -1.22 18.45
N LYS A 20 -0.57 -1.46 17.14
CA LYS A 20 -1.15 -2.65 16.52
C LYS A 20 -2.65 -2.74 16.77
N ASP A 21 -3.25 -1.58 17.00
CA ASP A 21 -4.70 -1.46 17.07
C ASP A 21 -5.20 -1.27 15.65
N PHE A 22 -5.02 -2.31 14.85
CA PHE A 22 -5.08 -2.22 13.41
C PHE A 22 -6.40 -1.67 12.88
N ASP A 23 -7.53 -2.18 13.34
CA ASP A 23 -8.81 -1.70 12.80
C ASP A 23 -9.08 -0.27 13.23
N THR A 24 -8.58 0.10 14.40
CA THR A 24 -8.68 1.48 14.86
C THR A 24 -7.80 2.39 14.00
N ALA A 25 -6.63 1.89 13.65
CA ALA A 25 -5.76 2.58 12.71
C ALA A 25 -6.49 2.75 11.38
N LEU A 26 -6.92 1.62 10.84
CA LEU A 26 -7.70 1.54 9.62
C LEU A 26 -8.92 2.48 9.70
N LYS A 27 -9.44 2.65 10.91
CA LYS A 27 -10.63 3.45 11.16
C LYS A 27 -10.33 4.94 10.96
N HIS A 28 -9.27 5.45 11.58
CA HIS A 28 -8.91 6.85 11.41
C HIS A 28 -8.36 7.07 10.01
N TYR A 29 -7.68 6.06 9.49
CA TYR A 29 -7.22 6.10 8.12
C TYR A 29 -8.42 6.22 7.19
N ASP A 30 -9.48 5.49 7.49
CA ASP A 30 -10.75 5.59 6.76
C ASP A 30 -11.31 6.99 6.89
N LYS A 31 -11.30 7.49 8.11
CA LYS A 31 -11.75 8.85 8.40
C LYS A 31 -10.96 9.84 7.55
N ALA A 32 -9.65 9.66 7.50
CA ALA A 32 -8.79 10.53 6.71
C ALA A 32 -9.13 10.45 5.22
N LYS A 33 -9.59 9.29 4.76
CA LYS A 33 -9.99 9.13 3.37
C LYS A 33 -11.36 9.78 3.13
N GLU A 34 -12.14 9.88 4.19
CA GLU A 34 -13.42 10.57 4.11
C GLU A 34 -13.19 12.06 4.10
N LEU A 35 -12.15 12.48 4.80
CA LEU A 35 -11.77 13.88 4.85
C LEU A 35 -11.07 14.27 3.56
N ASP A 36 -10.13 13.46 3.12
CA ASP A 36 -9.47 13.69 1.85
C ASP A 36 -9.49 12.44 0.99
N PRO A 37 -10.50 12.31 0.11
CA PRO A 37 -10.64 11.16 -0.78
C PRO A 37 -9.63 11.17 -1.93
N THR A 38 -8.88 12.26 -2.05
CA THR A 38 -7.94 12.39 -3.13
C THR A 38 -6.50 12.23 -2.63
N ASN A 39 -6.34 12.06 -1.33
CA ASN A 39 -5.04 11.83 -0.74
C ASN A 39 -4.77 10.34 -0.66
N MET A 40 -4.13 9.82 -1.70
CA MET A 40 -3.91 8.38 -1.83
C MET A 40 -3.14 7.80 -0.65
N THR A 41 -2.33 8.64 0.00
CA THR A 41 -1.51 8.21 1.11
C THR A 41 -2.35 7.70 2.28
N TYR A 42 -3.58 8.19 2.38
CA TYR A 42 -4.46 7.75 3.45
C TYR A 42 -4.96 6.36 3.17
N ILE A 43 -5.12 6.06 1.89
CA ILE A 43 -5.69 4.80 1.45
C ILE A 43 -4.66 3.69 1.50
N THR A 44 -3.44 3.99 1.06
CA THR A 44 -2.37 3.02 1.07
C THR A 44 -2.03 2.59 2.49
N ASN A 45 -2.22 3.52 3.42
CA ASN A 45 -2.00 3.26 4.82
C ASN A 45 -3.14 2.43 5.41
N GLN A 46 -4.33 2.56 4.84
CA GLN A 46 -5.46 1.70 5.18
C GLN A 46 -5.13 0.28 4.76
N ALA A 47 -4.67 0.18 3.52
CA ALA A 47 -4.28 -1.08 2.94
C ALA A 47 -3.19 -1.76 3.76
N ALA A 48 -2.26 -0.94 4.27
CA ALA A 48 -1.20 -1.42 5.14
C ALA A 48 -1.77 -2.09 6.37
N VAL A 49 -2.90 -1.58 6.84
CA VAL A 49 -3.58 -2.18 7.99
C VAL A 49 -4.03 -3.58 7.65
N TYR A 50 -4.73 -3.72 6.53
CA TYR A 50 -5.20 -5.03 6.08
C TYR A 50 -4.04 -5.99 5.93
N PHE A 51 -2.91 -5.49 5.46
CA PHE A 51 -1.70 -6.28 5.32
C PHE A 51 -1.30 -6.87 6.66
N GLU A 52 -1.42 -6.05 7.71
CA GLU A 52 -1.17 -6.49 9.07
C GLU A 52 -2.30 -7.38 9.58
N LYS A 53 -3.51 -7.07 9.12
CA LYS A 53 -4.71 -7.79 9.50
C LYS A 53 -4.72 -9.21 8.93
N GLY A 54 -3.86 -9.44 7.95
CA GLY A 54 -3.81 -10.74 7.29
C GLY A 54 -4.62 -10.74 6.02
N ASP A 55 -5.19 -9.59 5.71
CA ASP A 55 -6.02 -9.42 4.53
C ASP A 55 -5.21 -8.84 3.38
N TYR A 56 -4.40 -9.68 2.76
CA TYR A 56 -3.50 -9.24 1.71
C TYR A 56 -4.26 -8.90 0.44
N ASN A 57 -5.38 -9.57 0.24
CA ASN A 57 -6.22 -9.31 -0.92
C ASN A 57 -6.82 -7.92 -0.85
N LYS A 58 -7.23 -7.51 0.34
CA LYS A 58 -7.76 -6.17 0.53
C LYS A 58 -6.65 -5.12 0.49
N CYS A 59 -5.47 -5.50 0.93
CA CYS A 59 -4.33 -4.60 0.91
C CYS A 59 -4.01 -4.19 -0.53
N ARG A 60 -3.87 -5.18 -1.42
CA ARG A 60 -3.60 -4.89 -2.81
C ARG A 60 -4.82 -4.22 -3.47
N GLU A 61 -5.99 -4.51 -2.92
CA GLU A 61 -7.23 -3.87 -3.34
C GLU A 61 -7.13 -2.35 -3.20
N LEU A 62 -6.87 -1.91 -1.98
CA LEU A 62 -6.88 -0.50 -1.65
C LEU A 62 -5.66 0.22 -2.20
N CYS A 63 -4.54 -0.47 -2.33
CA CYS A 63 -3.33 0.15 -2.83
C CYS A 63 -3.50 0.58 -4.30
N GLU A 64 -4.02 -0.31 -5.14
CA GLU A 64 -4.28 0.05 -6.54
C GLU A 64 -5.36 1.12 -6.61
N LYS A 65 -6.28 1.11 -5.65
CA LYS A 65 -7.30 2.14 -5.55
C LYS A 65 -6.65 3.48 -5.23
N ALA A 66 -5.79 3.48 -4.23
CA ALA A 66 -5.05 4.66 -3.85
C ALA A 66 -4.19 5.14 -5.00
N ILE A 67 -3.51 4.21 -5.65
CA ILE A 67 -2.69 4.54 -6.79
C ILE A 67 -3.54 5.10 -7.91
N GLU A 68 -4.69 4.49 -8.15
CA GLU A 68 -5.62 4.98 -9.15
C GLU A 68 -5.98 6.42 -8.84
N VAL A 69 -6.31 6.67 -7.58
CA VAL A 69 -6.61 8.00 -7.07
C VAL A 69 -5.42 8.95 -7.25
N GLY A 70 -4.25 8.48 -6.85
CA GLY A 70 -3.05 9.29 -6.89
C GLY A 70 -2.63 9.62 -8.31
N ARG A 71 -2.47 8.60 -9.13
CA ARG A 71 -2.04 8.77 -10.51
C ARG A 71 -3.12 9.54 -11.30
N GLU A 72 -4.33 9.53 -10.77
CA GLU A 72 -5.42 10.32 -11.31
C GLU A 72 -5.22 11.80 -11.00
N ASN A 73 -4.91 12.07 -9.74
CA ASN A 73 -4.77 13.44 -9.25
C ASN A 73 -3.32 13.92 -9.40
N ARG A 74 -2.50 13.09 -10.04
CA ARG A 74 -1.09 13.37 -10.27
C ARG A 74 -0.34 13.50 -8.95
N GLU A 75 -0.72 12.64 -8.01
CA GLU A 75 -0.12 12.59 -6.68
C GLU A 75 1.25 11.92 -6.74
N ASP A 76 2.01 12.02 -5.65
CA ASP A 76 3.37 11.50 -5.57
C ASP A 76 3.49 10.06 -6.10
N TYR A 77 4.28 9.91 -7.15
CA TYR A 77 4.52 8.61 -7.76
C TYR A 77 5.47 7.78 -6.92
N ARG A 78 6.29 8.46 -6.11
CA ARG A 78 7.24 7.79 -5.23
C ARG A 78 6.47 7.04 -4.16
N GLN A 79 5.40 7.67 -3.70
CA GLN A 79 4.42 7.07 -2.82
C GLN A 79 3.70 5.92 -3.54
N ILE A 80 3.30 6.18 -4.78
CA ILE A 80 2.68 5.17 -5.64
C ILE A 80 3.55 3.93 -5.75
N ALA A 81 4.85 4.12 -5.91
CA ALA A 81 5.78 3.02 -6.02
C ALA A 81 5.78 2.19 -4.74
N LYS A 82 5.62 2.86 -3.60
CA LYS A 82 5.57 2.14 -2.32
C LYS A 82 4.23 1.43 -2.19
N ALA A 83 3.20 2.02 -2.78
CA ALA A 83 1.91 1.38 -2.86
C ALA A 83 2.01 0.13 -3.74
N TYR A 84 2.76 0.23 -4.82
CA TYR A 84 3.03 -0.91 -5.69
C TYR A 84 3.80 -1.99 -4.96
N ALA A 85 4.80 -1.58 -4.20
CA ALA A 85 5.58 -2.52 -3.43
C ALA A 85 4.72 -3.20 -2.38
N ARG A 86 3.73 -2.47 -1.90
CA ARG A 86 2.79 -3.01 -0.91
C ARG A 86 1.80 -3.94 -1.60
N ILE A 87 1.38 -3.59 -2.82
CA ILE A 87 0.55 -4.47 -3.64
C ILE A 87 1.29 -5.77 -3.90
N GLY A 88 2.49 -5.63 -4.47
CA GLY A 88 3.29 -6.79 -4.79
C GLY A 88 3.63 -7.59 -3.56
N ASN A 89 3.88 -6.92 -2.45
CA ASN A 89 4.24 -7.60 -1.22
C ASN A 89 3.06 -8.40 -0.70
N SER A 90 1.85 -7.92 -0.95
CA SER A 90 0.64 -8.63 -0.58
C SER A 90 0.58 -9.97 -1.31
N TYR A 91 0.81 -9.92 -2.62
CA TYR A 91 0.87 -11.12 -3.44
C TYR A 91 2.04 -12.00 -3.03
N PHE A 92 3.12 -11.34 -2.65
CA PHE A 92 4.34 -11.99 -2.20
C PHE A 92 4.07 -12.85 -0.96
N LYS A 93 3.10 -12.44 -0.15
CA LYS A 93 2.72 -13.21 1.03
C LYS A 93 1.75 -14.32 0.65
N GLU A 94 0.83 -14.00 -0.27
CA GLU A 94 -0.28 -14.89 -0.59
C GLU A 94 0.13 -15.93 -1.63
N GLU A 95 1.40 -15.86 -2.04
CA GLU A 95 2.01 -16.82 -2.97
C GLU A 95 1.56 -16.56 -4.41
N LYS A 96 1.17 -15.31 -4.68
CA LYS A 96 0.88 -14.86 -6.03
C LYS A 96 2.05 -14.07 -6.57
N TYR A 97 3.20 -14.72 -6.64
CA TYR A 97 4.45 -14.04 -6.99
C TYR A 97 4.44 -13.48 -8.41
N LYS A 98 3.65 -14.08 -9.29
CA LYS A 98 3.53 -13.58 -10.65
C LYS A 98 2.99 -12.16 -10.63
N ASP A 99 1.95 -11.95 -9.84
CA ASP A 99 1.34 -10.64 -9.67
C ASP A 99 2.23 -9.76 -8.81
N ALA A 100 2.93 -10.38 -7.86
CA ALA A 100 3.85 -9.67 -6.99
C ALA A 100 4.90 -8.93 -7.80
N ILE A 101 5.61 -9.68 -8.64
CA ILE A 101 6.68 -9.14 -9.47
C ILE A 101 6.13 -8.10 -10.45
N HIS A 102 4.91 -8.31 -10.91
CA HIS A 102 4.26 -7.37 -11.82
C HIS A 102 4.23 -5.98 -11.21
N PHE A 103 3.62 -5.89 -10.04
CA PHE A 103 3.45 -4.61 -9.35
C PHE A 103 4.76 -4.16 -8.72
N TYR A 104 5.66 -5.10 -8.47
CA TYR A 104 7.02 -4.75 -8.07
C TYR A 104 7.67 -3.94 -9.18
N ASN A 105 7.68 -4.50 -10.38
CA ASN A 105 8.24 -3.82 -11.55
C ASN A 105 7.51 -2.51 -11.79
N LYS A 106 6.23 -2.46 -11.42
CA LYS A 106 5.45 -1.23 -11.50
C LYS A 106 6.01 -0.18 -10.54
N SER A 107 6.51 -0.63 -9.41
CA SER A 107 7.17 0.26 -8.47
C SER A 107 8.48 0.75 -9.09
N LEU A 108 9.22 -0.17 -9.73
CA LEU A 108 10.41 0.19 -10.48
C LEU A 108 10.05 1.13 -11.64
N ALA A 109 8.79 1.07 -12.04
CA ALA A 109 8.28 1.88 -13.14
C ALA A 109 8.03 3.32 -12.69
N GLU A 110 7.57 3.49 -11.45
CA GLU A 110 7.27 4.82 -10.93
C GLU A 110 8.45 5.39 -10.15
N HIS A 111 8.98 4.61 -9.22
CA HIS A 111 10.06 5.06 -8.36
C HIS A 111 10.99 3.90 -8.04
N ARG A 112 12.09 3.80 -8.80
CA ARG A 112 13.04 2.71 -8.66
C ARG A 112 13.67 2.71 -7.27
N THR A 113 13.32 1.69 -6.49
CA THR A 113 13.81 1.57 -5.14
C THR A 113 14.39 0.18 -4.88
N PRO A 114 15.57 0.19 -4.24
CA PRO A 114 16.35 -1.02 -3.93
C PRO A 114 15.56 -2.17 -3.30
N ASP A 115 14.63 -1.85 -2.40
CA ASP A 115 13.88 -2.88 -1.69
C ASP A 115 12.91 -3.60 -2.62
N VAL A 116 12.25 -2.86 -3.50
CA VAL A 116 11.34 -3.51 -4.44
C VAL A 116 12.14 -4.26 -5.49
N LEU A 117 13.31 -3.73 -5.82
CA LEU A 117 14.21 -4.41 -6.73
C LEU A 117 14.63 -5.74 -6.11
N LYS A 118 15.01 -5.67 -4.84
CA LYS A 118 15.32 -6.85 -4.05
C LYS A 118 14.14 -7.83 -4.04
N LYS A 119 12.97 -7.28 -3.72
CA LYS A 119 11.75 -8.06 -3.62
C LYS A 119 11.35 -8.66 -4.95
N CYS A 120 11.57 -7.91 -6.01
CA CYS A 120 11.19 -8.34 -7.33
C CYS A 120 12.03 -9.54 -7.75
N GLN A 121 13.33 -9.46 -7.51
CA GLN A 121 14.24 -10.55 -7.80
C GLN A 121 13.98 -11.72 -6.86
N GLN A 122 13.55 -11.39 -5.65
CA GLN A 122 13.26 -12.39 -4.63
C GLN A 122 12.04 -13.22 -5.02
N ALA A 123 10.99 -12.54 -5.45
CA ALA A 123 9.74 -13.23 -5.75
C ALA A 123 9.88 -14.20 -6.92
N GLU A 124 10.67 -13.83 -7.92
CA GLU A 124 10.85 -14.70 -9.08
C GLU A 124 11.71 -15.92 -8.73
N LYS A 125 12.72 -15.74 -7.88
CA LYS A 125 13.53 -16.87 -7.44
C LYS A 125 12.72 -17.76 -6.51
N ILE A 126 11.87 -17.11 -5.71
CA ILE A 126 10.94 -17.83 -4.83
C ILE A 126 9.93 -18.61 -5.64
N LEU A 127 9.34 -17.96 -6.64
CA LEU A 127 8.33 -18.58 -7.48
C LEU A 127 8.92 -19.79 -8.21
N LYS A 128 10.22 -19.73 -8.50
CA LYS A 128 10.93 -20.85 -9.09
C LYS A 128 10.96 -22.04 -8.12
N GLU A 129 11.00 -21.72 -6.83
CA GLU A 129 10.98 -22.75 -5.79
C GLU A 129 9.56 -23.28 -5.61
N GLN A 130 8.59 -22.44 -5.94
CA GLN A 130 7.18 -22.77 -5.76
C GLN A 130 6.69 -23.71 -6.85
N GLU A 131 7.06 -23.42 -8.10
CA GLU A 131 6.64 -24.26 -9.21
C GLU A 131 7.46 -25.55 -9.27
N GLU A 1 -10.81 22.51 7.12
CA GLU A 1 -11.66 21.64 6.28
C GLU A 1 -11.29 20.18 6.52
N ASN A 2 -12.10 19.25 6.02
CA ASN A 2 -11.88 17.82 6.27
C ASN A 2 -10.48 17.38 5.85
N LYS A 3 -9.96 17.92 4.76
CA LYS A 3 -8.61 17.58 4.29
C LYS A 3 -7.57 17.77 5.39
N LYS A 4 -7.72 18.84 6.17
CA LYS A 4 -6.81 19.11 7.28
C LYS A 4 -6.98 18.06 8.37
N GLN A 5 -8.22 17.77 8.72
CA GLN A 5 -8.53 16.77 9.72
C GLN A 5 -8.11 15.38 9.23
N ALA A 6 -8.11 15.20 7.91
CA ALA A 6 -7.72 13.94 7.31
C ALA A 6 -6.29 13.60 7.65
N LEU A 7 -5.44 14.62 7.70
CA LEU A 7 -4.05 14.42 8.08
C LEU A 7 -3.99 13.97 9.54
N LYS A 8 -4.85 14.56 10.35
CA LYS A 8 -5.00 14.15 11.75
C LYS A 8 -5.45 12.70 11.84
N GLU A 9 -6.48 12.37 11.06
CA GLU A 9 -7.03 11.02 11.05
C GLU A 9 -5.97 10.00 10.62
N LYS A 10 -5.08 10.38 9.72
CA LYS A 10 -4.01 9.50 9.28
C LYS A 10 -3.08 9.18 10.45
N GLU A 11 -2.76 10.20 11.23
CA GLU A 11 -1.86 10.05 12.38
C GLU A 11 -2.57 9.34 13.52
N LEU A 12 -3.84 9.63 13.71
CA LEU A 12 -4.66 8.95 14.71
C LEU A 12 -4.74 7.46 14.41
N GLY A 13 -4.88 7.13 13.13
CA GLY A 13 -4.86 5.75 12.70
C GLY A 13 -3.49 5.14 12.88
N ASN A 14 -2.48 5.84 12.37
CA ASN A 14 -1.08 5.40 12.50
C ASN A 14 -0.70 5.15 13.94
N ASP A 15 -1.21 6.00 14.82
CA ASP A 15 -0.95 5.89 16.25
C ASP A 15 -1.50 4.58 16.79
N ALA A 16 -2.78 4.32 16.51
CA ALA A 16 -3.43 3.09 16.91
C ALA A 16 -2.77 1.88 16.23
N TYR A 17 -2.29 2.13 15.02
CA TYR A 17 -1.53 1.16 14.23
C TYR A 17 -0.29 0.70 15.00
N LYS A 18 0.24 1.61 15.80
CA LYS A 18 1.43 1.33 16.59
C LYS A 18 1.09 0.67 17.92
N LYS A 19 -0.20 0.62 18.23
CA LYS A 19 -0.68 -0.02 19.45
C LYS A 19 -1.35 -1.35 19.13
N LYS A 20 -1.11 -1.87 17.92
CA LYS A 20 -1.72 -3.10 17.45
C LYS A 20 -3.24 -3.01 17.47
N ASP A 21 -3.75 -1.78 17.47
CA ASP A 21 -5.16 -1.54 17.41
C ASP A 21 -5.55 -1.31 15.96
N PHE A 22 -5.44 -2.35 15.16
CA PHE A 22 -5.55 -2.23 13.72
C PHE A 22 -6.98 -1.95 13.28
N ASP A 23 -7.94 -2.21 14.15
CA ASP A 23 -9.32 -1.84 13.87
C ASP A 23 -9.47 -0.33 14.00
N THR A 24 -8.95 0.22 15.09
CA THR A 24 -8.99 1.65 15.32
C THR A 24 -8.06 2.39 14.35
N ALA A 25 -6.93 1.75 14.04
CA ALA A 25 -5.99 2.30 13.06
C ALA A 25 -6.65 2.45 11.71
N LEU A 26 -7.19 1.34 11.22
CA LEU A 26 -7.87 1.30 9.93
C LEU A 26 -9.09 2.23 9.97
N LYS A 27 -9.68 2.35 11.15
CA LYS A 27 -10.84 3.20 11.34
C LYS A 27 -10.53 4.66 11.05
N HIS A 28 -9.46 5.18 11.64
CA HIS A 28 -9.06 6.58 11.39
C HIS A 28 -8.47 6.72 10.00
N TYR A 29 -7.74 5.71 9.57
CA TYR A 29 -7.14 5.71 8.25
C TYR A 29 -8.21 5.80 7.17
N ASP A 30 -9.26 5.00 7.33
CA ASP A 30 -10.41 5.05 6.42
C ASP A 30 -11.15 6.36 6.58
N LYS A 31 -11.21 6.82 7.82
CA LYS A 31 -11.79 8.12 8.14
C LYS A 31 -11.08 9.22 7.37
N ALA A 32 -9.75 9.18 7.36
CA ALA A 32 -8.94 10.14 6.64
C ALA A 32 -9.27 10.13 5.15
N LYS A 33 -9.72 8.98 4.66
CA LYS A 33 -10.13 8.84 3.27
C LYS A 33 -11.53 9.42 3.05
N GLU A 34 -12.37 9.32 4.07
CA GLU A 34 -13.69 9.92 4.02
C GLU A 34 -13.55 11.43 4.08
N LEU A 35 -12.49 11.88 4.75
CA LEU A 35 -12.17 13.29 4.83
C LEU A 35 -11.46 13.75 3.57
N ASP A 36 -10.52 12.94 3.09
CA ASP A 36 -9.82 13.25 1.86
C ASP A 36 -9.59 12.00 1.03
N PRO A 37 -10.47 11.75 0.05
CA PRO A 37 -10.35 10.61 -0.86
C PRO A 37 -9.32 10.82 -1.96
N THR A 38 -8.86 12.07 -2.12
CA THR A 38 -7.91 12.37 -3.18
C THR A 38 -6.48 12.23 -2.69
N ASN A 39 -6.31 12.16 -1.38
CA ASN A 39 -5.00 11.94 -0.80
C ASN A 39 -4.69 10.46 -0.79
N MET A 40 -4.03 10.02 -1.86
CA MET A 40 -3.75 8.60 -2.09
C MET A 40 -3.04 7.98 -0.89
N THR A 41 -2.25 8.78 -0.19
CA THR A 41 -1.44 8.29 0.90
C THR A 41 -2.29 7.71 2.03
N TYR A 42 -3.47 8.30 2.25
CA TYR A 42 -4.35 7.83 3.30
C TYR A 42 -4.77 6.41 2.99
N ILE A 43 -5.15 6.20 1.74
CA ILE A 43 -5.65 4.92 1.28
C ILE A 43 -4.57 3.83 1.39
N THR A 44 -3.35 4.15 0.97
CA THR A 44 -2.25 3.20 1.02
C THR A 44 -1.89 2.84 2.45
N ASN A 45 -2.20 3.75 3.37
CA ASN A 45 -1.94 3.53 4.79
C ASN A 45 -3.01 2.63 5.40
N GLN A 46 -4.24 2.78 4.93
CA GLN A 46 -5.33 1.89 5.34
C GLN A 46 -4.98 0.48 4.93
N ALA A 47 -4.49 0.37 3.71
CA ALA A 47 -4.09 -0.89 3.13
C ALA A 47 -3.01 -1.56 3.97
N ALA A 48 -2.10 -0.75 4.50
CA ALA A 48 -1.06 -1.25 5.39
C ALA A 48 -1.65 -1.92 6.62
N VAL A 49 -2.80 -1.41 7.06
CA VAL A 49 -3.50 -2.00 8.19
C VAL A 49 -4.02 -3.37 7.82
N TYR A 50 -4.63 -3.48 6.66
CA TYR A 50 -5.14 -4.76 6.18
C TYR A 50 -4.01 -5.77 6.07
N PHE A 51 -2.84 -5.30 5.64
CA PHE A 51 -1.65 -6.13 5.55
C PHE A 51 -1.31 -6.70 6.93
N GLU A 52 -1.40 -5.86 7.94
CA GLU A 52 -1.19 -6.28 9.32
C GLU A 52 -2.33 -7.17 9.80
N LYS A 53 -3.52 -6.82 9.34
CA LYS A 53 -4.75 -7.51 9.70
C LYS A 53 -4.80 -8.92 9.11
N GLY A 54 -3.95 -9.20 8.14
CA GLY A 54 -3.94 -10.49 7.50
C GLY A 54 -4.74 -10.49 6.21
N ASP A 55 -5.28 -9.33 5.86
CA ASP A 55 -6.08 -9.18 4.65
C ASP A 55 -5.19 -8.65 3.53
N TYR A 56 -4.40 -9.52 2.94
CA TYR A 56 -3.47 -9.12 1.90
C TYR A 56 -4.22 -8.76 0.62
N ASN A 57 -5.38 -9.36 0.44
CA ASN A 57 -6.24 -9.06 -0.70
C ASN A 57 -6.67 -7.60 -0.65
N LYS A 58 -7.17 -7.16 0.49
CA LYS A 58 -7.61 -5.78 0.64
C LYS A 58 -6.42 -4.82 0.58
N CYS A 59 -5.31 -5.24 1.18
CA CYS A 59 -4.12 -4.40 1.21
C CYS A 59 -3.72 -3.98 -0.20
N ARG A 60 -3.62 -4.95 -1.10
CA ARG A 60 -3.30 -4.65 -2.47
C ARG A 60 -4.47 -3.97 -3.17
N GLU A 61 -5.69 -4.33 -2.77
CA GLU A 61 -6.91 -3.75 -3.33
C GLU A 61 -6.91 -2.22 -3.20
N LEU A 62 -6.60 -1.75 -2.01
CA LEU A 62 -6.65 -0.33 -1.72
C LEU A 62 -5.43 0.40 -2.26
N CYS A 63 -4.28 -0.26 -2.29
CA CYS A 63 -3.05 0.39 -2.76
C CYS A 63 -3.17 0.81 -4.22
N GLU A 64 -3.65 -0.08 -5.09
CA GLU A 64 -3.85 0.28 -6.49
C GLU A 64 -4.95 1.32 -6.62
N LYS A 65 -5.96 1.23 -5.77
CA LYS A 65 -7.02 2.25 -5.71
C LYS A 65 -6.40 3.60 -5.42
N ALA A 66 -5.54 3.65 -4.41
CA ALA A 66 -4.81 4.86 -4.05
C ALA A 66 -3.96 5.33 -5.21
N ILE A 67 -3.33 4.39 -5.90
CA ILE A 67 -2.52 4.71 -7.05
C ILE A 67 -3.36 5.30 -8.17
N GLU A 68 -4.55 4.74 -8.38
CA GLU A 68 -5.45 5.27 -9.39
C GLU A 68 -5.84 6.70 -9.04
N VAL A 69 -5.97 6.94 -7.74
CA VAL A 69 -6.28 8.26 -7.21
C VAL A 69 -5.09 9.20 -7.34
N GLY A 70 -3.90 8.70 -7.01
CA GLY A 70 -2.70 9.50 -7.11
C GLY A 70 -2.32 9.77 -8.55
N ARG A 71 -2.57 8.79 -9.40
CA ARG A 71 -2.35 8.93 -10.83
C ARG A 71 -3.31 9.98 -11.37
N GLU A 72 -4.53 9.92 -10.86
CA GLU A 72 -5.58 10.87 -11.19
C GLU A 72 -5.15 12.31 -10.92
N ASN A 73 -4.69 12.55 -9.70
CA ASN A 73 -4.45 13.91 -9.23
C ASN A 73 -2.97 14.28 -9.29
N ARG A 74 -2.18 13.38 -9.86
CA ARG A 74 -0.73 13.57 -10.01
C ARG A 74 -0.05 13.70 -8.65
N GLU A 75 -0.36 12.76 -7.78
CA GLU A 75 0.21 12.71 -6.44
C GLU A 75 1.59 12.05 -6.49
N ASP A 76 2.34 12.19 -5.40
CA ASP A 76 3.69 11.62 -5.27
C ASP A 76 3.76 10.21 -5.84
N TYR A 77 4.45 10.07 -6.98
CA TYR A 77 4.57 8.79 -7.66
C TYR A 77 5.51 7.87 -6.89
N ARG A 78 6.37 8.47 -6.07
CA ARG A 78 7.28 7.72 -5.24
C ARG A 78 6.47 6.91 -4.23
N GLN A 79 5.50 7.59 -3.64
CA GLN A 79 4.50 7.00 -2.78
C GLN A 79 3.74 5.91 -3.52
N ILE A 80 3.41 6.21 -4.79
CA ILE A 80 2.74 5.25 -5.67
C ILE A 80 3.58 3.98 -5.84
N ALA A 81 4.89 4.15 -5.98
CA ALA A 81 5.78 3.02 -6.11
C ALA A 81 5.77 2.20 -4.82
N LYS A 82 5.69 2.88 -3.69
CA LYS A 82 5.60 2.20 -2.40
C LYS A 82 4.28 1.46 -2.31
N ALA A 83 3.25 2.04 -2.90
CA ALA A 83 1.96 1.38 -3.03
C ALA A 83 2.10 0.13 -3.88
N TYR A 84 2.79 0.26 -5.01
CA TYR A 84 3.05 -0.88 -5.90
C TYR A 84 3.79 -1.98 -5.17
N ALA A 85 4.80 -1.60 -4.42
CA ALA A 85 5.60 -2.56 -3.68
C ALA A 85 4.75 -3.27 -2.64
N ARG A 86 3.82 -2.53 -2.06
CA ARG A 86 2.91 -3.09 -1.07
C ARG A 86 1.87 -3.99 -1.74
N ILE A 87 1.41 -3.58 -2.91
CA ILE A 87 0.52 -4.41 -3.72
C ILE A 87 1.21 -5.73 -4.03
N GLY A 88 2.41 -5.62 -4.59
CA GLY A 88 3.18 -6.79 -4.94
C GLY A 88 3.52 -7.62 -3.72
N ASN A 89 3.81 -6.96 -2.60
CA ASN A 89 4.21 -7.67 -1.39
C ASN A 89 3.01 -8.38 -0.77
N SER A 90 1.82 -7.86 -0.99
CA SER A 90 0.60 -8.53 -0.55
C SER A 90 0.44 -9.84 -1.31
N TYR A 91 0.64 -9.77 -2.63
CA TYR A 91 0.70 -10.97 -3.46
C TYR A 91 1.83 -11.88 -2.99
N PHE A 92 2.97 -11.26 -2.71
CA PHE A 92 4.16 -11.95 -2.21
C PHE A 92 3.84 -12.79 -0.98
N LYS A 93 3.10 -12.20 -0.04
CA LYS A 93 2.72 -12.91 1.17
C LYS A 93 1.71 -14.01 0.86
N GLU A 94 0.87 -13.77 -0.13
CA GLU A 94 -0.24 -14.68 -0.41
C GLU A 94 0.19 -15.76 -1.42
N GLU A 95 1.48 -15.76 -1.74
CA GLU A 95 2.10 -16.76 -2.63
C GLU A 95 1.76 -16.46 -4.10
N LYS A 96 1.22 -15.28 -4.35
CA LYS A 96 0.88 -14.84 -5.68
C LYS A 96 2.06 -14.12 -6.31
N TYR A 97 3.19 -14.80 -6.40
CA TYR A 97 4.47 -14.18 -6.80
C TYR A 97 4.45 -13.66 -8.22
N LYS A 98 3.71 -14.31 -9.11
CA LYS A 98 3.59 -13.82 -10.49
C LYS A 98 2.97 -12.44 -10.50
N ASP A 99 2.04 -12.22 -9.60
CA ASP A 99 1.37 -10.94 -9.46
C ASP A 99 2.22 -9.99 -8.64
N ALA A 100 3.02 -10.56 -7.73
CA ALA A 100 3.96 -9.78 -6.93
C ALA A 100 4.95 -9.07 -7.83
N ILE A 101 5.67 -9.86 -8.63
CA ILE A 101 6.66 -9.33 -9.56
C ILE A 101 6.02 -8.34 -10.54
N HIS A 102 4.77 -8.60 -10.90
CA HIS A 102 4.03 -7.71 -11.78
C HIS A 102 4.05 -6.28 -11.24
N PHE A 103 3.50 -6.10 -10.05
CA PHE A 103 3.38 -4.77 -9.47
C PHE A 103 4.72 -4.29 -8.90
N TYR A 104 5.62 -5.23 -8.64
CA TYR A 104 6.98 -4.86 -8.25
C TYR A 104 7.63 -4.05 -9.37
N ASN A 105 7.66 -4.62 -10.57
CA ASN A 105 8.24 -3.96 -11.73
C ASN A 105 7.50 -2.66 -12.03
N LYS A 106 6.24 -2.60 -11.63
CA LYS A 106 5.42 -1.40 -11.75
C LYS A 106 5.89 -0.32 -10.78
N SER A 107 6.44 -0.75 -9.66
CA SER A 107 7.05 0.17 -8.71
C SER A 107 8.35 0.70 -9.31
N LEU A 108 9.12 -0.20 -9.92
CA LEU A 108 10.31 0.18 -10.66
C LEU A 108 9.93 1.14 -11.80
N ALA A 109 8.67 1.04 -12.22
CA ALA A 109 8.15 1.88 -13.30
C ALA A 109 7.90 3.31 -12.84
N GLU A 110 7.54 3.48 -11.58
CA GLU A 110 7.25 4.82 -11.06
C GLU A 110 8.44 5.39 -10.28
N HIS A 111 8.97 4.61 -9.36
CA HIS A 111 10.06 5.07 -8.51
C HIS A 111 11.04 3.92 -8.26
N ARG A 112 12.09 3.89 -9.06
CA ARG A 112 13.08 2.83 -9.02
C ARG A 112 13.85 2.84 -7.71
N THR A 113 13.59 1.82 -6.91
CA THR A 113 14.27 1.67 -5.63
C THR A 113 14.68 0.21 -5.42
N PRO A 114 15.82 0.02 -4.73
CA PRO A 114 16.45 -1.29 -4.59
C PRO A 114 15.62 -2.30 -3.83
N ASP A 115 14.72 -1.80 -2.98
CA ASP A 115 13.86 -2.68 -2.18
C ASP A 115 12.93 -3.48 -3.07
N VAL A 116 12.24 -2.79 -3.96
CA VAL A 116 11.27 -3.47 -4.81
C VAL A 116 12.00 -4.29 -5.86
N LEU A 117 13.16 -3.80 -6.29
CA LEU A 117 13.99 -4.53 -7.22
C LEU A 117 14.43 -5.84 -6.57
N LYS A 118 14.88 -5.73 -5.33
CA LYS A 118 15.23 -6.88 -4.51
C LYS A 118 14.05 -7.83 -4.38
N LYS A 119 12.90 -7.26 -4.05
CA LYS A 119 11.67 -8.03 -3.90
C LYS A 119 11.27 -8.69 -5.20
N CYS A 120 11.48 -7.98 -6.30
CA CYS A 120 11.10 -8.47 -7.60
C CYS A 120 11.96 -9.69 -7.97
N GLN A 121 13.22 -9.64 -7.60
CA GLN A 121 14.11 -10.78 -7.80
C GLN A 121 13.76 -11.89 -6.80
N GLN A 122 13.48 -11.48 -5.57
CA GLN A 122 13.13 -12.40 -4.50
C GLN A 122 11.93 -13.25 -4.90
N ALA A 123 10.84 -12.59 -5.25
CA ALA A 123 9.61 -13.29 -5.60
C ALA A 123 9.80 -14.20 -6.79
N GLU A 124 10.64 -13.80 -7.73
CA GLU A 124 10.86 -14.58 -8.93
C GLU A 124 11.58 -15.88 -8.59
N LYS A 125 12.65 -15.77 -7.80
CA LYS A 125 13.42 -16.94 -7.39
C LYS A 125 12.60 -17.79 -6.41
N ILE A 126 11.75 -17.14 -5.64
CA ILE A 126 10.82 -17.84 -4.75
C ILE A 126 9.79 -18.62 -5.54
N LEU A 127 9.28 -18.00 -6.61
CA LEU A 127 8.29 -18.63 -7.46
C LEU A 127 8.88 -19.89 -8.10
N LYS A 128 10.19 -19.86 -8.34
CA LYS A 128 10.89 -21.01 -8.89
C LYS A 128 10.89 -22.16 -7.87
N GLU A 129 10.93 -21.80 -6.59
CA GLU A 129 10.81 -22.78 -5.51
C GLU A 129 9.40 -23.37 -5.52
N GLN A 130 8.43 -22.53 -5.88
CA GLN A 130 7.03 -22.90 -5.84
C GLN A 130 6.70 -23.93 -6.91
N GLU A 131 7.18 -23.69 -8.12
CA GLU A 131 6.92 -24.61 -9.24
C GLU A 131 8.21 -25.25 -9.72
N GLU A 1 -10.24 22.88 6.61
CA GLU A 1 -10.79 21.88 5.66
C GLU A 1 -10.40 20.48 6.11
N ASN A 2 -11.24 19.52 5.76
CA ASN A 2 -11.03 18.12 6.13
C ASN A 2 -9.74 17.57 5.53
N LYS A 3 -9.27 18.20 4.46
CA LYS A 3 -8.02 17.79 3.82
C LYS A 3 -6.84 17.87 4.78
N LYS A 4 -6.72 18.98 5.49
CA LYS A 4 -5.65 19.16 6.45
C LYS A 4 -5.85 18.22 7.63
N GLN A 5 -7.09 18.05 8.05
CA GLN A 5 -7.42 17.14 9.13
C GLN A 5 -7.17 15.69 8.70
N ALA A 6 -7.27 15.43 7.40
CA ALA A 6 -7.00 14.11 6.86
C ALA A 6 -5.55 13.73 7.06
N LEU A 7 -4.66 14.72 6.98
CA LEU A 7 -3.25 14.50 7.27
C LEU A 7 -3.08 14.18 8.74
N LYS A 8 -3.86 14.85 9.58
CA LYS A 8 -3.85 14.59 11.01
C LYS A 8 -4.34 13.16 11.29
N GLU A 9 -5.44 12.79 10.63
CA GLU A 9 -5.99 11.45 10.76
C GLU A 9 -5.01 10.40 10.22
N LYS A 10 -4.35 10.70 9.12
CA LYS A 10 -3.36 9.78 8.57
C LYS A 10 -2.21 9.57 9.55
N GLU A 11 -1.76 10.65 10.17
CA GLU A 11 -0.70 10.57 11.18
C GLU A 11 -1.18 9.82 12.41
N LEU A 12 -2.38 10.11 12.86
CA LEU A 12 -2.97 9.41 14.00
C LEU A 12 -3.12 7.93 13.71
N GLY A 13 -3.54 7.63 12.48
CA GLY A 13 -3.61 6.26 12.02
C GLY A 13 -2.24 5.61 11.98
N ASN A 14 -1.31 6.30 11.35
CA ASN A 14 0.05 5.79 11.18
C ASN A 14 0.72 5.59 12.52
N ASP A 15 0.41 6.48 13.46
CA ASP A 15 0.96 6.43 14.80
C ASP A 15 0.50 5.15 15.52
N ALA A 16 -0.78 4.85 15.40
CA ALA A 16 -1.35 3.64 15.97
C ALA A 16 -0.87 2.41 15.21
N TYR A 17 -0.66 2.61 13.92
CA TYR A 17 -0.10 1.58 13.04
C TYR A 17 1.27 1.15 13.54
N LYS A 18 2.03 2.13 14.03
CA LYS A 18 3.37 1.89 14.56
C LYS A 18 3.31 1.22 15.92
N LYS A 19 2.13 1.21 16.53
CA LYS A 19 1.95 0.63 17.84
C LYS A 19 1.21 -0.71 17.74
N LYS A 20 1.09 -1.21 16.51
CA LYS A 20 0.40 -2.47 16.25
C LYS A 20 -1.06 -2.41 16.69
N ASP A 21 -1.58 -1.20 16.76
CA ASP A 21 -3.00 -0.98 16.99
C ASP A 21 -3.66 -0.80 15.64
N PHE A 22 -3.62 -1.86 14.84
CA PHE A 22 -3.96 -1.77 13.44
C PHE A 22 -5.41 -1.40 13.20
N ASP A 23 -6.29 -1.76 14.13
CA ASP A 23 -7.69 -1.36 14.02
C ASP A 23 -7.84 0.14 14.21
N THR A 24 -7.13 0.67 15.19
CA THR A 24 -7.12 2.10 15.44
C THR A 24 -6.39 2.83 14.31
N ALA A 25 -5.35 2.20 13.78
CA ALA A 25 -4.64 2.72 12.63
C ALA A 25 -5.57 2.84 11.44
N LEU A 26 -6.16 1.71 11.08
CA LEU A 26 -7.09 1.62 9.97
C LEU A 26 -8.29 2.54 10.21
N LYS A 27 -8.59 2.78 11.49
CA LYS A 27 -9.69 3.64 11.87
C LYS A 27 -9.41 5.07 11.44
N HIS A 28 -8.25 5.60 11.80
CA HIS A 28 -7.90 6.98 11.43
C HIS A 28 -7.52 7.06 9.97
N TYR A 29 -6.96 6.00 9.44
CA TYR A 29 -6.63 5.94 8.02
C TYR A 29 -7.90 6.08 7.18
N ASP A 30 -8.90 5.27 7.52
CA ASP A 30 -10.20 5.33 6.86
C ASP A 30 -10.85 6.68 7.11
N LYS A 31 -10.68 7.17 8.32
CA LYS A 31 -11.14 8.50 8.69
C LYS A 31 -10.47 9.55 7.81
N ALA A 32 -9.18 9.39 7.58
CA ALA A 32 -8.43 10.30 6.73
C ALA A 32 -8.94 10.24 5.31
N LYS A 33 -9.29 9.06 4.84
CA LYS A 33 -9.85 8.90 3.51
C LYS A 33 -11.26 9.50 3.46
N GLU A 34 -11.93 9.47 4.60
CA GLU A 34 -13.24 10.09 4.75
C GLU A 34 -13.11 11.61 4.67
N LEU A 35 -11.98 12.10 5.19
CA LEU A 35 -11.69 13.52 5.18
C LEU A 35 -11.19 13.97 3.82
N ASP A 36 -10.34 13.16 3.20
CA ASP A 36 -9.95 13.41 1.83
C ASP A 36 -9.90 12.11 1.04
N PRO A 37 -10.94 11.84 0.23
CA PRO A 37 -11.04 10.63 -0.57
C PRO A 37 -10.18 10.69 -1.83
N THR A 38 -9.73 11.88 -2.17
CA THR A 38 -8.90 12.09 -3.34
C THR A 38 -7.44 11.85 -3.00
N ASN A 39 -7.25 11.23 -1.86
CA ASN A 39 -5.96 10.85 -1.38
C ASN A 39 -5.54 9.53 -1.99
N MET A 40 -4.30 9.41 -2.37
CA MET A 40 -3.75 8.09 -2.62
C MET A 40 -3.23 7.47 -1.32
N THR A 41 -2.57 8.29 -0.48
CA THR A 41 -1.82 7.78 0.68
C THR A 41 -2.71 7.11 1.72
N TYR A 42 -3.67 7.87 2.25
CA TYR A 42 -4.56 7.38 3.31
C TYR A 42 -5.16 6.03 2.94
N ILE A 43 -5.36 5.82 1.64
CA ILE A 43 -5.97 4.59 1.15
C ILE A 43 -4.95 3.45 1.14
N THR A 44 -3.74 3.73 0.69
CA THR A 44 -2.68 2.72 0.68
C THR A 44 -2.26 2.39 2.10
N ASN A 45 -2.40 3.38 2.97
CA ASN A 45 -2.13 3.20 4.39
C ASN A 45 -3.16 2.25 4.98
N GLN A 46 -4.41 2.42 4.57
CA GLN A 46 -5.47 1.49 4.94
C GLN A 46 -5.12 0.10 4.46
N ALA A 47 -4.73 0.02 3.19
CA ALA A 47 -4.34 -1.23 2.57
C ALA A 47 -3.22 -1.89 3.36
N ALA A 48 -2.26 -1.07 3.80
CA ALA A 48 -1.15 -1.54 4.63
C ALA A 48 -1.67 -2.20 5.89
N VAL A 49 -2.71 -1.62 6.47
CA VAL A 49 -3.31 -2.19 7.67
C VAL A 49 -3.90 -3.55 7.37
N TYR A 50 -4.69 -3.63 6.31
CA TYR A 50 -5.29 -4.90 5.90
C TYR A 50 -4.22 -5.95 5.66
N PHE A 51 -3.10 -5.51 5.10
CA PHE A 51 -1.95 -6.37 4.91
C PHE A 51 -1.54 -6.98 6.25
N GLU A 52 -1.48 -6.13 7.28
CA GLU A 52 -1.14 -6.55 8.63
C GLU A 52 -2.29 -7.31 9.27
N LYS A 53 -3.51 -6.98 8.84
CA LYS A 53 -4.71 -7.59 9.36
C LYS A 53 -4.89 -9.01 8.82
N GLY A 54 -4.26 -9.28 7.69
CA GLY A 54 -4.37 -10.58 7.07
C GLY A 54 -5.24 -10.55 5.82
N ASP A 55 -5.74 -9.37 5.48
CA ASP A 55 -6.58 -9.22 4.30
C ASP A 55 -5.76 -8.73 3.12
N TYR A 56 -5.12 -9.66 2.42
CA TYR A 56 -4.26 -9.31 1.29
C TYR A 56 -5.11 -8.98 0.08
N ASN A 57 -6.37 -9.38 0.12
CA ASN A 57 -7.32 -9.08 -0.95
C ASN A 57 -7.72 -7.61 -0.90
N LYS A 58 -8.12 -7.16 0.29
CA LYS A 58 -8.49 -5.76 0.49
C LYS A 58 -7.31 -4.84 0.22
N CYS A 59 -6.14 -5.28 0.64
CA CYS A 59 -4.93 -4.52 0.41
C CYS A 59 -4.74 -4.28 -1.08
N ARG A 60 -4.90 -5.34 -1.87
CA ARG A 60 -4.88 -5.24 -3.34
C ARG A 60 -6.00 -4.31 -3.84
N GLU A 61 -7.15 -4.43 -3.20
CA GLU A 61 -8.29 -3.61 -3.53
C GLU A 61 -7.97 -2.11 -3.39
N LEU A 62 -7.42 -1.75 -2.25
CA LEU A 62 -7.25 -0.34 -1.90
C LEU A 62 -6.03 0.27 -2.57
N CYS A 63 -4.95 -0.50 -2.66
CA CYS A 63 -3.70 0.01 -3.22
C CYS A 63 -3.89 0.53 -4.64
N GLU A 64 -4.37 -0.34 -5.51
CA GLU A 64 -4.55 0.02 -6.91
C GLU A 64 -5.58 1.14 -7.06
N LYS A 65 -6.58 1.14 -6.17
CA LYS A 65 -7.55 2.23 -6.13
C LYS A 65 -6.85 3.54 -5.80
N ALA A 66 -6.05 3.51 -4.74
CA ALA A 66 -5.28 4.67 -4.32
C ALA A 66 -4.35 5.13 -5.41
N ILE A 67 -3.68 4.18 -6.05
CA ILE A 67 -2.78 4.47 -7.14
C ILE A 67 -3.53 5.12 -8.29
N GLU A 68 -4.69 4.57 -8.61
CA GLU A 68 -5.56 5.13 -9.63
C GLU A 68 -5.90 6.58 -9.27
N VAL A 69 -6.31 6.76 -8.03
CA VAL A 69 -6.66 8.07 -7.47
C VAL A 69 -5.47 9.04 -7.54
N GLY A 70 -4.32 8.60 -7.06
CA GLY A 70 -3.16 9.46 -7.01
C GLY A 70 -2.64 9.81 -8.38
N ARG A 71 -2.55 8.80 -9.24
CA ARG A 71 -2.08 9.00 -10.61
C ARG A 71 -3.07 9.88 -11.37
N GLU A 72 -4.31 9.87 -10.89
CA GLU A 72 -5.36 10.71 -11.43
C GLU A 72 -5.24 12.14 -10.87
N ASN A 73 -5.02 12.22 -9.58
CA ASN A 73 -5.03 13.49 -8.87
C ASN A 73 -3.61 14.01 -8.62
N ARG A 74 -2.70 13.64 -9.53
CA ARG A 74 -1.32 14.15 -9.58
C ARG A 74 -0.58 14.00 -8.25
N GLU A 75 -0.96 12.97 -7.49
CA GLU A 75 -0.40 12.72 -6.19
C GLU A 75 1.01 12.12 -6.32
N ASP A 76 1.75 12.17 -5.22
CA ASP A 76 3.12 11.68 -5.16
C ASP A 76 3.25 10.25 -5.70
N TYR A 77 4.03 10.08 -6.76
CA TYR A 77 4.20 8.78 -7.40
C TYR A 77 5.18 7.92 -6.59
N ARG A 78 6.02 8.57 -5.80
CA ARG A 78 6.93 7.85 -4.93
C ARG A 78 6.12 7.06 -3.91
N GLN A 79 5.06 7.70 -3.46
CA GLN A 79 4.06 7.09 -2.59
C GLN A 79 3.33 5.97 -3.34
N ILE A 80 3.02 6.22 -4.60
CA ILE A 80 2.42 5.22 -5.48
C ILE A 80 3.30 3.99 -5.60
N ALA A 81 4.61 4.19 -5.70
CA ALA A 81 5.54 3.09 -5.76
C ALA A 81 5.49 2.26 -4.49
N LYS A 82 5.34 2.93 -3.35
CA LYS A 82 5.23 2.23 -2.08
C LYS A 82 3.89 1.51 -2.02
N ALA A 83 2.91 2.03 -2.74
CA ALA A 83 1.64 1.33 -2.92
C ALA A 83 1.87 0.05 -3.71
N TYR A 84 2.55 0.19 -4.86
CA TYR A 84 2.88 -0.94 -5.72
C TYR A 84 3.60 -2.03 -4.95
N ALA A 85 4.55 -1.62 -4.12
CA ALA A 85 5.31 -2.58 -3.33
C ALA A 85 4.40 -3.36 -2.41
N ARG A 86 3.41 -2.69 -1.83
CA ARG A 86 2.43 -3.36 -0.98
C ARG A 86 1.59 -4.32 -1.80
N ILE A 87 1.21 -3.91 -3.01
CA ILE A 87 0.42 -4.77 -3.88
C ILE A 87 1.19 -6.02 -4.22
N GLY A 88 2.41 -5.81 -4.70
CA GLY A 88 3.27 -6.92 -5.02
C GLY A 88 3.55 -7.79 -3.81
N ASN A 89 3.66 -7.16 -2.65
CA ASN A 89 3.96 -7.89 -1.43
C ASN A 89 2.71 -8.62 -0.93
N SER A 90 1.54 -8.11 -1.28
CA SER A 90 0.29 -8.81 -0.98
C SER A 90 0.25 -10.12 -1.73
N TYR A 91 0.57 -10.03 -3.02
CA TYR A 91 0.69 -11.21 -3.86
C TYR A 91 1.82 -12.11 -3.36
N PHE A 92 2.93 -11.47 -2.98
CA PHE A 92 4.08 -12.15 -2.42
C PHE A 92 3.68 -13.02 -1.22
N LYS A 93 2.87 -12.46 -0.34
CA LYS A 93 2.39 -13.19 0.83
C LYS A 93 1.40 -14.27 0.42
N GLU A 94 0.56 -13.98 -0.56
CA GLU A 94 -0.53 -14.87 -0.93
C GLU A 94 -0.05 -15.98 -1.87
N GLU A 95 1.24 -15.93 -2.21
CA GLU A 95 1.91 -16.92 -3.03
C GLU A 95 1.60 -16.71 -4.52
N LYS A 96 1.26 -15.47 -4.87
CA LYS A 96 1.11 -15.06 -6.26
C LYS A 96 2.33 -14.28 -6.70
N TYR A 97 3.46 -14.96 -6.73
CA TYR A 97 4.74 -14.30 -6.96
C TYR A 97 4.85 -13.71 -8.37
N LYS A 98 4.17 -14.30 -9.34
CA LYS A 98 4.18 -13.75 -10.70
C LYS A 98 3.53 -12.37 -10.72
N ASP A 99 2.42 -12.24 -10.01
CA ASP A 99 1.73 -10.96 -9.89
C ASP A 99 2.49 -10.04 -8.92
N ALA A 100 3.18 -10.66 -7.97
CA ALA A 100 4.01 -9.92 -7.02
C ALA A 100 5.05 -9.09 -7.76
N ILE A 101 5.85 -9.79 -8.56
CA ILE A 101 6.92 -9.17 -9.33
C ILE A 101 6.37 -8.14 -10.31
N HIS A 102 5.17 -8.38 -10.81
CA HIS A 102 4.50 -7.46 -11.71
C HIS A 102 4.44 -6.06 -11.10
N PHE A 103 3.77 -5.97 -9.96
CA PHE A 103 3.56 -4.69 -9.30
C PHE A 103 4.84 -4.22 -8.60
N TYR A 104 5.74 -5.15 -8.32
CA TYR A 104 7.06 -4.76 -7.82
C TYR A 104 7.77 -3.91 -8.85
N ASN A 105 7.91 -4.44 -10.07
CA ASN A 105 8.56 -3.72 -11.16
C ASN A 105 7.80 -2.44 -11.49
N LYS A 106 6.51 -2.44 -11.18
CA LYS A 106 5.68 -1.25 -11.32
C LYS A 106 6.06 -0.18 -10.30
N SER A 107 6.56 -0.62 -9.15
CA SER A 107 7.08 0.30 -8.16
C SER A 107 8.41 0.85 -8.66
N LEU A 108 9.23 -0.03 -9.21
CA LEU A 108 10.48 0.38 -9.85
C LEU A 108 10.19 1.36 -10.98
N ALA A 109 9.00 1.21 -11.56
CA ALA A 109 8.53 2.07 -12.63
C ALA A 109 8.32 3.50 -12.14
N GLU A 110 7.57 3.65 -11.06
CA GLU A 110 7.23 4.97 -10.53
C GLU A 110 8.36 5.55 -9.69
N HIS A 111 8.84 4.76 -8.75
CA HIS A 111 9.88 5.23 -7.83
C HIS A 111 10.83 4.08 -7.52
N ARG A 112 11.94 4.07 -8.24
CA ARG A 112 12.94 3.02 -8.12
C ARG A 112 13.52 2.97 -6.72
N THR A 113 13.22 1.90 -6.01
CA THR A 113 13.69 1.71 -4.65
C THR A 113 14.35 0.36 -4.49
N PRO A 114 15.51 0.36 -3.84
CA PRO A 114 16.32 -0.82 -3.55
C PRO A 114 15.54 -1.96 -2.90
N ASP A 115 14.54 -1.61 -2.09
CA ASP A 115 13.76 -2.60 -1.35
C ASP A 115 12.81 -3.35 -2.25
N VAL A 116 12.06 -2.65 -3.09
CA VAL A 116 11.17 -3.33 -4.01
C VAL A 116 11.98 -4.12 -5.02
N LEU A 117 13.15 -3.60 -5.36
CA LEU A 117 14.08 -4.31 -6.21
C LEU A 117 14.56 -5.58 -5.51
N LYS A 118 14.93 -5.42 -4.25
CA LYS A 118 15.35 -6.53 -3.40
C LYS A 118 14.22 -7.55 -3.23
N LYS A 119 13.01 -7.02 -3.16
CA LYS A 119 11.80 -7.81 -3.01
C LYS A 119 11.40 -8.48 -4.31
N CYS A 120 11.62 -7.77 -5.41
CA CYS A 120 11.25 -8.25 -6.73
C CYS A 120 12.10 -9.46 -7.12
N GLN A 121 13.40 -9.36 -6.89
CA GLN A 121 14.30 -10.46 -7.18
C GLN A 121 14.05 -11.62 -6.22
N GLN A 122 13.53 -11.31 -5.04
CA GLN A 122 13.24 -12.33 -4.05
C GLN A 122 12.09 -13.21 -4.54
N ALA A 123 11.05 -12.59 -5.07
CA ALA A 123 9.87 -13.35 -5.50
C ALA A 123 10.17 -14.27 -6.68
N GLU A 124 10.96 -13.79 -7.63
CA GLU A 124 11.27 -14.60 -8.81
C GLU A 124 12.14 -15.80 -8.44
N LYS A 125 13.04 -15.62 -7.48
CA LYS A 125 13.85 -16.74 -7.01
C LYS A 125 13.01 -17.66 -6.14
N ILE A 126 12.15 -17.07 -5.31
CA ILE A 126 11.23 -17.83 -4.47
C ILE A 126 10.33 -18.72 -5.32
N LEU A 127 9.71 -18.13 -6.32
CA LEU A 127 8.80 -18.85 -7.19
C LEU A 127 9.55 -19.95 -7.92
N LYS A 128 10.79 -19.65 -8.31
CA LYS A 128 11.65 -20.65 -8.96
C LYS A 128 11.92 -21.81 -8.01
N GLU A 129 12.03 -21.50 -6.72
CA GLU A 129 12.24 -22.52 -5.69
C GLU A 129 10.95 -23.30 -5.44
N GLN A 130 9.81 -22.67 -5.71
CA GLN A 130 8.52 -23.30 -5.50
C GLN A 130 8.15 -24.21 -6.67
N GLU A 131 8.79 -23.99 -7.81
CA GLU A 131 8.54 -24.80 -8.99
C GLU A 131 9.31 -26.12 -8.91
N GLU A 1 -11.11 22.65 8.22
CA GLU A 1 -10.82 21.86 7.00
C GLU A 1 -10.62 20.40 7.36
N ASN A 2 -11.15 19.52 6.51
CA ASN A 2 -11.00 18.08 6.75
C ASN A 2 -9.67 17.58 6.22
N LYS A 3 -9.09 18.31 5.27
CA LYS A 3 -7.81 17.91 4.67
C LYS A 3 -6.72 17.79 5.72
N LYS A 4 -6.52 18.83 6.50
CA LYS A 4 -5.48 18.83 7.52
C LYS A 4 -5.82 17.83 8.62
N GLN A 5 -7.11 17.70 8.91
CA GLN A 5 -7.58 16.74 9.89
C GLN A 5 -7.31 15.32 9.41
N ALA A 6 -7.41 15.11 8.09
CA ALA A 6 -7.11 13.83 7.48
C ALA A 6 -5.68 13.41 7.78
N LEU A 7 -4.80 14.40 7.84
CA LEU A 7 -3.42 14.15 8.16
C LEU A 7 -3.31 13.60 9.58
N LYS A 8 -4.10 14.18 10.49
CA LYS A 8 -4.13 13.72 11.87
C LYS A 8 -4.72 12.32 11.96
N GLU A 9 -5.80 12.08 11.21
CA GLU A 9 -6.44 10.78 11.17
C GLU A 9 -5.48 9.71 10.65
N LYS A 10 -4.66 10.07 9.68
CA LYS A 10 -3.66 9.15 9.15
C LYS A 10 -2.65 8.79 10.24
N GLU A 11 -2.26 9.79 11.03
CA GLU A 11 -1.31 9.58 12.13
C GLU A 11 -1.96 8.77 13.25
N LEU A 12 -3.18 9.13 13.60
CA LEU A 12 -3.92 8.42 14.64
C LEU A 12 -4.10 6.95 14.28
N GLY A 13 -4.37 6.70 13.01
CA GLY A 13 -4.45 5.34 12.53
C GLY A 13 -3.10 4.64 12.62
N ASN A 14 -2.08 5.27 12.05
CA ASN A 14 -0.72 4.73 12.08
C ASN A 14 -0.24 4.51 13.51
N ASP A 15 -0.67 5.38 14.41
CA ASP A 15 -0.30 5.31 15.82
C ASP A 15 -0.90 4.06 16.47
N ALA A 16 -2.17 3.82 16.20
CA ALA A 16 -2.86 2.62 16.66
C ALA A 16 -2.29 1.38 15.95
N TYR A 17 -1.93 1.60 14.70
CA TYR A 17 -1.28 0.59 13.85
C TYR A 17 -0.02 0.05 14.53
N LYS A 18 0.71 0.96 15.16
CA LYS A 18 1.95 0.63 15.85
C LYS A 18 1.68 -0.19 17.12
N LYS A 19 0.51 -0.01 17.71
CA LYS A 19 0.17 -0.71 18.94
C LYS A 19 -0.74 -1.90 18.68
N LYS A 20 -0.66 -2.42 17.47
CA LYS A 20 -1.42 -3.63 17.07
C LYS A 20 -2.92 -3.44 17.20
N ASP A 21 -3.36 -2.20 17.30
CA ASP A 21 -4.78 -1.91 17.27
C ASP A 21 -5.18 -1.64 15.83
N PHE A 22 -5.05 -2.69 15.01
CA PHE A 22 -5.23 -2.56 13.58
C PHE A 22 -6.66 -2.18 13.23
N ASP A 23 -7.60 -2.50 14.10
CA ASP A 23 -8.98 -2.08 13.92
C ASP A 23 -9.08 -0.57 14.03
N THR A 24 -8.56 -0.03 15.13
CA THR A 24 -8.55 1.40 15.37
C THR A 24 -7.66 2.12 14.34
N ALA A 25 -6.59 1.44 13.96
CA ALA A 25 -5.69 1.96 12.94
C ALA A 25 -6.42 2.18 11.64
N LEU A 26 -7.04 1.12 11.15
CA LEU A 26 -7.78 1.15 9.89
C LEU A 26 -8.97 2.10 10.02
N LYS A 27 -9.47 2.23 11.23
CA LYS A 27 -10.61 3.11 11.52
C LYS A 27 -10.26 4.57 11.20
N HIS A 28 -9.14 5.05 11.75
CA HIS A 28 -8.71 6.43 11.48
C HIS A 28 -8.20 6.57 10.07
N TYR A 29 -7.60 5.51 9.57
CA TYR A 29 -7.09 5.51 8.21
C TYR A 29 -8.23 5.69 7.20
N ASP A 30 -9.29 4.92 7.38
CA ASP A 30 -10.50 5.11 6.58
C ASP A 30 -11.08 6.49 6.80
N LYS A 31 -10.98 6.96 8.04
CA LYS A 31 -11.47 8.29 8.40
C LYS A 31 -10.72 9.36 7.63
N ALA A 32 -9.40 9.25 7.58
CA ALA A 32 -8.57 10.19 6.84
C ALA A 32 -8.97 10.22 5.37
N LYS A 33 -9.36 9.07 4.84
CA LYS A 33 -9.84 8.97 3.48
C LYS A 33 -11.17 9.70 3.31
N GLU A 34 -11.97 9.68 4.37
CA GLU A 34 -13.25 10.39 4.37
C GLU A 34 -13.03 11.89 4.49
N LEU A 35 -11.89 12.26 5.05
CA LEU A 35 -11.53 13.66 5.22
C LEU A 35 -10.87 14.19 3.95
N ASP A 36 -9.95 13.41 3.40
CA ASP A 36 -9.39 13.73 2.09
C ASP A 36 -9.15 12.47 1.27
N PRO A 37 -10.11 12.13 0.40
CA PRO A 37 -10.06 10.92 -0.43
C PRO A 37 -9.05 11.02 -1.57
N THR A 38 -8.64 12.24 -1.87
CA THR A 38 -7.73 12.48 -2.98
C THR A 38 -6.29 12.23 -2.58
N ASN A 39 -6.05 12.20 -1.27
CA ASN A 39 -4.73 11.91 -0.74
C ASN A 39 -4.51 10.41 -0.73
N MET A 40 -3.98 9.91 -1.84
CA MET A 40 -3.78 8.49 -2.04
C MET A 40 -2.99 7.86 -0.89
N THR A 41 -2.15 8.67 -0.25
CA THR A 41 -1.32 8.22 0.84
C THR A 41 -2.15 7.57 1.94
N TYR A 42 -3.31 8.16 2.23
CA TYR A 42 -4.16 7.62 3.27
C TYR A 42 -4.62 6.23 2.90
N ILE A 43 -5.08 6.11 1.67
CA ILE A 43 -5.63 4.87 1.16
C ILE A 43 -4.59 3.76 1.15
N THR A 44 -3.37 4.09 0.73
CA THR A 44 -2.29 3.12 0.69
C THR A 44 -1.89 2.69 2.10
N ASN A 45 -2.11 3.57 3.05
CA ASN A 45 -1.80 3.28 4.44
C ASN A 45 -2.93 2.48 5.09
N GLN A 46 -4.16 2.75 4.65
CA GLN A 46 -5.30 1.91 5.02
C GLN A 46 -5.00 0.48 4.60
N ALA A 47 -4.55 0.37 3.36
CA ALA A 47 -4.19 -0.90 2.76
C ALA A 47 -3.12 -1.64 3.58
N ALA A 48 -2.25 -0.87 4.22
CA ALA A 48 -1.21 -1.45 5.07
C ALA A 48 -1.82 -2.19 6.25
N VAL A 49 -2.92 -1.66 6.78
CA VAL A 49 -3.59 -2.31 7.90
C VAL A 49 -4.14 -3.66 7.48
N TYR A 50 -4.73 -3.71 6.29
CA TYR A 50 -5.26 -4.95 5.75
C TYR A 50 -4.17 -5.99 5.66
N PHE A 51 -2.95 -5.54 5.41
CA PHE A 51 -1.81 -6.44 5.32
C PHE A 51 -1.62 -7.15 6.64
N GLU A 52 -1.75 -6.39 7.72
CA GLU A 52 -1.62 -6.91 9.07
C GLU A 52 -2.91 -7.62 9.49
N LYS A 53 -4.03 -7.18 8.93
CA LYS A 53 -5.33 -7.78 9.21
C LYS A 53 -5.44 -9.17 8.59
N GLY A 54 -4.68 -9.40 7.52
CA GLY A 54 -4.73 -10.66 6.82
C GLY A 54 -5.45 -10.53 5.49
N ASP A 55 -6.04 -9.37 5.26
CA ASP A 55 -6.80 -9.08 4.06
C ASP A 55 -5.87 -8.63 2.94
N TYR A 56 -4.95 -9.50 2.53
CA TYR A 56 -3.91 -9.12 1.57
C TYR A 56 -4.49 -8.66 0.24
N ASN A 57 -5.61 -9.24 -0.17
CA ASN A 57 -6.23 -8.85 -1.42
C ASN A 57 -6.84 -7.45 -1.32
N LYS A 58 -7.18 -7.03 -0.10
CA LYS A 58 -7.68 -5.69 0.14
C LYS A 58 -6.53 -4.71 0.12
N CYS A 59 -5.38 -5.16 0.60
CA CYS A 59 -4.19 -4.34 0.58
C CYS A 59 -3.86 -4.01 -0.87
N ARG A 60 -4.11 -4.99 -1.73
CA ARG A 60 -4.01 -4.81 -3.18
C ARG A 60 -5.12 -3.86 -3.65
N GLU A 61 -6.36 -4.21 -3.27
CA GLU A 61 -7.56 -3.50 -3.70
C GLU A 61 -7.43 -1.99 -3.48
N LEU A 62 -6.95 -1.62 -2.31
CA LEU A 62 -6.88 -0.22 -1.94
C LEU A 62 -5.69 0.49 -2.56
N CYS A 63 -4.56 -0.18 -2.68
CA CYS A 63 -3.37 0.46 -3.22
C CYS A 63 -3.56 0.84 -4.68
N GLU A 64 -4.11 -0.07 -5.49
CA GLU A 64 -4.36 0.24 -6.90
C GLU A 64 -5.43 1.32 -7.03
N LYS A 65 -6.36 1.36 -6.09
CA LYS A 65 -7.35 2.42 -6.01
C LYS A 65 -6.67 3.74 -5.70
N ALA A 66 -5.82 3.72 -4.68
CA ALA A 66 -5.05 4.88 -4.28
C ALA A 66 -4.17 5.35 -5.42
N ILE A 67 -3.59 4.42 -6.14
CA ILE A 67 -2.76 4.75 -7.29
C ILE A 67 -3.60 5.38 -8.38
N GLU A 68 -4.79 4.84 -8.61
CA GLU A 68 -5.73 5.40 -9.57
C GLU A 68 -6.05 6.84 -9.18
N VAL A 69 -6.23 7.05 -7.88
CA VAL A 69 -6.51 8.36 -7.32
C VAL A 69 -5.29 9.27 -7.42
N GLY A 70 -4.13 8.76 -7.04
CA GLY A 70 -2.93 9.55 -7.01
C GLY A 70 -2.48 9.97 -8.38
N ARG A 71 -2.43 9.02 -9.31
CA ARG A 71 -2.02 9.31 -10.67
C ARG A 71 -3.06 10.21 -11.34
N GLU A 72 -4.26 10.22 -10.80
CA GLU A 72 -5.32 11.12 -11.25
C GLU A 72 -5.10 12.53 -10.69
N ASN A 73 -4.92 12.60 -9.38
CA ASN A 73 -4.83 13.88 -8.67
C ASN A 73 -3.41 14.44 -8.71
N ARG A 74 -2.56 13.81 -9.50
CA ARG A 74 -1.17 14.24 -9.69
C ARG A 74 -0.39 14.14 -8.37
N GLU A 75 -0.63 13.04 -7.66
CA GLU A 75 -0.02 12.81 -6.37
C GLU A 75 1.34 12.11 -6.53
N ASP A 76 2.10 12.08 -5.44
CA ASP A 76 3.46 11.51 -5.43
C ASP A 76 3.51 10.12 -6.06
N TYR A 77 4.22 10.02 -7.17
CA TYR A 77 4.37 8.76 -7.88
C TYR A 77 5.28 7.80 -7.11
N ARG A 78 6.10 8.34 -6.24
CA ARG A 78 6.99 7.53 -5.44
C ARG A 78 6.18 6.81 -4.38
N GLN A 79 5.17 7.51 -3.89
CA GLN A 79 4.16 6.96 -3.00
C GLN A 79 3.36 5.89 -3.75
N ILE A 80 3.11 6.15 -5.03
CA ILE A 80 2.49 5.18 -5.92
C ILE A 80 3.36 3.93 -6.04
N ALA A 81 4.65 4.13 -6.17
CA ALA A 81 5.60 3.03 -6.23
C ALA A 81 5.57 2.24 -4.94
N LYS A 82 5.44 2.92 -3.81
CA LYS A 82 5.32 2.25 -2.53
C LYS A 82 3.98 1.52 -2.44
N ALA A 83 2.97 2.07 -3.11
CA ALA A 83 1.68 1.41 -3.24
C ALA A 83 1.86 0.13 -4.05
N TYR A 84 2.59 0.23 -5.16
CA TYR A 84 2.91 -0.92 -5.98
C TYR A 84 3.70 -1.97 -5.21
N ALA A 85 4.66 -1.50 -4.43
CA ALA A 85 5.49 -2.39 -3.66
C ALA A 85 4.68 -3.09 -2.57
N ARG A 86 3.70 -2.38 -2.03
CA ARG A 86 2.80 -2.96 -1.03
C ARG A 86 1.83 -3.93 -1.68
N ILE A 87 1.41 -3.61 -2.90
CA ILE A 87 0.59 -4.54 -3.68
C ILE A 87 1.37 -5.80 -3.96
N GLY A 88 2.56 -5.64 -4.49
CA GLY A 88 3.42 -6.76 -4.73
C GLY A 88 3.73 -7.49 -3.45
N ASN A 89 3.83 -6.74 -2.36
CA ASN A 89 4.15 -7.30 -1.06
C ASN A 89 2.99 -8.12 -0.51
N SER A 90 1.77 -7.66 -0.73
CA SER A 90 0.59 -8.40 -0.27
C SER A 90 0.53 -9.75 -0.97
N TYR A 91 0.88 -9.75 -2.25
CA TYR A 91 0.96 -10.98 -3.01
C TYR A 91 2.17 -11.80 -2.56
N PHE A 92 3.28 -11.11 -2.35
CA PHE A 92 4.53 -11.70 -1.86
C PHE A 92 4.29 -12.44 -0.55
N LYS A 93 3.45 -11.86 0.28
CA LYS A 93 3.11 -12.39 1.57
C LYS A 93 2.06 -13.50 1.47
N GLU A 94 1.31 -13.52 0.37
CA GLU A 94 0.25 -14.50 0.21
C GLU A 94 0.67 -15.64 -0.73
N GLU A 95 1.93 -15.57 -1.19
CA GLU A 95 2.53 -16.58 -2.08
C GLU A 95 2.09 -16.40 -3.54
N LYS A 96 1.52 -15.26 -3.86
CA LYS A 96 1.19 -14.92 -5.25
C LYS A 96 2.34 -14.16 -5.87
N TYR A 97 3.50 -14.78 -5.91
CA TYR A 97 4.73 -14.13 -6.37
C TYR A 97 4.63 -13.73 -7.84
N LYS A 98 3.81 -14.43 -8.62
CA LYS A 98 3.61 -14.08 -10.01
C LYS A 98 3.07 -12.65 -10.11
N ASP A 99 2.02 -12.39 -9.34
CA ASP A 99 1.41 -11.06 -9.30
C ASP A 99 2.29 -10.09 -8.53
N ALA A 100 2.99 -10.60 -7.52
CA ALA A 100 3.91 -9.79 -6.72
C ALA A 100 4.90 -9.06 -7.62
N ILE A 101 5.61 -9.83 -8.42
CA ILE A 101 6.64 -9.29 -9.30
C ILE A 101 6.04 -8.34 -10.33
N HIS A 102 4.83 -8.64 -10.78
CA HIS A 102 4.15 -7.78 -11.75
C HIS A 102 4.06 -6.35 -11.22
N PHE A 103 3.52 -6.21 -10.02
CA PHE A 103 3.33 -4.89 -9.42
C PHE A 103 4.65 -4.36 -8.86
N TYR A 104 5.59 -5.24 -8.58
CA TYR A 104 6.93 -4.81 -8.22
C TYR A 104 7.56 -4.05 -9.38
N ASN A 105 7.55 -4.65 -10.56
CA ASN A 105 8.09 -4.01 -11.75
C ASN A 105 7.31 -2.74 -12.09
N LYS A 106 6.06 -2.69 -11.62
CA LYS A 106 5.23 -1.50 -11.73
C LYS A 106 5.74 -0.40 -10.80
N SER A 107 6.28 -0.81 -9.66
CA SER A 107 6.92 0.14 -8.75
C SER A 107 8.21 0.63 -9.37
N LEU A 108 8.97 -0.29 -9.94
CA LEU A 108 10.17 0.07 -10.71
C LEU A 108 9.79 1.01 -11.85
N ALA A 109 8.56 0.86 -12.32
CA ALA A 109 8.02 1.69 -13.40
C ALA A 109 7.86 3.14 -12.96
N GLU A 110 7.22 3.35 -11.80
CA GLU A 110 6.98 4.70 -11.31
C GLU A 110 8.18 5.27 -10.56
N HIS A 111 8.73 4.49 -9.63
CA HIS A 111 9.83 4.95 -8.79
C HIS A 111 10.78 3.79 -8.49
N ARG A 112 11.85 3.71 -9.27
CA ARG A 112 12.82 2.64 -9.14
C ARG A 112 13.56 2.73 -7.81
N THR A 113 13.41 1.69 -7.01
CA THR A 113 14.06 1.63 -5.72
C THR A 113 14.58 0.22 -5.45
N PRO A 114 15.81 0.17 -4.92
CA PRO A 114 16.52 -1.08 -4.59
C PRO A 114 15.69 -2.07 -3.79
N ASP A 115 14.77 -1.58 -2.96
CA ASP A 115 13.96 -2.45 -2.12
C ASP A 115 12.96 -3.25 -2.94
N VAL A 116 12.23 -2.59 -3.84
CA VAL A 116 11.27 -3.30 -4.66
C VAL A 116 11.99 -4.18 -5.67
N LEU A 117 13.15 -3.71 -6.10
CA LEU A 117 14.01 -4.49 -6.99
C LEU A 117 14.47 -5.75 -6.27
N LYS A 118 14.89 -5.55 -5.03
CA LYS A 118 15.24 -6.63 -4.12
C LYS A 118 14.06 -7.60 -3.97
N LYS A 119 12.89 -7.03 -3.69
CA LYS A 119 11.67 -7.81 -3.55
C LYS A 119 11.31 -8.56 -4.83
N CYS A 120 11.50 -7.88 -5.95
CA CYS A 120 11.15 -8.44 -7.24
C CYS A 120 11.99 -9.67 -7.52
N GLN A 121 13.31 -9.53 -7.36
CA GLN A 121 14.21 -10.65 -7.55
C GLN A 121 13.97 -11.72 -6.49
N GLN A 122 13.63 -11.26 -5.29
CA GLN A 122 13.33 -12.16 -4.19
C GLN A 122 12.15 -13.07 -4.55
N ALA A 123 11.08 -12.46 -5.03
CA ALA A 123 9.86 -13.19 -5.31
C ALA A 123 10.04 -14.21 -6.43
N GLU A 124 10.78 -13.85 -7.48
CA GLU A 124 10.98 -14.79 -8.58
C GLU A 124 11.85 -15.96 -8.16
N LYS A 125 12.92 -15.70 -7.42
CA LYS A 125 13.78 -16.78 -6.93
C LYS A 125 13.01 -17.65 -5.95
N ILE A 126 12.14 -17.03 -5.18
CA ILE A 126 11.28 -17.76 -4.25
C ILE A 126 10.30 -18.65 -5.01
N LEU A 127 9.59 -18.05 -5.96
CA LEU A 127 8.58 -18.75 -6.74
C LEU A 127 9.21 -19.90 -7.51
N LYS A 128 10.43 -19.70 -8.00
CA LYS A 128 11.13 -20.75 -8.75
C LYS A 128 11.63 -21.85 -7.82
N GLU A 129 11.65 -21.58 -6.52
CA GLU A 129 11.95 -22.61 -5.54
C GLU A 129 10.70 -23.45 -5.29
N GLN A 130 9.55 -22.85 -5.56
CA GLN A 130 8.27 -23.49 -5.29
C GLN A 130 7.90 -24.46 -6.39
N GLU A 131 7.96 -23.98 -7.62
CA GLU A 131 7.60 -24.78 -8.79
C GLU A 131 8.68 -25.82 -9.11
N GLU A 1 -10.35 22.86 6.12
CA GLU A 1 -10.82 21.75 5.27
C GLU A 1 -10.41 20.41 5.88
N ASN A 2 -11.18 19.37 5.55
CA ASN A 2 -11.01 18.03 6.14
C ASN A 2 -9.66 17.42 5.80
N LYS A 3 -9.00 17.89 4.74
CA LYS A 3 -7.67 17.39 4.36
C LYS A 3 -6.71 17.48 5.54
N LYS A 4 -6.72 18.61 6.22
CA LYS A 4 -5.82 18.83 7.36
C LYS A 4 -6.15 17.86 8.49
N GLN A 5 -7.43 17.68 8.75
CA GLN A 5 -7.89 16.75 9.76
C GLN A 5 -7.61 15.32 9.33
N ALA A 6 -7.61 15.10 8.01
CA ALA A 6 -7.31 13.78 7.45
C ALA A 6 -5.87 13.38 7.78
N LEU A 7 -4.99 14.36 7.85
CA LEU A 7 -3.62 14.12 8.29
C LEU A 7 -3.62 13.66 9.74
N LYS A 8 -4.44 14.29 10.55
CA LYS A 8 -4.57 13.94 11.96
C LYS A 8 -5.14 12.53 12.09
N GLU A 9 -6.15 12.23 11.29
CA GLU A 9 -6.74 10.90 11.24
C GLU A 9 -5.73 9.87 10.74
N LYS A 10 -4.91 10.27 9.77
CA LYS A 10 -3.86 9.39 9.28
C LYS A 10 -2.87 9.08 10.40
N GLU A 11 -2.56 10.08 11.20
CA GLU A 11 -1.63 9.91 12.32
C GLU A 11 -2.28 9.16 13.47
N LEU A 12 -3.55 9.37 13.68
CA LEU A 12 -4.29 8.64 14.70
C LEU A 12 -4.37 7.16 14.32
N GLY A 13 -4.57 6.91 13.03
CA GLY A 13 -4.55 5.55 12.53
C GLY A 13 -3.17 4.96 12.58
N ASN A 14 -2.19 5.71 12.08
CA ASN A 14 -0.79 5.29 12.10
C ASN A 14 -0.32 5.00 13.53
N ASP A 15 -0.80 5.82 14.45
CA ASP A 15 -0.48 5.67 15.86
C ASP A 15 -1.00 4.33 16.38
N ALA A 16 -2.26 4.06 16.11
CA ALA A 16 -2.88 2.80 16.48
C ALA A 16 -2.21 1.65 15.72
N TYR A 17 -1.78 1.94 14.50
CA TYR A 17 -1.05 1.00 13.67
C TYR A 17 0.23 0.54 14.37
N LYS A 18 0.89 1.49 15.01
CA LYS A 18 2.12 1.23 15.75
C LYS A 18 1.81 0.55 17.09
N LYS A 19 0.57 0.69 17.54
CA LYS A 19 0.15 0.13 18.81
C LYS A 19 -0.50 -1.25 18.60
N LYS A 20 -0.46 -1.71 17.34
CA LYS A 20 -1.06 -2.98 16.94
C LYS A 20 -2.59 -2.96 17.10
N ASP A 21 -3.13 -1.76 17.21
CA ASP A 21 -4.55 -1.56 17.21
C ASP A 21 -5.02 -1.35 15.78
N PHE A 22 -4.85 -2.39 14.98
CA PHE A 22 -5.04 -2.28 13.52
C PHE A 22 -6.47 -1.96 13.14
N ASP A 23 -7.44 -2.46 13.88
CA ASP A 23 -8.84 -2.12 13.60
C ASP A 23 -9.05 -0.62 13.82
N THR A 24 -8.49 -0.13 14.92
CA THR A 24 -8.55 1.29 15.24
C THR A 24 -7.69 2.11 14.28
N ALA A 25 -6.57 1.53 13.87
CA ALA A 25 -5.69 2.15 12.89
C ALA A 25 -6.43 2.38 11.58
N LEU A 26 -7.00 1.30 11.07
CA LEU A 26 -7.75 1.34 9.83
C LEU A 26 -8.95 2.25 9.98
N LYS A 27 -9.47 2.32 11.19
CA LYS A 27 -10.63 3.16 11.50
C LYS A 27 -10.31 4.63 11.22
N HIS A 28 -9.17 5.10 11.70
CA HIS A 28 -8.78 6.50 11.49
C HIS A 28 -8.21 6.69 10.10
N TYR A 29 -7.49 5.71 9.61
CA TYR A 29 -6.96 5.76 8.26
C TYR A 29 -8.10 5.90 7.25
N ASP A 30 -9.14 5.08 7.43
CA ASP A 30 -10.31 5.12 6.57
C ASP A 30 -11.08 6.42 6.79
N LYS A 31 -11.03 6.90 8.03
CA LYS A 31 -11.58 8.20 8.38
C LYS A 31 -10.88 9.30 7.60
N ALA A 32 -9.55 9.21 7.53
CA ALA A 32 -8.74 10.15 6.79
C ALA A 32 -9.08 10.09 5.31
N LYS A 33 -9.41 8.90 4.82
CA LYS A 33 -9.86 8.73 3.44
C LYS A 33 -11.24 9.36 3.24
N GLU A 34 -12.02 9.38 4.31
CA GLU A 34 -13.33 10.01 4.27
C GLU A 34 -13.15 11.52 4.26
N LEU A 35 -12.22 12.00 5.08
CA LEU A 35 -11.89 13.42 5.14
C LEU A 35 -11.28 13.89 3.83
N ASP A 36 -10.28 13.16 3.35
CA ASP A 36 -9.71 13.46 2.04
C ASP A 36 -9.38 12.19 1.27
N PRO A 37 -10.28 11.83 0.34
CA PRO A 37 -10.12 10.64 -0.50
C PRO A 37 -9.14 10.83 -1.65
N THR A 38 -8.78 12.08 -1.94
CA THR A 38 -7.89 12.37 -3.05
C THR A 38 -6.43 12.26 -2.60
N ASN A 39 -6.24 12.13 -1.29
CA ASN A 39 -4.91 11.90 -0.74
C ASN A 39 -4.65 10.42 -0.70
N MET A 40 -4.07 9.91 -1.77
CA MET A 40 -3.84 8.47 -1.95
C MET A 40 -3.05 7.89 -0.78
N THR A 41 -2.26 8.73 -0.12
CA THR A 41 -1.42 8.30 0.97
C THR A 41 -2.23 7.72 2.13
N TYR A 42 -3.44 8.20 2.31
CA TYR A 42 -4.29 7.67 3.38
C TYR A 42 -4.72 6.27 3.01
N ILE A 43 -5.08 6.10 1.75
CA ILE A 43 -5.61 4.85 1.24
C ILE A 43 -4.54 3.76 1.25
N THR A 44 -3.33 4.12 0.88
CA THR A 44 -2.22 3.16 0.82
C THR A 44 -1.82 2.73 2.23
N ASN A 45 -2.03 3.61 3.20
CA ASN A 45 -1.73 3.30 4.58
C ASN A 45 -2.88 2.50 5.21
N GLN A 46 -4.09 2.77 4.75
CA GLN A 46 -5.23 1.92 5.08
C GLN A 46 -4.94 0.50 4.66
N ALA A 47 -4.51 0.38 3.41
CA ALA A 47 -4.14 -0.90 2.82
C ALA A 47 -3.09 -1.61 3.66
N ALA A 48 -2.14 -0.84 4.19
CA ALA A 48 -1.10 -1.37 5.03
C ALA A 48 -1.66 -2.03 6.28
N VAL A 49 -2.83 -1.55 6.72
CA VAL A 49 -3.50 -2.17 7.85
C VAL A 49 -4.06 -3.51 7.46
N TYR A 50 -4.74 -3.56 6.33
CA TYR A 50 -5.30 -4.81 5.81
C TYR A 50 -4.20 -5.85 5.66
N PHE A 51 -3.02 -5.40 5.27
CA PHE A 51 -1.84 -6.24 5.18
C PHE A 51 -1.58 -6.93 6.51
N GLU A 52 -1.69 -6.18 7.60
CA GLU A 52 -1.51 -6.70 8.95
C GLU A 52 -2.76 -7.45 9.42
N LYS A 53 -3.91 -7.01 8.94
CA LYS A 53 -5.19 -7.60 9.31
C LYS A 53 -5.30 -9.03 8.75
N GLY A 54 -4.50 -9.32 7.74
CA GLY A 54 -4.56 -10.61 7.07
C GLY A 54 -5.31 -10.50 5.75
N ASP A 55 -5.79 -9.30 5.48
CA ASP A 55 -6.54 -9.00 4.28
C ASP A 55 -5.61 -8.48 3.19
N TYR A 56 -4.74 -9.34 2.71
CA TYR A 56 -3.72 -8.95 1.74
C TYR A 56 -4.35 -8.53 0.42
N ASN A 57 -5.49 -9.13 0.09
CA ASN A 57 -6.18 -8.79 -1.14
C ASN A 57 -6.78 -7.38 -1.07
N LYS A 58 -7.18 -6.97 0.14
CA LYS A 58 -7.70 -5.63 0.34
C LYS A 58 -6.55 -4.63 0.30
N CYS A 59 -5.40 -5.04 0.79
CA CYS A 59 -4.22 -4.20 0.71
C CYS A 59 -3.92 -3.88 -0.75
N ARG A 60 -4.08 -4.88 -1.60
CA ARG A 60 -3.96 -4.68 -3.04
C ARG A 60 -5.10 -3.80 -3.55
N GLU A 61 -6.31 -4.13 -3.13
CA GLU A 61 -7.51 -3.40 -3.53
C GLU A 61 -7.34 -1.90 -3.32
N LEU A 62 -6.94 -1.55 -2.12
CA LEU A 62 -6.83 -0.15 -1.74
C LEU A 62 -5.64 0.54 -2.38
N CYS A 63 -4.48 -0.12 -2.41
CA CYS A 63 -3.28 0.51 -2.96
C CYS A 63 -3.48 0.87 -4.43
N GLU A 64 -4.01 -0.06 -5.22
CA GLU A 64 -4.25 0.20 -6.64
C GLU A 64 -5.28 1.31 -6.82
N LYS A 65 -6.26 1.36 -5.92
CA LYS A 65 -7.25 2.43 -5.92
C LYS A 65 -6.57 3.75 -5.62
N ALA A 66 -5.74 3.75 -4.58
CA ALA A 66 -4.96 4.91 -4.21
C ALA A 66 -4.10 5.36 -5.37
N ILE A 67 -3.51 4.40 -6.05
CA ILE A 67 -2.69 4.67 -7.22
C ILE A 67 -3.52 5.28 -8.33
N GLU A 68 -4.71 4.74 -8.55
CA GLU A 68 -5.62 5.29 -9.54
C GLU A 68 -5.98 6.73 -9.18
N VAL A 69 -6.10 6.97 -7.89
CA VAL A 69 -6.41 8.28 -7.35
C VAL A 69 -5.20 9.23 -7.46
N GLY A 70 -4.03 8.73 -7.13
CA GLY A 70 -2.83 9.56 -7.14
C GLY A 70 -2.38 9.87 -8.55
N ARG A 71 -2.38 8.86 -9.41
CA ARG A 71 -2.00 9.03 -10.81
C ARG A 71 -3.02 9.93 -11.51
N GLU A 72 -4.21 9.98 -10.94
CA GLU A 72 -5.26 10.86 -11.40
C GLU A 72 -5.01 12.28 -10.89
N ASN A 73 -4.83 12.40 -9.59
CA ASN A 73 -4.71 13.69 -8.92
C ASN A 73 -3.26 14.10 -8.77
N ARG A 74 -2.43 13.66 -9.72
CA ARG A 74 -1.04 14.10 -9.86
C ARG A 74 -0.25 14.02 -8.54
N GLU A 75 -0.54 12.99 -7.76
CA GLU A 75 0.10 12.79 -6.47
C GLU A 75 1.45 12.12 -6.65
N ASP A 76 2.25 12.14 -5.58
CA ASP A 76 3.58 11.56 -5.57
C ASP A 76 3.60 10.13 -6.11
N TYR A 77 4.19 9.95 -7.28
CA TYR A 77 4.32 8.64 -7.89
C TYR A 77 5.27 7.76 -7.12
N ARG A 78 6.13 8.39 -6.32
CA ARG A 78 7.05 7.66 -5.47
C ARG A 78 6.25 6.90 -4.42
N GLN A 79 5.24 7.58 -3.90
CA GLN A 79 4.26 6.98 -3.00
C GLN A 79 3.50 5.87 -3.73
N ILE A 80 3.16 6.14 -4.99
CA ILE A 80 2.52 5.14 -5.85
C ILE A 80 3.37 3.89 -5.98
N ALA A 81 4.67 4.08 -6.12
CA ALA A 81 5.59 2.96 -6.19
C ALA A 81 5.58 2.18 -4.89
N LYS A 82 5.44 2.90 -3.78
CA LYS A 82 5.35 2.25 -2.48
C LYS A 82 4.04 1.48 -2.39
N ALA A 83 3.00 2.03 -3.01
CA ALA A 83 1.73 1.36 -3.13
C ALA A 83 1.90 0.08 -3.95
N TYR A 84 2.58 0.20 -5.09
CA TYR A 84 2.87 -0.96 -5.93
C TYR A 84 3.67 -2.00 -5.18
N ALA A 85 4.68 -1.55 -4.46
CA ALA A 85 5.53 -2.45 -3.70
C ALA A 85 4.73 -3.15 -2.62
N ARG A 86 3.79 -2.44 -2.03
CA ARG A 86 2.94 -3.00 -0.99
C ARG A 86 1.92 -3.94 -1.61
N ILE A 87 1.43 -3.59 -2.79
CA ILE A 87 0.57 -4.49 -3.56
C ILE A 87 1.29 -5.80 -3.84
N GLY A 88 2.48 -5.67 -4.41
CA GLY A 88 3.29 -6.83 -4.69
C GLY A 88 3.66 -7.57 -3.43
N ASN A 89 3.88 -6.81 -2.35
CA ASN A 89 4.25 -7.40 -1.07
C ASN A 89 3.09 -8.21 -0.50
N SER A 90 1.87 -7.76 -0.78
CA SER A 90 0.67 -8.48 -0.36
C SER A 90 0.64 -9.84 -1.04
N TYR A 91 0.82 -9.83 -2.36
CA TYR A 91 0.89 -11.05 -3.14
C TYR A 91 2.09 -11.90 -2.70
N PHE A 92 3.17 -11.21 -2.37
CA PHE A 92 4.40 -11.82 -1.90
C PHE A 92 4.17 -12.62 -0.62
N LYS A 93 3.23 -12.17 0.20
CA LYS A 93 2.89 -12.89 1.42
C LYS A 93 1.91 -14.02 1.13
N GLU A 94 1.00 -13.79 0.17
CA GLU A 94 -0.09 -14.71 -0.07
C GLU A 94 0.31 -15.79 -1.08
N GLU A 95 1.56 -15.71 -1.55
CA GLU A 95 2.14 -16.68 -2.48
C GLU A 95 1.65 -16.47 -3.92
N LYS A 96 1.23 -15.25 -4.21
CA LYS A 96 0.90 -14.87 -5.58
C LYS A 96 2.06 -14.09 -6.17
N TYR A 97 3.23 -14.71 -6.16
CA TYR A 97 4.47 -14.06 -6.57
C TYR A 97 4.44 -13.61 -8.02
N LYS A 98 3.71 -14.32 -8.86
CA LYS A 98 3.55 -13.91 -10.25
C LYS A 98 2.97 -12.51 -10.30
N ASP A 99 1.98 -12.27 -9.45
CA ASP A 99 1.33 -10.97 -9.35
C ASP A 99 2.24 -10.00 -8.60
N ALA A 100 2.95 -10.53 -7.61
CA ALA A 100 3.89 -9.74 -6.81
C ALA A 100 4.88 -9.01 -7.69
N ILE A 101 5.60 -9.78 -8.49
CA ILE A 101 6.64 -9.25 -9.36
C ILE A 101 6.06 -8.27 -10.38
N HIS A 102 4.84 -8.56 -10.84
CA HIS A 102 4.16 -7.68 -11.78
C HIS A 102 4.08 -6.26 -11.23
N PHE A 103 3.52 -6.13 -10.05
CA PHE A 103 3.33 -4.82 -9.43
C PHE A 103 4.65 -4.30 -8.85
N TYR A 104 5.58 -5.20 -8.59
CA TYR A 104 6.94 -4.80 -8.23
C TYR A 104 7.57 -4.03 -9.39
N ASN A 105 7.51 -4.61 -10.58
CA ASN A 105 8.02 -3.97 -11.78
C ASN A 105 7.28 -2.67 -12.06
N LYS A 106 6.02 -2.63 -11.63
CA LYS A 106 5.21 -1.43 -11.72
C LYS A 106 5.72 -0.36 -10.74
N SER A 107 6.28 -0.82 -9.63
CA SER A 107 6.90 0.08 -8.67
C SER A 107 8.20 0.60 -9.25
N LEU A 108 8.98 -0.31 -9.88
CA LEU A 108 10.17 0.10 -10.62
C LEU A 108 9.77 1.10 -11.70
N ALA A 109 8.56 0.94 -12.21
CA ALA A 109 8.02 1.79 -13.25
C ALA A 109 7.85 3.24 -12.78
N GLU A 110 7.31 3.42 -11.58
CA GLU A 110 7.03 4.76 -11.06
C GLU A 110 8.23 5.33 -10.29
N HIS A 111 8.75 4.56 -9.36
CA HIS A 111 9.83 5.01 -8.49
C HIS A 111 10.79 3.87 -8.21
N ARG A 112 11.89 3.86 -8.96
CA ARG A 112 12.90 2.83 -8.85
C ARG A 112 13.51 2.82 -7.46
N THR A 113 13.44 1.68 -6.81
CA THR A 113 13.99 1.50 -5.48
C THR A 113 14.71 0.17 -5.38
N PRO A 114 15.79 0.12 -4.57
CA PRO A 114 16.55 -1.09 -4.36
C PRO A 114 15.78 -2.11 -3.54
N ASP A 115 14.87 -1.59 -2.73
CA ASP A 115 13.98 -2.41 -1.89
C ASP A 115 13.04 -3.23 -2.74
N VAL A 116 12.32 -2.58 -3.64
CA VAL A 116 11.41 -3.31 -4.50
C VAL A 116 12.21 -4.22 -5.41
N LEU A 117 13.26 -3.67 -6.01
CA LEU A 117 14.12 -4.46 -6.91
C LEU A 117 14.60 -5.72 -6.21
N LYS A 118 15.04 -5.55 -4.98
CA LYS A 118 15.45 -6.65 -4.11
C LYS A 118 14.31 -7.65 -3.93
N LYS A 119 13.10 -7.11 -3.83
CA LYS A 119 11.90 -7.90 -3.68
C LYS A 119 11.51 -8.60 -4.98
N CYS A 120 11.64 -7.89 -6.09
CA CYS A 120 11.25 -8.40 -7.37
C CYS A 120 12.08 -9.63 -7.70
N GLN A 121 13.38 -9.52 -7.47
CA GLN A 121 14.31 -10.62 -7.70
C GLN A 121 14.09 -11.72 -6.67
N GLN A 122 13.52 -11.36 -5.53
CA GLN A 122 13.29 -12.32 -4.46
C GLN A 122 12.09 -13.20 -4.78
N ALA A 123 11.02 -12.60 -5.23
CA ALA A 123 9.80 -13.33 -5.51
C ALA A 123 10.00 -14.34 -6.64
N GLU A 124 10.82 -13.99 -7.62
CA GLU A 124 11.05 -14.88 -8.75
C GLU A 124 11.96 -16.05 -8.38
N LYS A 125 12.89 -15.84 -7.45
CA LYS A 125 13.72 -16.94 -6.96
C LYS A 125 12.93 -17.81 -5.99
N ILE A 126 12.07 -17.17 -5.20
CA ILE A 126 11.13 -17.88 -4.34
C ILE A 126 10.22 -18.76 -5.18
N LEU A 127 9.76 -18.22 -6.32
CA LEU A 127 8.89 -18.96 -7.20
C LEU A 127 9.62 -20.11 -7.89
N LYS A 128 10.95 -20.05 -7.92
CA LYS A 128 11.73 -21.18 -8.42
C LYS A 128 11.69 -22.32 -7.42
N GLU A 129 11.56 -21.96 -6.15
CA GLU A 129 11.47 -22.94 -5.08
C GLU A 129 10.05 -23.47 -4.97
N GLN A 130 9.08 -22.56 -5.10
CA GLN A 130 7.68 -22.91 -4.98
C GLN A 130 7.14 -23.53 -6.26
N GLU A 131 7.14 -22.74 -7.34
CA GLU A 131 6.63 -23.16 -8.64
C GLU A 131 5.11 -23.34 -8.59
N GLU A 1 -11.55 22.07 4.06
CA GLU A 1 -12.77 21.49 4.68
C GLU A 1 -12.43 20.18 5.40
N ASN A 2 -12.67 19.05 4.75
CA ASN A 2 -12.38 17.76 5.34
C ASN A 2 -10.93 17.36 5.10
N LYS A 3 -10.31 17.95 4.08
CA LYS A 3 -8.95 17.56 3.68
C LYS A 3 -7.94 17.75 4.81
N LYS A 4 -7.95 18.92 5.45
CA LYS A 4 -7.03 19.19 6.55
C LYS A 4 -7.34 18.28 7.74
N GLN A 5 -8.63 18.03 7.97
CA GLN A 5 -9.05 17.14 9.01
C GLN A 5 -8.64 15.70 8.67
N ALA A 6 -8.61 15.40 7.38
CA ALA A 6 -8.18 14.10 6.89
C ALA A 6 -6.73 13.85 7.25
N LEU A 7 -5.93 14.91 7.21
CA LEU A 7 -4.53 14.82 7.64
C LEU A 7 -4.47 14.46 9.11
N LYS A 8 -5.33 15.11 9.90
CA LYS A 8 -5.42 14.85 11.33
C LYS A 8 -5.87 13.40 11.57
N GLU A 9 -6.85 12.95 10.79
CA GLU A 9 -7.31 11.57 10.87
C GLU A 9 -6.20 10.61 10.45
N LYS A 10 -5.42 10.99 9.44
CA LYS A 10 -4.31 10.15 9.01
C LYS A 10 -3.24 10.07 10.10
N GLU A 11 -3.02 11.19 10.79
CA GLU A 11 -2.08 11.21 11.91
C GLU A 11 -2.60 10.37 13.06
N LEU A 12 -3.89 10.49 13.32
CA LEU A 12 -4.54 9.69 14.36
C LEU A 12 -4.46 8.21 14.03
N GLY A 13 -4.68 7.89 12.76
CA GLY A 13 -4.53 6.53 12.29
C GLY A 13 -3.10 6.06 12.40
N ASN A 14 -2.17 6.86 11.88
CA ASN A 14 -0.76 6.51 11.87
C ASN A 14 -0.20 6.42 13.30
N ASP A 15 -0.69 7.28 14.17
CA ASP A 15 -0.30 7.27 15.58
C ASP A 15 -0.65 5.92 16.20
N ALA A 16 -1.90 5.50 15.99
CA ALA A 16 -2.36 4.22 16.51
C ALA A 16 -1.63 3.08 15.82
N TYR A 17 -1.44 3.26 14.52
CA TYR A 17 -0.68 2.34 13.69
C TYR A 17 0.73 2.15 14.24
N LYS A 18 1.29 3.26 14.68
CA LYS A 18 2.63 3.31 15.22
C LYS A 18 2.69 2.56 16.56
N LYS A 19 1.54 2.47 17.22
CA LYS A 19 1.40 1.71 18.46
C LYS A 19 0.82 0.33 18.14
N LYS A 20 0.79 0.00 16.86
CA LYS A 20 0.26 -1.26 16.35
C LYS A 20 -1.18 -1.51 16.79
N ASP A 21 -1.91 -0.44 17.02
CA ASP A 21 -3.35 -0.53 17.24
C ASP A 21 -4.03 -0.53 15.89
N PHE A 22 -3.92 -1.66 15.21
CA PHE A 22 -4.24 -1.75 13.79
C PHE A 22 -5.66 -1.33 13.45
N ASP A 23 -6.65 -1.85 14.18
CA ASP A 23 -8.04 -1.51 13.91
C ASP A 23 -8.30 -0.02 14.17
N THR A 24 -7.69 0.49 15.22
CA THR A 24 -7.78 1.91 15.56
C THR A 24 -7.09 2.76 14.49
N ALA A 25 -5.94 2.29 14.03
CA ALA A 25 -5.21 2.94 12.95
C ALA A 25 -6.07 2.99 11.69
N LEU A 26 -6.49 1.81 11.26
CA LEU A 26 -7.29 1.65 10.06
C LEU A 26 -8.61 2.41 10.20
N LYS A 27 -9.02 2.62 11.44
CA LYS A 27 -10.25 3.34 11.74
C LYS A 27 -10.14 4.81 11.34
N HIS A 28 -9.04 5.45 11.74
CA HIS A 28 -8.84 6.86 11.40
C HIS A 28 -8.35 7.00 9.98
N TYR A 29 -7.62 6.00 9.51
CA TYR A 29 -7.23 5.95 8.11
C TYR A 29 -8.48 5.91 7.25
N ASP A 30 -9.47 5.16 7.72
CA ASP A 30 -10.75 5.04 7.05
C ASP A 30 -11.48 6.38 7.07
N LYS A 31 -11.36 7.06 8.21
CA LYS A 31 -11.97 8.36 8.38
C LYS A 31 -11.29 9.39 7.49
N ALA A 32 -9.96 9.36 7.44
CA ALA A 32 -9.20 10.26 6.58
C ALA A 32 -9.53 10.00 5.12
N LYS A 33 -9.65 8.73 4.78
CA LYS A 33 -10.04 8.30 3.45
C LYS A 33 -11.45 8.79 3.11
N GLU A 34 -12.27 8.91 4.14
CA GLU A 34 -13.62 9.43 3.99
C GLU A 34 -13.57 10.95 3.81
N LEU A 35 -12.76 11.60 4.64
CA LEU A 35 -12.60 13.04 4.61
C LEU A 35 -12.02 13.49 3.28
N ASP A 36 -10.92 12.88 2.86
CA ASP A 36 -10.40 13.16 1.53
C ASP A 36 -9.88 11.89 0.87
N PRO A 37 -10.69 11.29 -0.01
CA PRO A 37 -10.31 10.09 -0.74
C PRO A 37 -9.23 10.37 -1.80
N THR A 38 -9.17 11.61 -2.27
CA THR A 38 -8.25 11.97 -3.33
C THR A 38 -6.81 12.03 -2.83
N ASN A 39 -6.63 11.96 -1.52
CA ASN A 39 -5.31 11.83 -0.93
C ASN A 39 -4.97 10.36 -0.84
N MET A 40 -4.27 9.87 -1.86
CA MET A 40 -4.00 8.45 -2.01
C MET A 40 -3.29 7.87 -0.79
N THR A 41 -2.53 8.71 -0.10
CA THR A 41 -1.76 8.29 1.05
C THR A 41 -2.64 7.73 2.17
N TYR A 42 -3.88 8.21 2.27
CA TYR A 42 -4.77 7.71 3.31
C TYR A 42 -5.16 6.28 2.99
N ILE A 43 -5.26 6.02 1.70
CA ILE A 43 -5.71 4.74 1.22
C ILE A 43 -4.57 3.72 1.26
N THR A 44 -3.37 4.16 0.91
CA THR A 44 -2.21 3.28 0.94
C THR A 44 -1.86 2.92 2.38
N ASN A 45 -2.01 3.89 3.27
CA ASN A 45 -1.80 3.66 4.70
C ASN A 45 -2.88 2.73 5.24
N GLN A 46 -4.08 2.83 4.69
CA GLN A 46 -5.14 1.88 4.97
C GLN A 46 -4.69 0.48 4.58
N ALA A 47 -4.25 0.38 3.34
CA ALA A 47 -3.80 -0.88 2.76
C ALA A 47 -2.68 -1.51 3.60
N ALA A 48 -1.87 -0.67 4.24
CA ALA A 48 -0.82 -1.15 5.10
C ALA A 48 -1.39 -1.95 6.26
N VAL A 49 -2.41 -1.39 6.90
CA VAL A 49 -2.98 -2.04 8.08
C VAL A 49 -3.60 -3.38 7.73
N TYR A 50 -4.26 -3.46 6.59
CA TYR A 50 -4.81 -4.74 6.11
C TYR A 50 -3.69 -5.77 5.99
N PHE A 51 -2.49 -5.28 5.71
CA PHE A 51 -1.32 -6.14 5.58
C PHE A 51 -0.94 -6.71 6.94
N GLU A 52 -1.19 -5.93 7.99
CA GLU A 52 -1.04 -6.41 9.35
C GLU A 52 -2.24 -7.27 9.74
N LYS A 53 -3.40 -6.88 9.24
CA LYS A 53 -4.67 -7.53 9.56
C LYS A 53 -4.74 -8.93 8.94
N GLY A 54 -3.94 -9.16 7.91
CA GLY A 54 -3.95 -10.45 7.24
C GLY A 54 -4.83 -10.46 6.01
N ASP A 55 -5.42 -9.31 5.73
CA ASP A 55 -6.33 -9.15 4.60
C ASP A 55 -5.57 -8.69 3.35
N TYR A 56 -4.65 -9.53 2.89
CA TYR A 56 -3.74 -9.17 1.79
C TYR A 56 -4.50 -8.81 0.52
N ASN A 57 -5.65 -9.43 0.32
CA ASN A 57 -6.49 -9.12 -0.83
C ASN A 57 -6.89 -7.65 -0.83
N LYS A 58 -7.09 -7.09 0.36
CA LYS A 58 -7.51 -5.71 0.49
C LYS A 58 -6.32 -4.76 0.41
N CYS A 59 -5.18 -5.17 0.96
CA CYS A 59 -3.98 -4.37 0.89
C CYS A 59 -3.63 -4.12 -0.57
N ARG A 60 -3.71 -5.19 -1.34
CA ARG A 60 -3.58 -5.11 -2.79
C ARG A 60 -4.64 -4.19 -3.37
N GLU A 61 -5.89 -4.46 -2.97
CA GLU A 61 -7.06 -3.73 -3.46
C GLU A 61 -6.88 -2.22 -3.32
N LEU A 62 -6.55 -1.79 -2.11
CA LEU A 62 -6.50 -0.37 -1.80
C LEU A 62 -5.29 0.32 -2.39
N CYS A 63 -4.18 -0.39 -2.54
CA CYS A 63 -2.97 0.23 -3.05
C CYS A 63 -3.14 0.65 -4.51
N GLU A 64 -3.63 -0.24 -5.36
CA GLU A 64 -3.86 0.10 -6.75
C GLU A 64 -5.01 1.09 -6.90
N LYS A 65 -5.95 1.03 -5.96
CA LYS A 65 -7.03 2.00 -5.89
C LYS A 65 -6.44 3.38 -5.58
N ALA A 66 -5.61 3.42 -4.55
CA ALA A 66 -4.93 4.63 -4.15
C ALA A 66 -4.07 5.15 -5.28
N ILE A 67 -3.41 4.24 -5.99
CA ILE A 67 -2.61 4.63 -7.14
C ILE A 67 -3.48 5.22 -8.23
N GLU A 68 -4.63 4.61 -8.46
CA GLU A 68 -5.57 5.13 -9.45
C GLU A 68 -5.99 6.54 -9.07
N VAL A 69 -6.29 6.72 -7.78
CA VAL A 69 -6.64 8.01 -7.21
C VAL A 69 -5.47 8.98 -7.28
N GLY A 70 -4.29 8.51 -6.92
CA GLY A 70 -3.11 9.35 -6.90
C GLY A 70 -2.67 9.75 -8.28
N ARG A 71 -2.77 8.82 -9.21
CA ARG A 71 -2.43 9.07 -10.60
C ARG A 71 -3.41 10.10 -11.17
N GLU A 72 -4.60 10.12 -10.58
CA GLU A 72 -5.65 11.06 -10.94
C GLU A 72 -5.37 12.45 -10.35
N ASN A 73 -5.07 12.46 -9.05
CA ASN A 73 -4.90 13.70 -8.30
C ASN A 73 -3.45 14.22 -8.36
N ARG A 74 -2.62 13.53 -9.14
CA ARG A 74 -1.21 13.91 -9.32
C ARG A 74 -0.44 13.79 -8.02
N GLU A 75 -0.62 12.66 -7.36
CA GLU A 75 0.00 12.38 -6.07
C GLU A 75 1.45 11.94 -6.22
N ASP A 76 2.15 11.88 -5.10
CA ASP A 76 3.55 11.47 -5.06
C ASP A 76 3.74 10.08 -5.65
N TYR A 77 4.47 9.99 -6.76
CA TYR A 77 4.64 8.73 -7.46
C TYR A 77 5.58 7.80 -6.69
N ARG A 78 6.39 8.38 -5.81
CA ARG A 78 7.28 7.61 -4.98
C ARG A 78 6.45 6.78 -4.00
N GLN A 79 5.47 7.47 -3.43
CA GLN A 79 4.44 6.86 -2.59
C GLN A 79 3.65 5.83 -3.39
N ILE A 80 3.44 6.13 -4.66
CA ILE A 80 2.79 5.20 -5.58
C ILE A 80 3.62 3.94 -5.78
N ALA A 81 4.93 4.11 -5.89
CA ALA A 81 5.82 2.97 -5.98
C ALA A 81 5.73 2.13 -4.71
N LYS A 82 5.60 2.80 -3.58
CA LYS A 82 5.44 2.11 -2.31
C LYS A 82 4.11 1.38 -2.28
N ALA A 83 3.12 1.96 -2.97
CA ALA A 83 1.84 1.31 -3.15
C ALA A 83 2.00 0.07 -4.02
N TYR A 84 2.69 0.22 -5.14
CA TYR A 84 2.98 -0.89 -6.04
C TYR A 84 3.71 -2.01 -5.30
N ALA A 85 4.70 -1.63 -4.53
CA ALA A 85 5.49 -2.60 -3.79
C ALA A 85 4.64 -3.34 -2.78
N ARG A 86 3.68 -2.65 -2.20
CA ARG A 86 2.80 -3.28 -1.23
C ARG A 86 1.75 -4.13 -1.93
N ILE A 87 1.33 -3.72 -3.13
CA ILE A 87 0.47 -4.55 -3.97
C ILE A 87 1.18 -5.87 -4.24
N GLY A 88 2.40 -5.76 -4.74
CA GLY A 88 3.20 -6.94 -5.00
C GLY A 88 3.53 -7.69 -3.74
N ASN A 89 3.73 -6.97 -2.64
CA ASN A 89 4.06 -7.58 -1.37
C ASN A 89 2.87 -8.36 -0.82
N SER A 90 1.67 -7.86 -1.08
CA SER A 90 0.45 -8.56 -0.71
C SER A 90 0.36 -9.88 -1.47
N TYR A 91 0.57 -9.79 -2.79
CA TYR A 91 0.62 -10.97 -3.64
C TYR A 91 1.73 -11.91 -3.17
N PHE A 92 2.86 -11.31 -2.82
CA PHE A 92 4.03 -12.04 -2.33
C PHE A 92 3.69 -12.87 -1.10
N LYS A 93 2.86 -12.31 -0.22
CA LYS A 93 2.42 -13.01 0.98
C LYS A 93 1.41 -14.09 0.64
N GLU A 94 0.56 -13.80 -0.34
CA GLU A 94 -0.54 -14.70 -0.69
C GLU A 94 -0.06 -15.77 -1.68
N GLU A 95 1.21 -15.65 -2.06
CA GLU A 95 1.89 -16.59 -2.96
C GLU A 95 1.47 -16.41 -4.41
N LYS A 96 0.98 -15.22 -4.73
CA LYS A 96 0.73 -14.83 -6.11
C LYS A 96 1.94 -14.09 -6.66
N TYR A 97 3.07 -14.77 -6.71
CA TYR A 97 4.33 -14.15 -7.08
C TYR A 97 4.33 -13.65 -8.53
N LYS A 98 3.52 -14.29 -9.38
CA LYS A 98 3.37 -13.82 -10.74
C LYS A 98 2.89 -12.38 -10.74
N ASP A 99 1.84 -12.13 -9.97
CA ASP A 99 1.27 -10.80 -9.85
C ASP A 99 2.20 -9.90 -9.04
N ALA A 100 2.86 -10.49 -8.06
CA ALA A 100 3.80 -9.76 -7.20
C ALA A 100 4.84 -9.02 -8.04
N ILE A 101 5.58 -9.78 -8.84
CA ILE A 101 6.68 -9.25 -9.64
C ILE A 101 6.18 -8.22 -10.64
N HIS A 102 4.98 -8.41 -11.17
CA HIS A 102 4.40 -7.46 -12.11
C HIS A 102 4.35 -6.07 -11.49
N PHE A 103 3.72 -5.98 -10.33
CA PHE A 103 3.54 -4.69 -9.67
C PHE A 103 4.82 -4.25 -8.98
N TYR A 104 5.72 -5.19 -8.71
CA TYR A 104 7.05 -4.85 -8.23
C TYR A 104 7.77 -4.01 -9.26
N ASN A 105 7.87 -4.52 -10.48
CA ASN A 105 8.53 -3.81 -11.57
C ASN A 105 7.81 -2.49 -11.86
N LYS A 106 6.52 -2.46 -11.56
CA LYS A 106 5.72 -1.24 -11.66
C LYS A 106 6.15 -0.21 -10.63
N SER A 107 6.61 -0.69 -9.49
CA SER A 107 7.17 0.18 -8.46
C SER A 107 8.54 0.70 -8.93
N LEU A 108 9.36 -0.22 -9.46
CA LEU A 108 10.62 0.16 -10.07
C LEU A 108 10.36 1.18 -11.18
N ALA A 109 9.22 1.03 -11.83
CA ALA A 109 8.78 1.91 -12.90
C ALA A 109 8.60 3.34 -12.39
N GLU A 110 7.86 3.49 -11.29
CA GLU A 110 7.57 4.83 -10.76
C GLU A 110 8.73 5.37 -9.94
N HIS A 111 9.20 4.58 -8.99
CA HIS A 111 10.24 5.02 -8.08
C HIS A 111 11.17 3.86 -7.78
N ARG A 112 12.29 3.82 -8.49
CA ARG A 112 13.25 2.72 -8.41
C ARG A 112 13.92 2.69 -7.04
N THR A 113 13.51 1.72 -6.23
CA THR A 113 14.05 1.56 -4.90
C THR A 113 14.48 0.12 -4.66
N PRO A 114 15.57 -0.06 -3.89
CA PRO A 114 16.25 -1.35 -3.74
C PRO A 114 15.41 -2.43 -3.09
N ASP A 115 14.42 -2.04 -2.31
CA ASP A 115 13.59 -3.00 -1.59
C ASP A 115 12.57 -3.66 -2.49
N VAL A 116 12.13 -2.99 -3.53
CA VAL A 116 11.23 -3.62 -4.47
C VAL A 116 12.04 -4.42 -5.48
N LEU A 117 13.24 -3.93 -5.77
CA LEU A 117 14.19 -4.67 -6.60
C LEU A 117 14.54 -5.97 -5.89
N LYS A 118 14.84 -5.85 -4.61
CA LYS A 118 15.02 -6.99 -3.71
C LYS A 118 13.84 -7.94 -3.81
N LYS A 119 12.65 -7.39 -3.61
CA LYS A 119 11.42 -8.16 -3.62
C LYS A 119 11.17 -8.82 -4.97
N CYS A 120 11.43 -8.08 -6.02
CA CYS A 120 11.19 -8.56 -7.36
C CYS A 120 12.06 -9.78 -7.65
N GLN A 121 13.33 -9.67 -7.30
CA GLN A 121 14.26 -10.79 -7.47
C GLN A 121 13.88 -11.95 -6.54
N GLN A 122 13.38 -11.60 -5.37
CA GLN A 122 13.00 -12.59 -4.38
C GLN A 122 11.82 -13.43 -4.87
N ALA A 123 10.79 -12.76 -5.36
CA ALA A 123 9.57 -13.44 -5.76
C ALA A 123 9.79 -14.36 -6.97
N GLU A 124 10.64 -13.95 -7.90
CA GLU A 124 10.88 -14.75 -9.10
C GLU A 124 11.68 -16.02 -8.79
N LYS A 125 12.59 -15.93 -7.83
CA LYS A 125 13.35 -17.11 -7.41
C LYS A 125 12.48 -17.99 -6.52
N ILE A 126 11.64 -17.36 -5.70
CA ILE A 126 10.68 -18.08 -4.87
C ILE A 126 9.69 -18.85 -5.74
N LEU A 127 9.08 -18.14 -6.68
CA LEU A 127 8.07 -18.71 -7.55
C LEU A 127 8.64 -19.87 -8.35
N LYS A 128 9.90 -19.74 -8.74
CA LYS A 128 10.57 -20.78 -9.51
C LYS A 128 10.71 -22.05 -8.68
N GLU A 129 10.81 -21.90 -7.37
CA GLU A 129 10.90 -23.04 -6.47
C GLU A 129 9.53 -23.57 -6.10
N GLN A 130 8.50 -22.77 -6.39
CA GLN A 130 7.12 -23.15 -6.10
C GLN A 130 6.49 -23.91 -7.26
N GLU A 131 7.16 -23.92 -8.41
CA GLU A 131 6.68 -24.68 -9.54
C GLU A 131 7.73 -25.71 -9.98
N GLU A 1 -10.39 22.92 7.11
CA GLU A 1 -10.89 22.00 6.08
C GLU A 1 -10.46 20.56 6.40
N ASN A 2 -11.26 19.63 5.91
CA ASN A 2 -11.11 18.20 6.22
C ASN A 2 -9.75 17.64 5.83
N LYS A 3 -9.04 18.28 4.91
CA LYS A 3 -7.71 17.82 4.51
C LYS A 3 -6.73 17.92 5.68
N LYS A 4 -6.89 18.96 6.49
CA LYS A 4 -6.03 19.17 7.65
C LYS A 4 -6.32 18.12 8.71
N GLN A 5 -7.60 17.80 8.87
CA GLN A 5 -8.01 16.77 9.80
C GLN A 5 -7.69 15.40 9.24
N ALA A 6 -7.68 15.27 7.91
CA ALA A 6 -7.35 14.02 7.26
C ALA A 6 -5.92 13.62 7.59
N LEU A 7 -5.05 14.61 7.67
CA LEU A 7 -3.67 14.39 8.08
C LEU A 7 -3.67 13.87 9.50
N LYS A 8 -4.51 14.46 10.34
CA LYS A 8 -4.65 14.03 11.73
C LYS A 8 -5.16 12.59 11.79
N GLU A 9 -6.20 12.30 11.02
CA GLU A 9 -6.79 10.97 10.98
C GLU A 9 -5.78 9.92 10.51
N LYS A 10 -4.92 10.30 9.56
CA LYS A 10 -3.86 9.40 9.10
C LYS A 10 -2.88 9.12 10.24
N GLU A 11 -2.54 10.16 10.99
CA GLU A 11 -1.61 10.04 12.12
C GLU A 11 -2.25 9.29 13.27
N LEU A 12 -3.50 9.59 13.54
CA LEU A 12 -4.25 8.89 14.57
C LEU A 12 -4.33 7.41 14.26
N GLY A 13 -4.51 7.12 12.98
CA GLY A 13 -4.51 5.75 12.54
C GLY A 13 -3.15 5.12 12.68
N ASN A 14 -2.15 5.76 12.09
CA ASN A 14 -0.77 5.29 12.21
C ASN A 14 -0.33 5.13 13.66
N ASP A 15 -0.84 6.00 14.52
CA ASP A 15 -0.54 5.96 15.94
C ASP A 15 -1.13 4.71 16.57
N ALA A 16 -2.37 4.41 16.20
CA ALA A 16 -3.04 3.19 16.63
C ALA A 16 -2.40 1.98 15.96
N TYR A 17 -1.92 2.20 14.75
CA TYR A 17 -1.20 1.20 13.96
C TYR A 17 0.03 0.72 14.73
N LYS A 18 0.76 1.70 15.27
CA LYS A 18 1.94 1.43 16.08
C LYS A 18 1.56 0.79 17.41
N LYS A 19 0.29 0.92 17.78
CA LYS A 19 -0.19 0.47 19.07
C LYS A 19 -0.97 -0.84 18.93
N LYS A 20 -0.85 -1.47 17.76
CA LYS A 20 -1.52 -2.74 17.47
C LYS A 20 -3.04 -2.60 17.49
N ASP A 21 -3.51 -1.36 17.48
CA ASP A 21 -4.93 -1.07 17.37
C ASP A 21 -5.27 -0.97 15.89
N PHE A 22 -5.02 -2.04 15.15
CA PHE A 22 -5.13 -2.03 13.70
C PHE A 22 -6.55 -1.72 13.25
N ASP A 23 -7.54 -2.19 13.99
CA ASP A 23 -8.93 -1.88 13.66
C ASP A 23 -9.19 -0.38 13.81
N THR A 24 -8.69 0.18 14.90
CA THR A 24 -8.81 1.61 15.16
C THR A 24 -7.99 2.42 14.14
N ALA A 25 -6.83 1.89 13.78
CA ALA A 25 -5.97 2.51 12.79
C ALA A 25 -6.63 2.52 11.44
N LEU A 26 -7.17 1.38 11.05
CA LEU A 26 -7.86 1.27 9.78
C LEU A 26 -9.12 2.12 9.80
N LYS A 27 -9.68 2.28 10.99
CA LYS A 27 -10.82 3.16 11.20
C LYS A 27 -10.43 4.61 10.91
N HIS A 28 -9.35 5.04 11.57
CA HIS A 28 -8.80 6.39 11.40
C HIS A 28 -8.31 6.62 9.98
N TYR A 29 -7.63 5.63 9.44
CA TYR A 29 -7.08 5.70 8.11
C TYR A 29 -8.18 5.88 7.06
N ASP A 30 -9.25 5.08 7.19
CA ASP A 30 -10.41 5.23 6.32
C ASP A 30 -11.11 6.56 6.57
N LYS A 31 -11.05 7.02 7.82
CA LYS A 31 -11.60 8.33 8.18
C LYS A 31 -10.86 9.43 7.43
N ALA A 32 -9.55 9.30 7.34
CA ALA A 32 -8.73 10.24 6.60
C ALA A 32 -9.11 10.22 5.13
N LYS A 33 -9.50 9.05 4.62
CA LYS A 33 -9.99 8.93 3.26
C LYS A 33 -11.36 9.58 3.13
N GLU A 34 -12.15 9.51 4.19
CA GLU A 34 -13.45 10.16 4.23
C GLU A 34 -13.29 11.67 4.30
N LEU A 35 -12.14 12.11 4.79
CA LEU A 35 -11.84 13.53 4.88
C LEU A 35 -11.22 14.01 3.57
N ASP A 36 -10.15 13.36 3.14
CA ASP A 36 -9.60 13.65 1.83
C ASP A 36 -9.33 12.36 1.05
N PRO A 37 -10.27 11.99 0.17
CA PRO A 37 -10.17 10.77 -0.63
C PRO A 37 -9.16 10.87 -1.76
N THR A 38 -8.69 12.08 -2.02
CA THR A 38 -7.76 12.31 -3.13
C THR A 38 -6.32 12.16 -2.67
N ASN A 39 -6.13 12.10 -1.35
CA ASN A 39 -4.81 11.85 -0.80
C ASN A 39 -4.57 10.37 -0.74
N MET A 40 -3.99 9.86 -1.82
CA MET A 40 -3.78 8.42 -2.00
C MET A 40 -3.03 7.82 -0.81
N THR A 41 -2.19 8.63 -0.18
CA THR A 41 -1.37 8.19 0.94
C THR A 41 -2.23 7.63 2.07
N TYR A 42 -3.43 8.18 2.25
CA TYR A 42 -4.32 7.70 3.28
C TYR A 42 -4.76 6.28 2.94
N ILE A 43 -5.22 6.13 1.70
CA ILE A 43 -5.74 4.86 1.21
C ILE A 43 -4.68 3.77 1.23
N THR A 44 -3.47 4.11 0.81
CA THR A 44 -2.37 3.14 0.79
C THR A 44 -2.00 2.70 2.20
N ASN A 45 -2.22 3.60 3.15
CA ASN A 45 -1.89 3.32 4.53
C ASN A 45 -3.02 2.56 5.21
N GLN A 46 -4.25 2.75 4.74
CA GLN A 46 -5.36 1.90 5.13
C GLN A 46 -5.01 0.47 4.72
N ALA A 47 -4.53 0.37 3.49
CA ALA A 47 -4.13 -0.89 2.89
C ALA A 47 -3.10 -1.61 3.74
N ALA A 48 -2.14 -0.85 4.24
CA ALA A 48 -1.09 -1.40 5.09
C ALA A 48 -1.68 -2.07 6.33
N VAL A 49 -2.76 -1.49 6.86
CA VAL A 49 -3.41 -2.08 8.01
C VAL A 49 -3.96 -3.44 7.67
N TYR A 50 -4.63 -3.53 6.51
CA TYR A 50 -5.18 -4.81 6.04
C TYR A 50 -4.10 -5.87 5.96
N PHE A 51 -2.91 -5.47 5.51
CA PHE A 51 -1.79 -6.38 5.45
C PHE A 51 -1.51 -6.96 6.84
N GLU A 52 -1.47 -6.09 7.83
CA GLU A 52 -1.27 -6.50 9.22
C GLU A 52 -2.50 -7.24 9.75
N LYS A 53 -3.66 -6.87 9.23
CA LYS A 53 -4.92 -7.49 9.61
C LYS A 53 -5.01 -8.93 9.12
N GLY A 54 -4.26 -9.23 8.07
CA GLY A 54 -4.33 -10.54 7.46
C GLY A 54 -5.07 -10.49 6.14
N ASP A 55 -5.63 -9.32 5.86
CA ASP A 55 -6.37 -9.09 4.63
C ASP A 55 -5.42 -8.61 3.54
N TYR A 56 -4.66 -9.54 2.99
CA TYR A 56 -3.63 -9.22 2.01
C TYR A 56 -4.24 -8.73 0.70
N ASN A 57 -5.35 -9.33 0.32
CA ASN A 57 -6.00 -8.99 -0.94
C ASN A 57 -6.59 -7.59 -0.86
N LYS A 58 -6.86 -7.12 0.34
CA LYS A 58 -7.38 -5.78 0.53
C LYS A 58 -6.25 -4.77 0.47
N CYS A 59 -5.09 -5.14 1.00
CA CYS A 59 -3.89 -4.31 0.85
C CYS A 59 -3.63 -4.10 -0.62
N ARG A 60 -3.81 -5.17 -1.38
CA ARG A 60 -3.75 -5.14 -2.83
C ARG A 60 -4.84 -4.21 -3.39
N GLU A 61 -6.08 -4.49 -3.00
CA GLU A 61 -7.26 -3.76 -3.47
C GLU A 61 -7.12 -2.25 -3.29
N LEU A 62 -6.71 -1.84 -2.10
CA LEU A 62 -6.68 -0.43 -1.75
C LEU A 62 -5.51 0.31 -2.39
N CYS A 63 -4.35 -0.34 -2.47
CA CYS A 63 -3.16 0.33 -2.98
C CYS A 63 -3.32 0.74 -4.45
N GLU A 64 -3.81 -0.16 -5.28
CA GLU A 64 -4.02 0.17 -6.70
C GLU A 64 -5.12 1.22 -6.86
N LYS A 65 -6.11 1.18 -5.98
CA LYS A 65 -7.14 2.21 -5.94
C LYS A 65 -6.51 3.55 -5.61
N ALA A 66 -5.70 3.57 -4.57
CA ALA A 66 -4.97 4.77 -4.18
C ALA A 66 -4.09 5.25 -5.31
N ILE A 67 -3.46 4.32 -6.00
CA ILE A 67 -2.63 4.65 -7.14
C ILE A 67 -3.46 5.30 -8.24
N GLU A 68 -4.63 4.74 -8.50
CA GLU A 68 -5.53 5.31 -9.49
C GLU A 68 -5.91 6.74 -9.07
N VAL A 69 -6.12 6.91 -7.78
CA VAL A 69 -6.44 8.21 -7.19
C VAL A 69 -5.25 9.17 -7.27
N GLY A 70 -4.07 8.68 -6.95
CA GLY A 70 -2.88 9.50 -6.95
C GLY A 70 -2.48 9.90 -8.34
N ARG A 71 -2.50 8.95 -9.25
CA ARG A 71 -2.15 9.20 -10.65
C ARG A 71 -3.20 10.12 -11.27
N GLU A 72 -4.38 10.14 -10.67
CA GLU A 72 -5.45 11.04 -11.06
C GLU A 72 -5.19 12.45 -10.49
N ASN A 73 -4.95 12.52 -9.20
CA ASN A 73 -4.80 13.80 -8.51
C ASN A 73 -3.33 14.29 -8.55
N ARG A 74 -2.57 13.73 -9.48
CA ARG A 74 -1.18 14.14 -9.71
C ARG A 74 -0.35 14.06 -8.42
N GLU A 75 -0.51 12.94 -7.72
CA GLU A 75 0.08 12.76 -6.41
C GLU A 75 1.45 12.10 -6.51
N ASP A 76 2.18 12.14 -5.39
CA ASP A 76 3.53 11.58 -5.27
C ASP A 76 3.64 10.18 -5.90
N TYR A 77 4.36 10.09 -7.01
CA TYR A 77 4.51 8.81 -7.72
C TYR A 77 5.45 7.88 -6.97
N ARG A 78 6.31 8.45 -6.15
CA ARG A 78 7.22 7.65 -5.34
C ARG A 78 6.42 6.90 -4.29
N GLN A 79 5.40 7.59 -3.78
CA GLN A 79 4.42 6.99 -2.88
C GLN A 79 3.61 5.94 -3.63
N ILE A 80 3.31 6.22 -4.90
CA ILE A 80 2.66 5.26 -5.78
C ILE A 80 3.47 3.98 -5.90
N ALA A 81 4.77 4.12 -6.03
CA ALA A 81 5.65 2.97 -6.10
C ALA A 81 5.60 2.17 -4.80
N LYS A 82 5.46 2.88 -3.69
CA LYS A 82 5.33 2.23 -2.39
C LYS A 82 4.00 1.47 -2.33
N ALA A 83 2.98 2.05 -2.98
CA ALA A 83 1.70 1.40 -3.11
C ALA A 83 1.82 0.14 -3.95
N TYR A 84 2.51 0.27 -5.08
CA TYR A 84 2.80 -0.88 -5.94
C TYR A 84 3.52 -1.95 -5.16
N ALA A 85 4.44 -1.54 -4.31
CA ALA A 85 5.23 -2.47 -3.55
C ALA A 85 4.37 -3.18 -2.50
N ARG A 86 3.41 -2.47 -1.92
CA ARG A 86 2.49 -3.11 -0.98
C ARG A 86 1.54 -4.05 -1.71
N ILE A 87 1.19 -3.69 -2.94
CA ILE A 87 0.40 -4.58 -3.78
C ILE A 87 1.20 -5.85 -4.05
N GLY A 88 2.40 -5.67 -4.56
CA GLY A 88 3.27 -6.80 -4.82
C GLY A 88 3.59 -7.56 -3.56
N ASN A 89 3.72 -6.85 -2.45
CA ASN A 89 4.09 -7.46 -1.19
C ASN A 89 2.96 -8.30 -0.63
N SER A 90 1.72 -7.85 -0.84
CA SER A 90 0.56 -8.61 -0.39
C SER A 90 0.46 -9.92 -1.18
N TYR A 91 0.83 -9.85 -2.46
CA TYR A 91 0.92 -11.04 -3.29
C TYR A 91 2.08 -11.91 -2.83
N PHE A 92 3.22 -11.28 -2.62
CA PHE A 92 4.43 -11.90 -2.12
C PHE A 92 4.14 -12.68 -0.83
N LYS A 93 3.35 -12.06 0.02
CA LYS A 93 2.99 -12.60 1.29
C LYS A 93 1.86 -13.65 1.18
N GLU A 94 1.18 -13.69 0.03
CA GLU A 94 0.08 -14.62 -0.17
C GLU A 94 0.47 -15.75 -1.13
N GLU A 95 1.75 -15.74 -1.53
CA GLU A 95 2.33 -16.76 -2.43
C GLU A 95 1.94 -16.53 -3.90
N LYS A 96 1.37 -15.36 -4.19
CA LYS A 96 1.07 -14.98 -5.57
C LYS A 96 2.24 -14.19 -6.15
N TYR A 97 3.39 -14.82 -6.19
CA TYR A 97 4.63 -14.17 -6.61
C TYR A 97 4.57 -13.69 -8.05
N LYS A 98 3.86 -14.43 -8.91
CA LYS A 98 3.72 -14.05 -10.30
C LYS A 98 3.07 -12.67 -10.40
N ASP A 99 2.08 -12.45 -9.58
CA ASP A 99 1.39 -11.16 -9.53
C ASP A 99 2.19 -10.16 -8.70
N ALA A 100 2.95 -10.67 -7.74
CA ALA A 100 3.84 -9.86 -6.93
C ALA A 100 4.82 -9.10 -7.81
N ILE A 101 5.57 -9.85 -8.62
CA ILE A 101 6.56 -9.29 -9.52
C ILE A 101 5.93 -8.30 -10.50
N HIS A 102 4.70 -8.59 -10.94
CA HIS A 102 3.98 -7.70 -11.85
C HIS A 102 3.95 -6.27 -11.31
N PHE A 103 3.43 -6.12 -10.10
CA PHE A 103 3.27 -4.80 -9.50
C PHE A 103 4.58 -4.30 -8.90
N TYR A 104 5.49 -5.21 -8.63
CA TYR A 104 6.85 -4.83 -8.24
C TYR A 104 7.50 -4.04 -9.37
N ASN A 105 7.48 -4.61 -10.56
CA ASN A 105 8.04 -3.95 -11.74
C ASN A 105 7.32 -2.63 -12.01
N LYS A 106 6.06 -2.59 -11.62
CA LYS A 106 5.26 -1.37 -11.70
C LYS A 106 5.75 -0.33 -10.70
N SER A 107 6.32 -0.80 -9.59
CA SER A 107 6.94 0.08 -8.63
C SER A 107 8.26 0.59 -9.19
N LEU A 108 9.03 -0.31 -9.81
CA LEU A 108 10.23 0.08 -10.54
C LEU A 108 9.88 1.11 -11.62
N ALA A 109 8.66 0.97 -12.13
CA ALA A 109 8.15 1.85 -13.17
C ALA A 109 8.05 3.30 -12.69
N GLU A 110 7.50 3.50 -11.50
CA GLU A 110 7.27 4.85 -10.98
C GLU A 110 8.46 5.33 -10.16
N HIS A 111 8.92 4.51 -9.22
CA HIS A 111 9.98 4.91 -8.31
C HIS A 111 10.88 3.71 -8.00
N ARG A 112 11.99 3.65 -8.72
CA ARG A 112 12.96 2.57 -8.55
C ARG A 112 13.55 2.57 -7.15
N THR A 113 13.31 1.50 -6.43
CA THR A 113 13.87 1.31 -5.11
C THR A 113 14.53 -0.05 -5.00
N PRO A 114 15.70 -0.07 -4.36
CA PRO A 114 16.45 -1.29 -4.04
C PRO A 114 15.61 -2.32 -3.30
N ASP A 115 14.69 -1.84 -2.47
CA ASP A 115 13.79 -2.72 -1.71
C ASP A 115 12.88 -3.49 -2.63
N VAL A 116 12.19 -2.79 -3.51
CA VAL A 116 11.30 -3.47 -4.44
C VAL A 116 12.13 -4.35 -5.34
N LEU A 117 13.21 -3.79 -5.89
CA LEU A 117 14.09 -4.54 -6.77
C LEU A 117 14.54 -5.84 -6.10
N LYS A 118 14.92 -5.73 -4.83
CA LYS A 118 15.20 -6.88 -4.00
C LYS A 118 14.03 -7.86 -4.01
N LYS A 119 12.86 -7.31 -3.73
CA LYS A 119 11.62 -8.07 -3.68
C LYS A 119 11.26 -8.71 -5.02
N CYS A 120 11.48 -7.99 -6.11
CA CYS A 120 11.10 -8.44 -7.42
C CYS A 120 11.91 -9.66 -7.80
N GLN A 121 13.20 -9.62 -7.51
CA GLN A 121 14.08 -10.74 -7.77
C GLN A 121 13.80 -11.86 -6.78
N GLN A 122 13.52 -11.47 -5.53
CA GLN A 122 13.21 -12.42 -4.48
C GLN A 122 12.00 -13.25 -4.87
N ALA A 123 10.92 -12.60 -5.22
CA ALA A 123 9.71 -13.28 -5.62
C ALA A 123 9.93 -14.08 -6.88
N GLU A 124 10.81 -13.60 -7.74
CA GLU A 124 11.08 -14.26 -9.00
C GLU A 124 11.85 -15.56 -8.80
N LYS A 125 12.90 -15.50 -7.99
CA LYS A 125 13.65 -16.70 -7.64
C LYS A 125 12.77 -17.65 -6.85
N ILE A 126 12.05 -17.11 -5.88
CA ILE A 126 11.12 -17.90 -5.07
C ILE A 126 10.11 -18.63 -5.94
N LEU A 127 9.55 -17.91 -6.90
CA LEU A 127 8.53 -18.46 -7.79
C LEU A 127 9.08 -19.64 -8.58
N LYS A 128 10.31 -19.51 -9.08
CA LYS A 128 10.92 -20.60 -9.85
C LYS A 128 11.50 -21.66 -8.93
N GLU A 129 11.66 -21.34 -7.65
CA GLU A 129 12.01 -22.35 -6.66
C GLU A 129 10.81 -23.26 -6.42
N GLN A 130 9.63 -22.71 -6.63
CA GLN A 130 8.39 -23.44 -6.46
C GLN A 130 8.14 -24.37 -7.65
N GLU A 131 8.09 -23.78 -8.84
CA GLU A 131 7.85 -24.56 -10.05
C GLU A 131 9.18 -24.97 -10.69
N GLU A 1 -10.90 22.89 6.88
CA GLU A 1 -11.21 21.87 5.86
C GLU A 1 -10.78 20.49 6.35
N ASN A 2 -11.49 19.48 5.86
CA ASN A 2 -11.27 18.10 6.29
C ASN A 2 -9.90 17.59 5.88
N LYS A 3 -9.28 18.22 4.89
CA LYS A 3 -7.95 17.81 4.44
C LYS A 3 -6.92 17.93 5.56
N LYS A 4 -6.96 19.04 6.28
CA LYS A 4 -6.08 19.26 7.43
C LYS A 4 -6.38 18.21 8.50
N GLN A 5 -7.66 18.02 8.77
CA GLN A 5 -8.13 17.06 9.76
C GLN A 5 -7.75 15.64 9.34
N ALA A 6 -7.74 15.40 8.02
CA ALA A 6 -7.43 14.09 7.47
C ALA A 6 -6.01 13.68 7.79
N LEU A 7 -5.10 14.64 7.79
CA LEU A 7 -3.72 14.37 8.13
C LEU A 7 -3.65 13.88 9.57
N LYS A 8 -4.40 14.56 10.44
CA LYS A 8 -4.47 14.17 11.84
C LYS A 8 -5.07 12.78 11.98
N GLU A 9 -6.12 12.50 11.21
CA GLU A 9 -6.73 11.17 11.20
C GLU A 9 -5.74 10.12 10.71
N LYS A 10 -4.96 10.46 9.68
CA LYS A 10 -3.93 9.55 9.18
C LYS A 10 -2.92 9.27 10.30
N GLU A 11 -2.50 10.33 10.98
CA GLU A 11 -1.53 10.20 12.07
C GLU A 11 -2.10 9.38 13.21
N LEU A 12 -3.39 9.59 13.50
CA LEU A 12 -4.05 8.84 14.56
C LEU A 12 -4.18 7.36 14.20
N GLY A 13 -4.47 7.09 12.92
CA GLY A 13 -4.47 5.73 12.44
C GLY A 13 -3.09 5.12 12.50
N ASN A 14 -2.12 5.81 11.92
CA ASN A 14 -0.72 5.38 11.92
C ASN A 14 -0.19 5.16 13.33
N ASP A 15 -0.61 6.01 14.26
CA ASP A 15 -0.19 5.92 15.65
C ASP A 15 -0.71 4.64 16.29
N ALA A 16 -1.98 4.34 16.05
CA ALA A 16 -2.58 3.09 16.53
C ALA A 16 -2.00 1.91 15.77
N TYR A 17 -1.64 2.16 14.52
CA TYR A 17 -0.98 1.20 13.65
C TYR A 17 0.33 0.73 14.27
N LYS A 18 0.99 1.64 14.96
CA LYS A 18 2.26 1.37 15.60
C LYS A 18 2.07 0.62 16.93
N LYS A 19 0.82 0.52 17.36
CA LYS A 19 0.51 -0.10 18.64
C LYS A 19 -0.26 -1.40 18.45
N LYS A 20 -0.20 -1.94 17.23
CA LYS A 20 -0.93 -3.16 16.86
C LYS A 20 -2.42 -3.03 17.09
N ASP A 21 -2.89 -1.80 17.15
CA ASP A 21 -4.32 -1.54 17.18
C ASP A 21 -4.79 -1.28 15.77
N PHE A 22 -4.72 -2.31 14.95
CA PHE A 22 -4.89 -2.19 13.51
C PHE A 22 -6.32 -1.82 13.14
N ASP A 23 -7.30 -2.27 13.90
CA ASP A 23 -8.68 -1.89 13.64
C ASP A 23 -8.84 -0.40 13.91
N THR A 24 -8.25 0.04 15.01
CA THR A 24 -8.25 1.45 15.38
C THR A 24 -7.44 2.26 14.36
N ALA A 25 -6.35 1.68 13.90
CA ALA A 25 -5.53 2.30 12.88
C ALA A 25 -6.34 2.52 11.61
N LEU A 26 -6.95 1.44 11.14
CA LEU A 26 -7.75 1.47 9.93
C LEU A 26 -8.98 2.37 10.14
N LYS A 27 -9.39 2.50 11.39
CA LYS A 27 -10.52 3.35 11.74
C LYS A 27 -10.24 4.80 11.37
N HIS A 28 -9.06 5.29 11.76
CA HIS A 28 -8.70 6.68 11.49
C HIS A 28 -8.20 6.83 10.07
N TYR A 29 -7.57 5.80 9.55
CA TYR A 29 -7.13 5.81 8.16
C TYR A 29 -8.33 5.94 7.23
N ASP A 30 -9.37 5.18 7.54
CA ASP A 30 -10.63 5.27 6.80
C ASP A 30 -11.30 6.60 7.01
N LYS A 31 -11.26 7.06 8.25
CA LYS A 31 -11.74 8.39 8.59
C LYS A 31 -11.03 9.44 7.73
N ALA A 32 -9.70 9.33 7.66
CA ALA A 32 -8.89 10.24 6.86
C ALA A 32 -9.27 10.17 5.38
N LYS A 33 -9.67 8.99 4.92
CA LYS A 33 -10.10 8.84 3.54
C LYS A 33 -11.47 9.48 3.32
N GLU A 34 -12.28 9.54 4.36
CA GLU A 34 -13.57 10.21 4.28
C GLU A 34 -13.37 11.73 4.35
N LEU A 35 -12.28 12.13 4.99
CA LEU A 35 -11.92 13.54 5.06
C LEU A 35 -11.24 13.98 3.77
N ASP A 36 -10.35 13.14 3.26
CA ASP A 36 -9.70 13.40 2.00
C ASP A 36 -9.61 12.13 1.16
N PRO A 37 -10.61 11.88 0.31
CA PRO A 37 -10.65 10.71 -0.56
C PRO A 37 -9.70 10.84 -1.74
N THR A 38 -9.16 12.03 -1.95
CA THR A 38 -8.27 12.28 -3.07
C THR A 38 -6.81 12.15 -2.65
N ASN A 39 -6.60 11.96 -1.36
CA ASN A 39 -5.26 11.76 -0.83
C ASN A 39 -4.92 10.28 -0.82
N MET A 40 -4.26 9.85 -1.88
CA MET A 40 -3.95 8.44 -2.11
C MET A 40 -3.22 7.83 -0.91
N THR A 41 -2.46 8.66 -0.21
CA THR A 41 -1.63 8.21 0.88
C THR A 41 -2.46 7.64 2.02
N TYR A 42 -3.66 8.17 2.21
CA TYR A 42 -4.53 7.70 3.28
C TYR A 42 -5.02 6.31 2.95
N ILE A 43 -5.23 6.08 1.67
CA ILE A 43 -5.79 4.84 1.18
C ILE A 43 -4.75 3.72 1.18
N THR A 44 -3.52 4.06 0.81
CA THR A 44 -2.45 3.07 0.81
C THR A 44 -2.06 2.70 2.23
N ASN A 45 -2.17 3.67 3.13
CA ASN A 45 -1.90 3.43 4.54
C ASN A 45 -3.05 2.64 5.16
N GLN A 46 -4.26 2.87 4.66
CA GLN A 46 -5.40 2.02 4.95
C GLN A 46 -5.06 0.58 4.60
N ALA A 47 -4.64 0.40 3.35
CA ALA A 47 -4.27 -0.89 2.82
C ALA A 47 -3.16 -1.53 3.65
N ALA A 48 -2.25 -0.71 4.14
CA ALA A 48 -1.17 -1.16 5.00
C ALA A 48 -1.72 -1.86 6.25
N VAL A 49 -2.87 -1.38 6.73
CA VAL A 49 -3.52 -1.99 7.87
C VAL A 49 -4.01 -3.37 7.52
N TYR A 50 -4.68 -3.49 6.38
CA TYR A 50 -5.19 -4.77 5.92
C TYR A 50 -4.04 -5.76 5.74
N PHE A 51 -2.92 -5.27 5.24
CA PHE A 51 -1.71 -6.06 5.09
C PHE A 51 -1.30 -6.67 6.45
N GLU A 52 -1.24 -5.82 7.46
CA GLU A 52 -0.91 -6.25 8.82
C GLU A 52 -2.02 -7.13 9.39
N LYS A 53 -3.26 -6.79 9.04
CA LYS A 53 -4.43 -7.51 9.50
C LYS A 53 -4.45 -8.95 8.94
N GLY A 54 -3.90 -9.12 7.75
CA GLY A 54 -3.95 -10.40 7.07
C GLY A 54 -4.84 -10.36 5.86
N ASP A 55 -5.47 -9.21 5.64
CA ASP A 55 -6.31 -8.98 4.48
C ASP A 55 -5.46 -8.48 3.32
N TYR A 56 -4.63 -9.35 2.78
CA TYR A 56 -3.73 -8.99 1.69
C TYR A 56 -4.51 -8.65 0.44
N ASN A 57 -5.66 -9.28 0.27
CA ASN A 57 -6.52 -9.02 -0.89
C ASN A 57 -7.08 -7.61 -0.86
N LYS A 58 -7.48 -7.15 0.32
CA LYS A 58 -7.97 -5.78 0.47
C LYS A 58 -6.82 -4.79 0.35
N CYS A 59 -5.66 -5.19 0.84
CA CYS A 59 -4.47 -4.36 0.71
C CYS A 59 -4.16 -4.14 -0.77
N ARG A 60 -4.21 -5.22 -1.53
CA ARG A 60 -4.07 -5.15 -2.98
C ARG A 60 -5.17 -4.27 -3.56
N GLU A 61 -6.36 -4.44 -3.02
CA GLU A 61 -7.54 -3.71 -3.47
C GLU A 61 -7.34 -2.20 -3.35
N LEU A 62 -7.09 -1.74 -2.13
CA LEU A 62 -7.03 -0.31 -1.83
C LEU A 62 -5.82 0.36 -2.48
N CYS A 63 -4.71 -0.35 -2.57
CA CYS A 63 -3.48 0.24 -3.11
C CYS A 63 -3.66 0.69 -4.55
N GLU A 64 -4.19 -0.18 -5.42
CA GLU A 64 -4.41 0.19 -6.81
C GLU A 64 -5.43 1.32 -6.92
N LYS A 65 -6.41 1.32 -6.01
CA LYS A 65 -7.38 2.39 -5.94
C LYS A 65 -6.68 3.70 -5.60
N ALA A 66 -5.87 3.67 -4.56
CA ALA A 66 -5.11 4.84 -4.15
C ALA A 66 -4.19 5.29 -5.25
N ILE A 67 -3.53 4.36 -5.90
CA ILE A 67 -2.66 4.67 -7.01
C ILE A 67 -3.45 5.32 -8.13
N GLU A 68 -4.61 4.77 -8.43
CA GLU A 68 -5.50 5.34 -9.43
C GLU A 68 -5.86 6.77 -9.05
N VAL A 69 -6.26 6.94 -7.79
CA VAL A 69 -6.63 8.25 -7.23
C VAL A 69 -5.44 9.21 -7.23
N GLY A 70 -4.29 8.71 -6.83
CA GLY A 70 -3.11 9.53 -6.70
C GLY A 70 -2.55 9.95 -8.03
N ARG A 71 -2.39 8.99 -8.93
CA ARG A 71 -1.86 9.26 -10.26
C ARG A 71 -2.84 10.17 -11.01
N GLU A 72 -4.10 10.11 -10.60
CA GLU A 72 -5.14 11.00 -11.11
C GLU A 72 -4.94 12.41 -10.58
N ASN A 73 -4.83 12.53 -9.27
CA ASN A 73 -4.74 13.82 -8.59
C ASN A 73 -3.30 14.35 -8.57
N ARG A 74 -2.46 13.73 -9.39
CA ARG A 74 -1.05 14.13 -9.54
C ARG A 74 -0.31 14.05 -8.21
N GLU A 75 -0.56 12.98 -7.48
CA GLU A 75 0.07 12.75 -6.20
C GLU A 75 1.45 12.13 -6.39
N ASP A 76 2.24 12.12 -5.32
CA ASP A 76 3.60 11.59 -5.32
C ASP A 76 3.65 10.17 -5.92
N TYR A 77 4.28 10.04 -7.08
CA TYR A 77 4.36 8.74 -7.76
C TYR A 77 5.37 7.84 -7.07
N ARG A 78 6.27 8.45 -6.31
CA ARG A 78 7.25 7.70 -5.55
C ARG A 78 6.52 6.93 -4.47
N GLN A 79 5.56 7.61 -3.85
CA GLN A 79 4.63 7.01 -2.90
C GLN A 79 3.78 5.94 -3.59
N ILE A 80 3.42 6.21 -4.85
CA ILE A 80 2.70 5.24 -5.68
C ILE A 80 3.52 3.97 -5.88
N ALA A 81 4.82 4.14 -6.09
CA ALA A 81 5.71 3.00 -6.20
C ALA A 81 5.71 2.19 -4.92
N LYS A 82 5.62 2.88 -3.79
CA LYS A 82 5.56 2.21 -2.50
C LYS A 82 4.23 1.44 -2.39
N ALA A 83 3.20 1.97 -3.03
CA ALA A 83 1.91 1.31 -3.10
C ALA A 83 2.02 0.07 -3.99
N TYR A 84 2.69 0.21 -5.12
CA TYR A 84 2.95 -0.93 -6.00
C TYR A 84 3.73 -2.00 -5.29
N ALA A 85 4.74 -1.57 -4.54
CA ALA A 85 5.57 -2.49 -3.78
C ALA A 85 4.72 -3.23 -2.76
N ARG A 86 3.77 -2.52 -2.16
CA ARG A 86 2.87 -3.12 -1.19
C ARG A 86 1.90 -4.07 -1.89
N ILE A 87 1.45 -3.70 -3.08
CA ILE A 87 0.60 -4.56 -3.89
C ILE A 87 1.33 -5.86 -4.19
N GLY A 88 2.52 -5.73 -4.75
CA GLY A 88 3.34 -6.89 -5.03
C GLY A 88 3.68 -7.65 -3.77
N ASN A 89 3.89 -6.92 -2.69
CA ASN A 89 4.25 -7.53 -1.41
C ASN A 89 3.07 -8.30 -0.84
N SER A 90 1.86 -7.83 -1.14
CA SER A 90 0.65 -8.54 -0.74
C SER A 90 0.56 -9.87 -1.48
N TYR A 91 0.83 -9.83 -2.78
CA TYR A 91 0.91 -11.04 -3.58
C TYR A 91 2.02 -11.94 -3.08
N PHE A 92 3.13 -11.32 -2.74
CA PHE A 92 4.31 -11.99 -2.19
C PHE A 92 3.93 -12.78 -0.93
N LYS A 93 3.15 -12.15 -0.07
CA LYS A 93 2.65 -12.80 1.13
C LYS A 93 1.67 -13.93 0.79
N GLU A 94 0.86 -13.72 -0.23
CA GLU A 94 -0.25 -14.62 -0.52
C GLU A 94 0.15 -15.75 -1.47
N GLU A 95 1.42 -15.76 -1.87
CA GLU A 95 1.99 -16.79 -2.74
C GLU A 95 1.54 -16.59 -4.20
N LYS A 96 1.29 -15.34 -4.56
CA LYS A 96 1.01 -14.97 -5.94
C LYS A 96 2.20 -14.20 -6.51
N TYR A 97 3.35 -14.84 -6.47
CA TYR A 97 4.62 -14.22 -6.83
C TYR A 97 4.63 -13.72 -8.27
N LYS A 98 3.91 -14.42 -9.14
CA LYS A 98 3.82 -14.01 -10.54
C LYS A 98 3.27 -12.59 -10.64
N ASP A 99 2.22 -12.34 -9.87
CA ASP A 99 1.60 -11.03 -9.83
C ASP A 99 2.40 -10.09 -8.94
N ALA A 100 3.10 -10.68 -7.96
CA ALA A 100 3.97 -9.92 -7.07
C ALA A 100 5.04 -9.18 -7.87
N ILE A 101 5.80 -9.93 -8.64
CA ILE A 101 6.89 -9.40 -9.44
C ILE A 101 6.38 -8.40 -10.48
N HIS A 102 5.18 -8.67 -10.98
CA HIS A 102 4.55 -7.77 -11.95
C HIS A 102 4.39 -6.38 -11.36
N PHE A 103 3.70 -6.28 -10.23
CA PHE A 103 3.45 -5.00 -9.58
C PHE A 103 4.69 -4.49 -8.87
N TYR A 104 5.63 -5.38 -8.56
CA TYR A 104 6.95 -4.96 -8.12
C TYR A 104 7.58 -4.11 -9.21
N ASN A 105 7.61 -4.64 -10.43
CA ASN A 105 8.17 -3.93 -11.57
C ASN A 105 7.32 -2.72 -11.92
N LYS A 106 6.07 -2.71 -11.46
CA LYS A 106 5.21 -1.54 -11.59
C LYS A 106 5.70 -0.44 -10.65
N SER A 107 6.31 -0.85 -9.54
CA SER A 107 6.92 0.09 -8.62
C SER A 107 8.23 0.60 -9.22
N LEU A 108 9.03 -0.33 -9.75
CA LEU A 108 10.24 0.02 -10.48
C LEU A 108 9.86 0.94 -11.65
N ALA A 109 8.65 0.77 -12.14
CA ALA A 109 8.10 1.57 -13.22
C ALA A 109 7.97 3.04 -12.81
N GLU A 110 7.35 3.29 -11.65
CA GLU A 110 7.13 4.66 -11.19
C GLU A 110 8.34 5.24 -10.47
N HIS A 111 8.86 4.49 -9.51
CA HIS A 111 9.96 4.96 -8.70
C HIS A 111 10.92 3.80 -8.39
N ARG A 112 11.98 3.70 -9.19
CA ARG A 112 12.93 2.59 -9.12
C ARG A 112 13.67 2.59 -7.79
N THR A 113 13.31 1.66 -6.91
CA THR A 113 13.93 1.56 -5.61
C THR A 113 14.43 0.15 -5.32
N PRO A 114 15.64 0.09 -4.75
CA PRO A 114 16.34 -1.15 -4.37
C PRO A 114 15.48 -2.11 -3.56
N ASP A 115 14.56 -1.59 -2.76
CA ASP A 115 13.69 -2.42 -1.92
C ASP A 115 12.77 -3.28 -2.76
N VAL A 116 12.10 -2.68 -3.72
CA VAL A 116 11.17 -3.43 -4.55
C VAL A 116 11.95 -4.29 -5.53
N LEU A 117 13.13 -3.83 -5.90
CA LEU A 117 14.03 -4.59 -6.74
C LEU A 117 14.48 -5.84 -5.98
N LYS A 118 14.83 -5.64 -4.72
CA LYS A 118 15.17 -6.71 -3.80
C LYS A 118 14.01 -7.70 -3.68
N LYS A 119 12.84 -7.14 -3.48
CA LYS A 119 11.62 -7.93 -3.37
C LYS A 119 11.31 -8.65 -4.67
N CYS A 120 11.51 -7.96 -5.77
CA CYS A 120 11.25 -8.52 -7.08
C CYS A 120 12.14 -9.73 -7.31
N GLN A 121 13.43 -9.57 -7.00
CA GLN A 121 14.38 -10.68 -7.09
C GLN A 121 13.98 -11.81 -6.17
N GLN A 122 13.49 -11.46 -4.99
CA GLN A 122 13.11 -12.44 -3.99
C GLN A 122 11.99 -13.32 -4.50
N ALA A 123 10.93 -12.71 -5.00
CA ALA A 123 9.75 -13.45 -5.40
C ALA A 123 10.03 -14.40 -6.56
N GLU A 124 10.85 -13.98 -7.52
CA GLU A 124 11.16 -14.82 -8.66
C GLU A 124 12.06 -15.99 -8.27
N LYS A 125 12.98 -15.75 -7.34
CA LYS A 125 13.86 -16.83 -6.87
C LYS A 125 13.07 -17.74 -5.93
N ILE A 126 12.08 -17.18 -5.27
CA ILE A 126 11.14 -17.97 -4.48
C ILE A 126 10.32 -18.87 -5.38
N LEU A 127 9.80 -18.30 -6.46
CA LEU A 127 9.05 -19.08 -7.45
C LEU A 127 9.94 -20.16 -8.07
N LYS A 128 11.23 -19.86 -8.17
CA LYS A 128 12.21 -20.82 -8.67
C LYS A 128 12.36 -21.97 -7.68
N GLU A 129 12.16 -21.67 -6.40
CA GLU A 129 12.20 -22.70 -5.35
C GLU A 129 10.92 -23.54 -5.38
N GLN A 130 9.87 -22.98 -5.96
CA GLN A 130 8.59 -23.65 -6.03
C GLN A 130 8.56 -24.67 -7.17
N GLU A 131 9.45 -24.47 -8.14
CA GLU A 131 9.56 -25.39 -9.27
C GLU A 131 10.76 -26.32 -9.08
N GLU A 1 -12.95 22.61 6.70
CA GLU A 1 -12.69 21.64 5.61
C GLU A 1 -12.33 20.28 6.21
N ASN A 2 -12.64 19.23 5.48
CA ASN A 2 -12.35 17.88 5.93
C ASN A 2 -10.91 17.52 5.61
N LYS A 3 -10.33 18.20 4.63
CA LYS A 3 -8.95 17.94 4.21
C LYS A 3 -7.98 18.08 5.38
N LYS A 4 -8.07 19.19 6.10
CA LYS A 4 -7.19 19.45 7.24
C LYS A 4 -7.36 18.38 8.31
N GLN A 5 -8.62 18.02 8.57
CA GLN A 5 -8.94 17.01 9.55
C GLN A 5 -8.47 15.63 9.08
N ALA A 6 -8.39 15.46 7.75
CA ALA A 6 -7.93 14.20 7.18
C ALA A 6 -6.48 13.92 7.56
N LEU A 7 -5.67 14.99 7.62
CA LEU A 7 -4.30 14.85 8.09
C LEU A 7 -4.31 14.35 9.53
N LYS A 8 -5.19 14.94 10.34
CA LYS A 8 -5.37 14.52 11.72
C LYS A 8 -5.75 13.05 11.79
N GLU A 9 -6.71 12.65 10.96
CA GLU A 9 -7.18 11.28 10.96
C GLU A 9 -6.11 10.30 10.49
N LYS A 10 -5.29 10.72 9.53
CA LYS A 10 -4.17 9.90 9.10
C LYS A 10 -3.17 9.77 10.24
N GLU A 11 -2.93 10.87 10.95
CA GLU A 11 -2.03 10.86 12.11
C GLU A 11 -2.59 9.97 13.21
N LEU A 12 -3.88 10.13 13.50
CA LEU A 12 -4.55 9.33 14.52
C LEU A 12 -4.49 7.85 14.17
N GLY A 13 -4.78 7.53 12.92
CA GLY A 13 -4.66 6.17 12.45
C GLY A 13 -3.25 5.66 12.52
N ASN A 14 -2.32 6.43 11.97
CA ASN A 14 -0.90 6.08 11.98
C ASN A 14 -0.38 5.91 13.40
N ASP A 15 -0.87 6.74 14.31
CA ASP A 15 -0.48 6.71 15.71
C ASP A 15 -0.87 5.38 16.34
N ALA A 16 -2.10 4.98 16.10
CA ALA A 16 -2.60 3.70 16.59
C ALA A 16 -1.93 2.56 15.83
N TYR A 17 -1.61 2.83 14.58
CA TYR A 17 -0.91 1.90 13.71
C TYR A 17 0.46 1.57 14.29
N LYS A 18 1.10 2.57 14.88
CA LYS A 18 2.42 2.41 15.49
C LYS A 18 2.32 1.61 16.79
N LYS A 19 1.08 1.39 17.26
CA LYS A 19 0.82 0.59 18.44
C LYS A 19 0.23 -0.75 18.06
N LYS A 20 0.25 -1.04 16.75
CA LYS A 20 -0.35 -2.25 16.20
C LYS A 20 -1.83 -2.36 16.56
N ASP A 21 -2.45 -1.23 16.82
CA ASP A 21 -3.88 -1.18 17.08
C ASP A 21 -4.58 -1.09 15.73
N PHE A 22 -4.44 -2.14 14.94
CA PHE A 22 -4.70 -2.09 13.50
C PHE A 22 -6.13 -1.67 13.17
N ASP A 23 -7.12 -2.20 13.85
CA ASP A 23 -8.50 -1.82 13.56
C ASP A 23 -8.75 -0.36 13.88
N THR A 24 -8.17 0.12 14.97
CA THR A 24 -8.28 1.52 15.35
C THR A 24 -7.50 2.40 14.38
N ALA A 25 -6.31 1.95 14.01
CA ALA A 25 -5.49 2.63 13.02
C ALA A 25 -6.25 2.79 11.72
N LEU A 26 -6.71 1.66 11.20
CA LEU A 26 -7.44 1.61 9.95
C LEU A 26 -8.72 2.43 10.05
N LYS A 27 -9.28 2.48 11.25
CA LYS A 27 -10.50 3.21 11.52
C LYS A 27 -10.33 4.70 11.22
N HIS A 28 -9.22 5.28 11.66
CA HIS A 28 -8.95 6.70 11.41
C HIS A 28 -8.41 6.90 10.02
N TYR A 29 -7.64 5.92 9.54
CA TYR A 29 -7.11 5.96 8.19
C TYR A 29 -8.24 6.04 7.17
N ASP A 30 -9.23 5.17 7.33
CA ASP A 30 -10.42 5.18 6.50
C ASP A 30 -11.17 6.49 6.68
N LYS A 31 -11.25 6.92 7.92
CA LYS A 31 -11.87 8.21 8.24
C LYS A 31 -11.20 9.33 7.44
N ALA A 32 -9.86 9.29 7.39
CA ALA A 32 -9.10 10.28 6.63
C ALA A 32 -9.46 10.22 5.14
N LYS A 33 -9.86 9.04 4.66
CA LYS A 33 -10.28 8.88 3.28
C LYS A 33 -11.70 9.41 3.09
N GLU A 34 -12.48 9.40 4.16
CA GLU A 34 -13.81 9.98 4.15
C GLU A 34 -13.71 11.49 4.24
N LEU A 35 -12.59 11.97 4.76
CA LEU A 35 -12.33 13.39 4.87
C LEU A 35 -11.69 13.91 3.60
N ASP A 36 -10.65 13.23 3.12
CA ASP A 36 -10.10 13.54 1.82
C ASP A 36 -9.77 12.27 1.05
N PRO A 37 -10.69 11.83 0.19
CA PRO A 37 -10.54 10.61 -0.62
C PRO A 37 -9.56 10.80 -1.76
N THR A 38 -9.17 12.05 -2.00
CA THR A 38 -8.30 12.38 -3.10
C THR A 38 -6.84 12.34 -2.67
N ASN A 39 -6.60 12.02 -1.40
CA ASN A 39 -5.25 11.84 -0.88
C ASN A 39 -4.94 10.36 -0.83
N MET A 40 -4.20 9.89 -1.82
CA MET A 40 -3.95 8.46 -1.98
C MET A 40 -3.19 7.90 -0.79
N THR A 41 -2.40 8.75 -0.15
CA THR A 41 -1.59 8.33 0.98
C THR A 41 -2.45 7.83 2.13
N TYR A 42 -3.67 8.33 2.23
CA TYR A 42 -4.59 7.86 3.28
C TYR A 42 -5.00 6.44 2.99
N ILE A 43 -5.18 6.17 1.70
CA ILE A 43 -5.67 4.90 1.23
C ILE A 43 -4.56 3.84 1.27
N THR A 44 -3.34 4.25 0.93
CA THR A 44 -2.20 3.35 0.94
C THR A 44 -1.83 2.98 2.37
N ASN A 45 -1.92 3.96 3.26
CA ASN A 45 -1.69 3.73 4.68
C ASN A 45 -2.76 2.82 5.26
N GLN A 46 -3.97 2.93 4.73
CA GLN A 46 -5.04 2.00 5.06
C GLN A 46 -4.65 0.60 4.63
N ALA A 47 -4.26 0.49 3.36
CA ALA A 47 -3.89 -0.77 2.76
C ALA A 47 -2.79 -1.45 3.55
N ALA A 48 -1.87 -0.66 4.08
CA ALA A 48 -0.83 -1.15 4.96
C ALA A 48 -1.46 -1.95 6.10
N VAL A 49 -2.42 -1.34 6.78
CA VAL A 49 -3.08 -1.99 7.90
C VAL A 49 -3.75 -3.28 7.47
N TYR A 50 -4.27 -3.32 6.25
CA TYR A 50 -4.87 -4.54 5.72
C TYR A 50 -3.80 -5.61 5.55
N PHE A 51 -2.66 -5.19 5.03
CA PHE A 51 -1.49 -6.05 4.94
C PHE A 51 -1.16 -6.61 6.33
N GLU A 52 -1.01 -5.70 7.27
CA GLU A 52 -0.87 -6.01 8.68
C GLU A 52 -1.96 -6.96 9.19
N LYS A 53 -3.20 -6.64 8.82
CA LYS A 53 -4.39 -7.37 9.25
C LYS A 53 -4.43 -8.80 8.71
N GLY A 54 -3.64 -9.06 7.66
CA GLY A 54 -3.68 -10.35 7.01
C GLY A 54 -4.55 -10.32 5.78
N ASP A 55 -5.11 -9.15 5.54
CA ASP A 55 -6.00 -8.91 4.41
C ASP A 55 -5.19 -8.47 3.20
N TYR A 56 -4.53 -9.43 2.57
CA TYR A 56 -3.62 -9.14 1.47
C TYR A 56 -4.39 -8.72 0.22
N ASN A 57 -5.60 -9.21 0.07
CA ASN A 57 -6.42 -8.87 -1.07
C ASN A 57 -6.91 -7.42 -0.98
N LYS A 58 -7.12 -6.96 0.24
CA LYS A 58 -7.58 -5.61 0.48
C LYS A 58 -6.44 -4.62 0.39
N CYS A 59 -5.26 -5.04 0.81
CA CYS A 59 -4.08 -4.23 0.61
C CYS A 59 -3.88 -4.02 -0.89
N ARG A 60 -4.12 -5.09 -1.65
CA ARG A 60 -4.10 -5.04 -3.11
C ARG A 60 -5.21 -4.13 -3.62
N GLU A 61 -6.42 -4.35 -3.11
CA GLU A 61 -7.58 -3.53 -3.47
C GLU A 61 -7.29 -2.06 -3.30
N LEU A 62 -6.84 -1.71 -2.11
CA LEU A 62 -6.71 -0.33 -1.72
C LEU A 62 -5.50 0.36 -2.35
N CYS A 63 -4.37 -0.32 -2.45
CA CYS A 63 -3.19 0.29 -3.03
C CYS A 63 -3.42 0.69 -4.49
N GLU A 64 -4.00 -0.21 -5.27
CA GLU A 64 -4.31 0.07 -6.67
C GLU A 64 -5.33 1.20 -6.80
N LYS A 65 -6.28 1.24 -5.87
CA LYS A 65 -7.27 2.32 -5.83
C LYS A 65 -6.59 3.63 -5.51
N ALA A 66 -5.77 3.62 -4.46
CA ALA A 66 -4.99 4.77 -4.06
C ALA A 66 -4.12 5.24 -5.21
N ILE A 67 -3.49 4.30 -5.89
CA ILE A 67 -2.66 4.61 -7.02
C ILE A 67 -3.48 5.26 -8.13
N GLU A 68 -4.68 4.75 -8.34
CA GLU A 68 -5.58 5.35 -9.33
C GLU A 68 -5.91 6.78 -8.91
N VAL A 69 -6.00 6.99 -7.62
CA VAL A 69 -6.31 8.31 -7.04
C VAL A 69 -5.10 9.24 -7.13
N GLY A 70 -3.91 8.72 -6.83
CA GLY A 70 -2.71 9.52 -6.95
C GLY A 70 -2.33 9.76 -8.38
N ARG A 71 -2.62 8.78 -9.22
CA ARG A 71 -2.44 8.90 -10.67
C ARG A 71 -3.39 9.97 -11.18
N GLU A 72 -4.54 10.05 -10.53
CA GLU A 72 -5.58 11.03 -10.83
C GLU A 72 -5.12 12.46 -10.49
N ASN A 73 -4.70 12.64 -9.26
CA ASN A 73 -4.45 13.98 -8.74
C ASN A 73 -2.96 14.33 -8.79
N ARG A 74 -2.19 13.47 -9.45
CA ARG A 74 -0.76 13.66 -9.61
C ARG A 74 -0.05 13.69 -8.26
N GLU A 75 -0.37 12.72 -7.42
CA GLU A 75 0.21 12.63 -6.09
C GLU A 75 1.57 11.92 -6.16
N ASP A 76 2.32 11.98 -5.08
CA ASP A 76 3.66 11.39 -4.98
C ASP A 76 3.73 9.99 -5.59
N TYR A 77 4.41 9.89 -6.73
CA TYR A 77 4.54 8.60 -7.41
C TYR A 77 5.45 7.66 -6.63
N ARG A 78 6.27 8.23 -5.77
CA ARG A 78 7.14 7.45 -4.90
C ARG A 78 6.27 6.64 -3.95
N GLN A 79 5.26 7.32 -3.43
CA GLN A 79 4.22 6.72 -2.61
C GLN A 79 3.47 5.66 -3.42
N ILE A 80 3.20 5.98 -4.67
CA ILE A 80 2.59 5.04 -5.61
C ILE A 80 3.44 3.79 -5.78
N ALA A 81 4.74 3.98 -5.89
CA ALA A 81 5.65 2.85 -6.00
C ALA A 81 5.58 1.99 -4.75
N LYS A 82 5.48 2.63 -3.59
CA LYS A 82 5.37 1.88 -2.35
C LYS A 82 4.01 1.22 -2.26
N ALA A 83 3.00 1.84 -2.87
CA ALA A 83 1.69 1.22 -3.02
C ALA A 83 1.81 -0.02 -3.88
N TYR A 84 2.52 0.11 -5.01
CA TYR A 84 2.80 -1.02 -5.88
C TYR A 84 3.54 -2.10 -5.13
N ALA A 85 4.51 -1.68 -4.33
CA ALA A 85 5.30 -2.61 -3.57
C ALA A 85 4.44 -3.36 -2.56
N ARG A 86 3.51 -2.66 -1.92
CA ARG A 86 2.60 -3.32 -0.97
C ARG A 86 1.70 -4.30 -1.70
N ILE A 87 1.26 -3.92 -2.89
CA ILE A 87 0.47 -4.82 -3.73
C ILE A 87 1.27 -6.07 -4.02
N GLY A 88 2.50 -5.86 -4.49
CA GLY A 88 3.39 -6.96 -4.76
C GLY A 88 3.67 -7.77 -3.51
N ASN A 89 3.85 -7.08 -2.38
CA ASN A 89 4.13 -7.75 -1.12
C ASN A 89 2.95 -8.60 -0.70
N SER A 90 1.75 -8.10 -0.94
CA SER A 90 0.53 -8.82 -0.61
C SER A 90 0.51 -10.16 -1.36
N TYR A 91 0.77 -10.09 -2.65
CA TYR A 91 0.90 -11.28 -3.48
C TYR A 91 2.06 -12.13 -2.98
N PHE A 92 3.16 -11.47 -2.66
CA PHE A 92 4.37 -12.11 -2.14
C PHE A 92 4.05 -12.94 -0.89
N LYS A 93 3.25 -12.37 0.00
CA LYS A 93 2.87 -13.06 1.23
C LYS A 93 1.89 -14.19 0.93
N GLU A 94 1.09 -14.02 -0.12
CA GLU A 94 0.03 -14.96 -0.42
C GLU A 94 0.49 -16.02 -1.43
N GLU A 95 1.78 -15.98 -1.75
CA GLU A 95 2.43 -16.94 -2.65
C GLU A 95 2.07 -16.68 -4.13
N LYS A 96 1.44 -15.52 -4.37
CA LYS A 96 1.05 -15.11 -5.70
C LYS A 96 2.17 -14.32 -6.37
N TYR A 97 3.35 -14.93 -6.44
CA TYR A 97 4.57 -14.24 -6.87
C TYR A 97 4.48 -13.74 -8.31
N LYS A 98 3.72 -14.44 -9.16
CA LYS A 98 3.55 -14.00 -10.55
C LYS A 98 3.00 -12.57 -10.58
N ASP A 99 2.01 -12.32 -9.74
CA ASP A 99 1.39 -11.02 -9.67
C ASP A 99 2.21 -10.08 -8.80
N ALA A 100 2.98 -10.65 -7.87
CA ALA A 100 3.87 -9.88 -7.01
C ALA A 100 4.90 -9.14 -7.85
N ILE A 101 5.65 -9.90 -8.65
CA ILE A 101 6.68 -9.35 -9.52
C ILE A 101 6.10 -8.32 -10.49
N HIS A 102 4.87 -8.57 -10.95
CA HIS A 102 4.19 -7.64 -11.85
C HIS A 102 4.14 -6.23 -11.23
N PHE A 103 3.54 -6.13 -10.06
CA PHE A 103 3.36 -4.84 -9.41
C PHE A 103 4.66 -4.36 -8.79
N TYR A 104 5.58 -5.28 -8.53
CA TYR A 104 6.93 -4.91 -8.12
C TYR A 104 7.58 -4.07 -9.22
N ASN A 105 7.62 -4.62 -10.43
CA ASN A 105 8.17 -3.92 -11.59
C ASN A 105 7.43 -2.61 -11.83
N LYS A 106 6.15 -2.61 -11.49
CA LYS A 106 5.34 -1.39 -11.55
C LYS A 106 5.84 -0.34 -10.57
N SER A 107 6.38 -0.80 -9.44
CA SER A 107 6.99 0.11 -8.48
C SER A 107 8.29 0.64 -9.04
N LEU A 108 9.07 -0.25 -9.66
CA LEU A 108 10.28 0.15 -10.38
C LEU A 108 9.92 1.14 -11.49
N ALA A 109 8.68 1.04 -11.95
CA ALA A 109 8.17 1.87 -13.02
C ALA A 109 7.95 3.31 -12.57
N GLU A 110 7.56 3.48 -11.31
CA GLU A 110 7.29 4.81 -10.77
C GLU A 110 8.47 5.33 -9.95
N HIS A 111 8.93 4.53 -9.01
CA HIS A 111 10.01 4.96 -8.12
C HIS A 111 10.96 3.79 -7.88
N ARG A 112 12.05 3.77 -8.65
CA ARG A 112 13.02 2.70 -8.59
C ARG A 112 13.69 2.63 -7.22
N THR A 113 13.30 1.62 -6.45
CA THR A 113 13.84 1.44 -5.12
C THR A 113 14.38 0.03 -4.94
N PRO A 114 15.58 -0.04 -4.33
CA PRO A 114 16.31 -1.28 -4.07
C PRO A 114 15.48 -2.37 -3.40
N ASP A 115 14.55 -1.97 -2.53
CA ASP A 115 13.75 -2.93 -1.79
C ASP A 115 12.77 -3.66 -2.68
N VAL A 116 12.08 -2.95 -3.55
CA VAL A 116 11.14 -3.60 -4.45
C VAL A 116 11.90 -4.40 -5.50
N LEU A 117 13.06 -3.89 -5.89
CA LEU A 117 13.94 -4.61 -6.79
C LEU A 117 14.37 -5.92 -6.14
N LYS A 118 14.77 -5.81 -4.88
CA LYS A 118 15.10 -6.97 -4.05
C LYS A 118 13.93 -7.93 -3.99
N LYS A 119 12.75 -7.38 -3.71
CA LYS A 119 11.53 -8.16 -3.64
C LYS A 119 11.19 -8.80 -4.97
N CYS A 120 11.41 -8.06 -6.04
CA CYS A 120 11.08 -8.53 -7.37
C CYS A 120 11.93 -9.74 -7.72
N GLN A 121 13.23 -9.63 -7.47
CA GLN A 121 14.13 -10.75 -7.69
C GLN A 121 13.82 -11.88 -6.73
N GLN A 122 13.50 -11.52 -5.48
CA GLN A 122 13.17 -12.49 -4.45
C GLN A 122 11.98 -13.34 -4.86
N ALA A 123 10.87 -12.68 -5.17
CA ALA A 123 9.65 -13.38 -5.54
C ALA A 123 9.85 -14.21 -6.79
N GLU A 124 10.70 -13.71 -7.69
CA GLU A 124 10.97 -14.39 -8.93
C GLU A 124 11.70 -15.69 -8.68
N LYS A 125 12.77 -15.64 -7.90
CA LYS A 125 13.56 -16.83 -7.58
C LYS A 125 12.76 -17.79 -6.70
N ILE A 126 11.98 -17.23 -5.78
CA ILE A 126 11.06 -18.02 -4.96
C ILE A 126 10.06 -18.76 -5.83
N LEU A 127 9.46 -18.03 -6.76
CA LEU A 127 8.44 -18.58 -7.65
C LEU A 127 9.00 -19.74 -8.47
N LYS A 128 10.25 -19.61 -8.89
CA LYS A 128 10.91 -20.66 -9.66
C LYS A 128 10.97 -21.97 -8.86
N GLU A 129 11.11 -21.82 -7.54
CA GLU A 129 11.14 -22.98 -6.65
C GLU A 129 9.74 -23.52 -6.42
N GLN A 130 8.77 -22.63 -6.53
CA GLN A 130 7.38 -22.98 -6.24
C GLN A 130 6.75 -23.75 -7.40
N GLU A 131 7.31 -23.59 -8.58
CA GLU A 131 6.85 -24.31 -9.75
C GLU A 131 8.03 -24.82 -10.57
N GLU A 1 -9.39 22.91 6.94
CA GLU A 1 -9.75 22.00 5.82
C GLU A 1 -9.52 20.56 6.22
N ASN A 2 -10.34 19.66 5.67
CA ASN A 2 -10.28 18.24 6.00
C ASN A 2 -8.99 17.61 5.48
N LYS A 3 -8.35 18.25 4.50
CA LYS A 3 -7.07 17.77 3.99
C LYS A 3 -6.03 17.67 5.12
N LYS A 4 -5.85 18.77 5.85
CA LYS A 4 -4.89 18.81 6.93
C LYS A 4 -5.35 17.91 8.08
N GLN A 5 -6.66 17.89 8.29
CA GLN A 5 -7.27 17.00 9.26
C GLN A 5 -7.05 15.55 8.87
N ALA A 6 -7.04 15.29 7.57
CA ALA A 6 -6.81 13.95 7.05
C ALA A 6 -5.39 13.49 7.35
N LEU A 7 -4.45 14.43 7.32
CA LEU A 7 -3.08 14.13 7.76
C LEU A 7 -3.10 13.71 9.22
N LYS A 8 -3.85 14.47 10.01
CA LYS A 8 -4.02 14.19 11.43
C LYS A 8 -4.61 12.79 11.63
N GLU A 9 -5.66 12.48 10.87
CA GLU A 9 -6.29 11.16 10.92
C GLU A 9 -5.32 10.08 10.45
N LYS A 10 -4.52 10.41 9.44
CA LYS A 10 -3.51 9.48 8.95
C LYS A 10 -2.47 9.20 10.05
N GLU A 11 -2.08 10.26 10.77
CA GLU A 11 -1.13 10.13 11.87
C GLU A 11 -1.74 9.36 13.03
N LEU A 12 -3.01 9.65 13.33
CA LEU A 12 -3.73 8.96 14.39
C LEU A 12 -3.87 7.48 14.07
N GLY A 13 -4.16 7.18 12.81
CA GLY A 13 -4.21 5.80 12.37
C GLY A 13 -2.85 5.15 12.45
N ASN A 14 -1.85 5.80 11.88
CA ASN A 14 -0.47 5.31 11.90
C ASN A 14 0.02 5.09 13.33
N ASP A 15 -0.39 5.97 14.23
CA ASP A 15 0.04 5.90 15.61
C ASP A 15 -0.51 4.65 16.28
N ALA A 16 -1.78 4.36 16.02
CA ALA A 16 -2.41 3.14 16.51
C ALA A 16 -1.85 1.93 15.78
N TYR A 17 -1.50 2.14 14.51
CA TYR A 17 -0.85 1.14 13.68
C TYR A 17 0.44 0.66 14.34
N LYS A 18 1.17 1.61 14.90
CA LYS A 18 2.43 1.34 15.60
C LYS A 18 2.17 0.67 16.95
N LYS A 19 0.95 0.80 17.44
CA LYS A 19 0.57 0.25 18.75
C LYS A 19 -0.16 -1.08 18.59
N LYS A 20 -0.10 -1.64 17.38
CA LYS A 20 -0.76 -2.91 17.07
C LYS A 20 -2.27 -2.81 17.28
N ASP A 21 -2.79 -1.60 17.26
CA ASP A 21 -4.22 -1.39 17.31
C ASP A 21 -4.70 -1.15 15.90
N PHE A 22 -4.53 -2.17 15.07
CA PHE A 22 -4.70 -2.07 13.62
C PHE A 22 -6.12 -1.67 13.24
N ASP A 23 -7.11 -2.06 14.03
CA ASP A 23 -8.48 -1.65 13.77
C ASP A 23 -8.65 -0.16 13.99
N THR A 24 -8.09 0.35 15.08
CA THR A 24 -8.11 1.77 15.36
C THR A 24 -7.25 2.51 14.34
N ALA A 25 -6.16 1.88 13.93
CA ALA A 25 -5.29 2.42 12.90
C ALA A 25 -6.06 2.64 11.61
N LEU A 26 -6.64 1.55 11.11
CA LEU A 26 -7.38 1.58 9.87
C LEU A 26 -8.61 2.49 10.01
N LYS A 27 -9.10 2.60 11.24
CA LYS A 27 -10.26 3.43 11.52
C LYS A 27 -9.97 4.90 11.22
N HIS A 28 -8.84 5.41 11.71
CA HIS A 28 -8.46 6.80 11.43
C HIS A 28 -7.95 6.92 10.00
N TYR A 29 -7.25 5.89 9.55
CA TYR A 29 -6.75 5.84 8.19
C TYR A 29 -7.91 5.97 7.20
N ASP A 30 -9.01 5.29 7.50
CA ASP A 30 -10.21 5.38 6.69
C ASP A 30 -10.84 6.75 6.81
N LYS A 31 -10.83 7.28 8.03
CA LYS A 31 -11.34 8.61 8.31
C LYS A 31 -10.60 9.65 7.48
N ALA A 32 -9.28 9.50 7.39
CA ALA A 32 -8.45 10.39 6.60
C ALA A 32 -8.86 10.34 5.13
N LYS A 33 -9.33 9.19 4.69
CA LYS A 33 -9.80 9.02 3.31
C LYS A 33 -11.16 9.66 3.12
N GLU A 34 -11.90 9.81 4.22
CA GLU A 34 -13.17 10.52 4.18
C GLU A 34 -12.92 12.02 4.19
N LEU A 35 -11.83 12.40 4.85
CA LEU A 35 -11.43 13.80 4.92
C LEU A 35 -10.80 14.23 3.61
N ASP A 36 -9.93 13.40 3.06
CA ASP A 36 -9.43 13.64 1.72
C ASP A 36 -9.21 12.34 0.95
N PRO A 37 -10.20 11.95 0.14
CA PRO A 37 -10.14 10.72 -0.66
C PRO A 37 -9.19 10.85 -1.85
N THR A 38 -8.84 12.08 -2.18
CA THR A 38 -7.97 12.33 -3.32
C THR A 38 -6.51 12.20 -2.93
N ASN A 39 -6.26 12.06 -1.64
CA ASN A 39 -4.92 11.84 -1.14
C ASN A 39 -4.65 10.34 -1.07
N MET A 40 -4.05 9.84 -2.14
CA MET A 40 -3.82 8.41 -2.31
C MET A 40 -3.09 7.80 -1.10
N THR A 41 -2.27 8.63 -0.46
CA THR A 41 -1.42 8.19 0.63
C THR A 41 -2.24 7.60 1.78
N TYR A 42 -3.44 8.13 2.00
CA TYR A 42 -4.26 7.67 3.09
C TYR A 42 -4.77 6.27 2.81
N ILE A 43 -5.21 6.10 1.58
CA ILE A 43 -5.83 4.87 1.14
C ILE A 43 -4.85 3.70 1.19
N THR A 44 -3.62 3.94 0.73
CA THR A 44 -2.61 2.89 0.69
C THR A 44 -2.22 2.47 2.11
N ASN A 45 -2.29 3.41 3.02
CA ASN A 45 -1.92 3.16 4.41
C ASN A 45 -3.02 2.41 5.14
N GLN A 46 -4.27 2.56 4.69
CA GLN A 46 -5.35 1.71 5.19
C GLN A 46 -5.08 0.30 4.74
N ALA A 47 -4.70 0.20 3.48
CA ALA A 47 -4.34 -1.06 2.85
C ALA A 47 -3.23 -1.74 3.62
N ALA A 48 -2.25 -0.93 4.06
CA ALA A 48 -1.15 -1.40 4.88
C ALA A 48 -1.66 -2.10 6.13
N VAL A 49 -2.76 -1.61 6.68
CA VAL A 49 -3.34 -2.22 7.86
C VAL A 49 -3.89 -3.59 7.51
N TYR A 50 -4.64 -3.68 6.42
CA TYR A 50 -5.19 -4.95 5.96
C TYR A 50 -4.08 -5.97 5.77
N PHE A 51 -2.95 -5.49 5.26
CA PHE A 51 -1.76 -6.31 5.10
C PHE A 51 -1.37 -6.92 6.45
N GLU A 52 -1.34 -6.08 7.47
CA GLU A 52 -1.04 -6.50 8.83
C GLU A 52 -2.21 -7.32 9.42
N LYS A 53 -3.41 -7.07 8.91
CA LYS A 53 -4.62 -7.74 9.39
C LYS A 53 -4.70 -9.16 8.84
N GLY A 54 -4.00 -9.42 7.75
CA GLY A 54 -4.06 -10.73 7.11
C GLY A 54 -4.89 -10.69 5.83
N ASP A 55 -5.42 -9.53 5.52
CA ASP A 55 -6.24 -9.34 4.33
C ASP A 55 -5.38 -8.77 3.21
N TYR A 56 -4.59 -9.64 2.59
CA TYR A 56 -3.64 -9.22 1.57
C TYR A 56 -4.37 -8.79 0.30
N ASN A 57 -5.54 -9.36 0.05
CA ASN A 57 -6.32 -9.01 -1.12
C ASN A 57 -6.85 -7.58 -1.01
N LYS A 58 -7.30 -7.20 0.18
CA LYS A 58 -7.82 -5.85 0.40
C LYS A 58 -6.70 -4.83 0.36
N CYS A 59 -5.51 -5.24 0.79
CA CYS A 59 -4.35 -4.37 0.71
C CYS A 59 -4.10 -4.01 -0.75
N ARG A 60 -4.10 -5.02 -1.63
CA ARG A 60 -4.00 -4.80 -3.06
C ARG A 60 -5.17 -3.94 -3.54
N GLU A 61 -6.37 -4.28 -3.05
CA GLU A 61 -7.60 -3.59 -3.41
C GLU A 61 -7.45 -2.08 -3.26
N LEU A 62 -7.09 -1.66 -2.05
CA LEU A 62 -7.02 -0.25 -1.73
C LEU A 62 -5.81 0.43 -2.35
N CYS A 63 -4.68 -0.27 -2.41
CA CYS A 63 -3.47 0.32 -2.99
C CYS A 63 -3.69 0.68 -4.45
N GLU A 64 -4.24 -0.26 -5.22
CA GLU A 64 -4.53 -0.03 -6.64
C GLU A 64 -5.52 1.12 -6.81
N LYS A 65 -6.50 1.18 -5.91
CA LYS A 65 -7.49 2.26 -5.91
C LYS A 65 -6.81 3.59 -5.64
N ALA A 66 -5.98 3.60 -4.61
CA ALA A 66 -5.21 4.79 -4.25
C ALA A 66 -4.30 5.20 -5.39
N ILE A 67 -3.67 4.23 -6.00
CA ILE A 67 -2.81 4.48 -7.14
C ILE A 67 -3.60 5.10 -8.27
N GLU A 68 -4.78 4.54 -8.52
CA GLU A 68 -5.67 5.07 -9.54
C GLU A 68 -6.02 6.52 -9.21
N VAL A 69 -6.36 6.75 -7.96
CA VAL A 69 -6.70 8.09 -7.45
C VAL A 69 -5.51 9.05 -7.54
N GLY A 70 -4.35 8.59 -7.10
CA GLY A 70 -3.18 9.45 -7.07
C GLY A 70 -2.65 9.72 -8.45
N ARG A 71 -2.66 8.70 -9.30
CA ARG A 71 -2.20 8.84 -10.67
C ARG A 71 -3.17 9.76 -11.43
N GLU A 72 -4.40 9.76 -10.97
CA GLU A 72 -5.43 10.67 -11.46
C GLU A 72 -5.16 12.09 -10.97
N ASN A 73 -5.01 12.22 -9.66
CA ASN A 73 -4.86 13.53 -9.00
C ASN A 73 -3.39 13.92 -8.87
N ARG A 74 -2.56 13.41 -9.77
CA ARG A 74 -1.14 13.79 -9.89
C ARG A 74 -0.41 13.79 -8.54
N GLU A 75 -0.75 12.82 -7.72
CA GLU A 75 -0.20 12.68 -6.38
C GLU A 75 1.22 12.09 -6.45
N ASP A 76 1.93 12.18 -5.33
CA ASP A 76 3.29 11.65 -5.21
C ASP A 76 3.37 10.20 -5.67
N TYR A 77 4.03 9.99 -6.81
CA TYR A 77 4.17 8.66 -7.39
C TYR A 77 5.08 7.78 -6.55
N ARG A 78 5.85 8.41 -5.66
CA ARG A 78 6.72 7.67 -4.78
C ARG A 78 5.89 6.81 -3.84
N GLN A 79 4.78 7.38 -3.37
CA GLN A 79 3.81 6.62 -2.57
C GLN A 79 3.16 5.55 -3.43
N ILE A 80 2.90 5.89 -4.69
CA ILE A 80 2.35 4.95 -5.64
C ILE A 80 3.24 3.74 -5.80
N ALA A 81 4.54 3.96 -5.87
CA ALA A 81 5.50 2.86 -5.97
C ALA A 81 5.48 2.01 -4.70
N LYS A 82 5.28 2.65 -3.56
CA LYS A 82 5.19 1.93 -2.31
C LYS A 82 3.84 1.21 -2.23
N ALA A 83 2.84 1.80 -2.88
CA ALA A 83 1.55 1.17 -3.02
C ALA A 83 1.68 -0.08 -3.88
N TYR A 84 2.41 0.05 -4.98
CA TYR A 84 2.73 -1.09 -5.83
C TYR A 84 3.49 -2.13 -5.05
N ALA A 85 4.40 -1.67 -4.21
CA ALA A 85 5.19 -2.57 -3.38
C ALA A 85 4.30 -3.29 -2.37
N ARG A 86 3.30 -2.59 -1.85
CA ARG A 86 2.34 -3.22 -0.95
C ARG A 86 1.46 -4.20 -1.72
N ILE A 87 1.00 -3.79 -2.89
CA ILE A 87 0.22 -4.66 -3.77
C ILE A 87 1.00 -5.92 -4.06
N GLY A 88 2.20 -5.74 -4.57
CA GLY A 88 3.05 -6.85 -4.90
C GLY A 88 3.39 -7.69 -3.69
N ASN A 89 3.61 -7.04 -2.55
CA ASN A 89 3.99 -7.76 -1.35
C ASN A 89 2.81 -8.54 -0.80
N SER A 90 1.61 -8.05 -1.04
CA SER A 90 0.40 -8.78 -0.69
C SER A 90 0.36 -10.09 -1.45
N TYR A 91 0.63 -10.00 -2.74
CA TYR A 91 0.77 -11.16 -3.60
C TYR A 91 1.93 -12.03 -3.13
N PHE A 92 3.02 -11.36 -2.75
CA PHE A 92 4.22 -12.02 -2.25
C PHE A 92 3.90 -12.88 -1.02
N LYS A 93 3.06 -12.36 -0.14
CA LYS A 93 2.69 -13.09 1.07
C LYS A 93 1.69 -14.20 0.74
N GLU A 94 0.90 -14.01 -0.31
CA GLU A 94 -0.17 -14.93 -0.63
C GLU A 94 0.30 -15.99 -1.63
N GLU A 95 1.61 -15.93 -1.97
CA GLU A 95 2.25 -16.89 -2.88
C GLU A 95 1.83 -16.63 -4.33
N LYS A 96 1.41 -15.41 -4.60
CA LYS A 96 1.04 -14.96 -5.93
C LYS A 96 2.18 -14.14 -6.52
N TYR A 97 3.33 -14.76 -6.59
CA TYR A 97 4.59 -14.08 -6.94
C TYR A 97 4.59 -13.50 -8.35
N LYS A 98 3.92 -14.17 -9.29
CA LYS A 98 3.85 -13.65 -10.65
C LYS A 98 3.16 -12.30 -10.66
N ASP A 99 2.16 -12.17 -9.80
CA ASP A 99 1.45 -10.92 -9.63
C ASP A 99 2.29 -9.95 -8.80
N ALA A 100 3.00 -10.50 -7.84
CA ALA A 100 3.89 -9.72 -6.98
C ALA A 100 4.90 -8.93 -7.81
N ILE A 101 5.69 -9.66 -8.58
CA ILE A 101 6.76 -9.08 -9.39
C ILE A 101 6.20 -8.11 -10.42
N HIS A 102 5.02 -8.42 -10.96
CA HIS A 102 4.39 -7.54 -11.93
C HIS A 102 4.26 -6.13 -11.37
N PHE A 103 3.65 -6.03 -10.20
CA PHE A 103 3.42 -4.74 -9.59
C PHE A 103 4.67 -4.19 -8.95
N TYR A 104 5.61 -5.06 -8.57
CA TYR A 104 6.92 -4.63 -8.10
C TYR A 104 7.65 -3.85 -9.18
N ASN A 105 7.73 -4.43 -10.38
CA ASN A 105 8.38 -3.74 -11.49
C ASN A 105 7.60 -2.47 -11.84
N LYS A 106 6.31 -2.47 -11.52
CA LYS A 106 5.48 -1.28 -11.61
C LYS A 106 5.88 -0.26 -10.55
N SER A 107 6.34 -0.78 -9.40
CA SER A 107 6.84 0.05 -8.33
C SER A 107 8.14 0.70 -8.79
N LEU A 108 9.02 -0.12 -9.37
CA LEU A 108 10.26 0.36 -9.98
C LEU A 108 9.96 1.34 -11.11
N ALA A 109 8.80 1.16 -11.73
CA ALA A 109 8.36 1.99 -12.85
C ALA A 109 8.08 3.43 -12.39
N GLU A 110 7.58 3.58 -11.18
CA GLU A 110 7.24 4.90 -10.67
C GLU A 110 8.35 5.48 -9.81
N HIS A 111 8.84 4.68 -8.87
CA HIS A 111 9.85 5.13 -7.91
C HIS A 111 10.81 3.99 -7.61
N ARG A 112 11.94 4.03 -8.30
CA ARG A 112 12.93 2.96 -8.26
C ARG A 112 13.62 2.92 -6.90
N THR A 113 13.22 1.96 -6.08
CA THR A 113 13.75 1.82 -4.73
C THR A 113 14.21 0.40 -4.45
N PRO A 114 15.27 0.27 -3.64
CA PRO A 114 15.99 -0.98 -3.43
C PRO A 114 15.14 -2.05 -2.73
N ASP A 115 14.18 -1.62 -1.93
CA ASP A 115 13.32 -2.56 -1.21
C ASP A 115 12.45 -3.35 -2.18
N VAL A 116 11.82 -2.66 -3.12
CA VAL A 116 10.97 -3.34 -4.08
C VAL A 116 11.81 -4.11 -5.06
N LEU A 117 12.99 -3.60 -5.37
CA LEU A 117 13.93 -4.30 -6.23
C LEU A 117 14.34 -5.60 -5.56
N LYS A 118 14.67 -5.49 -4.27
CA LYS A 118 14.95 -6.63 -3.42
C LYS A 118 13.81 -7.64 -3.45
N LYS A 119 12.59 -7.12 -3.28
CA LYS A 119 11.40 -7.93 -3.29
C LYS A 119 11.14 -8.58 -4.63
N CYS A 120 11.34 -7.81 -5.69
CA CYS A 120 11.08 -8.27 -7.03
C CYS A 120 11.98 -9.47 -7.33
N GLN A 121 13.27 -9.32 -7.04
CA GLN A 121 14.22 -10.39 -7.25
C GLN A 121 13.92 -11.55 -6.32
N GLN A 122 13.47 -11.24 -5.11
CA GLN A 122 13.16 -12.25 -4.11
C GLN A 122 12.03 -13.15 -4.60
N ALA A 123 10.98 -12.54 -5.14
CA ALA A 123 9.81 -13.29 -5.56
C ALA A 123 10.11 -14.19 -6.75
N GLU A 124 10.93 -13.71 -7.69
CA GLU A 124 11.24 -14.50 -8.89
C GLU A 124 12.21 -15.64 -8.57
N LYS A 125 13.11 -15.42 -7.61
CA LYS A 125 14.00 -16.51 -7.16
C LYS A 125 13.23 -17.50 -6.30
N ILE A 126 12.23 -17.00 -5.58
CA ILE A 126 11.31 -17.84 -4.83
C ILE A 126 10.49 -18.69 -5.79
N LEU A 127 9.95 -18.07 -6.83
CA LEU A 127 9.17 -18.79 -7.83
C LEU A 127 10.05 -19.80 -8.56
N LYS A 128 11.34 -19.48 -8.68
CA LYS A 128 12.30 -20.41 -9.25
C LYS A 128 12.33 -21.71 -8.44
N GLU A 129 12.19 -21.56 -7.12
CA GLU A 129 12.14 -22.71 -6.23
C GLU A 129 10.77 -23.37 -6.29
N GLN A 130 9.75 -22.59 -6.66
CA GLN A 130 8.38 -23.06 -6.70
C GLN A 130 8.11 -23.88 -7.96
N GLU A 131 8.85 -23.59 -9.03
CA GLU A 131 8.69 -24.29 -10.29
C GLU A 131 9.13 -25.75 -10.16
N GLU A 1 -11.55 22.78 6.03
CA GLU A 1 -11.23 21.75 5.01
C GLU A 1 -10.91 20.42 5.67
N ASN A 2 -11.45 19.35 5.11
CA ASN A 2 -11.29 18.02 5.69
C ASN A 2 -9.91 17.46 5.38
N LYS A 3 -9.29 17.96 4.33
CA LYS A 3 -7.98 17.49 3.89
C LYS A 3 -6.95 17.60 5.02
N LYS A 4 -7.01 18.69 5.78
CA LYS A 4 -6.06 18.91 6.86
C LYS A 4 -6.39 18.04 8.06
N GLN A 5 -7.69 17.92 8.35
CA GLN A 5 -8.15 17.03 9.40
C GLN A 5 -7.85 15.58 9.03
N ALA A 6 -7.88 15.30 7.73
CA ALA A 6 -7.57 13.97 7.21
C ALA A 6 -6.14 13.59 7.56
N LEU A 7 -5.26 14.59 7.59
CA LEU A 7 -3.89 14.37 8.02
C LEU A 7 -3.85 13.93 9.46
N LYS A 8 -4.64 14.59 10.30
CA LYS A 8 -4.73 14.24 11.70
C LYS A 8 -5.28 12.83 11.85
N GLU A 9 -6.30 12.50 11.06
CA GLU A 9 -6.87 11.15 11.06
C GLU A 9 -5.83 10.14 10.59
N LYS A 10 -5.00 10.53 9.63
CA LYS A 10 -3.93 9.66 9.16
C LYS A 10 -2.92 9.43 10.27
N GLU A 11 -2.65 10.48 11.05
CA GLU A 11 -1.75 10.39 12.19
C GLU A 11 -2.37 9.57 13.32
N LEU A 12 -3.66 9.77 13.56
CA LEU A 12 -4.37 9.02 14.57
C LEU A 12 -4.42 7.54 14.21
N GLY A 13 -4.64 7.27 12.92
CA GLY A 13 -4.57 5.90 12.44
C GLY A 13 -3.18 5.34 12.57
N ASN A 14 -2.20 6.08 12.06
CA ASN A 14 -0.80 5.66 12.15
C ASN A 14 -0.36 5.48 13.60
N ASP A 15 -0.89 6.31 14.48
CA ASP A 15 -0.58 6.25 15.90
C ASP A 15 -1.06 4.93 16.50
N ALA A 16 -2.30 4.60 16.21
CA ALA A 16 -2.87 3.33 16.64
C ALA A 16 -2.16 2.18 15.93
N TYR A 17 -1.74 2.44 14.70
CA TYR A 17 -0.96 1.51 13.90
C TYR A 17 0.34 1.15 14.60
N LYS A 18 0.93 2.15 15.25
CA LYS A 18 2.19 1.98 15.99
C LYS A 18 1.92 1.28 17.32
N LYS A 19 0.67 1.24 17.73
CA LYS A 19 0.28 0.68 19.01
C LYS A 19 -0.35 -0.70 18.82
N LYS A 20 -0.29 -1.20 17.59
CA LYS A 20 -0.89 -2.49 17.24
C LYS A 20 -2.39 -2.49 17.48
N ASP A 21 -2.99 -1.31 17.42
CA ASP A 21 -4.43 -1.21 17.46
C ASP A 21 -4.91 -1.05 16.03
N PHE A 22 -4.66 -2.08 15.23
CA PHE A 22 -4.81 -2.01 13.79
C PHE A 22 -6.26 -1.75 13.37
N ASP A 23 -7.22 -2.18 14.18
CA ASP A 23 -8.63 -1.87 13.89
C ASP A 23 -8.86 -0.38 13.98
N THR A 24 -8.40 0.21 15.07
CA THR A 24 -8.52 1.64 15.29
C THR A 24 -7.65 2.42 14.31
N ALA A 25 -6.49 1.85 13.97
CA ALA A 25 -5.60 2.44 12.98
C ALA A 25 -6.31 2.55 11.64
N LEU A 26 -6.77 1.41 11.15
CA LEU A 26 -7.47 1.31 9.88
C LEU A 26 -8.73 2.17 9.91
N LYS A 27 -9.26 2.38 11.11
CA LYS A 27 -10.47 3.14 11.32
C LYS A 27 -10.24 4.64 11.07
N HIS A 28 -9.18 5.20 11.67
CA HIS A 28 -8.86 6.61 11.43
C HIS A 28 -8.33 6.80 10.04
N TYR A 29 -7.61 5.81 9.54
CA TYR A 29 -7.15 5.83 8.18
C TYR A 29 -8.35 5.89 7.23
N ASP A 30 -9.42 5.22 7.60
CA ASP A 30 -10.67 5.27 6.84
C ASP A 30 -11.29 6.64 6.98
N LYS A 31 -11.23 7.18 8.18
CA LYS A 31 -11.73 8.51 8.46
C LYS A 31 -10.98 9.55 7.63
N ALA A 32 -9.67 9.37 7.53
CA ALA A 32 -8.84 10.26 6.72
C ALA A 32 -9.21 10.13 5.25
N LYS A 33 -9.46 8.90 4.81
CA LYS A 33 -9.91 8.63 3.45
C LYS A 33 -11.30 9.21 3.22
N GLU A 34 -12.08 9.26 4.30
CA GLU A 34 -13.41 9.85 4.29
C GLU A 34 -13.30 11.37 4.22
N LEU A 35 -12.33 11.91 4.93
CA LEU A 35 -12.07 13.35 4.94
C LEU A 35 -11.50 13.81 3.61
N ASP A 36 -10.46 13.14 3.14
CA ASP A 36 -9.97 13.41 1.81
C ASP A 36 -9.58 12.13 1.08
N PRO A 37 -10.40 11.72 0.11
CA PRO A 37 -10.16 10.53 -0.71
C PRO A 37 -9.10 10.75 -1.78
N THR A 38 -8.88 12.01 -2.16
CA THR A 38 -7.95 12.33 -3.24
C THR A 38 -6.50 12.25 -2.75
N ASN A 39 -6.33 12.23 -1.44
CA ASN A 39 -5.03 11.99 -0.85
C ASN A 39 -4.79 10.51 -0.78
N MET A 40 -4.18 9.98 -1.84
CA MET A 40 -3.97 8.55 -2.00
C MET A 40 -3.26 7.93 -0.79
N THR A 41 -2.47 8.74 -0.10
CA THR A 41 -1.70 8.28 1.04
C THR A 41 -2.58 7.69 2.13
N TYR A 42 -3.80 8.21 2.28
CA TYR A 42 -4.70 7.73 3.31
C TYR A 42 -5.17 6.33 2.97
N ILE A 43 -5.28 6.09 1.68
CA ILE A 43 -5.77 4.83 1.18
C ILE A 43 -4.66 3.78 1.21
N THR A 44 -3.45 4.19 0.84
CA THR A 44 -2.32 3.29 0.84
C THR A 44 -1.94 2.90 2.26
N ASN A 45 -2.02 3.86 3.16
CA ASN A 45 -1.76 3.61 4.58
C ASN A 45 -2.85 2.73 5.17
N GLN A 46 -4.07 2.90 4.68
CA GLN A 46 -5.16 2.00 5.01
C GLN A 46 -4.81 0.58 4.60
N ALA A 47 -4.36 0.46 3.37
CA ALA A 47 -3.96 -0.82 2.79
C ALA A 47 -2.83 -1.46 3.60
N ALA A 48 -2.01 -0.62 4.23
CA ALA A 48 -0.93 -1.11 5.07
C ALA A 48 -1.46 -1.84 6.29
N VAL A 49 -2.57 -1.37 6.83
CA VAL A 49 -3.16 -2.01 7.99
C VAL A 49 -3.67 -3.39 7.63
N TYR A 50 -4.33 -3.51 6.48
CA TYR A 50 -4.83 -4.80 6.01
C TYR A 50 -3.68 -5.78 5.89
N PHE A 51 -2.50 -5.26 5.52
CA PHE A 51 -1.31 -6.08 5.39
C PHE A 51 -0.94 -6.65 6.75
N GLU A 52 -1.08 -5.83 7.78
CA GLU A 52 -0.85 -6.26 9.16
C GLU A 52 -2.01 -7.13 9.64
N LYS A 53 -3.20 -6.84 9.12
CA LYS A 53 -4.42 -7.54 9.52
C LYS A 53 -4.46 -8.96 8.93
N GLY A 54 -3.73 -9.16 7.84
CA GLY A 54 -3.73 -10.44 7.17
C GLY A 54 -4.73 -10.48 6.03
N ASP A 55 -5.18 -9.30 5.63
CA ASP A 55 -6.17 -9.17 4.57
C ASP A 55 -5.48 -8.76 3.28
N TYR A 56 -4.57 -9.60 2.81
CA TYR A 56 -3.72 -9.27 1.67
C TYR A 56 -4.54 -8.97 0.42
N ASN A 57 -5.71 -9.59 0.32
CA ASN A 57 -6.62 -9.31 -0.78
C ASN A 57 -7.00 -7.83 -0.80
N LYS A 58 -7.29 -7.30 0.37
CA LYS A 58 -7.75 -5.92 0.49
C LYS A 58 -6.58 -4.94 0.37
N CYS A 59 -5.40 -5.34 0.81
CA CYS A 59 -4.24 -4.48 0.75
C CYS A 59 -3.96 -4.13 -0.71
N ARG A 60 -4.06 -5.14 -1.57
CA ARG A 60 -3.95 -4.94 -3.00
C ARG A 60 -5.06 -4.04 -3.50
N GLU A 61 -6.29 -4.32 -3.06
CA GLU A 61 -7.47 -3.56 -3.46
C GLU A 61 -7.25 -2.05 -3.34
N LEU A 62 -6.86 -1.63 -2.15
CA LEU A 62 -6.77 -0.22 -1.83
C LEU A 62 -5.54 0.44 -2.44
N CYS A 63 -4.44 -0.29 -2.56
CA CYS A 63 -3.21 0.31 -3.08
C CYS A 63 -3.36 0.76 -4.52
N GLU A 64 -3.83 -0.11 -5.41
CA GLU A 64 -4.02 0.26 -6.81
C GLU A 64 -5.18 1.25 -6.96
N LYS A 65 -6.09 1.25 -5.99
CA LYS A 65 -7.15 2.24 -5.94
C LYS A 65 -6.55 3.59 -5.60
N ALA A 66 -5.72 3.60 -4.57
CA ALA A 66 -5.01 4.80 -4.16
C ALA A 66 -4.12 5.29 -5.28
N ILE A 67 -3.45 4.38 -5.94
CA ILE A 67 -2.61 4.74 -7.08
C ILE A 67 -3.45 5.37 -8.17
N GLU A 68 -4.61 4.79 -8.45
CA GLU A 68 -5.53 5.36 -9.42
C GLU A 68 -5.89 6.79 -9.03
N VAL A 69 -6.24 6.95 -7.76
CA VAL A 69 -6.58 8.25 -7.20
C VAL A 69 -5.39 9.22 -7.24
N GLY A 70 -4.22 8.72 -6.88
CA GLY A 70 -3.04 9.55 -6.83
C GLY A 70 -2.55 9.94 -8.20
N ARG A 71 -2.42 8.97 -9.09
CA ARG A 71 -1.95 9.23 -10.43
C ARG A 71 -2.98 10.07 -11.19
N GLU A 72 -4.22 10.05 -10.68
CA GLU A 72 -5.28 10.94 -11.16
C GLU A 72 -4.99 12.38 -10.75
N ASN A 73 -4.72 12.56 -9.47
CA ASN A 73 -4.49 13.89 -8.89
C ASN A 73 -3.02 14.32 -9.06
N ARG A 74 -2.26 13.52 -9.79
CA ARG A 74 -0.84 13.81 -10.04
C ARG A 74 -0.07 13.81 -8.72
N GLU A 75 -0.47 12.91 -7.83
CA GLU A 75 0.10 12.79 -6.51
C GLU A 75 1.46 12.10 -6.56
N ASP A 76 2.17 12.17 -5.43
CA ASP A 76 3.52 11.59 -5.29
C ASP A 76 3.59 10.18 -5.88
N TYR A 77 4.31 10.04 -6.99
CA TYR A 77 4.43 8.75 -7.66
C TYR A 77 5.39 7.84 -6.91
N ARG A 78 6.23 8.44 -6.09
CA ARG A 78 7.16 7.69 -5.26
C ARG A 78 6.35 6.90 -4.25
N GLN A 79 5.36 7.57 -3.69
CA GLN A 79 4.36 6.97 -2.81
C GLN A 79 3.59 5.89 -3.57
N ILE A 80 3.27 6.19 -4.83
CA ILE A 80 2.63 5.23 -5.72
C ILE A 80 3.45 3.96 -5.88
N ALA A 81 4.75 4.12 -6.02
CA ALA A 81 5.65 2.98 -6.12
C ALA A 81 5.60 2.16 -4.84
N LYS A 82 5.51 2.83 -3.70
CA LYS A 82 5.41 2.13 -2.43
C LYS A 82 4.07 1.41 -2.34
N ALA A 83 3.06 2.01 -2.97
CA ALA A 83 1.76 1.37 -3.09
C ALA A 83 1.87 0.11 -3.95
N TYR A 84 2.57 0.23 -5.08
CA TYR A 84 2.82 -0.90 -5.96
C TYR A 84 3.56 -2.00 -5.23
N ALA A 85 4.56 -1.61 -4.46
CA ALA A 85 5.34 -2.57 -3.70
C ALA A 85 4.46 -3.31 -2.73
N ARG A 86 3.54 -2.59 -2.09
CA ARG A 86 2.62 -3.18 -1.14
C ARG A 86 1.63 -4.10 -1.84
N ILE A 87 1.24 -3.74 -3.07
CA ILE A 87 0.43 -4.63 -3.89
C ILE A 87 1.20 -5.91 -4.17
N GLY A 88 2.43 -5.73 -4.62
CA GLY A 88 3.28 -6.87 -4.86
C GLY A 88 3.51 -7.68 -3.60
N ASN A 89 3.66 -6.99 -2.48
CA ASN A 89 3.89 -7.65 -1.20
C ASN A 89 2.68 -8.46 -0.76
N SER A 90 1.48 -7.93 -0.97
CA SER A 90 0.27 -8.65 -0.60
C SER A 90 0.19 -9.97 -1.37
N TYR A 91 0.53 -9.90 -2.65
CA TYR A 91 0.61 -11.09 -3.49
C TYR A 91 1.76 -11.99 -3.04
N PHE A 92 2.88 -11.36 -2.72
CA PHE A 92 4.08 -12.04 -2.26
C PHE A 92 3.77 -12.91 -1.04
N LYS A 93 2.99 -12.38 -0.12
CA LYS A 93 2.63 -13.12 1.09
C LYS A 93 1.61 -14.20 0.79
N GLU A 94 0.81 -14.00 -0.26
CA GLU A 94 -0.29 -14.90 -0.56
C GLU A 94 0.15 -15.97 -1.58
N GLU A 95 1.43 -15.92 -1.95
CA GLU A 95 2.06 -16.90 -2.86
C GLU A 95 1.73 -16.58 -4.33
N LYS A 96 1.18 -15.40 -4.58
CA LYS A 96 0.93 -14.95 -5.94
C LYS A 96 2.13 -14.15 -6.43
N TYR A 97 3.25 -14.82 -6.57
CA TYR A 97 4.51 -14.19 -6.93
C TYR A 97 4.49 -13.63 -8.35
N LYS A 98 3.74 -14.27 -9.24
CA LYS A 98 3.64 -13.79 -10.62
C LYS A 98 3.03 -12.40 -10.65
N ASP A 99 2.03 -12.20 -9.78
CA ASP A 99 1.41 -10.90 -9.64
C ASP A 99 2.30 -9.99 -8.79
N ALA A 100 2.96 -10.58 -7.81
CA ALA A 100 3.91 -9.86 -6.96
C ALA A 100 4.93 -9.12 -7.81
N ILE A 101 5.69 -9.89 -8.58
CA ILE A 101 6.74 -9.35 -9.45
C ILE A 101 6.17 -8.33 -10.43
N HIS A 102 4.94 -8.58 -10.90
CA HIS A 102 4.28 -7.67 -11.82
C HIS A 102 4.17 -6.28 -11.22
N PHE A 103 3.56 -6.19 -10.05
CA PHE A 103 3.34 -4.91 -9.40
C PHE A 103 4.63 -4.41 -8.74
N TYR A 104 5.55 -5.32 -8.48
CA TYR A 104 6.88 -4.92 -8.06
C TYR A 104 7.56 -4.10 -9.15
N ASN A 105 7.60 -4.67 -10.35
CA ASN A 105 8.19 -4.00 -11.50
C ASN A 105 7.45 -2.71 -11.81
N LYS A 106 6.16 -2.69 -11.50
CA LYS A 106 5.34 -1.49 -11.62
C LYS A 106 5.83 -0.41 -10.65
N SER A 107 6.34 -0.82 -9.51
CA SER A 107 6.93 0.11 -8.56
C SER A 107 8.23 0.64 -9.12
N LEU A 108 9.04 -0.27 -9.68
CA LEU A 108 10.27 0.13 -10.37
C LEU A 108 9.93 1.09 -11.52
N ALA A 109 8.73 0.91 -12.07
CA ALA A 109 8.24 1.73 -13.17
C ALA A 109 8.00 3.17 -12.73
N GLU A 110 7.58 3.36 -11.47
CA GLU A 110 7.26 4.69 -10.98
C GLU A 110 8.41 5.29 -10.18
N HIS A 111 8.94 4.52 -9.24
CA HIS A 111 10.01 5.00 -8.37
C HIS A 111 10.95 3.85 -8.04
N ARG A 112 12.05 3.79 -8.78
CA ARG A 112 13.04 2.72 -8.64
C ARG A 112 13.62 2.73 -7.23
N THR A 113 13.30 1.70 -6.46
CA THR A 113 13.76 1.59 -5.10
C THR A 113 14.26 0.19 -4.79
N PRO A 114 15.30 0.10 -3.96
CA PRO A 114 16.05 -1.13 -3.72
C PRO A 114 15.23 -2.22 -3.04
N ASP A 115 14.26 -1.81 -2.23
CA ASP A 115 13.42 -2.77 -1.51
C ASP A 115 12.51 -3.52 -2.46
N VAL A 116 11.96 -2.84 -3.44
CA VAL A 116 11.09 -3.51 -4.38
C VAL A 116 11.91 -4.30 -5.37
N LEU A 117 13.08 -3.78 -5.71
CA LEU A 117 14.02 -4.50 -6.56
C LEU A 117 14.41 -5.80 -5.87
N LYS A 118 14.75 -5.67 -4.59
CA LYS A 118 15.06 -6.79 -3.73
C LYS A 118 13.89 -7.79 -3.68
N LYS A 119 12.70 -7.24 -3.47
CA LYS A 119 11.49 -8.05 -3.40
C LYS A 119 11.17 -8.72 -4.72
N CYS A 120 11.35 -7.97 -5.80
CA CYS A 120 11.03 -8.46 -7.13
C CYS A 120 11.89 -9.65 -7.49
N GLN A 121 13.19 -9.52 -7.23
CA GLN A 121 14.12 -10.60 -7.47
C GLN A 121 13.86 -11.75 -6.50
N GLN A 122 13.41 -11.40 -5.31
CA GLN A 122 13.09 -12.40 -4.29
C GLN A 122 11.94 -13.29 -4.76
N ALA A 123 10.83 -12.67 -5.10
CA ALA A 123 9.65 -13.41 -5.57
C ALA A 123 9.99 -14.23 -6.79
N GLU A 124 10.86 -13.69 -7.62
CA GLU A 124 11.28 -14.36 -8.85
C GLU A 124 12.07 -15.63 -8.53
N LYS A 125 13.07 -15.50 -7.66
CA LYS A 125 13.88 -16.66 -7.26
C LYS A 125 13.08 -17.62 -6.39
N ILE A 126 12.14 -17.09 -5.63
CA ILE A 126 11.22 -17.90 -4.84
C ILE A 126 10.36 -18.74 -5.76
N LEU A 127 9.84 -18.13 -6.81
CA LEU A 127 9.00 -18.83 -7.76
C LEU A 127 9.77 -19.97 -8.43
N LYS A 128 11.04 -19.73 -8.69
CA LYS A 128 11.90 -20.76 -9.26
C LYS A 128 12.02 -21.96 -8.31
N GLU A 129 12.00 -21.66 -7.02
CA GLU A 129 12.02 -22.70 -5.98
C GLU A 129 10.68 -23.42 -5.91
N GLN A 130 9.63 -22.71 -6.31
CA GLN A 130 8.27 -23.25 -6.28
C GLN A 130 8.01 -24.17 -7.46
N GLU A 131 8.77 -23.99 -8.53
CA GLU A 131 8.61 -24.77 -9.74
C GLU A 131 9.17 -26.18 -9.56
N GLU A 1 -9.87 22.97 6.87
CA GLU A 1 -10.83 22.03 6.23
C GLU A 1 -10.52 20.61 6.66
N ASN A 2 -11.37 19.66 6.28
CA ASN A 2 -11.17 18.24 6.58
C ASN A 2 -9.80 17.77 6.09
N LYS A 3 -9.24 18.49 5.14
CA LYS A 3 -7.95 18.12 4.53
C LYS A 3 -6.83 18.07 5.56
N LYS A 4 -6.72 19.12 6.37
CA LYS A 4 -5.72 19.17 7.42
C LYS A 4 -5.99 18.10 8.47
N GLN A 5 -7.25 17.98 8.85
CA GLN A 5 -7.67 17.00 9.82
C GLN A 5 -7.43 15.59 9.30
N ALA A 6 -7.45 15.42 7.99
CA ALA A 6 -7.17 14.14 7.36
C ALA A 6 -5.75 13.71 7.67
N LEU A 7 -4.85 14.67 7.70
CA LEU A 7 -3.46 14.39 8.07
C LEU A 7 -3.40 13.94 9.52
N LYS A 8 -4.20 14.59 10.35
CA LYS A 8 -4.28 14.25 11.76
C LYS A 8 -4.87 12.85 11.94
N GLU A 9 -5.95 12.57 11.21
CA GLU A 9 -6.57 11.25 11.22
C GLU A 9 -5.58 10.19 10.74
N LYS A 10 -4.77 10.53 9.74
CA LYS A 10 -3.74 9.60 9.27
C LYS A 10 -2.74 9.32 10.38
N GLU A 11 -2.38 10.35 11.14
CA GLU A 11 -1.44 10.20 12.25
C GLU A 11 -2.08 9.41 13.37
N LEU A 12 -3.35 9.67 13.64
CA LEU A 12 -4.08 8.93 14.67
C LEU A 12 -4.23 7.47 14.27
N GLY A 13 -4.47 7.23 12.98
CA GLY A 13 -4.51 5.88 12.47
C GLY A 13 -3.15 5.23 12.53
N ASN A 14 -2.13 5.95 12.07
CA ASN A 14 -0.77 5.41 12.03
C ASN A 14 -0.24 5.20 13.43
N ASP A 15 -0.66 6.06 14.35
CA ASP A 15 -0.32 5.95 15.76
C ASP A 15 -0.82 4.64 16.33
N ALA A 16 -2.10 4.37 16.07
CA ALA A 16 -2.73 3.13 16.51
C ALA A 16 -2.14 1.96 15.75
N TYR A 17 -1.79 2.21 14.51
CA TYR A 17 -1.14 1.23 13.63
C TYR A 17 0.18 0.78 14.22
N LYS A 18 0.95 1.74 14.72
CA LYS A 18 2.24 1.46 15.34
C LYS A 18 2.06 0.64 16.62
N LYS A 19 0.88 0.73 17.21
CA LYS A 19 0.56 -0.03 18.41
C LYS A 19 -0.20 -1.30 18.07
N LYS A 20 -0.31 -1.57 16.76
CA LYS A 20 -1.01 -2.73 16.24
C LYS A 20 -2.47 -2.77 16.64
N ASP A 21 -3.06 -1.61 16.87
CA ASP A 21 -4.49 -1.51 17.09
C ASP A 21 -5.14 -1.35 15.73
N PHE A 22 -5.07 -2.42 14.95
CA PHE A 22 -5.32 -2.37 13.51
C PHE A 22 -6.71 -1.83 13.15
N ASP A 23 -7.73 -2.19 13.91
CA ASP A 23 -9.07 -1.69 13.63
C ASP A 23 -9.14 -0.19 13.86
N THR A 24 -8.62 0.25 15.00
CA THR A 24 -8.56 1.66 15.34
C THR A 24 -7.70 2.44 14.34
N ALA A 25 -6.59 1.81 13.94
CA ALA A 25 -5.72 2.39 12.94
C ALA A 25 -6.46 2.57 11.63
N LEU A 26 -7.04 1.49 11.15
CA LEU A 26 -7.78 1.48 9.91
C LEU A 26 -8.96 2.44 9.98
N LYS A 27 -9.44 2.66 11.20
CA LYS A 27 -10.57 3.53 11.44
C LYS A 27 -10.21 4.99 11.16
N HIS A 28 -9.11 5.46 11.73
CA HIS A 28 -8.68 6.84 11.50
C HIS A 28 -8.12 6.98 10.11
N TYR A 29 -7.52 5.91 9.61
CA TYR A 29 -7.08 5.88 8.22
C TYR A 29 -8.28 6.04 7.30
N ASP A 30 -9.36 5.36 7.64
CA ASP A 30 -10.61 5.47 6.91
C ASP A 30 -11.18 6.86 7.04
N LYS A 31 -11.12 7.39 8.26
CA LYS A 31 -11.58 8.74 8.55
C LYS A 31 -10.76 9.75 7.75
N ALA A 32 -9.46 9.52 7.66
CA ALA A 32 -8.58 10.38 6.89
C ALA A 32 -8.95 10.33 5.40
N LYS A 33 -9.35 9.15 4.93
CA LYS A 33 -9.82 9.01 3.56
C LYS A 33 -11.19 9.67 3.39
N GLU A 34 -11.97 9.66 4.46
CA GLU A 34 -13.26 10.31 4.48
C GLU A 34 -13.06 11.82 4.41
N LEU A 35 -12.02 12.29 5.09
CA LEU A 35 -11.67 13.70 5.11
C LEU A 35 -10.99 14.12 3.82
N ASP A 36 -10.13 13.25 3.29
CA ASP A 36 -9.52 13.50 2.01
C ASP A 36 -9.38 12.23 1.19
N PRO A 37 -10.37 11.93 0.36
CA PRO A 37 -10.37 10.72 -0.48
C PRO A 37 -9.41 10.84 -1.67
N THR A 38 -8.93 12.05 -1.92
CA THR A 38 -8.04 12.28 -3.05
C THR A 38 -6.58 12.11 -2.63
N ASN A 39 -6.34 12.12 -1.34
CA ASN A 39 -5.02 11.86 -0.80
C ASN A 39 -4.78 10.37 -0.77
N MET A 40 -4.15 9.87 -1.83
CA MET A 40 -3.95 8.44 -2.03
C MET A 40 -3.27 7.78 -0.83
N THR A 41 -2.47 8.56 -0.10
CA THR A 41 -1.72 8.05 1.02
C THR A 41 -2.66 7.52 2.12
N TYR A 42 -3.87 8.06 2.19
CA TYR A 42 -4.81 7.63 3.22
C TYR A 42 -5.48 6.32 2.79
N ILE A 43 -5.39 6.02 1.52
CA ILE A 43 -5.93 4.79 1.01
C ILE A 43 -4.88 3.69 1.14
N THR A 44 -3.63 4.06 0.91
CA THR A 44 -2.54 3.11 1.00
C THR A 44 -2.24 2.76 2.46
N ASN A 45 -2.46 3.70 3.37
CA ASN A 45 -2.28 3.42 4.80
C ASN A 45 -3.37 2.47 5.28
N GLN A 46 -4.58 2.62 4.74
CA GLN A 46 -5.64 1.68 4.99
C GLN A 46 -5.25 0.29 4.55
N ALA A 47 -4.76 0.21 3.33
CA ALA A 47 -4.34 -1.04 2.74
C ALA A 47 -3.28 -1.73 3.59
N ALA A 48 -2.43 -0.92 4.21
CA ALA A 48 -1.37 -1.42 5.09
C ALA A 48 -1.95 -2.18 6.28
N VAL A 49 -3.09 -1.72 6.79
CA VAL A 49 -3.73 -2.38 7.92
C VAL A 49 -4.35 -3.69 7.48
N TYR A 50 -4.86 -3.74 6.26
CA TYR A 50 -5.38 -4.97 5.70
C TYR A 50 -4.27 -5.98 5.56
N PHE A 51 -3.10 -5.50 5.18
CA PHE A 51 -1.91 -6.31 5.12
C PHE A 51 -1.61 -6.91 6.49
N GLU A 52 -1.63 -6.07 7.52
CA GLU A 52 -1.40 -6.51 8.90
C GLU A 52 -2.55 -7.40 9.39
N LYS A 53 -3.75 -7.10 8.93
CA LYS A 53 -4.95 -7.86 9.30
C LYS A 53 -4.87 -9.29 8.78
N GLY A 54 -4.21 -9.45 7.64
CA GLY A 54 -4.19 -10.73 6.96
C GLY A 54 -5.01 -10.69 5.68
N ASP A 55 -5.68 -9.57 5.46
CA ASP A 55 -6.46 -9.34 4.26
C ASP A 55 -5.58 -8.79 3.15
N TYR A 56 -4.67 -9.62 2.66
CA TYR A 56 -3.75 -9.22 1.61
C TYR A 56 -4.52 -8.89 0.33
N ASN A 57 -5.65 -9.56 0.16
CA ASN A 57 -6.56 -9.29 -0.96
C ASN A 57 -7.03 -7.84 -0.95
N LYS A 58 -7.23 -7.29 0.23
CA LYS A 58 -7.71 -5.93 0.36
C LYS A 58 -6.55 -4.95 0.31
N CYS A 59 -5.39 -5.39 0.78
CA CYS A 59 -4.20 -4.56 0.70
C CYS A 59 -3.90 -4.20 -0.75
N ARG A 60 -3.93 -5.21 -1.62
CA ARG A 60 -3.72 -4.97 -3.05
C ARG A 60 -4.93 -4.27 -3.66
N GLU A 61 -6.09 -4.44 -3.03
CA GLU A 61 -7.33 -3.82 -3.50
C GLU A 61 -7.24 -2.31 -3.38
N LEU A 62 -6.94 -1.85 -2.18
CA LEU A 62 -6.93 -0.43 -1.88
C LEU A 62 -5.74 0.29 -2.51
N CYS A 63 -4.59 -0.36 -2.57
CA CYS A 63 -3.39 0.28 -3.09
C CYS A 63 -3.55 0.68 -4.56
N GLU A 64 -4.06 -0.23 -5.39
CA GLU A 64 -4.31 0.05 -6.81
C GLU A 64 -5.33 1.19 -6.95
N LYS A 65 -6.29 1.23 -6.02
CA LYS A 65 -7.26 2.32 -5.95
C LYS A 65 -6.56 3.62 -5.62
N ALA A 66 -5.75 3.60 -4.57
CA ALA A 66 -4.98 4.77 -4.16
C ALA A 66 -4.11 5.24 -5.30
N ILE A 67 -3.48 4.31 -5.98
CA ILE A 67 -2.62 4.62 -7.10
C ILE A 67 -3.43 5.27 -8.22
N GLU A 68 -4.61 4.73 -8.50
CA GLU A 68 -5.49 5.31 -9.50
C GLU A 68 -5.82 6.76 -9.12
N VAL A 69 -6.21 6.93 -7.87
CA VAL A 69 -6.55 8.23 -7.30
C VAL A 69 -5.36 9.19 -7.34
N GLY A 70 -4.20 8.71 -6.89
CA GLY A 70 -3.03 9.54 -6.85
C GLY A 70 -2.52 9.89 -8.23
N ARG A 71 -2.59 8.93 -9.12
CA ARG A 71 -2.15 9.13 -10.50
C ARG A 71 -3.11 10.09 -11.20
N GLU A 72 -4.35 10.11 -10.70
CA GLU A 72 -5.37 11.04 -11.17
C GLU A 72 -5.08 12.45 -10.63
N ASN A 73 -4.93 12.54 -9.32
CA ASN A 73 -4.77 13.81 -8.62
C ASN A 73 -3.34 14.35 -8.75
N ARG A 74 -2.50 13.60 -9.45
CA ARG A 74 -1.09 13.95 -9.66
C ARG A 74 -0.34 13.97 -8.34
N GLU A 75 -0.50 12.90 -7.59
CA GLU A 75 0.11 12.74 -6.28
C GLU A 75 1.47 12.08 -6.42
N ASP A 76 2.24 12.11 -5.33
CA ASP A 76 3.57 11.52 -5.26
C ASP A 76 3.61 10.12 -5.88
N TYR A 77 4.24 10.01 -7.06
CA TYR A 77 4.33 8.73 -7.75
C TYR A 77 5.31 7.81 -7.03
N ARG A 78 6.17 8.40 -6.23
CA ARG A 78 7.11 7.65 -5.42
C ARG A 78 6.35 6.85 -4.38
N GLN A 79 5.34 7.51 -3.81
CA GLN A 79 4.38 6.88 -2.92
C GLN A 79 3.58 5.81 -3.67
N ILE A 80 3.27 6.11 -4.92
CA ILE A 80 2.61 5.14 -5.80
C ILE A 80 3.44 3.89 -5.97
N ALA A 81 4.74 4.06 -6.16
CA ALA A 81 5.63 2.93 -6.25
C ALA A 81 5.63 2.14 -4.95
N LYS A 82 5.59 2.85 -3.83
CA LYS A 82 5.51 2.19 -2.54
C LYS A 82 4.19 1.45 -2.41
N ALA A 83 3.16 1.99 -3.03
CA ALA A 83 1.86 1.33 -3.11
C ALA A 83 1.97 0.07 -3.96
N TYR A 84 2.67 0.19 -5.09
CA TYR A 84 2.93 -0.97 -5.95
C TYR A 84 3.72 -2.03 -5.21
N ALA A 85 4.72 -1.58 -4.47
CA ALA A 85 5.56 -2.49 -3.71
C ALA A 85 4.74 -3.16 -2.62
N ARG A 86 3.74 -2.47 -2.10
CA ARG A 86 2.87 -3.02 -1.09
C ARG A 86 1.86 -3.97 -1.72
N ILE A 87 1.42 -3.66 -2.93
CA ILE A 87 0.59 -4.56 -3.70
C ILE A 87 1.37 -5.84 -3.98
N GLY A 88 2.58 -5.68 -4.49
CA GLY A 88 3.44 -6.80 -4.73
C GLY A 88 3.78 -7.51 -3.45
N ASN A 89 3.84 -6.77 -2.35
CA ASN A 89 4.19 -7.34 -1.07
C ASN A 89 3.04 -8.18 -0.51
N SER A 90 1.80 -7.73 -0.72
CA SER A 90 0.64 -8.49 -0.28
C SER A 90 0.58 -9.82 -1.03
N TYR A 91 0.87 -9.77 -2.32
CA TYR A 91 0.95 -10.98 -3.14
C TYR A 91 2.15 -11.82 -2.71
N PHE A 92 3.24 -11.14 -2.39
CA PHE A 92 4.48 -11.77 -1.93
C PHE A 92 4.24 -12.58 -0.65
N LYS A 93 3.27 -12.15 0.14
CA LYS A 93 2.90 -12.87 1.36
C LYS A 93 1.94 -14.00 1.05
N GLU A 94 1.05 -13.78 0.09
CA GLU A 94 -0.01 -14.74 -0.20
C GLU A 94 0.46 -15.79 -1.22
N GLU A 95 1.73 -15.68 -1.61
CA GLU A 95 2.37 -16.62 -2.53
C GLU A 95 1.93 -16.40 -3.97
N LYS A 96 1.39 -15.22 -4.25
CA LYS A 96 1.10 -14.81 -5.61
C LYS A 96 2.28 -14.03 -6.18
N TYR A 97 3.42 -14.69 -6.25
CA TYR A 97 4.65 -14.05 -6.69
C TYR A 97 4.58 -13.64 -8.15
N LYS A 98 3.74 -14.32 -8.93
CA LYS A 98 3.53 -13.93 -10.32
C LYS A 98 3.02 -12.49 -10.37
N ASP A 99 2.01 -12.22 -9.56
CA ASP A 99 1.43 -10.88 -9.47
C ASP A 99 2.34 -9.94 -8.69
N ALA A 100 3.06 -10.50 -7.73
CA ALA A 100 3.98 -9.71 -6.91
C ALA A 100 5.01 -9.01 -7.79
N ILE A 101 5.72 -9.80 -8.58
CA ILE A 101 6.75 -9.29 -9.48
C ILE A 101 6.16 -8.32 -10.50
N HIS A 102 4.92 -8.57 -10.90
CA HIS A 102 4.23 -7.70 -11.83
C HIS A 102 4.18 -6.28 -11.27
N PHE A 103 3.61 -6.15 -10.09
CA PHE A 103 3.44 -4.85 -9.47
C PHE A 103 4.76 -4.33 -8.90
N TYR A 104 5.70 -5.24 -8.65
CA TYR A 104 7.06 -4.83 -8.29
C TYR A 104 7.68 -4.04 -9.43
N ASN A 105 7.70 -4.62 -10.62
CA ASN A 105 8.23 -3.93 -11.80
C ASN A 105 7.44 -2.66 -12.07
N LYS A 106 6.18 -2.64 -11.65
CA LYS A 106 5.35 -1.44 -11.72
C LYS A 106 5.86 -0.37 -10.76
N SER A 107 6.39 -0.80 -9.63
CA SER A 107 7.00 0.11 -8.69
C SER A 107 8.34 0.59 -9.26
N LEU A 108 9.10 -0.33 -9.85
CA LEU A 108 10.32 0.04 -10.58
C LEU A 108 9.96 1.04 -11.67
N ALA A 109 8.78 0.85 -12.23
CA ALA A 109 8.25 1.71 -13.29
C ALA A 109 8.07 3.14 -12.80
N GLU A 110 7.37 3.32 -11.68
CA GLU A 110 7.09 4.66 -11.17
C GLU A 110 8.26 5.23 -10.38
N HIS A 111 8.81 4.46 -9.46
CA HIS A 111 9.89 4.91 -8.60
C HIS A 111 10.82 3.75 -8.26
N ARG A 112 11.91 3.66 -9.00
CA ARG A 112 12.89 2.60 -8.83
C ARG A 112 13.53 2.67 -7.45
N THR A 113 13.34 1.62 -6.67
CA THR A 113 13.86 1.56 -5.32
C THR A 113 14.40 0.17 -5.00
N PRO A 114 15.56 0.17 -4.34
CA PRO A 114 16.33 -1.03 -3.96
C PRO A 114 15.49 -2.15 -3.34
N ASP A 115 14.53 -1.79 -2.48
CA ASP A 115 13.73 -2.80 -1.79
C ASP A 115 12.80 -3.52 -2.76
N VAL A 116 12.23 -2.80 -3.70
CA VAL A 116 11.35 -3.43 -4.68
C VAL A 116 12.18 -4.26 -5.65
N LEU A 117 13.37 -3.76 -5.98
CA LEU A 117 14.30 -4.50 -6.82
C LEU A 117 14.68 -5.80 -6.11
N LYS A 118 15.03 -5.66 -4.84
CA LYS A 118 15.29 -6.79 -3.96
C LYS A 118 14.10 -7.75 -3.95
N LYS A 119 12.93 -7.20 -3.74
CA LYS A 119 11.70 -7.96 -3.68
C LYS A 119 11.38 -8.65 -4.99
N CYS A 120 11.59 -7.94 -6.08
CA CYS A 120 11.27 -8.44 -7.39
C CYS A 120 12.15 -9.63 -7.73
N GLN A 121 13.44 -9.50 -7.46
CA GLN A 121 14.38 -10.60 -7.67
C GLN A 121 14.09 -11.72 -6.69
N GLN A 122 13.66 -11.35 -5.48
CA GLN A 122 13.35 -12.31 -4.44
C GLN A 122 12.17 -13.18 -4.84
N ALA A 123 11.08 -12.53 -5.23
CA ALA A 123 9.84 -13.22 -5.53
C ALA A 123 10.01 -14.22 -6.68
N GLU A 124 10.77 -13.86 -7.70
CA GLU A 124 10.96 -14.77 -8.83
C GLU A 124 11.80 -15.97 -8.44
N LYS A 125 12.90 -15.75 -7.73
CA LYS A 125 13.75 -16.88 -7.31
C LYS A 125 12.98 -17.76 -6.33
N ILE A 126 12.21 -17.13 -5.45
CA ILE A 126 11.31 -17.83 -4.55
C ILE A 126 10.34 -18.71 -5.32
N LEU A 127 9.67 -18.09 -6.27
CA LEU A 127 8.63 -18.74 -7.04
C LEU A 127 9.21 -19.86 -7.90
N LYS A 128 10.41 -19.65 -8.42
CA LYS A 128 11.10 -20.67 -9.21
C LYS A 128 11.45 -21.88 -8.35
N GLU A 129 11.66 -21.64 -7.05
CA GLU A 129 11.88 -22.71 -6.10
C GLU A 129 10.57 -23.44 -5.83
N GLN A 130 9.46 -22.76 -6.09
CA GLN A 130 8.14 -23.28 -5.77
C GLN A 130 7.60 -24.15 -6.90
N GLU A 131 7.80 -23.72 -8.14
CA GLU A 131 7.35 -24.49 -9.29
C GLU A 131 8.50 -25.28 -9.91
N GLU A 1 -10.26 23.19 6.49
CA GLU A 1 -10.56 22.13 5.50
C GLU A 1 -10.11 20.78 6.02
N ASN A 2 -10.86 19.74 5.67
CA ASN A 2 -10.63 18.41 6.18
C ASN A 2 -9.40 17.75 5.58
N LYS A 3 -8.95 18.24 4.43
CA LYS A 3 -7.77 17.68 3.76
C LYS A 3 -6.56 17.63 4.69
N LYS A 4 -6.25 18.74 5.36
CA LYS A 4 -5.12 18.76 6.29
C LYS A 4 -5.48 18.03 7.59
N GLN A 5 -6.76 18.05 7.95
CA GLN A 5 -7.24 17.29 9.08
C GLN A 5 -7.03 15.80 8.81
N ALA A 6 -7.14 15.43 7.54
CA ALA A 6 -6.91 14.06 7.10
C ALA A 6 -5.47 13.66 7.35
N LEU A 7 -4.55 14.61 7.22
CA LEU A 7 -3.15 14.36 7.54
C LEU A 7 -3.01 13.98 9.01
N LYS A 8 -3.80 14.61 9.86
CA LYS A 8 -3.78 14.33 11.28
C LYS A 8 -4.38 12.95 11.55
N GLU A 9 -5.47 12.64 10.85
CA GLU A 9 -6.09 11.33 10.96
C GLU A 9 -5.17 10.24 10.43
N LYS A 10 -4.37 10.59 9.43
CA LYS A 10 -3.35 9.68 8.93
C LYS A 10 -2.28 9.45 10.00
N GLU A 11 -1.93 10.52 10.71
CA GLU A 11 -0.99 10.43 11.82
C GLU A 11 -1.57 9.60 12.96
N LEU A 12 -2.83 9.87 13.29
CA LEU A 12 -3.53 9.11 14.33
C LEU A 12 -3.61 7.64 13.98
N GLY A 13 -3.96 7.36 12.72
CA GLY A 13 -3.96 5.99 12.24
C GLY A 13 -2.59 5.38 12.31
N ASN A 14 -1.61 6.05 11.74
CA ASN A 14 -0.22 5.57 11.74
C ASN A 14 0.31 5.38 13.17
N ASP A 15 -0.15 6.24 14.07
CA ASP A 15 0.30 6.18 15.46
C ASP A 15 -0.22 4.90 16.12
N ALA A 16 -1.51 4.65 15.97
CA ALA A 16 -2.12 3.43 16.47
C ALA A 16 -1.53 2.23 15.73
N TYR A 17 -1.23 2.45 14.46
CA TYR A 17 -0.59 1.47 13.60
C TYR A 17 0.73 1.01 14.22
N LYS A 18 1.45 1.96 14.82
CA LYS A 18 2.73 1.68 15.45
C LYS A 18 2.56 0.94 16.78
N LYS A 19 1.37 1.04 17.36
CA LYS A 19 1.07 0.34 18.61
C LYS A 19 0.42 -1.02 18.32
N LYS A 20 0.42 -1.41 17.04
CA LYS A 20 -0.21 -2.66 16.61
C LYS A 20 -1.72 -2.63 16.85
N ASP A 21 -2.25 -1.43 17.01
CA ASP A 21 -3.69 -1.23 17.06
C ASP A 21 -4.20 -1.05 15.65
N PHE A 22 -4.03 -2.09 14.85
CA PHE A 22 -4.23 -1.99 13.41
C PHE A 22 -5.67 -1.66 13.03
N ASP A 23 -6.65 -2.16 13.77
CA ASP A 23 -8.03 -1.80 13.48
C ASP A 23 -8.22 -0.30 13.71
N THR A 24 -7.71 0.16 14.84
CA THR A 24 -7.77 1.58 15.18
C THR A 24 -6.97 2.42 14.19
N ALA A 25 -5.86 1.87 13.71
CA ALA A 25 -5.07 2.51 12.68
C ALA A 25 -5.90 2.68 11.41
N LEU A 26 -6.44 1.56 10.95
CA LEU A 26 -7.30 1.52 9.78
C LEU A 26 -8.50 2.44 9.97
N LYS A 27 -8.92 2.59 11.22
CA LYS A 27 -10.05 3.44 11.59
C LYS A 27 -9.77 4.91 11.24
N HIS A 28 -8.63 5.43 11.71
CA HIS A 28 -8.29 6.83 11.46
C HIS A 28 -7.85 7.02 10.02
N TYR A 29 -7.19 6.01 9.48
CA TYR A 29 -6.78 6.04 8.08
C TYR A 29 -7.99 6.16 7.18
N ASP A 30 -9.02 5.39 7.49
CA ASP A 30 -10.29 5.45 6.76
C ASP A 30 -10.96 6.80 7.00
N LYS A 31 -10.87 7.27 8.23
CA LYS A 31 -11.36 8.59 8.60
C LYS A 31 -10.69 9.66 7.72
N ALA A 32 -9.38 9.55 7.58
CA ALA A 32 -8.60 10.48 6.77
C ALA A 32 -9.06 10.45 5.32
N LYS A 33 -9.57 9.30 4.87
CA LYS A 33 -10.12 9.19 3.53
C LYS A 33 -11.43 9.96 3.41
N GLU A 34 -12.19 10.00 4.48
CA GLU A 34 -13.44 10.74 4.49
C GLU A 34 -13.15 12.23 4.58
N LEU A 35 -12.00 12.57 5.16
CA LEU A 35 -11.57 13.96 5.25
C LEU A 35 -10.99 14.41 3.92
N ASP A 36 -10.28 13.52 3.26
CA ASP A 36 -9.79 13.79 1.93
C ASP A 36 -10.04 12.58 1.04
N PRO A 37 -11.15 12.55 0.29
CA PRO A 37 -11.52 11.41 -0.55
C PRO A 37 -10.60 11.24 -1.76
N THR A 38 -9.90 12.31 -2.14
CA THR A 38 -9.01 12.29 -3.29
C THR A 38 -7.62 11.86 -2.88
N ASN A 39 -7.59 10.97 -1.92
CA ASN A 39 -6.37 10.55 -1.28
C ASN A 39 -5.85 9.25 -1.87
N MET A 40 -4.65 9.29 -2.40
CA MET A 40 -3.96 8.05 -2.68
C MET A 40 -3.32 7.55 -1.38
N THR A 41 -2.70 8.47 -0.65
CA THR A 41 -1.88 8.13 0.51
C THR A 41 -2.71 7.52 1.65
N TYR A 42 -3.88 8.11 1.94
CA TYR A 42 -4.70 7.61 3.04
C TYR A 42 -5.27 6.23 2.70
N ILE A 43 -5.28 5.88 1.42
CA ILE A 43 -5.77 4.58 0.99
C ILE A 43 -4.67 3.53 1.09
N THR A 44 -3.48 3.88 0.64
CA THR A 44 -2.35 2.96 0.64
C THR A 44 -1.93 2.61 2.07
N ASN A 45 -2.03 3.59 2.95
CA ASN A 45 -1.72 3.37 4.36
C ASN A 45 -2.81 2.52 5.01
N GLN A 46 -4.04 2.66 4.52
CA GLN A 46 -5.12 1.76 4.92
C GLN A 46 -4.80 0.35 4.48
N ALA A 47 -4.38 0.23 3.23
CA ALA A 47 -4.00 -1.05 2.65
C ALA A 47 -2.91 -1.72 3.47
N ALA A 48 -1.95 -0.91 3.90
CA ALA A 48 -0.86 -1.37 4.77
C ALA A 48 -1.42 -2.00 6.03
N VAL A 49 -2.50 -1.42 6.55
CA VAL A 49 -3.15 -1.98 7.73
C VAL A 49 -3.72 -3.35 7.41
N TYR A 50 -4.47 -3.43 6.31
CA TYR A 50 -5.04 -4.70 5.89
C TYR A 50 -3.97 -5.76 5.72
N PHE A 51 -2.82 -5.34 5.21
CA PHE A 51 -1.68 -6.21 5.06
C PHE A 51 -1.28 -6.79 6.42
N GLU A 52 -1.22 -5.91 7.42
CA GLU A 52 -0.90 -6.30 8.78
C GLU A 52 -2.07 -7.06 9.41
N LYS A 53 -3.27 -6.74 8.94
CA LYS A 53 -4.49 -7.37 9.41
C LYS A 53 -4.58 -8.82 8.92
N GLY A 54 -3.86 -9.11 7.84
CA GLY A 54 -3.91 -10.42 7.24
C GLY A 54 -4.77 -10.43 5.99
N ASP A 55 -5.35 -9.29 5.68
CA ASP A 55 -6.21 -9.14 4.52
C ASP A 55 -5.38 -8.69 3.33
N TYR A 56 -4.69 -9.63 2.69
CA TYR A 56 -3.81 -9.32 1.58
C TYR A 56 -4.61 -8.92 0.34
N ASN A 57 -5.82 -9.46 0.24
CA ASN A 57 -6.69 -9.16 -0.89
C ASN A 57 -7.15 -7.70 -0.84
N LYS A 58 -7.39 -7.18 0.35
CA LYS A 58 -7.79 -5.79 0.49
C LYS A 58 -6.61 -4.86 0.31
N CYS A 59 -5.44 -5.30 0.76
CA CYS A 59 -4.24 -4.49 0.65
C CYS A 59 -3.92 -4.21 -0.82
N ARG A 60 -3.92 -5.25 -1.63
CA ARG A 60 -3.70 -5.09 -3.07
C ARG A 60 -4.87 -4.34 -3.70
N GLU A 61 -6.05 -4.51 -3.09
CA GLU A 61 -7.27 -3.87 -3.54
C GLU A 61 -7.15 -2.36 -3.45
N LEU A 62 -6.87 -1.88 -2.25
CA LEU A 62 -6.85 -0.47 -1.97
C LEU A 62 -5.68 0.22 -2.65
N CYS A 63 -4.52 -0.41 -2.68
CA CYS A 63 -3.34 0.22 -3.25
C CYS A 63 -3.57 0.63 -4.71
N GLU A 64 -4.11 -0.27 -5.52
CA GLU A 64 -4.40 0.04 -6.92
C GLU A 64 -5.44 1.15 -7.03
N LYS A 65 -6.42 1.12 -6.13
CA LYS A 65 -7.43 2.19 -6.07
C LYS A 65 -6.78 3.51 -5.73
N ALA A 66 -5.93 3.50 -4.72
CA ALA A 66 -5.20 4.68 -4.31
C ALA A 66 -4.34 5.18 -5.45
N ILE A 67 -3.67 4.26 -6.11
CA ILE A 67 -2.85 4.58 -7.26
C ILE A 67 -3.68 5.26 -8.33
N GLU A 68 -4.86 4.71 -8.58
CA GLU A 68 -5.78 5.29 -9.55
C GLU A 68 -6.17 6.71 -9.14
N VAL A 69 -6.41 6.89 -7.85
CA VAL A 69 -6.78 8.18 -7.28
C VAL A 69 -5.61 9.17 -7.34
N GLY A 70 -4.43 8.70 -6.97
CA GLY A 70 -3.26 9.54 -6.95
C GLY A 70 -2.78 9.89 -8.34
N ARG A 71 -2.85 8.91 -9.23
CA ARG A 71 -2.45 9.12 -10.62
C ARG A 71 -3.44 10.07 -11.29
N GLU A 72 -4.66 10.09 -10.75
CA GLU A 72 -5.69 11.03 -11.16
C GLU A 72 -5.29 12.46 -10.83
N ASN A 73 -4.97 12.67 -9.56
CA ASN A 73 -4.75 14.01 -9.04
C ASN A 73 -3.27 14.36 -9.04
N ARG A 74 -2.47 13.50 -9.69
CA ARG A 74 -1.03 13.70 -9.81
C ARG A 74 -0.36 13.75 -8.44
N GLU A 75 -0.76 12.82 -7.59
CA GLU A 75 -0.23 12.71 -6.24
C GLU A 75 1.14 12.04 -6.27
N ASP A 76 1.86 12.10 -5.14
CA ASP A 76 3.20 11.54 -5.02
C ASP A 76 3.31 10.13 -5.60
N TYR A 77 4.02 10.00 -6.71
CA TYR A 77 4.20 8.71 -7.35
C TYR A 77 5.12 7.82 -6.52
N ARG A 78 5.91 8.46 -5.65
CA ARG A 78 6.78 7.74 -4.75
C ARG A 78 5.93 6.94 -3.78
N GLN A 79 4.84 7.57 -3.37
CA GLN A 79 3.81 6.96 -2.56
C GLN A 79 3.09 5.87 -3.36
N ILE A 80 2.86 6.16 -4.64
CA ILE A 80 2.28 5.18 -5.57
C ILE A 80 3.14 3.93 -5.67
N ALA A 81 4.45 4.12 -5.70
CA ALA A 81 5.37 2.99 -5.72
C ALA A 81 5.25 2.17 -4.45
N LYS A 82 4.98 2.82 -3.33
CA LYS A 82 4.76 2.13 -2.08
C LYS A 82 3.48 1.30 -2.18
N ALA A 83 2.51 1.84 -2.89
CA ALA A 83 1.28 1.12 -3.18
C ALA A 83 1.57 -0.12 -4.02
N TYR A 84 2.33 0.07 -5.10
CA TYR A 84 2.72 -1.02 -5.97
C TYR A 84 3.45 -2.11 -5.20
N ALA A 85 4.36 -1.69 -4.34
CA ALA A 85 5.14 -2.63 -3.56
C ALA A 85 4.25 -3.44 -2.64
N ARG A 86 3.25 -2.79 -2.06
CA ARG A 86 2.32 -3.48 -1.17
C ARG A 86 1.37 -4.37 -1.97
N ILE A 87 1.00 -3.94 -3.16
CA ILE A 87 0.22 -4.78 -4.05
C ILE A 87 0.98 -6.07 -4.34
N GLY A 88 2.21 -5.90 -4.81
CA GLY A 88 3.06 -7.03 -5.09
C GLY A 88 3.36 -7.83 -3.85
N ASN A 89 3.54 -7.14 -2.73
CA ASN A 89 3.88 -7.81 -1.48
C ASN A 89 2.70 -8.62 -0.96
N SER A 90 1.49 -8.18 -1.30
CA SER A 90 0.29 -8.94 -0.95
C SER A 90 0.28 -10.25 -1.73
N TYR A 91 0.49 -10.15 -3.04
CA TYR A 91 0.65 -11.31 -3.90
C TYR A 91 1.79 -12.19 -3.38
N PHE A 92 2.86 -11.53 -2.96
CA PHE A 92 4.03 -12.18 -2.38
C PHE A 92 3.65 -13.05 -1.18
N LYS A 93 2.77 -12.54 -0.33
CA LYS A 93 2.34 -13.27 0.86
C LYS A 93 1.31 -14.33 0.51
N GLU A 94 0.59 -14.11 -0.59
CA GLU A 94 -0.50 -14.99 -0.97
C GLU A 94 0.00 -16.08 -1.93
N GLU A 95 1.32 -16.09 -2.16
CA GLU A 95 2.00 -17.10 -3.00
C GLU A 95 1.80 -16.80 -4.49
N LYS A 96 1.29 -15.62 -4.78
CA LYS A 96 1.07 -15.16 -6.13
C LYS A 96 2.28 -14.36 -6.61
N TYR A 97 3.45 -15.00 -6.59
CA TYR A 97 4.70 -14.31 -6.86
C TYR A 97 4.80 -13.77 -8.28
N LYS A 98 4.18 -14.46 -9.23
CA LYS A 98 4.19 -13.98 -10.62
C LYS A 98 3.54 -12.61 -10.70
N ASP A 99 2.47 -12.45 -9.93
CA ASP A 99 1.77 -11.17 -9.84
C ASP A 99 2.53 -10.21 -8.96
N ALA A 100 3.22 -10.75 -7.95
CA ALA A 100 4.04 -9.96 -7.05
C ALA A 100 5.07 -9.16 -7.84
N ILE A 101 5.88 -9.88 -8.61
CA ILE A 101 6.92 -9.27 -9.43
C ILE A 101 6.35 -8.26 -10.41
N HIS A 102 5.15 -8.55 -10.93
CA HIS A 102 4.48 -7.64 -11.86
C HIS A 102 4.39 -6.24 -11.25
N PHE A 103 3.73 -6.15 -10.10
CA PHE A 103 3.49 -4.86 -9.47
C PHE A 103 4.75 -4.36 -8.76
N TYR A 104 5.67 -5.27 -8.44
CA TYR A 104 6.98 -4.86 -7.95
C TYR A 104 7.68 -3.99 -8.98
N ASN A 105 7.84 -4.53 -10.20
CA ASN A 105 8.49 -3.81 -11.29
C ASN A 105 7.72 -2.51 -11.61
N LYS A 106 6.45 -2.51 -11.26
CA LYS A 106 5.61 -1.32 -11.41
C LYS A 106 5.98 -0.26 -10.37
N SER A 107 6.42 -0.70 -9.21
CA SER A 107 6.93 0.20 -8.20
C SER A 107 8.28 0.73 -8.65
N LEU A 108 9.09 -0.15 -9.22
CA LEU A 108 10.36 0.23 -9.85
C LEU A 108 10.08 1.21 -11.00
N ALA A 109 8.85 1.17 -11.50
CA ALA A 109 8.43 2.01 -12.62
C ALA A 109 8.14 3.44 -12.17
N GLU A 110 7.62 3.60 -10.96
CA GLU A 110 7.27 4.92 -10.43
C GLU A 110 8.37 5.48 -9.54
N HIS A 111 8.81 4.69 -8.58
CA HIS A 111 9.82 5.15 -7.62
C HIS A 111 10.74 3.99 -7.27
N ARG A 112 11.89 3.98 -7.95
CA ARG A 112 12.85 2.90 -7.82
C ARG A 112 13.45 2.87 -6.42
N THR A 113 13.03 1.88 -5.65
CA THR A 113 13.51 1.72 -4.29
C THR A 113 14.08 0.32 -4.08
N PRO A 114 15.13 0.23 -3.25
CA PRO A 114 15.90 -0.98 -3.06
C PRO A 114 15.08 -2.12 -2.43
N ASP A 115 14.05 -1.75 -1.68
CA ASP A 115 13.18 -2.75 -1.04
C ASP A 115 12.42 -3.53 -2.07
N VAL A 116 11.83 -2.84 -3.04
CA VAL A 116 11.04 -3.52 -4.05
C VAL A 116 11.94 -4.25 -5.02
N LEU A 117 13.14 -3.73 -5.21
CA LEU A 117 14.15 -4.40 -6.03
C LEU A 117 14.53 -5.72 -5.36
N LYS A 118 14.83 -5.63 -4.07
CA LYS A 118 15.08 -6.79 -3.24
C LYS A 118 13.92 -7.77 -3.31
N LYS A 119 12.71 -7.24 -3.15
CA LYS A 119 11.49 -8.02 -3.19
C LYS A 119 11.26 -8.66 -4.54
N CYS A 120 11.51 -7.90 -5.60
CA CYS A 120 11.28 -8.37 -6.95
C CYS A 120 12.20 -9.54 -7.26
N GLN A 121 13.47 -9.41 -6.88
CA GLN A 121 14.42 -10.49 -7.04
C GLN A 121 14.00 -11.68 -6.19
N GLN A 122 13.57 -11.39 -4.97
CA GLN A 122 13.16 -12.42 -4.01
C GLN A 122 12.02 -13.25 -4.56
N ALA A 123 10.94 -12.59 -4.96
CA ALA A 123 9.76 -13.29 -5.45
C ALA A 123 10.07 -14.08 -6.72
N GLU A 124 11.00 -13.56 -7.50
CA GLU A 124 11.36 -14.21 -8.76
C GLU A 124 12.08 -15.54 -8.49
N LYS A 125 13.06 -15.50 -7.60
CA LYS A 125 13.80 -16.71 -7.23
C LYS A 125 12.91 -17.65 -6.42
N ILE A 126 12.06 -17.07 -5.57
CA ILE A 126 11.09 -17.86 -4.81
C ILE A 126 10.14 -18.58 -5.74
N LEU A 127 9.65 -17.86 -6.75
CA LEU A 127 8.71 -18.43 -7.72
C LEU A 127 9.34 -19.64 -8.40
N LYS A 128 10.63 -19.55 -8.68
CA LYS A 128 11.34 -20.66 -9.31
C LYS A 128 11.50 -21.83 -8.35
N GLU A 129 11.58 -21.52 -7.06
CA GLU A 129 11.63 -22.56 -6.04
C GLU A 129 10.25 -23.22 -5.91
N GLN A 130 9.22 -22.46 -6.24
CA GLN A 130 7.85 -22.95 -6.19
C GLN A 130 7.47 -23.68 -7.46
N GLU A 131 8.34 -23.63 -8.47
CA GLU A 131 8.14 -24.35 -9.71
C GLU A 131 8.46 -25.82 -9.52
N GLU A 1 -10.70 22.68 6.92
CA GLU A 1 -11.81 21.73 6.65
C GLU A 1 -11.33 20.30 6.83
N ASN A 2 -11.91 19.35 6.09
CA ASN A 2 -11.63 17.94 6.30
C ASN A 2 -10.26 17.55 5.79
N LYS A 3 -9.75 18.25 4.78
CA LYS A 3 -8.43 17.95 4.23
C LYS A 3 -7.36 18.06 5.32
N LYS A 4 -7.45 19.12 6.12
CA LYS A 4 -6.55 19.33 7.24
C LYS A 4 -6.73 18.25 8.28
N GLN A 5 -7.99 17.99 8.63
CA GLN A 5 -8.32 16.98 9.61
C GLN A 5 -7.93 15.59 9.12
N ALA A 6 -7.91 15.40 7.80
CA ALA A 6 -7.49 14.14 7.20
C ALA A 6 -6.05 13.84 7.53
N LEU A 7 -5.23 14.88 7.55
CA LEU A 7 -3.83 14.73 7.93
C LEU A 7 -3.77 14.27 9.38
N LYS A 8 -4.62 14.86 10.22
CA LYS A 8 -4.72 14.49 11.62
C LYS A 8 -5.15 13.02 11.73
N GLU A 9 -6.18 12.64 10.97
CA GLU A 9 -6.67 11.28 10.96
C GLU A 9 -5.60 10.28 10.52
N LYS A 10 -4.77 10.66 9.55
CA LYS A 10 -3.69 9.78 9.11
C LYS A 10 -2.65 9.63 10.20
N GLU A 11 -2.35 10.71 10.91
CA GLU A 11 -1.43 10.68 12.03
C GLU A 11 -2.01 9.83 13.17
N LEU A 12 -3.28 10.05 13.47
CA LEU A 12 -3.98 9.25 14.46
C LEU A 12 -3.97 7.78 14.06
N GLY A 13 -4.18 7.54 12.78
CA GLY A 13 -4.14 6.19 12.25
C GLY A 13 -2.77 5.57 12.39
N ASN A 14 -1.74 6.26 11.90
CA ASN A 14 -0.38 5.75 11.93
C ASN A 14 0.10 5.60 13.38
N ASP A 15 -0.40 6.47 14.24
CA ASP A 15 -0.10 6.41 15.65
C ASP A 15 -0.60 5.09 16.25
N ALA A 16 -1.87 4.79 15.98
CA ALA A 16 -2.47 3.53 16.41
C ALA A 16 -1.77 2.35 15.75
N TYR A 17 -1.44 2.54 14.48
CA TYR A 17 -0.69 1.58 13.68
C TYR A 17 0.61 1.19 14.38
N LYS A 18 1.27 2.18 14.97
CA LYS A 18 2.53 1.97 15.68
C LYS A 18 2.31 1.28 17.02
N LYS A 19 1.08 1.26 17.49
CA LYS A 19 0.76 0.69 18.79
C LYS A 19 0.04 -0.65 18.66
N LYS A 20 0.11 -1.23 17.45
CA LYS A 20 -0.58 -2.47 17.14
C LYS A 20 -2.09 -2.32 17.26
N ASP A 21 -2.56 -1.08 17.29
CA ASP A 21 -3.98 -0.79 17.23
C ASP A 21 -4.41 -0.74 15.78
N PHE A 22 -4.19 -1.84 15.07
CA PHE A 22 -4.35 -1.88 13.62
C PHE A 22 -5.78 -1.56 13.19
N ASP A 23 -6.77 -2.05 13.92
CA ASP A 23 -8.16 -1.75 13.59
C ASP A 23 -8.41 -0.25 13.71
N THR A 24 -7.96 0.32 14.81
CA THR A 24 -8.09 1.74 15.07
C THR A 24 -7.27 2.56 14.07
N ALA A 25 -6.09 2.05 13.73
CA ALA A 25 -5.24 2.67 12.72
C ALA A 25 -5.98 2.73 11.40
N LEU A 26 -6.45 1.58 10.98
CA LEU A 26 -7.20 1.43 9.75
C LEU A 26 -8.45 2.30 9.78
N LYS A 27 -8.96 2.52 10.98
CA LYS A 27 -10.17 3.29 11.20
C LYS A 27 -9.93 4.78 10.95
N HIS A 28 -8.83 5.31 11.47
CA HIS A 28 -8.49 6.71 11.23
C HIS A 28 -7.99 6.87 9.82
N TYR A 29 -7.32 5.86 9.32
CA TYR A 29 -6.90 5.84 7.93
C TYR A 29 -8.13 5.90 7.03
N ASP A 30 -9.16 5.15 7.41
CA ASP A 30 -10.44 5.16 6.72
C ASP A 30 -11.09 6.54 6.86
N LYS A 31 -10.99 7.09 8.05
CA LYS A 31 -11.53 8.41 8.34
C LYS A 31 -10.82 9.47 7.50
N ALA A 32 -9.50 9.37 7.43
CA ALA A 32 -8.70 10.29 6.64
C ALA A 32 -9.09 10.21 5.16
N LYS A 33 -9.45 9.02 4.71
CA LYS A 33 -9.93 8.81 3.35
C LYS A 33 -11.31 9.46 3.17
N GLU A 34 -12.10 9.42 4.21
CA GLU A 34 -13.43 10.03 4.19
C GLU A 34 -13.29 11.55 4.20
N LEU A 35 -12.24 12.03 4.87
CA LEU A 35 -11.96 13.46 4.95
C LEU A 35 -11.33 13.96 3.65
N ASP A 36 -10.33 13.24 3.15
CA ASP A 36 -9.77 13.55 1.85
C ASP A 36 -9.48 12.28 1.06
N PRO A 37 -10.42 11.88 0.20
CA PRO A 37 -10.31 10.66 -0.61
C PRO A 37 -9.38 10.84 -1.81
N THR A 38 -8.91 12.05 -2.00
CA THR A 38 -8.03 12.35 -3.13
C THR A 38 -6.57 12.25 -2.71
N ASN A 39 -6.37 12.07 -1.42
CA ASN A 39 -5.03 11.86 -0.88
C ASN A 39 -4.74 10.38 -0.83
N MET A 40 -4.12 9.88 -1.89
CA MET A 40 -3.87 8.45 -2.05
C MET A 40 -3.12 7.87 -0.86
N THR A 41 -2.31 8.71 -0.21
CA THR A 41 -1.50 8.30 0.91
C THR A 41 -2.34 7.67 2.01
N TYR A 42 -3.51 8.23 2.27
CA TYR A 42 -4.37 7.75 3.34
C TYR A 42 -4.84 6.34 3.01
N ILE A 43 -5.09 6.12 1.74
CA ILE A 43 -5.60 4.86 1.26
C ILE A 43 -4.51 3.79 1.26
N THR A 44 -3.31 4.18 0.84
CA THR A 44 -2.18 3.26 0.85
C THR A 44 -1.81 2.90 2.28
N ASN A 45 -2.06 3.82 3.20
CA ASN A 45 -1.86 3.56 4.62
C ASN A 45 -2.89 2.55 5.11
N GLN A 46 -4.13 2.71 4.65
CA GLN A 46 -5.18 1.73 4.93
C GLN A 46 -4.74 0.35 4.49
N ALA A 47 -4.31 0.28 3.25
CA ALA A 47 -3.89 -0.96 2.65
C ALA A 47 -2.77 -1.62 3.45
N ALA A 48 -1.87 -0.79 4.00
CA ALA A 48 -0.78 -1.28 4.82
C ALA A 48 -1.30 -1.98 6.06
N VAL A 49 -2.39 -1.48 6.63
CA VAL A 49 -2.97 -2.08 7.81
C VAL A 49 -3.54 -3.44 7.49
N TYR A 50 -4.27 -3.54 6.38
CA TYR A 50 -4.84 -4.81 5.96
C TYR A 50 -3.75 -5.85 5.78
N PHE A 51 -2.59 -5.39 5.32
CA PHE A 51 -1.42 -6.25 5.21
C PHE A 51 -1.04 -6.79 6.58
N GLU A 52 -1.15 -5.93 7.59
CA GLU A 52 -0.88 -6.31 8.97
C GLU A 52 -2.08 -7.07 9.57
N LYS A 53 -3.25 -6.88 8.96
CA LYS A 53 -4.48 -7.49 9.43
C LYS A 53 -4.64 -8.92 8.90
N GLY A 54 -3.86 -9.25 7.87
CA GLY A 54 -3.96 -10.55 7.26
C GLY A 54 -4.77 -10.52 5.98
N ASP A 55 -5.31 -9.34 5.68
CA ASP A 55 -6.11 -9.12 4.49
C ASP A 55 -5.23 -8.64 3.34
N TYR A 56 -4.48 -9.56 2.75
CA TYR A 56 -3.55 -9.22 1.69
C TYR A 56 -4.33 -8.80 0.45
N ASN A 57 -5.48 -9.44 0.23
CA ASN A 57 -6.33 -9.12 -0.91
C ASN A 57 -6.78 -7.66 -0.87
N LYS A 58 -7.15 -7.18 0.32
CA LYS A 58 -7.62 -5.81 0.48
C LYS A 58 -6.46 -4.83 0.37
N CYS A 59 -5.28 -5.25 0.82
CA CYS A 59 -4.08 -4.43 0.69
C CYS A 59 -3.83 -4.15 -0.78
N ARG A 60 -3.93 -5.20 -1.59
CA ARG A 60 -3.84 -5.07 -3.03
C ARG A 60 -4.97 -4.16 -3.54
N GLU A 61 -6.17 -4.47 -3.06
CA GLU A 61 -7.39 -3.75 -3.44
C GLU A 61 -7.22 -2.24 -3.30
N LEU A 62 -6.82 -1.82 -2.11
CA LEU A 62 -6.75 -0.39 -1.81
C LEU A 62 -5.57 0.30 -2.45
N CYS A 63 -4.44 -0.39 -2.60
CA CYS A 63 -3.27 0.25 -3.18
C CYS A 63 -3.52 0.67 -4.63
N GLU A 64 -4.09 -0.22 -5.42
CA GLU A 64 -4.42 0.11 -6.82
C GLU A 64 -5.50 1.19 -6.88
N LYS A 65 -6.35 1.23 -5.87
CA LYS A 65 -7.36 2.28 -5.76
C LYS A 65 -6.68 3.60 -5.46
N ALA A 66 -5.78 3.58 -4.48
CA ALA A 66 -5.02 4.76 -4.11
C ALA A 66 -4.17 5.22 -5.28
N ILE A 67 -3.60 4.28 -6.01
CA ILE A 67 -2.81 4.61 -7.18
C ILE A 67 -3.68 5.27 -8.23
N GLU A 68 -4.87 4.75 -8.43
CA GLU A 68 -5.81 5.33 -9.38
C GLU A 68 -6.13 6.76 -8.95
N VAL A 69 -6.44 6.92 -7.66
CA VAL A 69 -6.74 8.21 -7.06
C VAL A 69 -5.55 9.17 -7.17
N GLY A 70 -4.38 8.66 -6.83
CA GLY A 70 -3.18 9.47 -6.82
C GLY A 70 -2.76 9.89 -8.21
N ARG A 71 -2.72 8.93 -9.11
CA ARG A 71 -2.32 9.20 -10.48
C ARG A 71 -3.33 10.13 -11.15
N GLU A 72 -4.58 10.02 -10.70
CA GLU A 72 -5.65 10.92 -11.10
C GLU A 72 -5.36 12.35 -10.62
N ASN A 73 -5.07 12.46 -9.33
CA ASN A 73 -4.90 13.75 -8.68
C ASN A 73 -3.45 14.25 -8.81
N ARG A 74 -2.69 13.58 -9.67
CA ARG A 74 -1.29 13.94 -9.94
C ARG A 74 -0.48 13.94 -8.65
N GLU A 75 -0.72 12.92 -7.84
CA GLU A 75 -0.14 12.78 -6.52
C GLU A 75 1.27 12.16 -6.62
N ASP A 76 2.01 12.26 -5.52
CA ASP A 76 3.36 11.71 -5.42
C ASP A 76 3.43 10.25 -5.87
N TYR A 77 4.01 10.03 -7.05
CA TYR A 77 4.13 8.69 -7.62
C TYR A 77 5.04 7.81 -6.75
N ARG A 78 5.85 8.46 -5.93
CA ARG A 78 6.72 7.74 -5.01
C ARG A 78 5.87 6.94 -4.03
N GLN A 79 4.75 7.52 -3.62
CA GLN A 79 3.75 6.80 -2.83
C GLN A 79 3.12 5.68 -3.65
N ILE A 80 2.82 5.99 -4.90
CA ILE A 80 2.27 5.02 -5.85
C ILE A 80 3.15 3.79 -5.95
N ALA A 81 4.45 4.01 -6.01
CA ALA A 81 5.39 2.91 -6.06
C ALA A 81 5.32 2.08 -4.78
N LYS A 82 5.18 2.73 -3.64
CA LYS A 82 5.09 2.02 -2.38
C LYS A 82 3.75 1.27 -2.32
N ALA A 83 2.76 1.84 -2.99
CA ALA A 83 1.48 1.18 -3.18
C ALA A 83 1.68 -0.08 -4.02
N TYR A 84 2.37 0.08 -5.14
CA TYR A 84 2.71 -1.05 -6.01
C TYR A 84 3.43 -2.13 -5.26
N ALA A 85 4.33 -1.72 -4.38
CA ALA A 85 5.13 -2.66 -3.64
C ALA A 85 4.29 -3.43 -2.63
N ARG A 86 3.31 -2.75 -2.02
CA ARG A 86 2.40 -3.42 -1.12
C ARG A 86 1.46 -4.33 -1.89
N ILE A 87 1.10 -3.90 -3.10
CA ILE A 87 0.36 -4.74 -4.02
C ILE A 87 1.16 -6.01 -4.30
N GLY A 88 2.40 -5.82 -4.70
CA GLY A 88 3.28 -6.94 -4.94
C GLY A 88 3.53 -7.76 -3.68
N ASN A 89 3.63 -7.08 -2.55
CA ASN A 89 3.90 -7.76 -1.28
C ASN A 89 2.69 -8.58 -0.83
N SER A 90 1.49 -8.06 -1.07
CA SER A 90 0.29 -8.80 -0.73
C SER A 90 0.25 -10.10 -1.53
N TYR A 91 0.59 -10.00 -2.81
CA TYR A 91 0.70 -11.17 -3.66
C TYR A 91 1.83 -12.07 -3.19
N PHE A 92 2.94 -11.45 -2.83
CA PHE A 92 4.12 -12.14 -2.32
C PHE A 92 3.79 -13.01 -1.12
N LYS A 93 2.99 -12.45 -0.21
CA LYS A 93 2.58 -13.18 0.99
C LYS A 93 1.56 -14.25 0.65
N GLU A 94 0.77 -14.01 -0.38
CA GLU A 94 -0.33 -14.90 -0.70
C GLU A 94 0.10 -15.98 -1.71
N GLU A 95 1.36 -15.90 -2.13
CA GLU A 95 1.97 -16.88 -3.05
C GLU A 95 1.57 -16.61 -4.51
N LYS A 96 1.20 -15.37 -4.80
CA LYS A 96 0.93 -14.94 -6.17
C LYS A 96 2.12 -14.15 -6.70
N TYR A 97 3.27 -14.81 -6.75
CA TYR A 97 4.51 -14.13 -7.15
C TYR A 97 4.47 -13.64 -8.59
N LYS A 98 3.66 -14.30 -9.42
CA LYS A 98 3.50 -13.87 -10.80
C LYS A 98 2.97 -12.44 -10.84
N ASP A 99 1.95 -12.18 -10.04
CA ASP A 99 1.37 -10.85 -9.95
C ASP A 99 2.23 -9.95 -9.06
N ALA A 100 2.92 -10.55 -8.11
CA ALA A 100 3.81 -9.81 -7.22
C ALA A 100 4.86 -9.07 -8.02
N ILE A 101 5.60 -9.85 -8.81
CA ILE A 101 6.67 -9.32 -9.65
C ILE A 101 6.14 -8.31 -10.65
N HIS A 102 4.93 -8.55 -11.13
CA HIS A 102 4.28 -7.64 -12.06
C HIS A 102 4.25 -6.23 -11.48
N PHE A 103 3.65 -6.11 -10.30
CA PHE A 103 3.49 -4.82 -9.65
C PHE A 103 4.77 -4.36 -8.99
N TYR A 104 5.68 -5.29 -8.71
CA TYR A 104 7.00 -4.93 -8.22
C TYR A 104 7.71 -4.04 -9.22
N ASN A 105 7.87 -4.53 -10.45
CA ASN A 105 8.53 -3.77 -11.51
C ASN A 105 7.75 -2.49 -11.80
N LYS A 106 6.46 -2.50 -11.52
CA LYS A 106 5.63 -1.32 -11.64
C LYS A 106 5.99 -0.28 -10.57
N SER A 107 6.42 -0.75 -9.42
CA SER A 107 6.93 0.12 -8.39
C SER A 107 8.29 0.67 -8.82
N LEU A 108 9.15 -0.22 -9.32
CA LEU A 108 10.43 0.18 -9.90
C LEU A 108 10.18 1.18 -11.03
N ALA A 109 9.02 1.06 -11.66
CA ALA A 109 8.62 1.92 -12.77
C ALA A 109 8.37 3.35 -12.31
N GLU A 110 7.64 3.48 -11.20
CA GLU A 110 7.27 4.80 -10.69
C GLU A 110 8.36 5.37 -9.80
N HIS A 111 8.81 4.58 -8.84
CA HIS A 111 9.79 5.02 -7.85
C HIS A 111 10.64 3.84 -7.41
N ARG A 112 11.82 3.73 -8.00
CA ARG A 112 12.76 2.66 -7.69
C ARG A 112 13.16 2.71 -6.22
N THR A 113 12.92 1.61 -5.51
CA THR A 113 13.27 1.52 -4.11
C THR A 113 13.84 0.15 -3.78
N PRO A 114 14.92 0.16 -2.99
CA PRO A 114 15.67 -1.03 -2.57
C PRO A 114 14.80 -2.18 -2.05
N ASP A 115 13.68 -1.84 -1.44
CA ASP A 115 12.78 -2.85 -0.88
C ASP A 115 12.06 -3.63 -1.96
N VAL A 116 11.57 -2.94 -2.97
CA VAL A 116 10.87 -3.61 -4.04
C VAL A 116 11.86 -4.31 -4.95
N LEU A 117 13.07 -3.78 -4.99
CA LEU A 117 14.14 -4.40 -5.75
C LEU A 117 14.51 -5.71 -5.08
N LYS A 118 14.66 -5.65 -3.75
CA LYS A 118 14.91 -6.83 -2.93
C LYS A 118 13.77 -7.83 -3.08
N LYS A 119 12.55 -7.31 -3.08
CA LYS A 119 11.36 -8.13 -3.19
C LYS A 119 11.23 -8.76 -4.57
N CYS A 120 11.50 -7.98 -5.60
CA CYS A 120 11.35 -8.44 -6.96
C CYS A 120 12.34 -9.56 -7.25
N GLN A 121 13.51 -9.47 -6.64
CA GLN A 121 14.50 -10.54 -6.77
C GLN A 121 14.05 -11.76 -5.99
N GLN A 122 13.52 -11.53 -4.79
CA GLN A 122 13.08 -12.61 -3.91
C GLN A 122 11.93 -13.39 -4.54
N ALA A 123 10.86 -12.68 -4.91
CA ALA A 123 9.70 -13.35 -5.47
C ALA A 123 10.03 -14.10 -6.74
N GLU A 124 11.00 -13.60 -7.49
CA GLU A 124 11.36 -14.22 -8.75
C GLU A 124 12.08 -15.54 -8.49
N LYS A 125 13.07 -15.53 -7.60
CA LYS A 125 13.78 -16.74 -7.22
C LYS A 125 12.85 -17.70 -6.49
N ILE A 126 11.91 -17.15 -5.74
CA ILE A 126 10.93 -17.96 -5.03
C ILE A 126 10.01 -18.66 -6.04
N LEU A 127 9.47 -17.88 -6.96
CA LEU A 127 8.56 -18.40 -7.95
C LEU A 127 9.26 -19.37 -8.88
N LYS A 128 10.57 -19.17 -9.06
CA LYS A 128 11.37 -20.08 -9.86
C LYS A 128 11.41 -21.46 -9.20
N GLU A 129 11.39 -21.47 -7.88
CA GLU A 129 11.34 -22.72 -7.13
C GLU A 129 9.96 -23.36 -7.24
N GLN A 130 8.96 -22.52 -7.47
CA GLN A 130 7.58 -22.99 -7.57
C GLN A 130 7.33 -23.70 -8.91
N GLU A 131 8.20 -23.42 -9.88
CA GLU A 131 8.10 -24.02 -11.20
C GLU A 131 8.44 -25.51 -11.15
N GLU A 1 -11.48 22.73 7.24
CA GLU A 1 -11.23 21.87 6.07
C GLU A 1 -10.92 20.45 6.52
N ASN A 2 -11.40 19.48 5.77
CA ASN A 2 -11.17 18.09 6.10
C ASN A 2 -9.83 17.62 5.56
N LYS A 3 -9.31 18.32 4.55
CA LYS A 3 -8.02 17.98 3.95
C LYS A 3 -6.90 17.98 4.99
N LYS A 4 -6.70 19.12 5.65
CA LYS A 4 -5.71 19.24 6.72
C LYS A 4 -6.01 18.25 7.83
N GLN A 5 -7.27 18.15 8.21
CA GLN A 5 -7.71 17.26 9.26
C GLN A 5 -7.42 15.80 8.87
N ALA A 6 -7.49 15.50 7.59
CA ALA A 6 -7.20 14.17 7.07
C ALA A 6 -5.76 13.77 7.37
N LEU A 7 -4.86 14.75 7.33
CA LEU A 7 -3.47 14.51 7.69
C LEU A 7 -3.37 14.12 9.15
N LYS A 8 -4.17 14.79 9.97
CA LYS A 8 -4.21 14.51 11.40
C LYS A 8 -4.77 13.10 11.63
N GLU A 9 -5.83 12.76 10.91
CA GLU A 9 -6.41 11.43 10.99
C GLU A 9 -5.44 10.36 10.51
N LYS A 10 -4.63 10.66 9.50
CA LYS A 10 -3.63 9.71 9.05
C LYS A 10 -2.57 9.51 10.12
N GLU A 11 -2.21 10.60 10.79
CA GLU A 11 -1.25 10.54 11.89
C GLU A 11 -1.83 9.72 13.05
N LEU A 12 -3.10 9.96 13.34
CA LEU A 12 -3.79 9.21 14.38
C LEU A 12 -3.90 7.74 14.01
N GLY A 13 -4.20 7.48 12.75
CA GLY A 13 -4.24 6.12 12.25
C GLY A 13 -2.90 5.46 12.33
N ASN A 14 -1.87 6.15 11.84
CA ASN A 14 -0.52 5.62 11.80
C ASN A 14 0.02 5.43 13.22
N ASP A 15 -0.38 6.31 14.11
CA ASP A 15 0.05 6.23 15.50
C ASP A 15 -0.48 4.96 16.16
N ALA A 16 -1.75 4.67 15.92
CA ALA A 16 -2.37 3.44 16.39
C ALA A 16 -1.75 2.25 15.69
N TYR A 17 -1.48 2.43 14.40
CA TYR A 17 -0.83 1.43 13.56
C TYR A 17 0.52 1.01 14.15
N LYS A 18 1.23 1.98 14.70
CA LYS A 18 2.54 1.74 15.31
C LYS A 18 2.42 1.00 16.63
N LYS A 19 1.23 1.03 17.21
CA LYS A 19 1.01 0.44 18.53
C LYS A 19 0.21 -0.86 18.44
N LYS A 20 0.14 -1.42 17.22
CA LYS A 20 -0.61 -2.65 16.96
C LYS A 20 -2.11 -2.46 17.18
N ASP A 21 -2.54 -1.21 17.25
CA ASP A 21 -3.95 -0.89 17.27
C ASP A 21 -4.42 -0.77 15.82
N PHE A 22 -4.35 -1.89 15.11
CA PHE A 22 -4.55 -1.89 13.66
C PHE A 22 -5.98 -1.54 13.28
N ASP A 23 -6.95 -1.97 14.06
CA ASP A 23 -8.35 -1.62 13.77
C ASP A 23 -8.55 -0.13 13.97
N THR A 24 -7.97 0.39 15.04
CA THR A 24 -8.01 1.81 15.33
C THR A 24 -7.24 2.60 14.25
N ALA A 25 -6.13 2.02 13.81
CA ALA A 25 -5.34 2.60 12.73
C ALA A 25 -6.17 2.72 11.47
N LEU A 26 -6.72 1.59 11.04
CA LEU A 26 -7.54 1.52 9.84
C LEU A 26 -8.77 2.41 10.00
N LYS A 27 -9.15 2.65 11.24
CA LYS A 27 -10.31 3.48 11.55
C LYS A 27 -10.03 4.95 11.23
N HIS A 28 -8.89 5.46 11.69
CA HIS A 28 -8.53 6.85 11.38
C HIS A 28 -8.06 6.97 9.95
N TYR A 29 -7.53 5.88 9.41
CA TYR A 29 -7.18 5.84 8.01
C TYR A 29 -8.45 5.95 7.17
N ASP A 30 -9.50 5.29 7.64
CA ASP A 30 -10.81 5.39 7.04
C ASP A 30 -11.33 6.80 7.17
N LYS A 31 -11.16 7.36 8.36
CA LYS A 31 -11.57 8.71 8.64
C LYS A 31 -10.84 9.69 7.72
N ALA A 32 -9.52 9.52 7.61
CA ALA A 32 -8.70 10.35 6.74
C ALA A 32 -9.13 10.20 5.29
N LYS A 33 -9.57 8.99 4.94
CA LYS A 33 -10.06 8.72 3.59
C LYS A 33 -11.45 9.31 3.39
N GLU A 34 -12.19 9.47 4.46
CA GLU A 34 -13.47 10.14 4.42
C GLU A 34 -13.27 11.65 4.35
N LEU A 35 -12.25 12.12 5.04
CA LEU A 35 -11.89 13.53 5.00
C LEU A 35 -11.30 13.90 3.65
N ASP A 36 -10.45 13.03 3.13
CA ASP A 36 -9.86 13.24 1.82
C ASP A 36 -9.78 11.94 1.04
N PRO A 37 -10.84 11.61 0.28
CA PRO A 37 -10.87 10.41 -0.56
C PRO A 37 -10.01 10.55 -1.81
N THR A 38 -9.51 11.76 -2.04
CA THR A 38 -8.69 12.02 -3.21
C THR A 38 -7.22 12.06 -2.86
N ASN A 39 -6.91 11.66 -1.62
CA ASN A 39 -5.53 11.56 -1.18
C ASN A 39 -5.11 10.10 -1.15
N MET A 40 -4.30 9.72 -2.12
CA MET A 40 -3.92 8.33 -2.34
C MET A 40 -3.25 7.75 -1.10
N THR A 41 -2.51 8.59 -0.40
CA THR A 41 -1.72 8.15 0.73
C THR A 41 -2.58 7.58 1.86
N TYR A 42 -3.79 8.08 2.03
CA TYR A 42 -4.65 7.60 3.12
C TYR A 42 -5.15 6.21 2.80
N ILE A 43 -5.40 6.00 1.53
CA ILE A 43 -5.94 4.73 1.07
C ILE A 43 -4.85 3.65 1.13
N THR A 44 -3.62 4.03 0.84
CA THR A 44 -2.51 3.10 0.90
C THR A 44 -2.16 2.78 2.35
N ASN A 45 -2.34 3.77 3.23
CA ASN A 45 -2.19 3.54 4.66
C ASN A 45 -3.23 2.55 5.14
N GLN A 46 -4.45 2.68 4.62
CA GLN A 46 -5.51 1.71 4.88
C GLN A 46 -5.05 0.31 4.51
N ALA A 47 -4.59 0.20 3.27
CA ALA A 47 -4.15 -1.05 2.71
C ALA A 47 -3.07 -1.70 3.58
N ALA A 48 -2.15 -0.87 4.07
CA ALA A 48 -1.07 -1.33 4.93
C ALA A 48 -1.61 -2.05 6.16
N VAL A 49 -2.74 -1.56 6.68
CA VAL A 49 -3.34 -2.18 7.86
C VAL A 49 -3.89 -3.54 7.51
N TYR A 50 -4.61 -3.64 6.41
CA TYR A 50 -5.15 -4.91 5.95
C TYR A 50 -4.03 -5.92 5.77
N PHE A 51 -2.90 -5.43 5.29
CA PHE A 51 -1.70 -6.25 5.14
C PHE A 51 -1.32 -6.85 6.51
N GLU A 52 -1.32 -6.00 7.53
CA GLU A 52 -1.03 -6.42 8.89
C GLU A 52 -2.19 -7.22 9.47
N LYS A 53 -3.38 -6.94 8.97
CA LYS A 53 -4.61 -7.57 9.43
C LYS A 53 -4.71 -9.00 8.91
N GLY A 54 -4.00 -9.27 7.82
CA GLY A 54 -4.05 -10.59 7.22
C GLY A 54 -4.87 -10.61 5.95
N ASP A 55 -5.41 -9.46 5.58
CA ASP A 55 -6.22 -9.34 4.37
C ASP A 55 -5.36 -8.82 3.23
N TYR A 56 -4.59 -9.70 2.64
CA TYR A 56 -3.67 -9.31 1.57
C TYR A 56 -4.44 -8.95 0.30
N ASN A 57 -5.64 -9.50 0.19
CA ASN A 57 -6.52 -9.17 -0.94
C ASN A 57 -6.93 -7.71 -0.88
N LYS A 58 -7.35 -7.27 0.29
CA LYS A 58 -7.78 -5.89 0.46
C LYS A 58 -6.60 -4.93 0.33
N CYS A 59 -5.43 -5.36 0.77
CA CYS A 59 -4.25 -4.52 0.69
C CYS A 59 -3.91 -4.19 -0.76
N ARG A 60 -3.92 -5.21 -1.62
CA ARG A 60 -3.67 -4.98 -3.04
C ARG A 60 -4.88 -4.27 -3.67
N GLU A 61 -6.05 -4.46 -3.05
CA GLU A 61 -7.27 -3.82 -3.49
C GLU A 61 -7.16 -2.30 -3.39
N LEU A 62 -6.89 -1.84 -2.18
CA LEU A 62 -6.87 -0.41 -1.88
C LEU A 62 -5.69 0.29 -2.52
N CYS A 63 -4.53 -0.36 -2.54
CA CYS A 63 -3.33 0.28 -3.08
C CYS A 63 -3.51 0.64 -4.55
N GLU A 64 -4.05 -0.28 -5.36
CA GLU A 64 -4.29 -0.01 -6.77
C GLU A 64 -5.28 1.14 -6.94
N LYS A 65 -6.27 1.20 -6.04
CA LYS A 65 -7.22 2.31 -6.05
C LYS A 65 -6.53 3.60 -5.68
N ALA A 66 -5.79 3.59 -4.59
CA ALA A 66 -5.04 4.76 -4.16
C ALA A 66 -4.12 5.22 -5.28
N ILE A 67 -3.46 4.27 -5.91
CA ILE A 67 -2.60 4.57 -7.04
C ILE A 67 -3.39 5.19 -8.18
N GLU A 68 -4.57 4.64 -8.42
CA GLU A 68 -5.46 5.18 -9.45
C GLU A 68 -5.83 6.61 -9.10
N VAL A 69 -6.23 6.81 -7.85
CA VAL A 69 -6.60 8.11 -7.31
C VAL A 69 -5.44 9.10 -7.38
N GLY A 70 -4.27 8.65 -6.95
CA GLY A 70 -3.10 9.50 -6.93
C GLY A 70 -2.58 9.79 -8.32
N ARG A 71 -2.60 8.80 -9.19
CA ARG A 71 -2.14 8.98 -10.56
C ARG A 71 -3.17 9.81 -11.33
N GLU A 72 -4.38 9.85 -10.79
CA GLU A 72 -5.46 10.69 -11.28
C GLU A 72 -5.21 12.14 -10.94
N ASN A 73 -4.97 12.39 -9.66
CA ASN A 73 -4.85 13.74 -9.14
C ASN A 73 -3.39 14.18 -9.07
N ARG A 74 -2.51 13.33 -9.62
CA ARG A 74 -1.08 13.61 -9.72
C ARG A 74 -0.42 13.74 -8.34
N GLU A 75 -0.63 12.74 -7.52
CA GLU A 75 -0.03 12.68 -6.19
C GLU A 75 1.34 12.02 -6.28
N ASP A 76 2.11 12.11 -5.21
CA ASP A 76 3.49 11.59 -5.16
C ASP A 76 3.58 10.17 -5.72
N TYR A 77 4.27 10.02 -6.85
CA TYR A 77 4.41 8.72 -7.50
C TYR A 77 5.40 7.84 -6.74
N ARG A 78 6.28 8.47 -5.97
CA ARG A 78 7.22 7.75 -5.14
C ARG A 78 6.45 6.96 -4.10
N GLN A 79 5.41 7.61 -3.59
CA GLN A 79 4.45 7.00 -2.68
C GLN A 79 3.65 5.91 -3.40
N ILE A 80 3.31 6.18 -4.67
CA ILE A 80 2.64 5.20 -5.52
C ILE A 80 3.49 3.94 -5.68
N ALA A 81 4.79 4.12 -5.83
CA ALA A 81 5.69 2.98 -5.92
C ALA A 81 5.66 2.17 -4.63
N LYS A 82 5.53 2.84 -3.50
CA LYS A 82 5.42 2.14 -2.23
C LYS A 82 4.08 1.40 -2.16
N ALA A 83 3.09 1.97 -2.82
CA ALA A 83 1.79 1.32 -2.94
C ALA A 83 1.90 0.07 -3.82
N TYR A 84 2.61 0.20 -4.94
CA TYR A 84 2.89 -0.93 -5.81
C TYR A 84 3.63 -2.02 -5.05
N ALA A 85 4.56 -1.60 -4.22
CA ALA A 85 5.32 -2.54 -3.44
C ALA A 85 4.43 -3.26 -2.45
N ARG A 86 3.47 -2.54 -1.87
CA ARG A 86 2.51 -3.16 -0.97
C ARG A 86 1.59 -4.11 -1.74
N ILE A 87 1.17 -3.70 -2.92
CA ILE A 87 0.38 -4.57 -3.79
C ILE A 87 1.13 -5.86 -4.06
N GLY A 88 2.33 -5.72 -4.58
CA GLY A 88 3.16 -6.86 -4.88
C GLY A 88 3.51 -7.66 -3.65
N ASN A 89 3.68 -6.97 -2.53
CA ASN A 89 4.04 -7.62 -1.28
C ASN A 89 2.87 -8.41 -0.72
N SER A 90 1.66 -7.94 -0.99
CA SER A 90 0.46 -8.66 -0.59
C SER A 90 0.39 -9.98 -1.35
N TYR A 91 0.60 -9.89 -2.66
CA TYR A 91 0.68 -11.07 -3.50
C TYR A 91 1.84 -11.95 -3.08
N PHE A 92 2.94 -11.31 -2.70
CA PHE A 92 4.13 -11.98 -2.22
C PHE A 92 3.80 -12.85 -1.00
N LYS A 93 2.93 -12.34 -0.13
CA LYS A 93 2.53 -13.07 1.06
C LYS A 93 1.53 -14.17 0.72
N GLU A 94 0.74 -13.96 -0.32
CA GLU A 94 -0.31 -14.90 -0.67
C GLU A 94 0.16 -15.91 -1.73
N GLU A 95 1.45 -15.83 -2.06
CA GLU A 95 2.10 -16.74 -3.01
C GLU A 95 1.72 -16.45 -4.46
N LYS A 96 1.13 -15.28 -4.70
CA LYS A 96 0.88 -14.83 -6.07
C LYS A 96 2.08 -14.04 -6.57
N TYR A 97 3.22 -14.70 -6.61
CA TYR A 97 4.48 -14.04 -6.96
C TYR A 97 4.45 -13.51 -8.39
N LYS A 98 3.64 -14.12 -9.24
CA LYS A 98 3.47 -13.64 -10.60
C LYS A 98 2.96 -12.21 -10.59
N ASP A 99 1.96 -11.97 -9.74
CA ASP A 99 1.40 -10.65 -9.57
C ASP A 99 2.31 -9.79 -8.71
N ALA A 100 2.99 -10.43 -7.77
CA ALA A 100 3.96 -9.75 -6.91
C ALA A 100 5.00 -9.03 -7.75
N ILE A 101 5.72 -9.80 -8.55
CA ILE A 101 6.76 -9.26 -9.42
C ILE A 101 6.19 -8.23 -10.41
N HIS A 102 4.95 -8.47 -10.84
CA HIS A 102 4.27 -7.55 -11.74
C HIS A 102 4.24 -6.14 -11.15
N PHE A 103 3.60 -6.02 -9.99
CA PHE A 103 3.44 -4.72 -9.35
C PHE A 103 4.74 -4.27 -8.70
N TYR A 104 5.65 -5.20 -8.42
CA TYR A 104 6.99 -4.83 -8.02
C TYR A 104 7.65 -4.03 -9.12
N ASN A 105 7.68 -4.59 -10.33
CA ASN A 105 8.23 -3.91 -11.49
C ASN A 105 7.49 -2.59 -11.75
N LYS A 106 6.22 -2.56 -11.37
CA LYS A 106 5.42 -1.35 -11.46
C LYS A 106 5.93 -0.29 -10.49
N SER A 107 6.43 -0.73 -9.34
CA SER A 107 7.04 0.16 -8.39
C SER A 107 8.37 0.66 -8.95
N LEU A 108 9.14 -0.24 -9.56
CA LEU A 108 10.35 0.14 -10.29
C LEU A 108 9.99 1.12 -11.41
N ALA A 109 8.77 0.98 -11.91
CA ALA A 109 8.25 1.80 -12.99
C ALA A 109 8.01 3.24 -12.54
N GLU A 110 7.56 3.42 -11.30
CA GLU A 110 7.28 4.75 -10.78
C GLU A 110 8.46 5.31 -9.99
N HIS A 111 8.98 4.53 -9.06
CA HIS A 111 10.03 4.98 -8.17
C HIS A 111 10.96 3.81 -7.82
N ARG A 112 12.07 3.75 -8.54
CA ARG A 112 13.05 2.67 -8.40
C ARG A 112 13.65 2.66 -7.00
N THR A 113 13.28 1.63 -6.22
CA THR A 113 13.74 1.50 -4.86
C THR A 113 14.38 0.13 -4.63
N PRO A 114 15.51 0.16 -3.92
CA PRO A 114 16.31 -1.03 -3.58
C PRO A 114 15.48 -2.17 -2.96
N ASP A 115 14.50 -1.82 -2.14
CA ASP A 115 13.64 -2.82 -1.49
C ASP A 115 12.82 -3.58 -2.50
N VAL A 116 12.13 -2.89 -3.38
CA VAL A 116 11.29 -3.57 -4.35
C VAL A 116 12.14 -4.33 -5.36
N LEU A 117 13.32 -3.81 -5.63
CA LEU A 117 14.29 -4.50 -6.46
C LEU A 117 14.69 -5.79 -5.76
N LYS A 118 15.05 -5.64 -4.50
CA LYS A 118 15.33 -6.76 -3.59
C LYS A 118 14.19 -7.77 -3.60
N LYS A 119 12.98 -7.24 -3.50
CA LYS A 119 11.78 -8.04 -3.36
C LYS A 119 11.36 -8.69 -4.67
N CYS A 120 11.58 -7.97 -5.77
CA CYS A 120 11.22 -8.47 -7.08
C CYS A 120 12.10 -9.65 -7.45
N GLN A 121 13.40 -9.52 -7.19
CA GLN A 121 14.34 -10.60 -7.45
C GLN A 121 14.03 -11.78 -6.52
N GLN A 122 13.59 -11.47 -5.31
CA GLN A 122 13.26 -12.49 -4.33
C GLN A 122 12.05 -13.30 -4.79
N ALA A 123 10.96 -12.62 -5.11
CA ALA A 123 9.75 -13.30 -5.56
C ALA A 123 10.01 -14.10 -6.82
N GLU A 124 10.90 -13.60 -7.65
CA GLU A 124 11.21 -14.24 -8.92
C GLU A 124 11.94 -15.56 -8.68
N LYS A 125 12.89 -15.57 -7.74
CA LYS A 125 13.62 -16.78 -7.41
C LYS A 125 12.75 -17.72 -6.58
N ILE A 126 11.89 -17.13 -5.74
CA ILE A 126 10.92 -17.89 -4.97
C ILE A 126 9.97 -18.63 -5.92
N LEU A 127 9.39 -17.87 -6.84
CA LEU A 127 8.45 -18.43 -7.81
C LEU A 127 9.15 -19.43 -8.72
N LYS A 128 10.45 -19.27 -8.87
CA LYS A 128 11.26 -20.20 -9.63
C LYS A 128 11.31 -21.58 -8.94
N GLU A 129 11.18 -21.56 -7.63
CA GLU A 129 11.17 -22.79 -6.85
C GLU A 129 9.74 -23.30 -6.68
N GLN A 130 8.78 -22.38 -6.74
CA GLN A 130 7.37 -22.71 -6.52
C GLN A 130 6.80 -23.49 -7.70
N GLU A 131 7.32 -23.23 -8.89
CA GLU A 131 6.88 -23.94 -10.09
C GLU A 131 7.32 -25.42 -10.03
N GLU A 1 -9.82 22.80 7.54
CA GLU A 1 -10.34 21.99 6.42
C GLU A 1 -9.94 20.53 6.59
N ASN A 2 -10.81 19.66 6.10
CA ASN A 2 -10.67 18.21 6.27
C ASN A 2 -9.38 17.68 5.67
N LYS A 3 -8.79 18.39 4.71
CA LYS A 3 -7.53 17.97 4.11
C LYS A 3 -6.42 17.91 5.15
N LYS A 4 -6.31 18.96 5.96
CA LYS A 4 -5.30 19.02 7.01
C LYS A 4 -5.67 18.09 8.15
N GLN A 5 -6.96 18.01 8.44
CA GLN A 5 -7.47 17.11 9.45
C GLN A 5 -7.23 15.66 9.05
N ALA A 6 -7.31 15.39 7.75
CA ALA A 6 -7.05 14.06 7.22
C ALA A 6 -5.64 13.64 7.51
N LEU A 7 -4.72 14.60 7.49
CA LEU A 7 -3.33 14.32 7.81
C LEU A 7 -3.23 13.84 9.26
N LYS A 8 -3.97 14.51 10.15
CA LYS A 8 -3.99 14.14 11.54
C LYS A 8 -4.67 12.79 11.74
N GLU A 9 -5.75 12.55 11.00
CA GLU A 9 -6.42 11.25 11.03
C GLU A 9 -5.47 10.14 10.56
N LYS A 10 -4.61 10.46 9.60
CA LYS A 10 -3.59 9.50 9.16
C LYS A 10 -2.63 9.21 10.30
N GLU A 11 -2.29 10.25 11.06
CA GLU A 11 -1.41 10.11 12.22
C GLU A 11 -2.09 9.33 13.33
N LEU A 12 -3.36 9.62 13.55
CA LEU A 12 -4.15 8.92 14.56
C LEU A 12 -4.27 7.43 14.21
N GLY A 13 -4.54 7.16 12.94
CA GLY A 13 -4.58 5.78 12.47
C GLY A 13 -3.23 5.13 12.59
N ASN A 14 -2.22 5.80 12.07
CA ASN A 14 -0.84 5.31 12.13
C ASN A 14 -0.40 5.08 13.58
N ASP A 15 -0.88 5.92 14.47
CA ASP A 15 -0.58 5.80 15.90
C ASP A 15 -1.17 4.52 16.48
N ALA A 16 -2.46 4.31 16.23
CA ALA A 16 -3.15 3.09 16.63
C ALA A 16 -2.50 1.88 15.97
N TYR A 17 -2.03 2.10 14.75
CA TYR A 17 -1.32 1.08 13.96
C TYR A 17 -0.11 0.55 14.73
N LYS A 18 0.61 1.45 15.38
CA LYS A 18 1.76 1.08 16.20
C LYS A 18 1.34 0.30 17.45
N LYS A 19 0.15 0.61 17.94
CA LYS A 19 -0.34 0.07 19.19
C LYS A 19 -1.14 -1.21 18.99
N LYS A 20 -0.99 -1.83 17.83
CA LYS A 20 -1.76 -3.02 17.45
C LYS A 20 -3.26 -2.78 17.52
N ASP A 21 -3.64 -1.51 17.49
CA ASP A 21 -5.04 -1.12 17.44
C ASP A 21 -5.42 -0.98 15.98
N PHE A 22 -5.27 -2.06 15.23
CA PHE A 22 -5.40 -2.04 13.78
C PHE A 22 -6.80 -1.63 13.33
N ASP A 23 -7.82 -2.00 14.08
CA ASP A 23 -9.18 -1.56 13.76
C ASP A 23 -9.29 -0.05 13.91
N THR A 24 -8.67 0.47 14.94
CA THR A 24 -8.67 1.89 15.23
C THR A 24 -7.74 2.62 14.26
N ALA A 25 -6.64 1.96 13.93
CA ALA A 25 -5.71 2.46 12.94
C ALA A 25 -6.41 2.68 11.62
N LEU A 26 -6.97 1.60 11.12
CA LEU A 26 -7.71 1.62 9.88
C LEU A 26 -8.86 2.60 9.97
N LYS A 27 -9.43 2.73 11.14
CA LYS A 27 -10.58 3.60 11.38
C LYS A 27 -10.22 5.06 11.12
N HIS A 28 -9.11 5.52 11.67
CA HIS A 28 -8.69 6.91 11.44
C HIS A 28 -8.13 7.06 10.05
N TYR A 29 -7.49 6.01 9.55
CA TYR A 29 -7.04 6.00 8.18
C TYR A 29 -8.23 6.17 7.24
N ASP A 30 -9.31 5.47 7.59
CA ASP A 30 -10.57 5.54 6.85
C ASP A 30 -11.19 6.92 7.01
N LYS A 31 -11.06 7.46 8.21
CA LYS A 31 -11.51 8.82 8.50
C LYS A 31 -10.74 9.81 7.64
N ALA A 32 -9.43 9.61 7.56
CA ALA A 32 -8.58 10.46 6.74
C ALA A 32 -8.98 10.37 5.27
N LYS A 33 -9.53 9.24 4.87
CA LYS A 33 -10.02 9.06 3.52
C LYS A 33 -11.40 9.70 3.35
N GLU A 34 -12.16 9.74 4.44
CA GLU A 34 -13.45 10.42 4.44
C GLU A 34 -13.21 11.92 4.37
N LEU A 35 -12.13 12.35 5.03
CA LEU A 35 -11.72 13.74 5.01
C LEU A 35 -11.10 14.09 3.67
N ASP A 36 -10.12 13.31 3.24
CA ASP A 36 -9.48 13.53 1.96
C ASP A 36 -9.35 12.22 1.18
N PRO A 37 -10.33 11.93 0.30
CA PRO A 37 -10.31 10.74 -0.55
C PRO A 37 -9.32 10.84 -1.71
N THR A 38 -8.86 12.05 -2.00
CA THR A 38 -7.95 12.25 -3.12
C THR A 38 -6.51 12.07 -2.69
N ASN A 39 -6.28 12.10 -1.38
CA ASN A 39 -4.96 11.87 -0.83
C ASN A 39 -4.72 10.37 -0.73
N MET A 40 -4.13 9.83 -1.78
CA MET A 40 -3.94 8.38 -1.92
C MET A 40 -3.18 7.78 -0.75
N THR A 41 -2.36 8.59 -0.09
CA THR A 41 -1.54 8.11 1.02
C THR A 41 -2.39 7.56 2.15
N TYR A 42 -3.60 8.11 2.31
CA TYR A 42 -4.48 7.65 3.37
C TYR A 42 -5.00 6.27 3.04
N ILE A 43 -5.16 6.02 1.75
CA ILE A 43 -5.71 4.77 1.28
C ILE A 43 -4.67 3.66 1.31
N THR A 44 -3.43 4.00 0.93
CA THR A 44 -2.34 3.03 0.91
C THR A 44 -1.98 2.62 2.34
N ASN A 45 -2.12 3.55 3.26
CA ASN A 45 -1.85 3.28 4.66
C ASN A 45 -2.97 2.43 5.25
N GLN A 46 -4.18 2.61 4.73
CA GLN A 46 -5.29 1.74 5.06
C GLN A 46 -4.99 0.32 4.63
N ALA A 47 -4.56 0.20 3.38
CA ALA A 47 -4.21 -1.08 2.79
C ALA A 47 -3.18 -1.81 3.65
N ALA A 48 -2.26 -1.04 4.22
CA ALA A 48 -1.23 -1.58 5.09
C ALA A 48 -1.83 -2.25 6.32
N VAL A 49 -2.90 -1.67 6.85
CA VAL A 49 -3.56 -2.25 8.02
C VAL A 49 -4.14 -3.61 7.67
N TYR A 50 -4.80 -3.69 6.52
CA TYR A 50 -5.38 -4.94 6.07
C TYR A 50 -4.32 -6.00 5.93
N PHE A 51 -3.13 -5.59 5.51
CA PHE A 51 -2.01 -6.51 5.45
C PHE A 51 -1.72 -7.07 6.84
N GLU A 52 -1.71 -6.17 7.82
CA GLU A 52 -1.52 -6.56 9.22
C GLU A 52 -2.71 -7.37 9.72
N LYS A 53 -3.88 -7.10 9.13
CA LYS A 53 -5.12 -7.74 9.51
C LYS A 53 -5.23 -9.15 8.92
N GLY A 54 -4.46 -9.40 7.86
CA GLY A 54 -4.54 -10.69 7.18
C GLY A 54 -5.40 -10.61 5.93
N ASP A 55 -5.85 -9.40 5.62
CA ASP A 55 -6.70 -9.16 4.47
C ASP A 55 -5.87 -8.68 3.28
N TYR A 56 -5.10 -9.59 2.71
CA TYR A 56 -4.19 -9.23 1.62
C TYR A 56 -4.95 -8.86 0.36
N ASN A 57 -6.17 -9.39 0.23
CA ASN A 57 -7.01 -9.07 -0.92
C ASN A 57 -7.50 -7.63 -0.82
N LYS A 58 -7.92 -7.23 0.38
CA LYS A 58 -8.39 -5.86 0.58
C LYS A 58 -7.23 -4.88 0.45
N CYS A 59 -6.04 -5.31 0.84
CA CYS A 59 -4.85 -4.50 0.63
C CYS A 59 -4.70 -4.24 -0.86
N ARG A 60 -4.86 -5.30 -1.66
CA ARG A 60 -4.83 -5.21 -3.11
C ARG A 60 -5.94 -4.27 -3.61
N GLU A 61 -7.10 -4.36 -2.97
CA GLU A 61 -8.23 -3.50 -3.27
C GLU A 61 -7.84 -2.01 -3.14
N LEU A 62 -7.24 -1.67 -2.02
CA LEU A 62 -7.03 -0.26 -1.67
C LEU A 62 -5.80 0.31 -2.34
N CYS A 63 -4.76 -0.48 -2.49
CA CYS A 63 -3.51 0.00 -3.08
C CYS A 63 -3.74 0.53 -4.48
N GLU A 64 -4.27 -0.31 -5.36
CA GLU A 64 -4.48 0.09 -6.74
C GLU A 64 -5.56 1.17 -6.83
N LYS A 65 -6.48 1.19 -5.86
CA LYS A 65 -7.43 2.29 -5.72
C LYS A 65 -6.68 3.58 -5.45
N ALA A 66 -5.86 3.55 -4.42
CA ALA A 66 -5.05 4.69 -4.04
C ALA A 66 -4.18 5.14 -5.20
N ILE A 67 -3.55 4.20 -5.85
CA ILE A 67 -2.70 4.50 -6.99
C ILE A 67 -3.52 5.13 -8.12
N GLU A 68 -4.71 4.60 -8.36
CA GLU A 68 -5.60 5.16 -9.36
C GLU A 68 -5.96 6.59 -8.98
N VAL A 69 -6.26 6.78 -7.70
CA VAL A 69 -6.62 8.08 -7.14
C VAL A 69 -5.45 9.07 -7.25
N GLY A 70 -4.26 8.61 -6.90
CA GLY A 70 -3.10 9.49 -6.90
C GLY A 70 -2.62 9.80 -8.30
N ARG A 71 -2.55 8.79 -9.15
CA ARG A 71 -2.13 8.96 -10.53
C ARG A 71 -3.13 9.84 -11.27
N GLU A 72 -4.36 9.83 -10.79
CA GLU A 72 -5.40 10.72 -11.27
C GLU A 72 -5.07 12.17 -10.96
N ASN A 73 -4.82 12.42 -9.68
CA ASN A 73 -4.74 13.77 -9.16
C ASN A 73 -3.29 14.26 -9.10
N ARG A 74 -2.41 13.56 -9.79
CA ARG A 74 -1.00 13.94 -9.91
C ARG A 74 -0.30 13.91 -8.56
N GLU A 75 -0.60 12.87 -7.78
CA GLU A 75 -0.01 12.71 -6.46
C GLU A 75 1.37 12.06 -6.59
N ASP A 76 2.12 12.10 -5.49
CA ASP A 76 3.49 11.56 -5.44
C ASP A 76 3.55 10.14 -5.97
N TYR A 77 4.13 9.97 -7.17
CA TYR A 77 4.26 8.66 -7.78
C TYR A 77 5.28 7.82 -7.03
N ARG A 78 6.16 8.50 -6.30
CA ARG A 78 7.12 7.84 -5.45
C ARG A 78 6.39 7.07 -4.36
N GLN A 79 5.35 7.71 -3.84
CA GLN A 79 4.42 7.10 -2.90
C GLN A 79 3.65 5.98 -3.58
N ILE A 80 3.27 6.20 -4.84
CA ILE A 80 2.60 5.19 -5.66
C ILE A 80 3.46 3.93 -5.79
N ALA A 81 4.75 4.12 -5.98
CA ALA A 81 5.66 3.01 -6.08
C ALA A 81 5.69 2.22 -4.78
N LYS A 82 5.61 2.94 -3.65
CA LYS A 82 5.55 2.29 -2.36
C LYS A 82 4.22 1.56 -2.19
N ALA A 83 3.19 2.09 -2.84
CA ALA A 83 1.90 1.42 -2.91
C ALA A 83 2.05 0.13 -3.69
N TYR A 84 2.68 0.22 -4.86
CA TYR A 84 2.95 -0.94 -5.70
C TYR A 84 3.67 -2.01 -4.94
N ALA A 85 4.66 -1.61 -4.15
CA ALA A 85 5.44 -2.55 -3.39
C ALA A 85 4.58 -3.26 -2.36
N ARG A 86 3.57 -2.57 -1.85
CA ARG A 86 2.62 -3.20 -0.93
C ARG A 86 1.78 -4.23 -1.68
N ILE A 87 1.34 -3.87 -2.88
CA ILE A 87 0.55 -4.77 -3.71
C ILE A 87 1.36 -6.01 -4.01
N GLY A 88 2.56 -5.78 -4.53
CA GLY A 88 3.45 -6.86 -4.83
C GLY A 88 3.81 -7.66 -3.60
N ASN A 89 3.95 -6.98 -2.47
CA ASN A 89 4.31 -7.65 -1.23
C ASN A 89 3.12 -8.40 -0.66
N SER A 90 1.91 -7.95 -0.98
CA SER A 90 0.71 -8.68 -0.61
C SER A 90 0.69 -10.02 -1.32
N TYR A 91 0.96 -9.96 -2.61
CA TYR A 91 1.06 -11.17 -3.43
C TYR A 91 2.24 -12.02 -2.99
N PHE A 92 3.36 -11.36 -2.74
CA PHE A 92 4.58 -12.00 -2.24
C PHE A 92 4.29 -12.78 -0.97
N LYS A 93 3.55 -12.13 -0.08
CA LYS A 93 3.18 -12.69 1.20
C LYS A 93 2.11 -13.78 1.06
N GLU A 94 1.36 -13.74 -0.04
CA GLU A 94 0.24 -14.66 -0.21
C GLU A 94 0.59 -15.79 -1.20
N GLU A 95 1.83 -15.77 -1.69
CA GLU A 95 2.36 -16.78 -2.61
C GLU A 95 1.78 -16.62 -4.03
N LYS A 96 1.52 -15.36 -4.40
CA LYS A 96 1.19 -15.00 -5.77
C LYS A 96 2.33 -14.22 -6.39
N TYR A 97 3.50 -14.85 -6.42
CA TYR A 97 4.73 -14.19 -6.82
C TYR A 97 4.69 -13.64 -8.24
N LYS A 98 3.92 -14.25 -9.13
CA LYS A 98 3.81 -13.76 -10.50
C LYS A 98 3.24 -12.35 -10.49
N ASP A 99 2.20 -12.15 -9.71
CA ASP A 99 1.55 -10.85 -9.59
C ASP A 99 2.39 -9.94 -8.70
N ALA A 100 3.14 -10.55 -7.80
CA ALA A 100 4.06 -9.81 -6.95
C ALA A 100 5.05 -9.04 -7.80
N ILE A 101 5.74 -9.78 -8.66
CA ILE A 101 6.78 -9.23 -9.53
C ILE A 101 6.19 -8.20 -10.49
N HIS A 102 4.92 -8.38 -10.87
CA HIS A 102 4.25 -7.45 -11.77
C HIS A 102 4.26 -6.04 -11.18
N PHE A 103 3.62 -5.90 -10.03
CA PHE A 103 3.52 -4.63 -9.33
C PHE A 103 4.87 -4.22 -8.71
N TYR A 104 5.78 -5.18 -8.55
CA TYR A 104 7.15 -4.85 -8.12
C TYR A 104 7.87 -4.05 -9.19
N ASN A 105 8.04 -4.64 -10.36
CA ASN A 105 8.71 -3.97 -11.48
C ASN A 105 7.91 -2.73 -11.86
N LYS A 106 6.63 -2.81 -11.56
CA LYS A 106 5.68 -1.71 -11.69
C LYS A 106 6.07 -0.55 -10.77
N SER A 107 6.52 -0.90 -9.56
CA SER A 107 7.01 0.08 -8.61
C SER A 107 8.32 0.67 -9.12
N LEU A 108 9.19 -0.19 -9.62
CA LEU A 108 10.42 0.24 -10.29
C LEU A 108 10.07 1.17 -11.46
N ALA A 109 8.88 0.95 -12.01
CA ALA A 109 8.38 1.71 -13.14
C ALA A 109 7.99 3.13 -12.74
N GLU A 110 7.48 3.30 -11.51
CA GLU A 110 7.09 4.62 -11.03
C GLU A 110 8.23 5.28 -10.26
N HIS A 111 8.78 4.56 -9.32
CA HIS A 111 9.87 5.06 -8.49
C HIS A 111 10.84 3.93 -8.15
N ARG A 112 11.92 3.87 -8.91
CA ARG A 112 12.95 2.85 -8.77
C ARG A 112 13.51 2.83 -7.35
N THR A 113 13.17 1.77 -6.61
CA THR A 113 13.60 1.64 -5.23
C THR A 113 14.22 0.27 -4.97
N PRO A 114 15.38 0.30 -4.30
CA PRO A 114 16.21 -0.88 -3.97
C PRO A 114 15.44 -2.04 -3.34
N ASP A 115 14.52 -1.74 -2.43
CA ASP A 115 13.79 -2.79 -1.72
C ASP A 115 12.85 -3.54 -2.65
N VAL A 116 12.16 -2.84 -3.52
CA VAL A 116 11.28 -3.50 -4.46
C VAL A 116 12.10 -4.24 -5.51
N LEU A 117 13.23 -3.65 -5.86
CA LEU A 117 14.16 -4.29 -6.78
C LEU A 117 14.64 -5.61 -6.17
N LYS A 118 15.01 -5.54 -4.90
CA LYS A 118 15.38 -6.71 -4.12
C LYS A 118 14.24 -7.73 -4.11
N LYS A 119 13.04 -7.25 -3.78
CA LYS A 119 11.86 -8.09 -3.71
C LYS A 119 11.52 -8.72 -5.05
N CYS A 120 11.69 -7.95 -6.10
CA CYS A 120 11.33 -8.40 -7.43
C CYS A 120 12.22 -9.56 -7.85
N GLN A 121 13.53 -9.43 -7.59
CA GLN A 121 14.47 -10.52 -7.85
C GLN A 121 14.15 -11.69 -6.92
N GLN A 122 13.75 -11.36 -5.71
CA GLN A 122 13.46 -12.36 -4.68
C GLN A 122 12.30 -13.24 -5.10
N ALA A 123 11.22 -12.63 -5.55
CA ALA A 123 10.00 -13.37 -5.87
C ALA A 123 10.20 -14.34 -7.02
N GLU A 124 10.92 -13.92 -8.06
CA GLU A 124 11.13 -14.79 -9.22
C GLU A 124 12.06 -15.95 -8.88
N LYS A 125 13.06 -15.70 -8.05
CA LYS A 125 13.96 -16.77 -7.62
C LYS A 125 13.23 -17.68 -6.63
N ILE A 126 12.37 -17.10 -5.82
CA ILE A 126 11.52 -17.86 -4.90
C ILE A 126 10.61 -18.80 -5.68
N LEU A 127 9.96 -18.27 -6.70
CA LEU A 127 9.07 -19.05 -7.53
C LEU A 127 9.79 -20.26 -8.13
N LYS A 128 11.06 -20.08 -8.46
CA LYS A 128 11.84 -21.16 -9.03
C LYS A 128 12.16 -22.21 -7.97
N GLU A 129 12.25 -21.77 -6.72
CA GLU A 129 12.47 -22.68 -5.60
C GLU A 129 11.20 -23.47 -5.30
N GLN A 130 10.08 -22.91 -5.73
CA GLN A 130 8.78 -23.57 -5.58
C GLN A 130 8.61 -24.65 -6.62
N GLU A 131 9.33 -24.51 -7.73
CA GLU A 131 9.30 -25.50 -8.81
C GLU A 131 10.66 -26.21 -8.89
N GLU A 1 -9.26 22.48 8.13
CA GLU A 1 -10.44 21.82 7.54
C GLU A 1 -10.24 20.30 7.58
N ASN A 2 -11.04 19.55 6.81
CA ASN A 2 -10.92 18.09 6.82
C ASN A 2 -9.58 17.65 6.27
N LYS A 3 -9.00 18.42 5.36
CA LYS A 3 -7.71 18.09 4.75
C LYS A 3 -6.62 17.97 5.81
N LYS A 4 -6.46 19.01 6.63
CA LYS A 4 -5.47 19.00 7.70
C LYS A 4 -5.80 17.92 8.73
N GLN A 5 -7.08 17.78 9.04
CA GLN A 5 -7.56 16.78 9.96
C GLN A 5 -7.27 15.38 9.43
N ALA A 6 -7.29 15.25 8.10
CA ALA A 6 -7.00 13.98 7.45
C ALA A 6 -5.57 13.54 7.74
N LEU A 7 -4.67 14.51 7.79
CA LEU A 7 -3.28 14.23 8.13
C LEU A 7 -3.22 13.73 9.57
N LYS A 8 -4.01 14.37 10.42
CA LYS A 8 -4.15 13.96 11.81
C LYS A 8 -4.67 12.54 11.90
N GLU A 9 -5.75 12.26 11.17
CA GLU A 9 -6.35 10.93 11.15
C GLU A 9 -5.37 9.88 10.62
N LYS A 10 -4.50 10.27 9.70
CA LYS A 10 -3.48 9.37 9.21
C LYS A 10 -2.49 9.04 10.34
N GLU A 11 -2.11 10.06 11.10
CA GLU A 11 -1.20 9.88 12.24
C GLU A 11 -1.86 9.05 13.32
N LEU A 12 -3.11 9.38 13.63
CA LEU A 12 -3.88 8.65 14.62
C LEU A 12 -3.98 7.18 14.26
N GLY A 13 -4.17 6.91 12.98
CA GLY A 13 -4.20 5.55 12.52
C GLY A 13 -2.84 4.91 12.63
N ASN A 14 -1.83 5.54 12.04
CA ASN A 14 -0.46 5.02 12.11
C ASN A 14 -0.01 4.82 13.56
N ASP A 15 -0.51 5.65 14.46
CA ASP A 15 -0.18 5.56 15.87
C ASP A 15 -0.75 4.28 16.48
N ALA A 16 -2.04 4.07 16.22
CA ALA A 16 -2.71 2.83 16.61
C ALA A 16 -2.07 1.64 15.90
N TYR A 17 -1.67 1.89 14.66
CA TYR A 17 -0.97 0.91 13.82
C TYR A 17 0.29 0.40 14.52
N LYS A 18 1.01 1.33 15.12
CA LYS A 18 2.23 1.01 15.85
C LYS A 18 1.93 0.25 17.13
N LYS A 19 0.75 0.49 17.69
CA LYS A 19 0.36 -0.14 18.95
C LYS A 19 -0.42 -1.42 18.71
N LYS A 20 -0.37 -1.93 17.47
CA LYS A 20 -1.11 -3.12 17.08
C LYS A 20 -2.62 -2.96 17.26
N ASP A 21 -3.05 -1.72 17.35
CA ASP A 21 -4.46 -1.39 17.36
C ASP A 21 -4.92 -1.23 15.92
N PHE A 22 -4.76 -2.30 15.16
CA PHE A 22 -4.92 -2.26 13.71
C PHE A 22 -6.32 -1.85 13.29
N ASP A 23 -7.35 -2.33 13.98
CA ASP A 23 -8.71 -1.93 13.62
C ASP A 23 -8.90 -0.45 13.89
N THR A 24 -8.38 0.02 15.01
CA THR A 24 -8.45 1.41 15.38
C THR A 24 -7.68 2.27 14.37
N ALA A 25 -6.55 1.73 13.93
CA ALA A 25 -5.72 2.37 12.92
C ALA A 25 -6.46 2.46 11.62
N LEU A 26 -7.02 1.34 11.19
CA LEU A 26 -7.76 1.27 9.95
C LEU A 26 -8.98 2.19 10.05
N LYS A 27 -9.57 2.25 11.23
CA LYS A 27 -10.66 3.14 11.54
C LYS A 27 -10.25 4.58 11.26
N HIS A 28 -9.11 4.96 11.81
CA HIS A 28 -8.54 6.30 11.65
C HIS A 28 -8.11 6.56 10.22
N TYR A 29 -7.49 5.56 9.61
CA TYR A 29 -6.99 5.66 8.26
C TYR A 29 -8.13 5.85 7.27
N ASP A 30 -9.18 5.05 7.42
CA ASP A 30 -10.40 5.19 6.61
C ASP A 30 -11.02 6.56 6.83
N LYS A 31 -10.89 7.06 8.06
CA LYS A 31 -11.40 8.37 8.42
C LYS A 31 -10.67 9.46 7.65
N ALA A 32 -9.35 9.33 7.55
CA ALA A 32 -8.54 10.28 6.81
C ALA A 32 -8.94 10.31 5.34
N LYS A 33 -9.35 9.17 4.82
CA LYS A 33 -9.86 9.08 3.45
C LYS A 33 -11.18 9.83 3.32
N GLU A 34 -12.00 9.79 4.37
CA GLU A 34 -13.26 10.51 4.37
C GLU A 34 -13.02 12.01 4.52
N LEU A 35 -11.88 12.35 5.09
CA LEU A 35 -11.49 13.75 5.23
C LEU A 35 -10.84 14.24 3.95
N ASP A 36 -10.01 13.40 3.34
CA ASP A 36 -9.46 13.74 2.04
C ASP A 36 -9.52 12.54 1.09
N PRO A 37 -10.43 12.59 0.12
CA PRO A 37 -10.64 11.51 -0.84
C PRO A 37 -9.57 11.43 -1.92
N THR A 38 -8.75 12.47 -2.03
CA THR A 38 -7.79 12.56 -3.12
C THR A 38 -6.37 12.24 -2.67
N ASN A 39 -6.14 12.24 -1.37
CA ASN A 39 -4.83 11.93 -0.83
C ASN A 39 -4.61 10.42 -0.84
N MET A 40 -4.04 9.95 -1.94
CA MET A 40 -3.79 8.53 -2.16
C MET A 40 -3.05 7.90 -0.98
N THR A 41 -2.23 8.71 -0.34
CA THR A 41 -1.37 8.25 0.73
C THR A 41 -2.17 7.72 1.92
N TYR A 42 -3.39 8.22 2.12
CA TYR A 42 -4.22 7.74 3.21
C TYR A 42 -4.70 6.34 2.90
N ILE A 43 -5.07 6.14 1.65
CA ILE A 43 -5.64 4.89 1.19
C ILE A 43 -4.62 3.76 1.25
N THR A 44 -3.39 4.05 0.85
CA THR A 44 -2.33 3.05 0.84
C THR A 44 -1.98 2.63 2.27
N ASN A 45 -2.17 3.55 3.20
CA ASN A 45 -1.91 3.27 4.60
C ASN A 45 -3.08 2.52 5.23
N GLN A 46 -4.30 2.77 4.74
CA GLN A 46 -5.45 1.95 5.11
C GLN A 46 -5.16 0.51 4.73
N ALA A 47 -4.70 0.37 3.48
CA ALA A 47 -4.36 -0.91 2.91
C ALA A 47 -3.28 -1.61 3.74
N ALA A 48 -2.33 -0.83 4.24
CA ALA A 48 -1.25 -1.35 5.06
C ALA A 48 -1.80 -2.06 6.30
N VAL A 49 -2.91 -1.55 6.83
CA VAL A 49 -3.53 -2.18 7.98
C VAL A 49 -4.10 -3.52 7.60
N TYR A 50 -4.82 -3.58 6.48
CA TYR A 50 -5.38 -4.83 5.99
C TYR A 50 -4.31 -5.88 5.83
N PHE A 51 -3.15 -5.44 5.36
CA PHE A 51 -1.99 -6.30 5.24
C PHE A 51 -1.69 -6.99 6.57
N GLU A 52 -1.70 -6.21 7.64
CA GLU A 52 -1.49 -6.71 8.99
C GLU A 52 -2.73 -7.45 9.49
N LYS A 53 -3.89 -7.06 8.99
CA LYS A 53 -5.16 -7.65 9.38
C LYS A 53 -5.32 -9.06 8.80
N GLY A 54 -4.47 -9.39 7.81
CA GLY A 54 -4.57 -10.68 7.16
C GLY A 54 -5.33 -10.59 5.84
N ASP A 55 -5.68 -9.37 5.48
CA ASP A 55 -6.45 -9.10 4.27
C ASP A 55 -5.54 -8.57 3.17
N TYR A 56 -4.77 -9.47 2.57
CA TYR A 56 -3.82 -9.09 1.53
C TYR A 56 -4.54 -8.72 0.25
N ASN A 57 -5.75 -9.27 0.08
CA ASN A 57 -6.57 -8.93 -1.07
C ASN A 57 -7.05 -7.50 -1.00
N LYS A 58 -7.55 -7.10 0.17
CA LYS A 58 -8.03 -5.73 0.37
C LYS A 58 -6.85 -4.75 0.32
N CYS A 59 -5.71 -5.17 0.84
CA CYS A 59 -4.51 -4.36 0.78
C CYS A 59 -4.17 -4.07 -0.68
N ARG A 60 -4.23 -5.10 -1.49
CA ARG A 60 -4.05 -4.99 -2.93
C ARG A 60 -5.14 -4.10 -3.53
N GLU A 61 -6.36 -4.29 -3.04
CA GLU A 61 -7.52 -3.53 -3.50
C GLU A 61 -7.32 -2.04 -3.31
N LEU A 62 -7.04 -1.64 -2.07
CA LEU A 62 -6.96 -0.24 -1.71
C LEU A 62 -5.73 0.44 -2.31
N CYS A 63 -4.60 -0.25 -2.35
CA CYS A 63 -3.38 0.34 -2.91
C CYS A 63 -3.58 0.69 -4.37
N GLU A 64 -4.15 -0.23 -5.15
CA GLU A 64 -4.45 0.01 -6.55
C GLU A 64 -5.43 1.19 -6.69
N LYS A 65 -6.38 1.28 -5.77
CA LYS A 65 -7.32 2.40 -5.75
C LYS A 65 -6.59 3.70 -5.47
N ALA A 66 -5.73 3.67 -4.46
CA ALA A 66 -4.93 4.83 -4.10
C ALA A 66 -4.06 5.24 -5.27
N ILE A 67 -3.49 4.26 -5.94
CA ILE A 67 -2.68 4.52 -7.12
C ILE A 67 -3.52 5.14 -8.22
N GLU A 68 -4.73 4.62 -8.38
CA GLU A 68 -5.65 5.17 -9.36
C GLU A 68 -5.94 6.63 -9.02
N VAL A 69 -6.27 6.87 -7.76
CA VAL A 69 -6.53 8.21 -7.23
C VAL A 69 -5.31 9.11 -7.40
N GLY A 70 -4.14 8.58 -7.06
CA GLY A 70 -2.93 9.36 -7.12
C GLY A 70 -2.50 9.68 -8.53
N ARG A 71 -2.54 8.68 -9.40
CA ARG A 71 -2.17 8.87 -10.79
C ARG A 71 -3.18 9.77 -11.47
N GLU A 72 -4.39 9.78 -10.92
CA GLU A 72 -5.46 10.68 -11.36
C GLU A 72 -5.16 12.11 -10.92
N ASN A 73 -4.92 12.28 -9.63
CA ASN A 73 -4.76 13.61 -9.03
C ASN A 73 -3.32 14.12 -9.14
N ARG A 74 -2.50 13.40 -9.90
CA ARG A 74 -1.09 13.76 -10.12
C ARG A 74 -0.34 13.76 -8.79
N GLU A 75 -0.65 12.77 -7.97
CA GLU A 75 -0.07 12.62 -6.64
C GLU A 75 1.31 11.96 -6.74
N ASP A 76 2.05 11.98 -5.63
CA ASP A 76 3.38 11.39 -5.55
C ASP A 76 3.42 9.99 -6.15
N TYR A 77 4.13 9.84 -7.27
CA TYR A 77 4.31 8.54 -7.90
C TYR A 77 5.25 7.69 -7.06
N ARG A 78 6.07 8.36 -6.26
CA ARG A 78 6.96 7.66 -5.35
C ARG A 78 6.15 6.93 -4.29
N GLN A 79 5.04 7.55 -3.89
CA GLN A 79 4.06 6.90 -3.03
C GLN A 79 3.41 5.74 -3.76
N ILE A 80 3.09 5.99 -5.02
CA ILE A 80 2.50 4.98 -5.89
C ILE A 80 3.38 3.75 -6.01
N ALA A 81 4.68 3.96 -6.13
CA ALA A 81 5.62 2.84 -6.19
C ALA A 81 5.62 2.06 -4.90
N LYS A 82 5.43 2.75 -3.78
CA LYS A 82 5.33 2.10 -2.49
C LYS A 82 4.02 1.33 -2.40
N ALA A 83 2.98 1.90 -3.02
CA ALA A 83 1.70 1.24 -3.12
C ALA A 83 1.83 -0.01 -3.97
N TYR A 84 2.54 0.11 -5.09
CA TYR A 84 2.83 -1.04 -5.93
C TYR A 84 3.59 -2.10 -5.17
N ALA A 85 4.61 -1.66 -4.44
CA ALA A 85 5.42 -2.57 -3.66
C ALA A 85 4.58 -3.26 -2.60
N ARG A 86 3.61 -2.55 -2.06
CA ARG A 86 2.72 -3.11 -1.06
C ARG A 86 1.70 -4.03 -1.71
N ILE A 87 1.24 -3.68 -2.92
CA ILE A 87 0.39 -4.56 -3.70
C ILE A 87 1.12 -5.86 -3.98
N GLY A 88 2.33 -5.73 -4.50
CA GLY A 88 3.16 -6.88 -4.77
C GLY A 88 3.53 -7.62 -3.50
N ASN A 89 3.72 -6.88 -2.42
CA ASN A 89 4.05 -7.46 -1.12
C ASN A 89 2.89 -8.28 -0.60
N SER A 90 1.66 -7.82 -0.88
CA SER A 90 0.46 -8.55 -0.53
C SER A 90 0.44 -9.90 -1.26
N TYR A 91 0.70 -9.84 -2.56
CA TYR A 91 0.81 -11.03 -3.38
C TYR A 91 1.97 -11.91 -2.90
N PHE A 92 3.06 -11.25 -2.53
CA PHE A 92 4.27 -11.90 -2.05
C PHE A 92 3.97 -12.76 -0.82
N LYS A 93 3.10 -12.24 0.04
CA LYS A 93 2.70 -12.97 1.25
C LYS A 93 1.72 -14.10 0.90
N GLU A 94 0.92 -13.87 -0.13
CA GLU A 94 -0.18 -14.79 -0.45
C GLU A 94 0.28 -15.84 -1.48
N GLU A 95 1.56 -15.78 -1.86
CA GLU A 95 2.18 -16.74 -2.77
C GLU A 95 1.84 -16.44 -4.25
N LYS A 96 1.30 -15.26 -4.51
CA LYS A 96 1.06 -14.81 -5.88
C LYS A 96 2.25 -14.01 -6.37
N TYR A 97 3.40 -14.65 -6.38
CA TYR A 97 4.65 -14.01 -6.75
C TYR A 97 4.63 -13.50 -8.18
N LYS A 98 3.85 -14.16 -9.04
CA LYS A 98 3.72 -13.70 -10.43
C LYS A 98 3.16 -12.28 -10.46
N ASP A 99 2.15 -12.04 -9.64
CA ASP A 99 1.55 -10.72 -9.54
C ASP A 99 2.43 -9.81 -8.69
N ALA A 100 3.13 -10.40 -7.73
CA ALA A 100 4.06 -9.66 -6.90
C ALA A 100 5.09 -8.94 -7.76
N ILE A 101 5.85 -9.73 -8.53
CA ILE A 101 6.88 -9.20 -9.41
C ILE A 101 6.28 -8.26 -10.46
N HIS A 102 5.07 -8.59 -10.91
CA HIS A 102 4.36 -7.75 -11.87
C HIS A 102 4.24 -6.33 -11.35
N PHE A 103 3.65 -6.19 -10.17
CA PHE A 103 3.44 -4.87 -9.59
C PHE A 103 4.74 -4.30 -9.03
N TYR A 104 5.69 -5.16 -8.69
CA TYR A 104 7.03 -4.71 -8.30
C TYR A 104 7.68 -3.98 -9.47
N ASN A 105 7.67 -4.59 -10.65
CA ASN A 105 8.21 -3.96 -11.84
C ASN A 105 7.43 -2.67 -12.14
N LYS A 106 6.17 -2.66 -11.73
CA LYS A 106 5.34 -1.46 -11.81
C LYS A 106 5.79 -0.43 -10.77
N SER A 107 6.33 -0.92 -9.66
CA SER A 107 6.89 -0.07 -8.62
C SER A 107 8.17 0.56 -9.16
N LEU A 108 9.02 -0.29 -9.76
CA LEU A 108 10.22 0.16 -10.46
C LEU A 108 9.84 1.16 -11.56
N ALA A 109 8.68 0.91 -12.16
CA ALA A 109 8.16 1.74 -13.25
C ALA A 109 7.96 3.18 -12.80
N GLU A 110 7.52 3.37 -11.56
CA GLU A 110 7.21 4.69 -11.05
C GLU A 110 8.38 5.27 -10.24
N HIS A 111 8.88 4.49 -9.29
CA HIS A 111 9.92 4.96 -8.39
C HIS A 111 10.86 3.82 -8.04
N ARG A 112 11.98 3.78 -8.73
CA ARG A 112 12.95 2.71 -8.59
C ARG A 112 13.68 2.83 -7.26
N THR A 113 13.47 1.82 -6.42
CA THR A 113 14.11 1.77 -5.11
C THR A 113 14.53 0.34 -4.78
N PRO A 114 15.72 0.24 -4.18
CA PRO A 114 16.37 -1.02 -3.79
C PRO A 114 15.45 -2.02 -3.12
N ASP A 115 14.48 -1.54 -2.35
CA ASP A 115 13.58 -2.42 -1.62
C ASP A 115 12.70 -3.23 -2.55
N VAL A 116 12.08 -2.57 -3.53
CA VAL A 116 11.21 -3.28 -4.44
C VAL A 116 12.03 -4.08 -5.42
N LEU A 117 13.20 -3.57 -5.76
CA LEU A 117 14.13 -4.29 -6.61
C LEU A 117 14.54 -5.59 -5.91
N LYS A 118 14.82 -5.45 -4.63
CA LYS A 118 15.11 -6.58 -3.75
C LYS A 118 13.94 -7.55 -3.73
N LYS A 119 12.76 -7.02 -3.47
CA LYS A 119 11.54 -7.82 -3.43
C LYS A 119 11.27 -8.51 -4.75
N CYS A 120 11.49 -7.78 -5.84
CA CYS A 120 11.23 -8.30 -7.16
C CYS A 120 12.12 -9.50 -7.45
N GLN A 121 13.38 -9.38 -7.09
CA GLN A 121 14.32 -10.47 -7.27
C GLN A 121 14.02 -11.59 -6.29
N GLN A 122 13.60 -11.21 -5.07
CA GLN A 122 13.26 -12.17 -4.03
C GLN A 122 12.14 -13.09 -4.51
N ALA A 123 11.04 -12.48 -4.93
CA ALA A 123 9.87 -13.25 -5.38
C ALA A 123 10.21 -14.09 -6.61
N GLU A 124 11.05 -13.56 -7.47
CA GLU A 124 11.44 -14.25 -8.70
C GLU A 124 12.24 -15.51 -8.35
N LYS A 125 13.23 -15.36 -7.47
CA LYS A 125 14.06 -16.50 -7.09
C LYS A 125 13.28 -17.47 -6.21
N ILE A 126 12.34 -16.93 -5.43
CA ILE A 126 11.43 -17.75 -4.65
C ILE A 126 10.60 -18.63 -5.57
N LEU A 127 9.96 -18.00 -6.56
CA LEU A 127 9.15 -18.73 -7.52
C LEU A 127 9.99 -19.78 -8.24
N LYS A 128 11.24 -19.42 -8.52
CA LYS A 128 12.17 -20.30 -9.22
C LYS A 128 12.45 -21.56 -8.40
N GLU A 129 12.37 -21.44 -7.08
CA GLU A 129 12.56 -22.58 -6.19
C GLU A 129 11.25 -23.31 -5.96
N GLN A 130 10.14 -22.61 -6.19
CA GLN A 130 8.81 -23.18 -5.97
C GLN A 130 8.38 -24.05 -7.14
N GLU A 131 8.73 -23.63 -8.36
CA GLU A 131 8.35 -24.37 -9.56
C GLU A 131 9.19 -25.64 -9.71
N GLU A 1 -10.45 22.33 7.33
CA GLU A 1 -11.66 21.52 7.08
C GLU A 1 -11.31 20.03 7.12
N ASN A 2 -12.11 19.21 6.45
CA ASN A 2 -11.97 17.76 6.53
C ASN A 2 -10.65 17.30 5.94
N LYS A 3 -10.18 17.97 4.90
CA LYS A 3 -8.91 17.59 4.27
C LYS A 3 -7.76 17.75 5.25
N LYS A 4 -7.79 18.82 6.03
CA LYS A 4 -6.79 19.05 7.06
C LYS A 4 -6.96 18.02 8.18
N GLN A 5 -8.20 17.78 8.57
CA GLN A 5 -8.54 16.80 9.57
C GLN A 5 -8.16 15.39 9.10
N ALA A 6 -8.15 15.19 7.79
CA ALA A 6 -7.76 13.92 7.20
C ALA A 6 -6.33 13.59 7.55
N LEU A 7 -5.48 14.60 7.58
CA LEU A 7 -4.11 14.42 8.03
C LEU A 7 -4.08 13.96 9.48
N LYS A 8 -4.95 14.57 10.29
CA LYS A 8 -5.08 14.20 11.69
C LYS A 8 -5.56 12.76 11.82
N GLU A 9 -6.54 12.40 11.00
CA GLU A 9 -7.07 11.04 10.98
C GLU A 9 -6.00 10.04 10.53
N LYS A 10 -5.17 10.42 9.55
CA LYS A 10 -4.09 9.55 9.10
C LYS A 10 -3.10 9.33 10.25
N GLU A 11 -2.81 10.40 10.98
CA GLU A 11 -1.91 10.33 12.13
C GLU A 11 -2.52 9.52 13.26
N LEU A 12 -3.81 9.72 13.50
CA LEU A 12 -4.53 8.98 14.53
C LEU A 12 -4.56 7.50 14.20
N GLY A 13 -4.75 7.18 12.93
CA GLY A 13 -4.68 5.80 12.49
C GLY A 13 -3.29 5.25 12.65
N ASN A 14 -2.30 5.93 12.08
CA ASN A 14 -0.91 5.52 12.18
C ASN A 14 -0.49 5.38 13.64
N ASP A 15 -1.01 6.24 14.48
CA ASP A 15 -0.72 6.22 15.91
C ASP A 15 -1.18 4.90 16.53
N ALA A 16 -2.44 4.55 16.30
CA ALA A 16 -3.00 3.30 16.77
C ALA A 16 -2.26 2.12 16.13
N TYR A 17 -1.84 2.32 14.89
CA TYR A 17 -1.06 1.35 14.15
C TYR A 17 0.21 0.96 14.92
N LYS A 18 0.82 1.95 15.55
CA LYS A 18 2.05 1.74 16.33
C LYS A 18 1.79 0.90 17.57
N LYS A 19 0.57 0.94 18.09
CA LYS A 19 0.24 0.20 19.30
C LYS A 19 -0.45 -1.12 18.96
N LYS A 20 -0.31 -1.55 17.72
CA LYS A 20 -0.95 -2.79 17.23
C LYS A 20 -2.47 -2.70 17.32
N ASP A 21 -2.97 -1.48 17.46
CA ASP A 21 -4.39 -1.22 17.41
C ASP A 21 -4.81 -1.05 15.97
N PHE A 22 -4.54 -2.08 15.17
CA PHE A 22 -4.69 -2.02 13.72
C PHE A 22 -6.13 -1.74 13.29
N ASP A 23 -7.11 -2.24 14.04
CA ASP A 23 -8.51 -1.93 13.75
C ASP A 23 -8.76 -0.45 13.92
N THR A 24 -8.29 0.09 15.04
CA THR A 24 -8.43 1.49 15.34
C THR A 24 -7.60 2.33 14.38
N ALA A 25 -6.44 1.80 14.01
CA ALA A 25 -5.57 2.43 13.03
C ALA A 25 -6.31 2.59 11.72
N LEU A 26 -6.80 1.47 11.21
CA LEU A 26 -7.49 1.44 9.94
C LEU A 26 -8.76 2.29 10.01
N LYS A 27 -9.32 2.37 11.19
CA LYS A 27 -10.54 3.13 11.42
C LYS A 27 -10.32 4.62 11.10
N HIS A 28 -9.23 5.18 11.60
CA HIS A 28 -8.92 6.58 11.34
C HIS A 28 -8.38 6.77 9.95
N TYR A 29 -7.62 5.78 9.48
CA TYR A 29 -7.15 5.79 8.10
C TYR A 29 -8.34 5.85 7.15
N ASP A 30 -9.34 5.04 7.45
CA ASP A 30 -10.57 5.00 6.68
C ASP A 30 -11.29 6.34 6.79
N LYS A 31 -11.28 6.90 8.00
CA LYS A 31 -11.86 8.20 8.26
C LYS A 31 -11.15 9.27 7.44
N ALA A 32 -9.82 9.18 7.37
CA ALA A 32 -9.03 10.12 6.58
C ALA A 32 -9.39 10.05 5.11
N LYS A 33 -9.85 8.90 4.67
CA LYS A 33 -10.30 8.71 3.29
C LYS A 33 -11.69 9.29 3.11
N GLU A 34 -12.46 9.28 4.18
CA GLU A 34 -13.79 9.88 4.18
C GLU A 34 -13.64 11.39 4.15
N LEU A 35 -12.56 11.87 4.77
CA LEU A 35 -12.25 13.29 4.82
C LEU A 35 -11.58 13.74 3.53
N ASP A 36 -10.60 12.98 3.07
CA ASP A 36 -9.97 13.27 1.79
C ASP A 36 -9.74 11.99 1.00
N PRO A 37 -10.68 11.64 0.11
CA PRO A 37 -10.60 10.44 -0.71
C PRO A 37 -9.61 10.56 -1.86
N THR A 38 -9.17 11.78 -2.14
CA THR A 38 -8.27 12.04 -3.26
C THR A 38 -6.82 11.92 -2.82
N ASN A 39 -6.60 11.99 -1.51
CA ASN A 39 -5.27 11.81 -0.96
C ASN A 39 -4.95 10.33 -0.91
N MET A 40 -4.31 9.86 -1.98
CA MET A 40 -4.03 8.44 -2.15
C MET A 40 -3.28 7.87 -0.95
N THR A 41 -2.52 8.72 -0.27
CA THR A 41 -1.72 8.31 0.87
C THR A 41 -2.57 7.64 1.94
N TYR A 42 -3.76 8.19 2.18
CA TYR A 42 -4.64 7.67 3.22
C TYR A 42 -5.07 6.26 2.88
N ILE A 43 -5.30 6.05 1.60
CA ILE A 43 -5.77 4.78 1.11
C ILE A 43 -4.64 3.73 1.18
N THR A 44 -3.44 4.14 0.80
CA THR A 44 -2.29 3.25 0.82
C THR A 44 -1.88 2.88 2.24
N ASN A 45 -2.05 3.84 3.15
CA ASN A 45 -1.75 3.60 4.56
C ASN A 45 -2.81 2.69 5.19
N GLN A 46 -4.04 2.82 4.70
CA GLN A 46 -5.10 1.88 5.05
C GLN A 46 -4.68 0.47 4.66
N ALA A 47 -4.23 0.36 3.44
CA ALA A 47 -3.81 -0.91 2.88
C ALA A 47 -2.67 -1.53 3.69
N ALA A 48 -1.87 -0.67 4.33
CA ALA A 48 -0.79 -1.14 5.18
C ALA A 48 -1.33 -1.83 6.42
N VAL A 49 -2.48 -1.37 6.90
CA VAL A 49 -3.10 -2.00 8.05
C VAL A 49 -3.60 -3.38 7.72
N TYR A 50 -4.28 -3.49 6.57
CA TYR A 50 -4.78 -4.79 6.12
C TYR A 50 -3.63 -5.78 5.99
N PHE A 51 -2.45 -5.26 5.67
CA PHE A 51 -1.26 -6.08 5.54
C PHE A 51 -0.87 -6.67 6.90
N GLU A 52 -1.14 -5.91 7.95
CA GLU A 52 -0.94 -6.38 9.31
C GLU A 52 -2.12 -7.23 9.75
N LYS A 53 -3.30 -6.86 9.27
CA LYS A 53 -4.54 -7.55 9.58
C LYS A 53 -4.55 -8.96 9.03
N GLY A 54 -3.80 -9.17 7.95
CA GLY A 54 -3.77 -10.47 7.31
C GLY A 54 -4.70 -10.52 6.11
N ASP A 55 -5.23 -9.37 5.75
CA ASP A 55 -6.17 -9.25 4.64
C ASP A 55 -5.44 -8.77 3.40
N TYR A 56 -4.50 -9.58 2.93
CA TYR A 56 -3.60 -9.18 1.84
C TYR A 56 -4.38 -8.88 0.56
N ASN A 57 -5.53 -9.49 0.43
CA ASN A 57 -6.41 -9.24 -0.70
C ASN A 57 -6.86 -7.78 -0.71
N LYS A 58 -7.08 -7.23 0.47
CA LYS A 58 -7.54 -5.86 0.59
C LYS A 58 -6.38 -4.87 0.45
N CYS A 59 -5.19 -5.26 0.92
CA CYS A 59 -4.03 -4.40 0.86
C CYS A 59 -3.69 -4.09 -0.59
N ARG A 60 -3.73 -5.11 -1.44
CA ARG A 60 -3.48 -4.93 -2.86
C ARG A 60 -4.65 -4.19 -3.50
N GLU A 61 -5.83 -4.35 -2.91
CA GLU A 61 -7.05 -3.71 -3.39
C GLU A 61 -6.92 -2.19 -3.27
N LEU A 62 -6.67 -1.72 -2.05
CA LEU A 62 -6.66 -0.30 -1.76
C LEU A 62 -5.49 0.41 -2.41
N CYS A 63 -4.29 -0.18 -2.37
CA CYS A 63 -3.11 0.46 -2.93
C CYS A 63 -3.31 0.79 -4.40
N GLU A 64 -3.79 -0.19 -5.17
CA GLU A 64 -4.04 -0.01 -6.60
C GLU A 64 -5.05 1.12 -6.85
N LYS A 65 -6.08 1.17 -6.02
CA LYS A 65 -7.09 2.22 -6.11
C LYS A 65 -6.45 3.57 -5.79
N ALA A 66 -5.69 3.60 -4.70
CA ALA A 66 -4.96 4.78 -4.29
C ALA A 66 -4.04 5.25 -5.39
N ILE A 67 -3.38 4.30 -6.03
CA ILE A 67 -2.46 4.59 -7.11
C ILE A 67 -3.20 5.21 -8.29
N GLU A 68 -4.37 4.66 -8.62
CA GLU A 68 -5.19 5.23 -9.67
C GLU A 68 -5.58 6.66 -9.32
N VAL A 69 -5.94 6.84 -8.06
CA VAL A 69 -6.34 8.15 -7.53
C VAL A 69 -5.17 9.13 -7.55
N GLY A 70 -4.02 8.70 -7.06
CA GLY A 70 -2.87 9.56 -6.99
C GLY A 70 -2.31 9.87 -8.36
N ARG A 71 -2.25 8.86 -9.22
CA ARG A 71 -1.77 9.03 -10.58
C ARG A 71 -2.71 9.93 -11.36
N GLU A 72 -3.97 9.94 -10.93
CA GLU A 72 -4.97 10.86 -11.46
C GLU A 72 -4.69 12.28 -11.03
N ASN A 73 -4.56 12.46 -9.72
CA ASN A 73 -4.48 13.78 -9.11
C ASN A 73 -3.04 14.27 -9.06
N ARG A 74 -2.16 13.58 -9.79
CA ARG A 74 -0.76 13.97 -9.94
C ARG A 74 -0.06 13.95 -8.58
N GLU A 75 -0.36 12.92 -7.81
CA GLU A 75 0.20 12.76 -6.48
C GLU A 75 1.56 12.09 -6.55
N ASP A 76 2.29 12.15 -5.43
CA ASP A 76 3.65 11.60 -5.35
C ASP A 76 3.72 10.17 -5.89
N TYR A 77 4.45 10.00 -6.99
CA TYR A 77 4.57 8.69 -7.62
C TYR A 77 5.52 7.80 -6.85
N ARG A 78 6.39 8.43 -6.06
CA ARG A 78 7.30 7.68 -5.21
C ARG A 78 6.50 6.93 -4.15
N GLN A 79 5.48 7.62 -3.64
CA GLN A 79 4.48 7.04 -2.76
C GLN A 79 3.71 5.94 -3.49
N ILE A 80 3.44 6.17 -4.77
CA ILE A 80 2.78 5.17 -5.62
C ILE A 80 3.62 3.90 -5.75
N ALA A 81 4.92 4.06 -5.92
CA ALA A 81 5.82 2.92 -6.02
C ALA A 81 5.82 2.11 -4.73
N LYS A 82 5.66 2.80 -3.60
CA LYS A 82 5.58 2.13 -2.32
C LYS A 82 4.24 1.44 -2.20
N ALA A 83 3.24 1.99 -2.87
CA ALA A 83 1.92 1.38 -2.94
C ALA A 83 1.99 0.13 -3.80
N TYR A 84 2.65 0.23 -4.94
CA TYR A 84 2.89 -0.92 -5.81
C TYR A 84 3.62 -2.01 -5.07
N ALA A 85 4.66 -1.61 -4.35
CA ALA A 85 5.45 -2.54 -3.57
C ALA A 85 4.59 -3.22 -2.53
N ARG A 86 3.69 -2.46 -1.93
CA ARG A 86 2.79 -3.01 -0.91
C ARG A 86 1.80 -3.96 -1.57
N ILE A 87 1.32 -3.60 -2.75
CA ILE A 87 0.48 -4.49 -3.55
C ILE A 87 1.21 -5.80 -3.79
N GLY A 88 2.42 -5.68 -4.32
CA GLY A 88 3.23 -6.84 -4.60
C GLY A 88 3.55 -7.63 -3.35
N ASN A 89 3.82 -6.93 -2.25
CA ASN A 89 4.12 -7.59 -0.98
C ASN A 89 2.91 -8.35 -0.48
N SER A 90 1.73 -7.83 -0.73
CA SER A 90 0.49 -8.51 -0.37
C SER A 90 0.40 -9.83 -1.12
N TYR A 91 0.62 -9.77 -2.42
CA TYR A 91 0.65 -10.98 -3.25
C TYR A 91 1.80 -11.90 -2.82
N PHE A 92 2.92 -11.28 -2.47
CA PHE A 92 4.10 -11.99 -2.03
C PHE A 92 3.80 -12.83 -0.77
N LYS A 93 2.99 -12.28 0.11
CA LYS A 93 2.60 -12.99 1.33
C LYS A 93 1.58 -14.08 1.02
N GLU A 94 0.80 -13.88 -0.03
CA GLU A 94 -0.29 -14.78 -0.35
C GLU A 94 0.13 -15.82 -1.40
N GLU A 95 1.40 -15.74 -1.82
CA GLU A 95 2.00 -16.68 -2.77
C GLU A 95 1.48 -16.44 -4.19
N LYS A 96 1.09 -15.21 -4.47
CA LYS A 96 0.73 -14.78 -5.82
C LYS A 96 1.87 -13.97 -6.41
N TYR A 97 3.05 -14.59 -6.44
CA TYR A 97 4.28 -13.91 -6.85
C TYR A 97 4.20 -13.42 -8.30
N LYS A 98 3.38 -14.08 -9.12
CA LYS A 98 3.21 -13.66 -10.51
C LYS A 98 2.67 -12.24 -10.55
N ASP A 99 1.73 -11.96 -9.66
CA ASP A 99 1.15 -10.63 -9.55
C ASP A 99 2.07 -9.73 -8.73
N ALA A 100 2.73 -10.32 -7.74
CA ALA A 100 3.70 -9.60 -6.91
C ALA A 100 4.72 -8.88 -7.78
N ILE A 101 5.42 -9.66 -8.60
CA ILE A 101 6.45 -9.14 -9.48
C ILE A 101 5.89 -8.16 -10.50
N HIS A 102 4.67 -8.43 -10.97
CA HIS A 102 4.00 -7.53 -11.89
C HIS A 102 3.97 -6.12 -11.33
N PHE A 103 3.41 -5.98 -10.14
CA PHE A 103 3.27 -4.68 -9.51
C PHE A 103 4.60 -4.18 -8.97
N TYR A 104 5.52 -5.08 -8.65
CA TYR A 104 6.87 -4.70 -8.27
C TYR A 104 7.57 -3.96 -9.41
N ASN A 105 7.55 -4.55 -10.59
CA ASN A 105 8.12 -3.91 -11.77
C ASN A 105 7.41 -2.59 -12.04
N LYS A 106 6.14 -2.53 -11.65
CA LYS A 106 5.36 -1.30 -11.70
C LYS A 106 5.85 -0.32 -10.61
N SER A 107 6.34 -0.87 -9.51
CA SER A 107 6.93 -0.06 -8.45
C SER A 107 8.23 0.55 -8.99
N LEU A 108 9.03 -0.30 -9.65
CA LEU A 108 10.23 0.15 -10.33
C LEU A 108 9.89 1.19 -11.39
N ALA A 109 8.73 0.99 -12.03
CA ALA A 109 8.24 1.86 -13.09
C ALA A 109 8.10 3.29 -12.58
N GLU A 110 7.52 3.45 -11.40
CA GLU A 110 7.27 4.77 -10.84
C GLU A 110 8.49 5.29 -10.07
N HIS A 111 9.01 4.46 -9.16
CA HIS A 111 10.10 4.90 -8.30
C HIS A 111 11.01 3.71 -7.98
N ARG A 112 12.10 3.62 -8.73
CA ARG A 112 13.07 2.54 -8.57
C ARG A 112 13.67 2.56 -7.17
N THR A 113 13.42 1.52 -6.41
CA THR A 113 13.91 1.41 -5.06
C THR A 113 14.38 -0.01 -4.75
N PRO A 114 15.44 -0.13 -3.94
CA PRO A 114 16.13 -1.40 -3.70
C PRO A 114 15.27 -2.43 -2.98
N ASP A 115 14.31 -1.95 -2.19
CA ASP A 115 13.39 -2.84 -1.48
C ASP A 115 12.52 -3.60 -2.45
N VAL A 116 11.99 -2.90 -3.45
CA VAL A 116 11.11 -3.55 -4.39
C VAL A 116 11.94 -4.33 -5.40
N LEU A 117 13.11 -3.82 -5.72
CA LEU A 117 14.03 -4.52 -6.60
C LEU A 117 14.41 -5.84 -5.94
N LYS A 118 14.70 -5.77 -4.65
CA LYS A 118 14.95 -6.94 -3.82
C LYS A 118 13.76 -7.90 -3.88
N LYS A 119 12.59 -7.35 -3.61
CA LYS A 119 11.35 -8.12 -3.56
C LYS A 119 11.03 -8.73 -4.91
N CYS A 120 11.25 -7.99 -5.97
CA CYS A 120 10.92 -8.43 -7.30
C CYS A 120 11.75 -9.65 -7.68
N GLN A 121 13.06 -9.54 -7.48
CA GLN A 121 13.95 -10.66 -7.74
C GLN A 121 13.67 -11.80 -6.78
N GLN A 122 13.33 -11.45 -5.55
CA GLN A 122 13.02 -12.44 -4.53
C GLN A 122 11.84 -13.29 -4.97
N ALA A 123 10.73 -12.65 -5.28
CA ALA A 123 9.52 -13.35 -5.71
C ALA A 123 9.78 -14.18 -6.97
N GLU A 124 10.61 -13.64 -7.85
CA GLU A 124 10.91 -14.28 -9.12
C GLU A 124 11.76 -15.53 -8.90
N LYS A 125 12.76 -15.41 -8.03
CA LYS A 125 13.63 -16.54 -7.70
C LYS A 125 12.88 -17.55 -6.84
N ILE A 126 11.97 -17.04 -6.00
CA ILE A 126 11.11 -17.88 -5.18
C ILE A 126 10.22 -18.75 -6.07
N LEU A 127 9.55 -18.11 -7.03
CA LEU A 127 8.72 -18.83 -7.97
C LEU A 127 9.57 -19.82 -8.77
N LYS A 128 10.84 -19.49 -8.98
CA LYS A 128 11.75 -20.37 -9.67
C LYS A 128 12.10 -21.59 -8.82
N GLU A 129 12.05 -21.41 -7.50
CA GLU A 129 12.32 -22.51 -6.58
C GLU A 129 11.07 -23.34 -6.33
N GLN A 130 9.92 -22.76 -6.69
CA GLN A 130 8.65 -23.46 -6.52
C GLN A 130 8.47 -24.52 -7.59
N GLU A 131 8.99 -24.23 -8.78
CA GLU A 131 8.94 -25.17 -9.88
C GLU A 131 10.06 -26.21 -9.76
N GLU A 1 -10.20 22.56 7.38
CA GLU A 1 -11.42 21.73 7.23
C GLU A 1 -11.01 20.26 7.13
N ASN A 2 -11.83 19.46 6.46
CA ASN A 2 -11.67 18.01 6.42
C ASN A 2 -10.30 17.59 5.88
N LYS A 3 -9.81 18.27 4.86
CA LYS A 3 -8.52 17.91 4.25
C LYS A 3 -7.39 17.95 5.28
N LYS A 4 -7.30 19.07 6.01
CA LYS A 4 -6.30 19.20 7.05
C LYS A 4 -6.55 18.21 8.18
N GLN A 5 -7.83 18.05 8.55
CA GLN A 5 -8.20 17.13 9.60
C GLN A 5 -7.87 15.69 9.20
N ALA A 6 -7.89 15.42 7.90
CA ALA A 6 -7.52 14.12 7.37
C ALA A 6 -6.08 13.79 7.74
N LEU A 7 -5.22 14.79 7.67
CA LEU A 7 -3.83 14.63 8.04
C LEU A 7 -3.75 14.18 9.51
N LYS A 8 -4.60 14.77 10.33
CA LYS A 8 -4.65 14.42 11.75
C LYS A 8 -5.19 13.00 11.93
N GLU A 9 -6.25 12.67 11.20
CA GLU A 9 -6.82 11.32 11.23
C GLU A 9 -5.80 10.27 10.77
N LYS A 10 -4.94 10.64 9.83
CA LYS A 10 -3.90 9.72 9.36
C LYS A 10 -2.91 9.43 10.49
N GLU A 11 -2.56 10.46 11.24
CA GLU A 11 -1.62 10.31 12.35
C GLU A 11 -2.25 9.52 13.48
N LEU A 12 -3.54 9.72 13.69
CA LEU A 12 -4.29 8.95 14.67
C LEU A 12 -4.36 7.49 14.25
N GLY A 13 -4.58 7.26 12.96
CA GLY A 13 -4.53 5.92 12.42
C GLY A 13 -3.16 5.31 12.58
N ASN A 14 -2.16 6.05 12.14
CA ASN A 14 -0.77 5.60 12.18
C ASN A 14 -0.29 5.33 13.61
N ASP A 15 -0.78 6.13 14.53
CA ASP A 15 -0.42 5.98 15.95
C ASP A 15 -0.94 4.65 16.48
N ALA A 16 -2.22 4.39 16.22
CA ALA A 16 -2.84 3.13 16.58
C ALA A 16 -2.16 1.99 15.83
N TYR A 17 -1.84 2.26 14.59
CA TYR A 17 -1.12 1.35 13.71
C TYR A 17 0.17 0.86 14.35
N LYS A 18 0.82 1.76 15.07
CA LYS A 18 2.09 1.46 15.72
C LYS A 18 1.92 0.49 16.89
N LYS A 19 0.82 0.60 17.61
CA LYS A 19 0.60 -0.24 18.79
C LYS A 19 -0.29 -1.43 18.46
N LYS A 20 -0.21 -1.88 17.21
CA LYS A 20 -0.98 -3.03 16.72
C LYS A 20 -2.48 -2.85 16.90
N ASP A 21 -2.90 -1.60 17.05
CA ASP A 21 -4.30 -1.26 17.05
C ASP A 21 -4.75 -1.11 15.61
N PHE A 22 -4.55 -2.17 14.83
CA PHE A 22 -4.71 -2.11 13.38
C PHE A 22 -6.14 -1.76 12.97
N ASP A 23 -7.13 -2.31 13.67
CA ASP A 23 -8.51 -1.94 13.38
C ASP A 23 -8.74 -0.47 13.66
N THR A 24 -8.24 -0.02 14.80
CA THR A 24 -8.31 1.39 15.18
C THR A 24 -7.55 2.26 14.19
N ALA A 25 -6.39 1.77 13.78
CA ALA A 25 -5.56 2.45 12.79
C ALA A 25 -6.32 2.68 11.51
N LEU A 26 -6.77 1.56 10.93
CA LEU A 26 -7.53 1.57 9.70
C LEU A 26 -8.78 2.42 9.86
N LYS A 27 -9.31 2.43 11.08
CA LYS A 27 -10.51 3.18 11.40
C LYS A 27 -10.28 4.68 11.22
N HIS A 28 -9.18 5.20 11.76
CA HIS A 28 -8.87 6.62 11.61
C HIS A 28 -8.36 6.90 10.20
N TYR A 29 -7.63 5.95 9.64
CA TYR A 29 -7.17 6.06 8.27
C TYR A 29 -8.35 6.19 7.31
N ASP A 30 -9.37 5.36 7.54
CA ASP A 30 -10.59 5.39 6.75
C ASP A 30 -11.32 6.71 6.96
N LYS A 31 -11.26 7.20 8.19
CA LYS A 31 -11.78 8.52 8.51
C LYS A 31 -11.05 9.57 7.69
N ALA A 32 -9.72 9.49 7.66
CA ALA A 32 -8.90 10.40 6.88
C ALA A 32 -9.25 10.32 5.39
N LYS A 33 -9.59 9.13 4.93
CA LYS A 33 -10.02 8.92 3.55
C LYS A 33 -11.36 9.59 3.29
N GLU A 34 -12.17 9.73 4.33
CA GLU A 34 -13.44 10.43 4.22
C GLU A 34 -13.17 11.94 4.21
N LEU A 35 -12.13 12.33 4.93
CA LEU A 35 -11.76 13.73 5.01
C LEU A 35 -11.01 14.16 3.76
N ASP A 36 -10.25 13.24 3.17
CA ASP A 36 -9.62 13.50 1.89
C ASP A 36 -9.43 12.20 1.11
N PRO A 37 -10.39 11.88 0.24
CA PRO A 37 -10.33 10.68 -0.60
C PRO A 37 -9.32 10.81 -1.73
N THR A 38 -8.95 12.04 -2.03
CA THR A 38 -8.03 12.32 -3.12
C THR A 38 -6.58 12.22 -2.66
N ASN A 39 -6.40 12.14 -1.36
CA ASN A 39 -5.10 11.93 -0.77
C ASN A 39 -4.81 10.44 -0.71
N MET A 40 -4.22 9.93 -1.77
CA MET A 40 -3.99 8.50 -1.94
C MET A 40 -3.26 7.89 -0.75
N THR A 41 -2.44 8.70 -0.08
CA THR A 41 -1.66 8.25 1.05
C THR A 41 -2.52 7.60 2.11
N TYR A 42 -3.68 8.21 2.40
CA TYR A 42 -4.55 7.72 3.45
C TYR A 42 -5.02 6.31 3.10
N ILE A 43 -5.37 6.14 1.84
CA ILE A 43 -5.87 4.88 1.35
C ILE A 43 -4.78 3.81 1.39
N THR A 44 -3.56 4.17 0.99
CA THR A 44 -2.45 3.23 0.98
C THR A 44 -2.05 2.84 2.40
N ASN A 45 -2.36 3.71 3.36
CA ASN A 45 -2.07 3.43 4.76
C ASN A 45 -3.08 2.44 5.30
N GLN A 46 -4.33 2.57 4.88
CA GLN A 46 -5.36 1.59 5.21
C GLN A 46 -4.96 0.22 4.68
N ALA A 47 -4.47 0.23 3.45
CA ALA A 47 -4.02 -0.97 2.78
C ALA A 47 -2.88 -1.64 3.56
N ALA A 48 -2.01 -0.82 4.12
CA ALA A 48 -0.93 -1.29 4.96
C ALA A 48 -1.46 -1.99 6.20
N VAL A 49 -2.64 -1.55 6.65
CA VAL A 49 -3.26 -2.16 7.80
C VAL A 49 -3.78 -3.55 7.47
N TYR A 50 -4.47 -3.67 6.34
CA TYR A 50 -4.97 -4.97 5.90
C TYR A 50 -3.83 -5.96 5.76
N PHE A 51 -2.69 -5.47 5.35
CA PHE A 51 -1.49 -6.29 5.23
C PHE A 51 -1.12 -6.89 6.59
N GLU A 52 -1.16 -6.07 7.62
CA GLU A 52 -0.88 -6.52 8.99
C GLU A 52 -2.03 -7.37 9.52
N LYS A 53 -3.24 -6.95 9.16
CA LYS A 53 -4.47 -7.59 9.60
C LYS A 53 -4.60 -9.00 9.04
N GLY A 54 -3.97 -9.26 7.90
CA GLY A 54 -4.05 -10.57 7.28
C GLY A 54 -4.88 -10.56 6.01
N ASP A 55 -5.46 -9.41 5.71
CA ASP A 55 -6.26 -9.23 4.52
C ASP A 55 -5.38 -8.75 3.37
N TYR A 56 -4.61 -9.66 2.80
CA TYR A 56 -3.62 -9.31 1.79
C TYR A 56 -4.30 -8.85 0.50
N ASN A 57 -5.42 -9.46 0.16
CA ASN A 57 -6.12 -9.12 -1.08
C ASN A 57 -6.63 -7.68 -1.02
N LYS A 58 -7.13 -7.28 0.15
CA LYS A 58 -7.63 -5.91 0.32
C LYS A 58 -6.49 -4.90 0.23
N CYS A 59 -5.30 -5.31 0.66
CA CYS A 59 -4.15 -4.43 0.60
C CYS A 59 -3.87 -4.04 -0.85
N ARG A 60 -3.94 -5.02 -1.75
CA ARG A 60 -3.84 -4.75 -3.18
C ARG A 60 -5.00 -3.89 -3.63
N GLU A 61 -6.20 -4.26 -3.17
CA GLU A 61 -7.44 -3.57 -3.53
C GLU A 61 -7.33 -2.07 -3.32
N LEU A 62 -6.90 -1.69 -2.11
CA LEU A 62 -6.84 -0.28 -1.75
C LEU A 62 -5.63 0.41 -2.36
N CYS A 63 -4.51 -0.29 -2.46
CA CYS A 63 -3.30 0.32 -3.01
C CYS A 63 -3.53 0.72 -4.47
N GLU A 64 -4.09 -0.17 -5.28
CA GLU A 64 -4.36 0.15 -6.67
C GLU A 64 -5.42 1.25 -6.79
N LYS A 65 -6.37 1.25 -5.86
CA LYS A 65 -7.37 2.32 -5.79
C LYS A 65 -6.69 3.65 -5.51
N ALA A 66 -5.86 3.65 -4.48
CA ALA A 66 -5.10 4.83 -4.11
C ALA A 66 -4.20 5.28 -5.24
N ILE A 67 -3.56 4.32 -5.90
CA ILE A 67 -2.71 4.61 -7.04
C ILE A 67 -3.53 5.22 -8.17
N GLU A 68 -4.70 4.67 -8.41
CA GLU A 68 -5.59 5.20 -9.42
C GLU A 68 -5.92 6.66 -9.10
N VAL A 69 -6.23 6.90 -7.83
CA VAL A 69 -6.53 8.22 -7.32
C VAL A 69 -5.33 9.16 -7.43
N GLY A 70 -4.17 8.70 -6.98
CA GLY A 70 -2.98 9.52 -6.98
C GLY A 70 -2.48 9.82 -8.37
N ARG A 71 -2.42 8.79 -9.20
CA ARG A 71 -1.99 8.93 -10.59
C ARG A 71 -2.94 9.87 -11.32
N GLU A 72 -4.20 9.86 -10.89
CA GLU A 72 -5.22 10.75 -11.40
C GLU A 72 -4.98 12.18 -10.94
N ASN A 73 -4.82 12.34 -9.63
CA ASN A 73 -4.76 13.66 -9.00
C ASN A 73 -3.35 14.24 -9.00
N ARG A 74 -2.47 13.62 -9.79
CA ARG A 74 -1.08 14.08 -9.92
C ARG A 74 -0.36 14.04 -8.58
N GLU A 75 -0.50 12.93 -7.89
CA GLU A 75 0.08 12.76 -6.57
C GLU A 75 1.45 12.08 -6.66
N ASP A 76 2.18 12.13 -5.55
CA ASP A 76 3.53 11.57 -5.46
C ASP A 76 3.60 10.16 -6.01
N TYR A 77 4.25 10.00 -7.16
CA TYR A 77 4.38 8.70 -7.80
C TYR A 77 5.30 7.79 -7.00
N ARG A 78 6.15 8.39 -6.18
CA ARG A 78 7.05 7.64 -5.31
C ARG A 78 6.21 6.87 -4.30
N GLN A 79 5.26 7.58 -3.72
CA GLN A 79 4.24 7.01 -2.84
C GLN A 79 3.45 5.92 -3.58
N ILE A 80 3.17 6.19 -4.86
CA ILE A 80 2.53 5.20 -5.73
C ILE A 80 3.37 3.94 -5.84
N ALA A 81 4.67 4.11 -6.01
CA ALA A 81 5.57 2.97 -6.10
C ALA A 81 5.57 2.18 -4.79
N LYS A 82 5.46 2.90 -3.67
CA LYS A 82 5.39 2.24 -2.37
C LYS A 82 4.06 1.47 -2.28
N ALA A 83 3.03 2.03 -2.89
CA ALA A 83 1.74 1.37 -2.99
C ALA A 83 1.85 0.12 -3.85
N TYR A 84 2.54 0.23 -4.97
CA TYR A 84 2.80 -0.92 -5.85
C TYR A 84 3.54 -2.00 -5.10
N ALA A 85 4.49 -1.59 -4.28
CA ALA A 85 5.30 -2.52 -3.53
C ALA A 85 4.45 -3.26 -2.51
N ARG A 86 3.47 -2.58 -1.92
CA ARG A 86 2.54 -3.23 -1.02
C ARG A 86 1.61 -4.17 -1.78
N ILE A 87 1.20 -3.75 -2.97
CA ILE A 87 0.41 -4.60 -3.84
C ILE A 87 1.18 -5.88 -4.12
N GLY A 88 2.39 -5.73 -4.63
CA GLY A 88 3.22 -6.88 -4.90
C GLY A 88 3.56 -7.64 -3.62
N ASN A 89 3.64 -6.93 -2.52
CA ASN A 89 3.99 -7.53 -1.23
C ASN A 89 2.84 -8.38 -0.71
N SER A 90 1.61 -7.93 -0.94
CA SER A 90 0.44 -8.70 -0.54
C SER A 90 0.38 -10.00 -1.33
N TYR A 91 0.65 -9.90 -2.64
CA TYR A 91 0.75 -11.07 -3.50
C TYR A 91 1.90 -11.96 -3.04
N PHE A 92 3.00 -11.30 -2.70
CA PHE A 92 4.20 -11.96 -2.21
C PHE A 92 3.91 -12.81 -0.98
N LYS A 93 3.02 -12.32 -0.12
CA LYS A 93 2.66 -13.04 1.09
C LYS A 93 1.62 -14.13 0.78
N GLU A 94 0.86 -13.94 -0.29
CA GLU A 94 -0.22 -14.84 -0.62
C GLU A 94 0.22 -15.89 -1.64
N GLU A 95 1.51 -15.85 -1.98
CA GLU A 95 2.14 -16.81 -2.90
C GLU A 95 1.77 -16.53 -4.37
N LYS A 96 1.29 -15.32 -4.64
CA LYS A 96 1.03 -14.88 -6.01
C LYS A 96 2.20 -14.06 -6.51
N TYR A 97 3.37 -14.67 -6.50
CA TYR A 97 4.61 -14.01 -6.85
C TYR A 97 4.62 -13.50 -8.29
N LYS A 98 3.91 -14.19 -9.18
CA LYS A 98 3.81 -13.75 -10.56
C LYS A 98 3.20 -12.35 -10.64
N ASP A 99 2.19 -12.13 -9.81
CA ASP A 99 1.55 -10.83 -9.73
C ASP A 99 2.38 -9.88 -8.87
N ALA A 100 3.10 -10.46 -7.91
CA ALA A 100 3.98 -9.71 -7.04
C ALA A 100 5.03 -8.98 -7.86
N ILE A 101 5.79 -9.75 -8.63
CA ILE A 101 6.84 -9.22 -9.48
C ILE A 101 6.29 -8.23 -10.50
N HIS A 102 5.06 -8.51 -10.95
CA HIS A 102 4.39 -7.61 -11.88
C HIS A 102 4.29 -6.21 -11.29
N PHE A 103 3.66 -6.11 -10.14
CA PHE A 103 3.45 -4.82 -9.49
C PHE A 103 4.74 -4.31 -8.87
N TYR A 104 5.70 -5.20 -8.62
CA TYR A 104 7.03 -4.78 -8.23
C TYR A 104 7.67 -3.98 -9.36
N ASN A 105 7.67 -4.55 -10.56
CA ASN A 105 8.18 -3.86 -11.74
C ASN A 105 7.42 -2.56 -11.98
N LYS A 106 6.14 -2.57 -11.62
CA LYS A 106 5.32 -1.37 -11.67
C LYS A 106 5.80 -0.33 -10.67
N SER A 107 6.31 -0.79 -9.54
CA SER A 107 6.91 0.11 -8.57
C SER A 107 8.23 0.64 -9.10
N LEU A 108 9.04 -0.25 -9.68
CA LEU A 108 10.27 0.18 -10.36
C LEU A 108 9.91 1.18 -11.46
N ALA A 109 8.76 0.96 -12.08
CA ALA A 109 8.24 1.80 -13.14
C ALA A 109 8.05 3.24 -12.68
N GLU A 110 7.41 3.41 -11.53
CA GLU A 110 7.12 4.74 -11.02
C GLU A 110 8.29 5.30 -10.22
N HIS A 111 8.80 4.52 -9.28
CA HIS A 111 9.89 4.96 -8.41
C HIS A 111 10.82 3.81 -8.10
N ARG A 112 11.93 3.74 -8.82
CA ARG A 112 12.91 2.67 -8.67
C ARG A 112 13.46 2.68 -7.25
N THR A 113 13.19 1.61 -6.52
CA THR A 113 13.63 1.50 -5.15
C THR A 113 14.19 0.11 -4.86
N PRO A 114 15.24 0.05 -4.04
CA PRO A 114 16.03 -1.16 -3.82
C PRO A 114 15.26 -2.26 -3.10
N ASP A 115 14.32 -1.88 -2.24
CA ASP A 115 13.52 -2.86 -1.52
C ASP A 115 12.62 -3.62 -2.46
N VAL A 116 11.99 -2.90 -3.39
CA VAL A 116 11.14 -3.53 -4.38
C VAL A 116 11.98 -4.35 -5.34
N LEU A 117 13.14 -3.82 -5.69
CA LEU A 117 14.07 -4.52 -6.57
C LEU A 117 14.48 -5.84 -5.91
N LYS A 118 14.86 -5.75 -4.65
CA LYS A 118 15.15 -6.92 -3.83
C LYS A 118 13.98 -7.89 -3.82
N LYS A 119 12.80 -7.34 -3.53
CA LYS A 119 11.57 -8.11 -3.47
C LYS A 119 11.28 -8.79 -4.80
N CYS A 120 11.52 -8.05 -5.86
CA CYS A 120 11.26 -8.52 -7.20
C CYS A 120 12.19 -9.69 -7.53
N GLN A 121 13.46 -9.53 -7.16
CA GLN A 121 14.44 -10.60 -7.33
C GLN A 121 14.08 -11.80 -6.46
N GLN A 122 13.61 -11.51 -5.26
CA GLN A 122 13.30 -12.54 -4.30
C GLN A 122 12.09 -13.36 -4.75
N ALA A 123 11.06 -12.68 -5.20
CA ALA A 123 9.82 -13.35 -5.55
C ALA A 123 10.00 -14.35 -6.70
N GLU A 124 10.82 -14.01 -7.70
CA GLU A 124 11.02 -14.91 -8.83
C GLU A 124 11.86 -16.12 -8.42
N LYS A 125 12.86 -15.92 -7.56
CA LYS A 125 13.68 -17.03 -7.08
C LYS A 125 12.89 -17.87 -6.09
N ILE A 126 12.01 -17.22 -5.34
CA ILE A 126 11.07 -17.90 -4.47
C ILE A 126 10.12 -18.75 -5.29
N LEU A 127 9.68 -18.23 -6.43
CA LEU A 127 8.80 -18.97 -7.32
C LEU A 127 9.48 -20.24 -7.81
N LYS A 128 10.76 -20.12 -8.13
CA LYS A 128 11.57 -21.29 -8.52
C LYS A 128 11.79 -22.20 -7.32
N GLU A 129 11.50 -21.67 -6.15
CA GLU A 129 11.65 -22.37 -4.89
C GLU A 129 10.33 -23.01 -4.47
N GLN A 130 9.24 -22.53 -5.06
CA GLN A 130 7.92 -23.04 -4.76
C GLN A 130 7.54 -24.23 -5.63
N GLU A 131 8.09 -24.26 -6.83
CA GLU A 131 7.80 -25.35 -7.76
C GLU A 131 8.59 -26.60 -7.41
#